data_8FD6
#
_entry.id   8FD6
#
loop_
_entity.id
_entity.type
_entity.pdbx_description
1 polymer 'Cytoplasmic dynein 1 heavy chain 1,Serine--tRNA ligase'
2 non-polymer "ADENOSINE-5'-TRIPHOSPHATE"
3 non-polymer "ADENOSINE-5'-DIPHOSPHATE"
4 non-polymer 'VANADATE ION'
5 non-polymer 'MAGNESIUM ION'
#
_entity_poly.entity_id   1
_entity_poly.type   'polypeptide(L)'
_entity_poly.pdbx_seq_one_letter_code
;GSALEEFLKQIREVWNTYELDLVNYQNKCRLIRGWDDLFNKVKEHINSVSAMKLSPYYKVFEEDALSWEDKLNRIMALFD
VWIDVQRRWVYLEGIFTGSADIKHLLPVETQRFQSISTEFLALMKKVSKSPLVMDVLNIQGVQRSLERLADLLGKIQKAL
GEYLERERSSFPRFYFVGDEDLLEIIGNSKNVAKLQKHFKKMFAGVSSIILNEDNSVVLGISSREGEEVMFKTPVSITEH
PKINEWLTLVEKEMRVTLAKLLAESVTEVEIFGKATSIDPNTYITWIDKYQAQLVVLSAQIAWSENVETALSSMGGGGDA
APLHSVLSNVEVTLNVLADSVLMEQPPLRRRKLEHLITELVHQRDVTRSLIKSKIDNAKSFEWLSQMRFYFDPKQTDVLQ
QLSIQMANAKFNYGFEYLGVQDKLVQTPLTDRCYLTMTQALEARLGGSPFGPAGTGKTESVKALGHQLGRFVLVFNCDET
FDFQAMGRIFVGLCQVGAWGCFDEFNRLEERMLSAVSQQVQCIQEALREHSNPNYDKTSAPITCELLNKQVKVSPDMAIF
ITMNPGYAGRSNLPDNLKKLFRSLAMTKPDRQLIAQVMLYSQGFRTAEVLANKIVPFFKLCDEQLSSQSHYDFGLRALKS
VLVSAGNVKRERIQKIKREKEERGEAVDEGEIAENLPEQEILIQSVCETMVPKLVAEDIPLLFSLLSDVFPGVQYHRGEM
TALREELKKVCQEMYLTYGDGEEVGGMWVEKVLQLYQITQINHGLMMVGPSGSGKSMAWRVLLKALERLEGVEGVAHIID
PKAISKDHLYGTLDPNTREWTDGLFTHVLRKIIDSVRGELQKRQWIVFDGDVDPEWVENLNSVLDDNKLLTLPNGERLSL
PPNVRIMFEVQDLKYATLATVSRCGMVWFSEDVLSTDMIFNNFLARLRSIPLDEGEDEAQRRRKGKEDEGEEAASPMLQI
QRDAATIMQPYFTSNGLVTKALEHAFQLEHIMDLTRLRCLGSLFSMLHQACRNVAQYNANHPDFPMQIEQLERYIQRYLV
YAILWSLSGDSRLKMRAELGEYIRRITTVPLPTAPNIPIIDYEVSISGEWSPWQAKVPQIEVETHKVAAPDVVVPTLDTV
RHEALLYTWLAEHKPLVLCGPPGSGKTMTLFSALRALPDMEVVGLNFSSATTPELLLKTFDHYCEYRRTPNGVVLAPVQL
GKWLVLFCDEINLPDMDKYGTQRVISFIRQMVEHGGFYRTSDQTWVKLERIQFVGACNPPTDPGRKPLSHRFLRHVPVVY
VDYPGPASLTQIYGTFNRAMLRLIPSLRTYAEPLTAAMVEFYTMSQERFTQDTQPHYIYSPREMTRWVRGIFEALRPLET
LPVEGLIRIWAHEALRLFQDRLVEDEERRWTDENIDTVALKHFPNIDREKAMSRPILYSNWLSKDYIPVDQEELRDYVKA
RLKVFYEEELDVPLVLFNEVLDHVLRIDRIFRQPQGHLLLIGVSGAGKTTLSRFVAWMNGLSVYQIKVHRKYTGEDFDED
LRTVLRRSGCKNEKIAFIMDESNVLDSGFLERMNTLLANGEVPGLFEGDEYATLMTQCKEGAQKEGLMLDSHEELYKWFT
SQVIRNLHVVFTMNPSSEGLKDRAATSPALFNRCVLNWFGDWSTEALYQVGKEFTSKMDLEKPNYIVPDYMPVVYDKLPQ
PPSHREAIVNSCVFVHQTLHQANARLAKRGGRTMAITPRHYLDFINHYANLFHEKRSELEEQQMHLNVGLRKIKETVDQV
EELRRDLRIKSQELEVKNAAANDKLKKMVKDQQEAEKKKVMSQEIQEQLHKQQEVIADKQMSLLALDQEVQELKKRLQEV
QTERNQVAKRVPKAPPEEKEALIARGRALGEEAKRLEEALREKEAQLEALRNELQKLEDDAKDNQQKANEVEQMIRDLEA
SIARYKEEYAVLISEAQAIKADLAAVEAKVNRSTALLKSLSAERERWEKTSETFKNQMSTIAGDCLLSAAFIAYAGYFDQ
QMRQNLFTTWSHHLQQANIQFRTDIARTEYLSNADERLRWQASSLPADDLCTENAIMLKRFNRYPLIIDPSGQATEFIMN
EYKDRKITRTSFLDDAFRKNLESALRFGNPLLVQDVESYDPVLNPVLNREVRRTGGRVLITLGDQDIDLSPSFVIFLSTR
DPTVEFPPDLCSRVTFVNFTVTRSSLQSQCLNEVLKAERPDVDEKRSDLLKLQGEFQLRLRQLEKSLLQALNEVKGRILD
DDTIITTLENLKREAAEVTRKVEETDIVMQEVETVSQQYLPLSTACSSIYFTMESLKQIHFLYQYSLQFFLDIYHNVLYE
NPNLKGVTDHTQRLSIITKDLFQVAFNRVARGMLHQDHITFAMLLARIKLKGTVGEPTYDAEFQHFLRGNEIVLSAGSTP
RIQGLTVEQAEAVVRLSCLPAFKDLIAKVQADEQFGIWLDSSSPEQTVPYLWSEETPATPIGQAIHRLLLIQAFRPDRLL
AMAHMFVSTNLGESFMSIMEQPLDLTHIVGTEVKPNTPVLMCSVPGYDASGHVEDLAAEQNTQITSIAIGSAEGFNQADK
AINTAVKSGRWVMLKNVHLAPGWLMQLEKKLHSLQPHACFRLFLTMEINPKVPVNLLRAGRIFVFEPPPGVKANMLRTFS
SIPVSRICKSPNERARLYFLLAWFHAIIQERLRYAPLGWSKKYEFGESDLRSACDTVDTWLDDTAKGRQNISPDKIPWSA
LKTLMAQSIYGGRVDNEFDQRLLNTFLERLFTTRSFDSEFKLACKVDGHKDIQMPDGIRREEFVQWVELLPDTQTPSWLG
LPNNAERVLLTTQGVDMISKMLKMQMLEDEDDLAYAETEKKTRTDSTSDGRPAWMRTLHTTASNWLHLIPQTLSHLKRTV
ENIKDPLFRFFEREVKMGAKLLQDVRQDLADVVQVCEGKKKQTNYLRTLINELVKGILPRSWSHYTVPAGMTVIQWVSDF
SERIKQLQNISLAAASGGAKELKNIHVCLGGLFVPEAYITATRQYVAQANSWSLEELCLEVNVTTSQGATLDACSFGVTG
LKLQGATCNNNKLSLSNAISTALPLTQLRWVKQTNTEKKASVVTLPVYLNFTRADLIFTVDFEIATKEDPRSFYERGVAV
LCTEEF
;
_entity_poly.pdbx_strand_id   A
#
# COMPACT_ATOMS: atom_id res chain seq x y z
N ARG A 88 25.78 30.80 -1.23
CA ARG A 88 26.97 31.21 -1.98
C ARG A 88 27.75 32.29 -1.24
N TRP A 89 27.39 33.54 -1.51
CA TRP A 89 28.06 34.66 -0.86
C TRP A 89 27.85 34.63 0.66
N VAL A 90 26.62 34.34 1.08
CA VAL A 90 26.27 34.40 2.50
C VAL A 90 26.97 33.30 3.28
N TYR A 91 27.06 32.09 2.72
CA TYR A 91 27.73 31.00 3.40
C TYR A 91 29.20 31.31 3.63
N LEU A 92 29.87 31.81 2.59
CA LEU A 92 31.28 32.16 2.73
C LEU A 92 31.47 33.30 3.71
N GLU A 93 30.59 34.30 3.67
CA GLU A 93 30.69 35.41 4.62
C GLU A 93 30.53 34.92 6.05
N GLY A 94 29.58 34.01 6.28
CA GLY A 94 29.39 33.47 7.62
C GLY A 94 30.56 32.64 8.10
N ILE A 95 31.10 31.78 7.23
CA ILE A 95 32.20 30.91 7.65
C ILE A 95 33.54 31.65 7.74
N PHE A 96 33.68 32.79 7.07
CA PHE A 96 34.90 33.57 7.18
C PHE A 96 35.03 34.19 8.57
N THR A 97 33.91 34.46 9.23
CA THR A 97 33.89 35.12 10.52
C THR A 97 33.84 34.16 11.69
N GLY A 98 33.82 32.85 11.44
CA GLY A 98 33.78 31.89 12.53
C GLY A 98 35.06 31.77 13.31
N SER A 99 36.18 32.16 12.71
CA SER A 99 37.48 32.08 13.36
C SER A 99 38.29 33.32 12.98
N ALA A 100 39.40 33.52 13.69
CA ALA A 100 40.25 34.69 13.46
C ALA A 100 41.40 34.38 12.50
N ASP A 101 42.16 33.31 12.78
CA ASP A 101 43.34 33.00 11.97
C ASP A 101 42.97 32.50 10.58
N ILE A 102 41.71 32.14 10.35
CA ILE A 102 41.32 31.67 9.02
C ILE A 102 41.43 32.79 7.99
N LYS A 103 41.19 34.04 8.41
CA LYS A 103 41.41 35.16 7.51
C LYS A 103 42.89 35.31 7.17
N HIS A 104 43.77 35.08 8.14
CA HIS A 104 45.20 35.06 7.87
C HIS A 104 45.58 33.94 6.92
N LEU A 105 44.97 32.76 7.10
CA LEU A 105 45.21 31.65 6.19
C LEU A 105 44.67 31.99 4.81
N LEU A 106 45.49 31.77 3.78
CA LEU A 106 45.19 32.18 2.41
C LEU A 106 44.81 33.66 2.38
N PRO A 107 45.76 34.57 2.63
CA PRO A 107 45.41 36.00 2.64
C PRO A 107 45.15 36.57 1.26
N VAL A 108 45.65 35.94 0.19
CA VAL A 108 45.45 36.47 -1.15
C VAL A 108 43.97 36.45 -1.52
N GLU A 109 43.29 35.34 -1.25
CA GLU A 109 41.89 35.20 -1.64
C GLU A 109 40.96 36.06 -0.79
N THR A 110 41.46 36.66 0.29
CA THR A 110 40.61 37.50 1.14
C THR A 110 40.05 38.66 0.36
N GLN A 111 40.89 39.34 -0.43
CA GLN A 111 40.42 40.40 -1.31
C GLN A 111 39.95 39.88 -2.66
N ARG A 112 40.33 38.65 -3.02
CA ARG A 112 39.85 38.07 -4.26
C ARG A 112 38.35 37.77 -4.19
N PHE A 113 37.87 37.31 -3.03
CA PHE A 113 36.44 37.07 -2.86
C PHE A 113 35.70 38.36 -2.51
N GLN A 114 36.06 38.98 -1.39
CA GLN A 114 35.37 40.17 -0.92
C GLN A 114 35.61 41.35 -1.87
N LEU A 152 33.86 33.92 -10.41
CA LEU A 152 35.01 33.43 -9.67
C LEU A 152 34.58 32.79 -8.35
N LEU A 153 33.27 32.77 -8.10
CA LEU A 153 32.77 32.14 -6.89
C LEU A 153 33.01 30.63 -6.90
N GLY A 154 32.84 30.00 -8.07
CA GLY A 154 33.00 28.57 -8.16
C GLY A 154 34.40 28.11 -7.81
N LYS A 155 35.41 28.81 -8.31
CA LYS A 155 36.79 28.39 -8.03
C LYS A 155 37.14 28.57 -6.56
N ILE A 156 36.69 29.66 -5.94
CA ILE A 156 36.95 29.86 -4.52
C ILE A 156 36.26 28.78 -3.69
N GLN A 157 34.99 28.50 -4.02
CA GLN A 157 34.26 27.48 -3.29
C GLN A 157 34.91 26.11 -3.43
N LYS A 158 35.34 25.77 -4.65
CA LYS A 158 35.97 24.46 -4.85
C LYS A 158 37.34 24.41 -4.19
N ALA A 159 38.07 25.52 -4.15
CA ALA A 159 39.35 25.54 -3.44
C ALA A 159 39.14 25.32 -1.95
N LEU A 160 38.12 25.95 -1.37
CA LEU A 160 37.83 25.72 0.04
C LEU A 160 37.41 24.27 0.28
N GLY A 161 36.57 23.72 -0.61
CA GLY A 161 36.19 22.33 -0.47
C GLY A 161 37.37 21.39 -0.54
N GLU A 162 38.31 21.67 -1.45
CA GLU A 162 39.51 20.84 -1.55
C GLU A 162 40.42 21.01 -0.34
N TYR A 163 40.50 22.21 0.23
CA TYR A 163 41.25 22.39 1.46
C TYR A 163 40.66 21.54 2.57
N LEU A 164 39.34 21.56 2.72
CA LEU A 164 38.70 20.75 3.74
C LEU A 164 38.92 19.26 3.47
N GLU A 165 38.86 18.86 2.21
CA GLU A 165 39.05 17.45 1.89
C GLU A 165 40.48 16.99 2.18
N ARG A 166 41.49 17.77 1.82
CA ARG A 166 42.85 17.32 2.08
C ARG A 166 43.17 17.39 3.57
N GLU A 167 42.59 18.35 4.30
CA GLU A 167 42.73 18.33 5.75
C GLU A 167 42.10 17.09 6.36
N ARG A 168 40.91 16.71 5.87
CA ARG A 168 40.31 15.48 6.35
C ARG A 168 41.13 14.27 5.96
N SER A 169 41.85 14.34 4.86
CA SER A 169 42.72 13.25 4.46
C SER A 169 43.92 13.13 5.39
N SER A 170 44.45 14.26 5.85
CA SER A 170 45.59 14.21 6.78
C SER A 170 45.20 13.52 8.09
N PHE A 171 44.04 13.86 8.64
CA PHE A 171 43.52 13.21 9.85
C PHE A 171 42.17 12.60 9.51
N PRO A 172 42.12 11.29 9.24
CA PRO A 172 40.87 10.70 8.73
C PRO A 172 39.68 10.89 9.66
N ARG A 173 39.91 10.98 10.97
CA ARG A 173 38.78 11.15 11.88
C ARG A 173 38.06 12.48 11.65
N PHE A 174 38.70 13.43 10.98
CA PHE A 174 37.99 14.65 10.57
C PHE A 174 36.81 14.36 9.66
N TYR A 175 36.81 13.22 8.96
CA TYR A 175 35.64 12.83 8.19
C TYR A 175 34.43 12.59 9.07
N PHE A 176 34.66 12.24 10.34
CA PHE A 176 33.58 12.17 11.31
C PHE A 176 33.11 13.55 11.75
N VAL A 177 33.84 14.60 11.37
CA VAL A 177 33.54 15.96 11.79
C VAL A 177 32.94 16.71 10.62
N GLY A 178 31.92 17.52 10.89
CA GLY A 178 31.39 18.41 9.89
C GLY A 178 32.27 19.62 9.66
N ASP A 179 31.98 20.33 8.57
CA ASP A 179 32.78 21.50 8.22
C ASP A 179 32.61 22.63 9.23
N GLU A 180 31.39 22.81 9.74
CA GLU A 180 31.15 23.91 10.67
C GLU A 180 32.00 23.78 11.92
N ASP A 181 32.37 22.56 12.30
CA ASP A 181 33.23 22.33 13.45
C ASP A 181 34.68 22.09 13.07
N LEU A 182 34.93 21.52 11.88
CA LEU A 182 36.31 21.38 11.43
C LEU A 182 36.97 22.74 11.26
N LEU A 183 36.22 23.73 10.76
CA LEU A 183 36.76 25.07 10.64
C LEU A 183 37.13 25.63 12.00
N GLU A 184 36.28 25.42 13.00
CA GLU A 184 36.62 25.87 14.35
C GLU A 184 37.87 25.18 14.85
N ILE A 185 37.97 23.87 14.62
CA ILE A 185 39.10 23.11 15.16
C ILE A 185 40.41 23.60 14.54
N ILE A 186 40.42 23.78 13.22
CA ILE A 186 41.64 24.25 12.57
C ILE A 186 41.93 25.69 12.99
N GLY A 187 40.89 26.51 13.12
CA GLY A 187 41.10 27.89 13.54
C GLY A 187 41.56 28.00 14.98
N ASN A 188 40.97 27.20 15.88
CA ASN A 188 41.32 27.29 17.29
C ASN A 188 42.58 26.51 17.58
N SER A 189 43.67 26.79 16.86
CA SER A 189 44.92 26.12 17.14
C SER A 189 45.49 26.55 18.49
N LYS A 190 45.41 27.84 18.81
CA LYS A 190 46.00 28.33 20.04
C LYS A 190 45.23 27.86 21.26
N ASN A 191 43.90 27.99 21.23
CA ASN A 191 43.07 27.65 22.38
C ASN A 191 42.71 26.17 22.30
N VAL A 192 43.50 25.34 22.99
CA VAL A 192 43.22 23.91 23.02
C VAL A 192 42.02 23.57 23.89
N ALA A 193 41.70 24.42 24.87
CA ALA A 193 40.55 24.16 25.71
C ALA A 193 39.26 24.13 24.92
N LYS A 194 39.23 24.75 23.75
CA LYS A 194 38.05 24.67 22.90
C LYS A 194 37.92 23.31 22.23
N LEU A 195 39.05 22.66 21.95
CA LEU A 195 39.01 21.37 21.27
C LEU A 195 38.37 20.29 22.10
N GLN A 196 38.26 20.48 23.41
CA GLN A 196 37.82 19.43 24.31
C GLN A 196 36.32 19.17 24.23
N LYS A 197 35.64 19.72 23.23
CA LYS A 197 34.26 19.35 22.95
C LYS A 197 34.11 18.49 21.72
N HIS A 198 35.05 18.54 20.79
CA HIS A 198 35.01 17.73 19.58
C HIS A 198 35.58 16.33 19.78
N PHE A 199 36.27 16.08 20.88
CA PHE A 199 36.87 14.77 21.07
C PHE A 199 35.84 13.69 21.35
N LYS A 200 34.68 14.05 21.90
CA LYS A 200 33.68 13.04 22.19
C LYS A 200 33.17 12.36 20.93
N LYS A 201 33.26 13.02 19.78
CA LYS A 201 32.78 12.44 18.53
C LYS A 201 33.89 11.94 17.62
N MET A 202 35.12 12.40 17.80
CA MET A 202 36.23 11.87 17.02
C MET A 202 36.74 10.53 17.53
N PHE A 203 36.39 10.14 18.75
CA PHE A 203 36.92 8.92 19.35
C PHE A 203 35.79 8.13 20.00
N ALA A 204 36.12 6.91 20.40
CA ALA A 204 35.13 6.00 20.97
C ALA A 204 34.92 6.22 22.45
N GLY A 205 36.01 6.24 23.21
CA GLY A 205 35.91 6.42 24.65
C GLY A 205 36.61 7.66 25.14
N VAL A 206 37.48 8.23 24.30
CA VAL A 206 38.20 9.43 24.68
C VAL A 206 37.22 10.57 24.83
N SER A 207 37.38 11.34 25.91
CA SER A 207 36.54 12.48 26.19
C SER A 207 37.31 13.79 26.26
N SER A 208 38.52 13.78 26.81
CA SER A 208 39.29 15.00 26.97
C SER A 208 40.76 14.65 26.85
N ILE A 209 41.59 15.67 26.66
CA ILE A 209 43.02 15.50 26.62
C ILE A 209 43.62 16.16 27.84
N ILE A 210 44.49 15.43 28.53
CA ILE A 210 45.18 15.93 29.72
C ILE A 210 46.42 16.64 29.23
N LEU A 211 46.44 17.97 29.36
CA LEU A 211 47.52 18.80 28.86
C LEU A 211 48.49 19.13 29.97
N ASN A 212 49.52 19.90 29.61
CA ASN A 212 50.48 20.40 30.57
C ASN A 212 49.90 21.62 31.28
N GLU A 213 50.72 22.24 32.14
CA GLU A 213 50.28 23.41 32.87
C GLU A 213 50.06 24.60 31.96
N ASP A 214 50.93 24.80 30.97
CA ASP A 214 50.81 25.90 30.03
C ASP A 214 49.98 25.53 28.82
N ASN A 215 49.36 24.36 28.82
CA ASN A 215 48.55 23.88 27.70
C ASN A 215 49.35 23.88 26.41
N SER A 216 50.61 23.44 26.50
CA SER A 216 51.47 23.29 25.34
C SER A 216 51.87 21.86 25.05
N VAL A 217 51.77 20.96 26.03
CA VAL A 217 52.14 19.56 25.85
C VAL A 217 50.99 18.71 26.36
N VAL A 218 50.42 17.88 25.49
CA VAL A 218 49.35 16.99 25.91
C VAL A 218 49.96 15.78 26.62
N LEU A 219 49.43 15.46 27.78
CA LEU A 219 50.02 14.43 28.62
C LEU A 219 49.26 13.12 28.62
N GLY A 220 47.96 13.13 28.35
CA GLY A 220 47.24 11.88 28.37
C GLY A 220 45.83 12.01 27.84
N ILE A 221 45.08 10.93 28.02
CA ILE A 221 43.71 10.82 27.54
C ILE A 221 42.80 10.62 28.74
N SER A 222 41.67 11.29 28.76
CA SER A 222 40.70 11.15 29.83
C SER A 222 39.39 10.67 29.26
N SER A 223 38.86 9.59 29.83
CA SER A 223 37.55 9.11 29.44
C SER A 223 36.46 9.97 30.09
N ARG A 224 35.23 9.79 29.63
CA ARG A 224 34.12 10.53 30.21
C ARG A 224 33.73 10.00 31.57
N GLU A 225 34.16 8.79 31.93
CA GLU A 225 33.89 8.24 33.24
C GLU A 225 35.01 8.51 34.23
N GLY A 226 36.03 9.28 33.83
CA GLY A 226 37.16 9.54 34.70
C GLY A 226 38.10 8.37 34.83
N GLU A 227 38.80 8.03 33.76
CA GLU A 227 39.80 6.97 33.76
C GLU A 227 40.95 7.43 32.89
N GLU A 228 41.98 7.99 33.50
CA GLU A 228 43.08 8.56 32.73
C GLU A 228 43.95 7.47 32.11
N VAL A 229 44.59 7.83 31.01
CA VAL A 229 45.54 6.98 30.31
C VAL A 229 46.71 7.90 29.96
N MET A 230 47.80 7.79 30.71
CA MET A 230 48.91 8.71 30.56
C MET A 230 49.86 8.20 29.48
N PHE A 231 50.22 9.07 28.56
CA PHE A 231 51.13 8.70 27.49
C PHE A 231 52.50 8.36 28.07
N LYS A 232 53.16 7.39 27.46
CA LYS A 232 54.54 7.11 27.80
C LYS A 232 55.46 8.24 27.33
N THR A 233 55.16 8.82 26.18
CA THR A 233 55.94 9.93 25.63
C THR A 233 54.98 11.04 25.23
N PRO A 234 54.96 12.16 25.95
CA PRO A 234 53.99 13.21 25.64
C PRO A 234 54.24 13.86 24.29
N VAL A 235 53.17 14.33 23.68
CA VAL A 235 53.25 15.09 22.43
C VAL A 235 53.40 16.57 22.76
N SER A 236 54.43 17.20 22.21
CA SER A 236 54.66 18.62 22.41
C SER A 236 54.11 19.39 21.22
N ILE A 237 53.03 20.15 21.45
CA ILE A 237 52.45 20.96 20.38
C ILE A 237 53.41 22.05 19.94
N THR A 238 54.44 22.35 20.73
CA THR A 238 55.38 23.40 20.36
C THR A 238 56.11 23.07 19.08
N GLU A 239 56.56 21.82 18.92
CA GLU A 239 57.27 21.40 17.72
C GLU A 239 56.36 20.82 16.65
N HIS A 240 55.08 20.63 16.95
CA HIS A 240 54.10 20.19 15.95
C HIS A 240 52.89 21.12 16.04
N PRO A 241 53.06 22.38 15.63
CA PRO A 241 51.95 23.34 15.76
C PRO A 241 50.71 22.96 14.99
N LYS A 242 50.85 22.30 13.84
CA LYS A 242 49.69 22.02 13.00
C LYS A 242 48.77 21.03 13.70
N ILE A 243 47.46 21.29 13.60
CA ILE A 243 46.49 20.51 14.36
C ILE A 243 46.49 19.05 13.92
N ASN A 244 46.55 18.82 12.62
CA ASN A 244 46.52 17.44 12.13
C ASN A 244 47.76 16.68 12.60
N GLU A 245 48.90 17.35 12.63
CA GLU A 245 50.15 16.67 12.98
C GLU A 245 50.09 16.13 14.41
N TRP A 246 49.80 17.00 15.39
CA TRP A 246 49.75 16.53 16.76
C TRP A 246 48.51 15.72 17.05
N LEU A 247 47.42 15.88 16.30
CA LEU A 247 46.29 14.98 16.49
C LEU A 247 46.63 13.56 16.03
N THR A 248 47.31 13.43 14.89
CA THR A 248 47.78 12.11 14.47
C THR A 248 48.75 11.53 15.49
N LEU A 249 49.64 12.37 16.02
CA LEU A 249 50.59 11.88 17.01
C LEU A 249 49.87 11.40 18.27
N VAL A 250 48.84 12.12 18.72
CA VAL A 250 48.17 11.67 19.93
C VAL A 250 47.40 10.38 19.66
N GLU A 251 46.84 10.22 18.46
CA GLU A 251 46.19 8.94 18.14
C GLU A 251 47.19 7.80 18.18
N LYS A 252 48.33 7.99 17.51
CA LYS A 252 49.35 6.95 17.46
C LYS A 252 49.88 6.63 18.85
N GLU A 253 50.08 7.66 19.67
CA GLU A 253 50.60 7.44 21.02
C GLU A 253 49.56 6.80 21.92
N MET A 254 48.28 7.07 21.70
CA MET A 254 47.26 6.33 22.43
C MET A 254 47.33 4.85 22.09
N ARG A 255 47.46 4.54 20.81
CA ARG A 255 47.59 3.12 20.42
C ARG A 255 48.82 2.50 21.07
N VAL A 256 49.96 3.18 20.99
CA VAL A 256 51.21 2.64 21.50
C VAL A 256 51.16 2.46 23.01
N THR A 257 50.63 3.46 23.72
CA THR A 257 50.56 3.38 25.16
C THR A 257 49.64 2.27 25.61
N LEU A 258 48.49 2.10 24.96
CA LEU A 258 47.65 0.96 25.29
C LEU A 258 48.38 -0.36 25.04
N ALA A 259 49.12 -0.46 23.94
CA ALA A 259 49.82 -1.72 23.68
C ALA A 259 50.85 -2.01 24.77
N LYS A 260 51.64 -1.00 25.14
CA LYS A 260 52.68 -1.22 26.15
C LYS A 260 52.09 -1.54 27.51
N LEU A 261 51.04 -0.81 27.91
CA LEU A 261 50.40 -1.10 29.19
C LEU A 261 49.78 -2.48 29.18
N LEU A 262 49.21 -2.91 28.06
CA LEU A 262 48.68 -4.25 27.97
C LEU A 262 49.77 -5.29 28.12
N ALA A 263 50.94 -5.04 27.52
CA ALA A 263 52.05 -5.97 27.67
C ALA A 263 52.48 -6.09 29.13
N GLU A 264 52.61 -4.95 29.81
CA GLU A 264 53.03 -4.97 31.21
C GLU A 264 51.99 -5.68 32.07
N SER A 265 50.71 -5.42 31.82
CA SER A 265 49.66 -6.07 32.60
C SER A 265 49.64 -7.56 32.30
N VAL A 266 49.93 -7.95 31.07
CA VAL A 266 49.99 -9.37 30.74
C VAL A 266 51.10 -10.04 31.53
N THR A 267 52.26 -9.39 31.63
CA THR A 267 53.34 -9.95 32.43
C THR A 267 52.93 -10.08 33.90
N GLU A 268 52.31 -9.03 34.44
CA GLU A 268 51.90 -9.07 35.83
C GLU A 268 50.89 -10.19 36.09
N VAL A 269 49.91 -10.34 35.20
CA VAL A 269 48.90 -11.37 35.41
C VAL A 269 49.46 -12.75 35.10
N GLU A 270 50.54 -12.83 34.33
CA GLU A 270 51.21 -14.11 34.16
C GLU A 270 51.98 -14.49 35.41
N ILE A 271 52.38 -13.49 36.22
CA ILE A 271 53.09 -13.80 37.46
C ILE A 271 52.21 -14.63 38.40
N PHE A 272 50.98 -14.18 38.67
CA PHE A 272 50.12 -14.96 39.56
C PHE A 272 49.09 -15.78 38.82
N GLY A 273 49.15 -15.85 37.50
CA GLY A 273 48.27 -16.74 36.78
C GLY A 273 48.61 -18.19 37.02
N LYS A 274 49.91 -18.51 37.04
CA LYS A 274 50.38 -19.88 37.24
C LYS A 274 50.60 -20.17 38.71
N ALA A 275 49.57 -19.96 39.52
CA ALA A 275 49.68 -20.19 40.96
C ALA A 275 48.29 -20.41 41.52
N THR A 276 48.25 -20.76 42.80
CA THR A 276 47.01 -21.05 43.50
C THR A 276 46.97 -20.25 44.80
N SER A 277 45.75 -20.04 45.29
CA SER A 277 45.50 -19.26 46.50
C SER A 277 46.10 -17.86 46.37
N ILE A 278 45.55 -17.10 45.42
CA ILE A 278 45.99 -15.73 45.20
C ILE A 278 45.51 -14.86 46.35
N ASP A 279 46.43 -14.04 46.87
CA ASP A 279 46.04 -13.12 47.92
C ASP A 279 45.24 -11.97 47.31
N PRO A 280 44.10 -11.61 47.91
CA PRO A 280 43.26 -10.56 47.32
C PRO A 280 43.96 -9.22 47.20
N ASN A 281 44.95 -8.94 48.04
CA ASN A 281 45.57 -7.61 48.03
C ASN A 281 46.34 -7.36 46.74
N THR A 282 47.19 -8.30 46.34
CA THR A 282 47.95 -8.12 45.11
C THR A 282 47.03 -8.09 43.89
N TYR A 283 46.02 -8.95 43.89
CA TYR A 283 45.09 -9.01 42.76
C TYR A 283 44.33 -7.70 42.62
N ILE A 284 43.87 -7.15 43.75
CA ILE A 284 43.14 -5.88 43.71
C ILE A 284 44.07 -4.75 43.32
N THR A 285 45.33 -4.80 43.75
CA THR A 285 46.29 -3.77 43.34
C THR A 285 46.52 -3.80 41.84
N TRP A 286 46.65 -5.01 41.27
CA TRP A 286 46.79 -5.10 39.82
C TRP A 286 45.55 -4.57 39.11
N ILE A 287 44.37 -4.90 39.63
CA ILE A 287 43.12 -4.42 39.01
C ILE A 287 43.08 -2.90 39.03
N ASP A 288 43.45 -2.30 40.16
CA ASP A 288 43.42 -0.84 40.26
C ASP A 288 44.49 -0.19 39.40
N LYS A 289 45.58 -0.90 39.13
CA LYS A 289 46.68 -0.27 38.40
C LYS A 289 46.31 0.00 36.94
N TYR A 290 45.63 -0.94 36.28
CA TYR A 290 45.46 -0.92 34.84
C TYR A 290 44.00 -0.69 34.44
N GLN A 291 43.83 -0.27 33.19
CA GLN A 291 42.53 0.12 32.65
C GLN A 291 41.62 -1.09 32.49
N ALA A 292 40.32 -0.83 32.41
CA ALA A 292 39.33 -1.91 32.44
C ALA A 292 39.45 -2.83 31.24
N GLN A 293 39.52 -2.26 30.04
CA GLN A 293 39.66 -3.08 28.84
C GLN A 293 40.98 -3.81 28.83
N LEU A 294 42.05 -3.15 29.30
CA LEU A 294 43.33 -3.82 29.41
C LEU A 294 43.28 -4.96 30.42
N VAL A 295 42.54 -4.78 31.51
CA VAL A 295 42.41 -5.84 32.52
C VAL A 295 41.69 -7.05 31.92
N VAL A 296 40.60 -6.81 31.22
CA VAL A 296 39.85 -7.90 30.59
C VAL A 296 40.71 -8.63 29.57
N LEU A 297 41.43 -7.87 28.73
CA LEU A 297 42.35 -8.53 27.81
C LEU A 297 43.39 -9.35 28.55
N SER A 298 43.96 -8.81 29.62
CA SER A 298 45.01 -9.53 30.32
C SER A 298 44.49 -10.88 30.79
N ALA A 299 43.30 -10.88 31.38
CA ALA A 299 42.76 -12.13 31.90
C ALA A 299 42.45 -13.13 30.78
N GLN A 300 41.85 -12.66 29.68
CA GLN A 300 41.57 -13.58 28.57
C GLN A 300 42.84 -14.09 27.91
N ILE A 301 43.84 -13.24 27.73
CA ILE A 301 45.09 -13.70 27.13
C ILE A 301 45.75 -14.77 28.00
N ALA A 302 45.80 -14.53 29.31
CA ALA A 302 46.40 -15.53 30.19
C ALA A 302 45.65 -16.84 30.12
N TRP A 303 44.31 -16.78 30.13
CA TRP A 303 43.53 -18.01 30.07
C TRP A 303 43.74 -18.73 28.75
N SER A 304 43.84 -17.98 27.64
CA SER A 304 44.06 -18.60 26.35
C SER A 304 45.40 -19.30 26.30
N GLU A 305 46.44 -18.65 26.81
CA GLU A 305 47.75 -19.29 26.82
C GLU A 305 47.74 -20.53 27.71
N ASN A 306 47.08 -20.45 28.87
CA ASN A 306 47.01 -21.60 29.77
C ASN A 306 46.33 -22.78 29.11
N VAL A 307 45.20 -22.54 28.44
CA VAL A 307 44.48 -23.65 27.83
C VAL A 307 45.24 -24.20 26.63
N GLU A 308 45.88 -23.33 25.86
CA GLU A 308 46.70 -23.81 24.76
C GLU A 308 47.80 -24.72 25.27
N THR A 309 48.46 -24.32 26.36
CA THR A 309 49.52 -25.13 26.93
C THR A 309 49.00 -26.45 27.47
N ALA A 310 47.85 -26.44 28.16
CA ALA A 310 47.32 -27.67 28.72
C ALA A 310 46.93 -28.66 27.63
N LEU A 311 46.21 -28.19 26.61
CA LEU A 311 45.84 -29.07 25.52
C LEU A 311 47.05 -29.53 24.72
N SER A 312 48.09 -28.70 24.64
CA SER A 312 49.32 -29.16 24.00
C SER A 312 49.99 -30.27 24.80
N SER A 313 50.07 -30.10 26.13
CA SER A 313 50.71 -31.12 26.96
C SER A 313 49.95 -32.44 26.88
N MET A 314 48.62 -32.38 26.88
CA MET A 314 47.86 -33.61 26.73
C MET A 314 47.65 -33.99 25.28
N GLY A 315 48.22 -33.24 24.34
CA GLY A 315 48.12 -33.57 22.93
C GLY A 315 48.99 -34.74 22.51
N GLY A 316 50.02 -35.06 23.30
CA GLY A 316 50.84 -36.21 23.02
C GLY A 316 50.15 -37.50 23.43
N GLY A 317 48.96 -37.73 22.90
CA GLY A 317 48.17 -38.88 23.25
C GLY A 317 47.36 -38.65 24.51
N GLY A 318 46.43 -39.58 24.75
CA GLY A 318 45.63 -39.53 25.96
C GLY A 318 46.49 -39.73 27.18
N ASP A 319 46.47 -38.77 28.11
CA ASP A 319 47.23 -38.87 29.34
C ASP A 319 46.51 -38.07 30.42
N ALA A 320 47.20 -37.78 31.52
CA ALA A 320 46.62 -36.99 32.58
C ALA A 320 46.31 -35.59 32.08
N ALA A 321 45.31 -34.96 32.72
CA ALA A 321 44.81 -33.68 32.27
C ALA A 321 45.37 -32.55 33.13
N PRO A 322 46.28 -31.73 32.60
CA PRO A 322 46.55 -30.42 33.23
C PRO A 322 45.50 -29.38 32.92
N LEU A 323 44.42 -29.77 32.24
CA LEU A 323 43.30 -28.87 32.02
C LEU A 323 42.53 -28.62 33.32
N HIS A 324 42.46 -29.64 34.17
CA HIS A 324 41.81 -29.47 35.47
C HIS A 324 42.50 -28.40 36.29
N SER A 325 43.81 -28.24 36.13
CA SER A 325 44.52 -27.17 36.83
C SER A 325 44.03 -25.80 36.38
N VAL A 326 43.81 -25.63 35.07
CA VAL A 326 43.29 -24.36 34.57
C VAL A 326 41.87 -24.12 35.07
N LEU A 327 41.05 -25.17 35.09
CA LEU A 327 39.71 -25.00 35.63
C LEU A 327 39.74 -24.59 37.09
N SER A 328 40.61 -25.22 37.89
CA SER A 328 40.72 -24.88 39.30
C SER A 328 41.23 -23.45 39.49
N ASN A 329 42.18 -23.03 38.67
CA ASN A 329 42.67 -21.65 38.76
C ASN A 329 41.56 -20.66 38.47
N VAL A 330 40.77 -20.94 37.43
CA VAL A 330 39.63 -20.07 37.14
C VAL A 330 38.66 -20.05 38.31
N GLU A 331 38.39 -21.22 38.90
CA GLU A 331 37.42 -21.29 40.00
C GLU A 331 37.90 -20.50 41.22
N VAL A 332 39.19 -20.60 41.55
CA VAL A 332 39.68 -19.89 42.73
C VAL A 332 39.73 -18.39 42.47
N THR A 333 40.12 -17.97 41.27
CA THR A 333 40.09 -16.54 40.96
C THR A 333 38.66 -16.01 41.02
N LEU A 334 37.70 -16.81 40.55
CA LEU A 334 36.30 -16.43 40.61
C LEU A 334 35.81 -16.32 42.05
N ASN A 335 36.23 -17.25 42.91
CA ASN A 335 35.86 -17.16 44.32
C ASN A 335 36.41 -15.91 44.95
N VAL A 336 37.67 -15.58 44.64
CA VAL A 336 38.27 -14.35 45.15
C VAL A 336 37.48 -13.15 44.70
N LEU A 337 37.10 -13.11 43.42
CA LEU A 337 36.35 -11.97 42.91
C LEU A 337 34.98 -11.86 43.57
N ALA A 338 34.29 -12.98 43.76
CA ALA A 338 32.97 -12.92 44.39
C ALA A 338 33.07 -12.39 45.81
N ASP A 339 34.04 -12.87 46.58
CA ASP A 339 34.22 -12.34 47.92
C ASP A 339 34.61 -10.86 47.88
N SER A 340 35.42 -10.46 46.90
CA SER A 340 35.82 -9.07 46.79
C SER A 340 34.65 -8.16 46.45
N VAL A 341 33.66 -8.68 45.73
CA VAL A 341 32.50 -7.86 45.39
C VAL A 341 31.43 -7.91 46.48
N LEU A 342 31.51 -8.88 47.40
CA LEU A 342 30.61 -8.86 48.55
C LEU A 342 30.81 -7.61 49.40
N MET A 343 32.05 -7.23 49.64
CA MET A 343 32.32 -6.01 50.39
C MET A 343 32.24 -4.78 49.48
N GLU A 344 32.06 -3.63 50.11
CA GLU A 344 31.90 -2.40 49.35
C GLU A 344 33.20 -2.04 48.64
N GLN A 345 33.06 -1.56 47.41
CA GLN A 345 34.18 -1.19 46.55
C GLN A 345 33.90 0.18 45.98
N PRO A 346 34.94 0.90 45.54
CA PRO A 346 34.72 2.08 44.74
C PRO A 346 33.98 1.71 43.46
N PRO A 347 33.17 2.63 42.92
CA PRO A 347 32.35 2.27 41.75
C PRO A 347 33.16 1.83 40.54
N LEU A 348 34.30 2.48 40.28
CA LEU A 348 35.13 2.08 39.15
C LEU A 348 35.67 0.66 39.33
N ARG A 349 36.21 0.38 40.50
CA ARG A 349 36.63 -0.99 40.79
C ARG A 349 35.45 -1.94 40.80
N ARG A 350 34.28 -1.46 41.20
CA ARG A 350 33.09 -2.30 41.13
C ARG A 350 32.81 -2.72 39.69
N ARG A 351 32.93 -1.78 38.74
CA ARG A 351 32.71 -2.12 37.34
C ARG A 351 33.81 -3.04 36.82
N LYS A 352 35.05 -2.81 37.23
CA LYS A 352 36.12 -3.71 36.81
C LYS A 352 35.87 -5.14 37.29
N LEU A 353 35.45 -5.28 38.55
CA LEU A 353 35.11 -6.62 39.05
C LEU A 353 33.90 -7.19 38.35
N GLU A 354 32.95 -6.33 37.97
CA GLU A 354 31.80 -6.79 37.18
C GLU A 354 32.28 -7.46 35.89
N HIS A 355 33.13 -6.75 35.14
CA HIS A 355 33.63 -7.29 33.89
C HIS A 355 34.39 -8.58 34.13
N LEU A 356 35.27 -8.59 35.11
CA LEU A 356 36.10 -9.77 35.35
C LEU A 356 35.25 -10.96 35.73
N ILE A 357 34.22 -10.75 36.55
CA ILE A 357 33.38 -11.87 36.97
C ILE A 357 32.62 -12.44 35.79
N THR A 358 32.04 -11.59 34.96
CA THR A 358 31.35 -12.08 33.77
C THR A 358 32.29 -12.90 32.90
N GLU A 359 33.47 -12.35 32.62
CA GLU A 359 34.44 -13.03 31.77
C GLU A 359 34.83 -14.38 32.34
N LEU A 360 35.19 -14.42 33.63
CA LEU A 360 35.74 -15.65 34.17
C LEU A 360 34.66 -16.69 34.36
N VAL A 361 33.41 -16.29 34.55
CA VAL A 361 32.33 -17.27 34.49
C VAL A 361 32.25 -17.88 33.11
N HIS A 362 32.39 -17.04 32.07
CA HIS A 362 32.39 -17.58 30.71
C HIS A 362 33.53 -18.57 30.51
N GLN A 363 34.73 -18.21 30.98
CA GLN A 363 35.89 -19.10 30.83
C GLN A 363 35.69 -20.39 31.59
N ARG A 364 35.10 -20.31 32.78
CA ARG A 364 34.83 -21.50 33.56
C ARG A 364 33.88 -22.42 32.81
N ASP A 365 32.82 -21.87 32.22
CA ASP A 365 31.90 -22.70 31.46
C ASP A 365 32.60 -23.36 30.29
N VAL A 366 33.43 -22.61 29.58
CA VAL A 366 34.13 -23.16 28.42
C VAL A 366 35.02 -24.32 28.83
N THR A 367 35.84 -24.10 29.87
CA THR A 367 36.78 -25.15 30.28
C THR A 367 36.04 -26.37 30.81
N ARG A 368 34.93 -26.15 31.53
CA ARG A 368 34.14 -27.27 32.00
C ARG A 368 33.60 -28.07 30.83
N SER A 369 33.13 -27.39 29.78
CA SER A 369 32.65 -28.10 28.60
C SER A 369 33.77 -28.89 27.94
N LEU A 370 34.96 -28.29 27.83
CA LEU A 370 36.08 -28.99 27.22
C LEU A 370 36.42 -30.26 28.00
N ILE A 371 36.44 -30.17 29.33
CA ILE A 371 36.72 -31.35 30.13
C ILE A 371 35.63 -32.40 29.95
N LYS A 372 34.37 -31.96 29.89
CA LYS A 372 33.27 -32.91 29.72
C LYS A 372 33.38 -33.63 28.39
N SER A 373 33.70 -32.92 27.31
CA SER A 373 33.72 -33.53 25.99
C SER A 373 35.03 -34.24 25.67
N LYS A 374 36.03 -34.16 26.56
CA LYS A 374 37.28 -34.91 26.45
C LYS A 374 38.02 -34.59 25.15
N ILE A 375 38.39 -33.32 25.02
CA ILE A 375 39.19 -32.90 23.88
C ILE A 375 40.66 -33.09 24.20
N ASP A 376 41.37 -33.76 23.31
CA ASP A 376 42.79 -34.04 23.49
C ASP A 376 43.71 -33.16 22.67
N ASN A 377 43.21 -32.52 21.62
CA ASN A 377 44.05 -31.82 20.66
C ASN A 377 43.72 -30.34 20.64
N ALA A 378 44.76 -29.54 20.41
CA ALA A 378 44.59 -28.10 20.28
C ALA A 378 43.98 -27.71 18.95
N LYS A 379 43.80 -28.64 18.02
CA LYS A 379 43.21 -28.37 16.73
C LYS A 379 41.77 -28.83 16.63
N SER A 380 41.22 -29.42 17.69
CA SER A 380 39.84 -29.88 17.64
C SER A 380 38.89 -28.71 17.53
N PHE A 381 37.76 -28.94 16.87
CA PHE A 381 36.82 -27.84 16.66
C PHE A 381 36.13 -27.41 17.94
N GLU A 382 36.18 -28.21 18.99
CA GLU A 382 35.65 -27.76 20.26
C GLU A 382 36.49 -26.64 20.85
N TRP A 383 37.76 -26.57 20.48
CA TRP A 383 38.66 -25.50 20.91
C TRP A 383 38.85 -24.42 19.86
N LEU A 384 38.89 -24.79 18.58
CA LEU A 384 39.03 -23.77 17.55
C LEU A 384 37.80 -22.87 17.48
N SER A 385 36.62 -23.44 17.71
CA SER A 385 35.41 -22.63 17.69
C SER A 385 35.38 -21.61 18.81
N GLN A 386 36.13 -21.83 19.89
CA GLN A 386 36.24 -20.84 20.95
C GLN A 386 37.15 -19.71 20.52
N MET A 387 36.83 -18.52 20.99
CA MET A 387 37.53 -17.31 20.57
C MET A 387 38.79 -17.16 21.41
N ARG A 388 39.94 -17.20 20.75
CA ARG A 388 41.22 -17.36 21.42
C ARG A 388 42.11 -16.16 21.13
N PHE A 389 43.06 -15.94 22.04
CA PHE A 389 43.89 -14.76 22.06
C PHE A 389 45.36 -15.19 22.04
N TYR A 390 46.18 -14.46 21.30
CA TYR A 390 47.59 -14.78 21.22
C TYR A 390 48.38 -13.50 21.32
N PHE A 391 49.10 -13.35 22.42
CA PHE A 391 49.96 -12.20 22.64
C PHE A 391 51.40 -12.62 22.43
N ASP A 392 52.09 -11.94 21.52
CA ASP A 392 53.49 -12.20 21.24
C ASP A 392 54.22 -10.88 21.43
N PRO A 393 54.69 -10.61 22.66
CA PRO A 393 55.25 -9.28 22.94
C PRO A 393 56.55 -8.99 22.20
N LYS A 394 57.32 -10.02 21.82
CA LYS A 394 58.58 -9.78 21.15
C LYS A 394 58.42 -9.31 19.72
N GLN A 395 57.18 -9.08 19.27
CA GLN A 395 56.97 -8.54 17.94
C GLN A 395 57.64 -7.18 17.84
N THR A 396 58.16 -6.88 16.65
CA THR A 396 59.05 -5.73 16.47
C THR A 396 58.25 -4.49 16.16
N ASP A 397 57.78 -3.82 17.22
CA ASP A 397 57.33 -2.43 17.15
C ASP A 397 56.19 -2.24 16.14
N VAL A 398 55.02 -2.73 16.53
CA VAL A 398 53.79 -2.43 15.80
C VAL A 398 52.63 -2.76 16.73
N LEU A 399 51.45 -2.31 16.37
CA LEU A 399 50.25 -2.66 17.11
C LEU A 399 49.80 -4.10 16.91
N GLN A 400 50.58 -4.96 16.25
CA GLN A 400 50.17 -6.32 15.92
C GLN A 400 50.65 -7.35 16.95
N GLN A 401 50.96 -6.93 18.18
CA GLN A 401 51.33 -7.91 19.18
C GLN A 401 50.18 -8.87 19.45
N LEU A 402 48.98 -8.34 19.63
CA LEU A 402 47.83 -9.14 20.01
C LEU A 402 47.08 -9.57 18.77
N SER A 403 46.88 -10.88 18.61
CA SER A 403 46.12 -11.44 17.50
C SER A 403 44.97 -12.24 18.08
N ILE A 404 43.75 -11.92 17.66
CA ILE A 404 42.55 -12.56 18.16
C ILE A 404 41.96 -13.40 17.06
N GLN A 405 41.77 -14.69 17.32
CA GLN A 405 41.37 -15.63 16.29
C GLN A 405 40.17 -16.42 16.77
N MET A 406 39.17 -16.55 15.91
CA MET A 406 38.12 -17.53 16.15
C MET A 406 38.23 -18.52 15.00
N ALA A 407 37.29 -19.47 14.88
CA ALA A 407 37.50 -20.73 14.19
C ALA A 407 38.56 -20.68 13.10
N ASN A 408 38.40 -19.81 12.12
CA ASN A 408 39.43 -19.61 11.13
C ASN A 408 39.70 -18.15 10.84
N ALA A 409 39.03 -17.23 11.51
CA ALA A 409 39.27 -15.81 11.34
C ALA A 409 40.52 -15.40 12.09
N LYS A 410 41.00 -14.20 11.78
CA LYS A 410 42.23 -13.69 12.39
C LYS A 410 42.18 -12.17 12.33
N PHE A 411 41.90 -11.54 13.46
CA PHE A 411 41.82 -10.09 13.55
C PHE A 411 42.93 -9.56 14.43
N ASN A 412 43.54 -8.47 14.01
CA ASN A 412 44.52 -7.79 14.83
C ASN A 412 43.81 -6.77 15.70
N TYR A 413 43.96 -6.91 17.01
CA TYR A 413 43.28 -6.05 17.97
C TYR A 413 43.63 -4.60 17.71
N GLY A 414 42.65 -3.80 17.30
CA GLY A 414 42.88 -2.38 17.13
C GLY A 414 42.90 -1.71 18.49
N PHE A 415 43.89 -0.86 18.72
CA PHE A 415 44.08 -0.28 20.04
C PHE A 415 43.37 1.07 20.13
N GLU A 416 42.04 0.97 20.19
CA GLU A 416 41.17 2.11 20.40
C GLU A 416 40.72 2.10 21.86
N TYR A 417 40.98 3.19 22.56
CA TYR A 417 40.53 3.30 23.94
C TYR A 417 39.02 3.38 23.99
N LEU A 418 38.41 2.57 24.85
CA LEU A 418 36.97 2.50 24.96
C LEU A 418 36.46 2.93 26.33
N GLY A 419 37.29 3.55 27.15
CA GLY A 419 36.85 3.95 28.47
C GLY A 419 36.42 2.74 29.26
N VAL A 420 35.24 2.82 29.87
CA VAL A 420 34.65 1.72 30.62
C VAL A 420 33.31 1.40 30.00
N GLN A 421 33.26 0.35 29.18
CA GLN A 421 32.04 -0.10 28.56
C GLN A 421 31.42 -1.21 29.39
N ASP A 422 30.14 -1.43 29.21
CA ASP A 422 29.41 -2.43 29.99
C ASP A 422 29.44 -3.77 29.26
N LYS A 423 30.20 -4.72 29.80
CA LYS A 423 30.33 -6.02 29.17
C LYS A 423 29.01 -6.79 29.26
N LEU A 424 28.79 -7.65 28.27
CA LEU A 424 27.61 -8.49 28.22
C LEU A 424 27.91 -9.88 28.73
N VAL A 425 26.88 -10.54 29.28
CA VAL A 425 27.00 -11.95 29.58
C VAL A 425 27.12 -12.71 28.28
N GLN A 426 28.14 -13.55 28.16
CA GLN A 426 28.39 -14.26 26.91
C GLN A 426 27.61 -15.56 26.93
N THR A 427 26.34 -15.48 26.52
CA THR A 427 25.46 -16.62 26.46
C THR A 427 25.72 -17.42 25.19
N PRO A 428 25.23 -18.66 25.12
CA PRO A 428 25.41 -19.45 23.89
C PRO A 428 24.92 -18.74 22.65
N LEU A 429 23.80 -18.01 22.74
CA LEU A 429 23.34 -17.24 21.58
C LEU A 429 24.35 -16.18 21.20
N THR A 430 24.97 -15.53 22.19
CA THR A 430 26.00 -14.55 21.86
C THR A 430 27.22 -15.23 21.23
N ASP A 431 27.51 -16.47 21.65
CA ASP A 431 28.60 -17.21 21.00
C ASP A 431 28.28 -17.54 19.55
N ARG A 432 27.04 -17.95 19.27
CA ARG A 432 26.63 -18.17 17.88
C ARG A 432 26.72 -16.88 17.09
N CYS A 433 26.36 -15.76 17.72
CA CYS A 433 26.47 -14.47 17.06
C CYS A 433 27.91 -14.13 16.74
N TYR A 434 28.82 -14.38 17.70
CA TYR A 434 30.23 -14.16 17.42
C TYR A 434 30.71 -15.02 16.27
N LEU A 435 30.34 -16.30 16.27
CA LEU A 435 30.78 -17.20 15.22
C LEU A 435 30.33 -16.70 13.86
N THR A 436 29.02 -16.43 13.71
CA THR A 436 28.51 -15.98 12.42
C THR A 436 29.12 -14.63 12.02
N MET A 437 29.26 -13.72 12.97
CA MET A 437 29.75 -12.38 12.62
C MET A 437 31.22 -12.41 12.22
N THR A 438 32.03 -13.24 12.88
CA THR A 438 33.41 -13.37 12.45
C THR A 438 33.53 -14.09 11.12
N GLN A 439 32.67 -15.09 10.88
CA GLN A 439 32.67 -15.75 9.58
C GLN A 439 32.32 -14.77 8.47
N ALA A 440 31.34 -13.89 8.72
CA ALA A 440 30.98 -12.87 7.74
C ALA A 440 32.06 -11.81 7.62
N LEU A 441 32.77 -11.50 8.70
CA LEU A 441 33.87 -10.55 8.61
C LEU A 441 34.99 -11.09 7.74
N GLU A 442 35.29 -12.38 7.88
CA GLU A 442 36.04 -13.08 6.86
C GLU A 442 35.20 -13.10 5.58
N ALA A 443 35.87 -13.13 4.44
CA ALA A 443 35.25 -12.97 3.13
C ALA A 443 34.65 -11.59 2.94
N ARG A 444 35.02 -10.62 3.77
CA ARG A 444 34.73 -9.21 3.54
C ARG A 444 33.23 -8.97 3.34
N LEU A 445 32.41 -9.76 3.99
CA LEU A 445 30.97 -9.54 3.95
C LEU A 445 30.58 -8.62 5.10
N GLY A 446 29.28 -8.53 5.36
CA GLY A 446 28.80 -7.85 6.53
C GLY A 446 27.82 -8.75 7.28
N GLY A 447 27.63 -8.43 8.54
CA GLY A 447 26.74 -9.20 9.40
C GLY A 447 25.38 -8.53 9.47
N SER A 448 24.34 -9.34 9.40
CA SER A 448 22.97 -8.85 9.36
C SER A 448 22.09 -9.64 10.32
N PRO A 449 22.30 -9.48 11.63
CA PRO A 449 21.42 -10.15 12.58
C PRO A 449 20.01 -9.62 12.49
N PHE A 450 19.06 -10.46 12.84
CA PHE A 450 17.66 -10.08 12.79
C PHE A 450 16.92 -10.86 13.86
N GLY A 451 15.68 -10.45 14.12
CA GLY A 451 14.82 -11.14 15.05
C GLY A 451 13.81 -10.22 15.66
N PRO A 452 13.11 -10.68 16.69
CA PRO A 452 12.20 -9.79 17.42
C PRO A 452 12.95 -8.69 18.14
N ALA A 453 12.24 -7.88 18.92
CA ALA A 453 12.85 -6.73 19.56
C ALA A 453 13.46 -7.09 20.90
N GLY A 454 14.53 -6.39 21.26
CA GLY A 454 15.17 -6.57 22.54
C GLY A 454 15.82 -7.91 22.74
N THR A 455 16.57 -8.38 21.74
CA THR A 455 17.29 -9.64 21.84
C THR A 455 18.80 -9.46 21.79
N GLY A 456 19.28 -8.24 21.89
CA GLY A 456 20.71 -8.04 22.00
C GLY A 456 21.46 -7.98 20.69
N LYS A 457 20.78 -7.73 19.57
CA LYS A 457 21.47 -7.63 18.29
C LYS A 457 22.46 -6.47 18.29
N THR A 458 21.98 -5.26 18.63
CA THR A 458 22.86 -4.10 18.62
C THR A 458 23.96 -4.23 19.66
N GLU A 459 23.59 -4.67 20.86
CA GLU A 459 24.60 -4.77 21.91
C GLU A 459 25.58 -5.89 21.63
N SER A 460 25.16 -6.99 21.01
CA SER A 460 26.11 -8.02 20.63
C SER A 460 27.08 -7.52 19.56
N VAL A 461 26.58 -6.77 18.58
CA VAL A 461 27.46 -6.19 17.58
C VAL A 461 28.47 -5.26 18.23
N LYS A 462 28.00 -4.42 19.15
CA LYS A 462 28.92 -3.52 19.84
C LYS A 462 29.90 -4.30 20.71
N ALA A 463 29.45 -5.39 21.32
CA ALA A 463 30.33 -6.20 22.15
C ALA A 463 31.46 -6.78 21.32
N LEU A 464 31.14 -7.31 20.14
CA LEU A 464 32.19 -7.78 19.25
C LEU A 464 33.10 -6.65 18.80
N GLY A 465 32.52 -5.49 18.48
CA GLY A 465 33.35 -4.39 18.00
C GLY A 465 34.34 -3.93 19.05
N HIS A 466 33.91 -3.83 20.29
CA HIS A 466 34.79 -3.40 21.38
C HIS A 466 35.72 -4.52 21.82
N GLN A 467 35.30 -5.78 21.61
CA GLN A 467 36.16 -6.91 21.90
C GLN A 467 37.42 -6.89 21.06
N LEU A 468 37.30 -6.53 19.79
CA LEU A 468 38.46 -6.36 18.92
C LEU A 468 39.04 -4.97 19.03
N GLY A 469 38.53 -4.14 19.92
CA GLY A 469 39.06 -2.79 20.07
C GLY A 469 38.79 -1.91 18.88
N ARG A 470 37.62 -2.05 18.27
CA ARG A 470 37.24 -1.28 17.10
C ARG A 470 36.43 -0.05 17.49
N PHE A 471 36.61 1.03 16.72
CA PHE A 471 35.74 2.18 16.81
C PHE A 471 34.41 1.82 16.17
N VAL A 472 33.37 1.68 16.99
CA VAL A 472 32.04 1.30 16.52
C VAL A 472 31.15 2.53 16.59
N LEU A 473 30.61 2.94 15.44
CA LEU A 473 29.65 4.03 15.37
C LEU A 473 28.28 3.45 15.07
N VAL A 474 27.33 3.67 15.95
CA VAL A 474 25.97 3.20 15.77
C VAL A 474 25.17 4.29 15.08
N PHE A 475 24.39 3.91 14.08
CA PHE A 475 23.49 4.82 13.38
C PHE A 475 22.07 4.30 13.50
N ASN A 476 21.14 5.19 13.75
CA ASN A 476 19.72 4.85 13.70
C ASN A 476 19.18 5.40 12.39
N CYS A 477 18.94 4.51 11.43
CA CYS A 477 18.60 4.90 10.08
C CYS A 477 17.09 4.96 9.90
N ASP A 478 16.61 6.08 9.38
CA ASP A 478 15.24 6.26 8.98
C ASP A 478 15.18 6.53 7.49
N GLU A 479 13.97 6.76 6.98
CA GLU A 479 13.80 6.99 5.55
C GLU A 479 14.54 8.21 5.06
N THR A 480 14.89 9.14 5.95
CA THR A 480 15.63 10.32 5.55
C THR A 480 17.07 10.01 5.19
N PHE A 481 17.55 8.81 5.52
CA PHE A 481 18.88 8.38 5.11
C PHE A 481 18.82 7.99 3.64
N ASP A 482 19.48 8.76 2.79
CA ASP A 482 19.39 8.58 1.36
C ASP A 482 20.75 8.21 0.79
N PHE A 483 20.85 8.19 -0.54
CA PHE A 483 22.06 7.76 -1.20
C PHE A 483 23.24 8.63 -0.82
N GLN A 484 23.06 9.95 -0.79
CA GLN A 484 24.17 10.83 -0.46
C GLN A 484 24.55 10.72 1.01
N ALA A 485 23.56 10.60 1.89
CA ALA A 485 23.86 10.49 3.31
C ALA A 485 24.63 9.21 3.62
N MET A 486 24.12 8.08 3.13
CA MET A 486 24.82 6.82 3.34
C MET A 486 26.18 6.83 2.67
N GLY A 487 26.30 7.49 1.53
CA GLY A 487 27.59 7.58 0.87
C GLY A 487 28.62 8.35 1.71
N ARG A 488 28.21 9.47 2.28
CA ARG A 488 29.13 10.22 3.13
C ARG A 488 29.48 9.42 4.39
N ILE A 489 28.51 8.72 4.96
CA ILE A 489 28.78 7.89 6.13
C ILE A 489 29.80 6.82 5.78
N PHE A 490 29.64 6.18 4.61
CA PHE A 490 30.59 5.15 4.20
C PHE A 490 31.96 5.72 3.90
N VAL A 491 32.02 6.94 3.37
CA VAL A 491 33.30 7.61 3.21
C VAL A 491 34.00 7.71 4.55
N GLY A 492 33.26 8.15 5.57
CA GLY A 492 33.85 8.26 6.89
C GLY A 492 34.30 6.91 7.44
N LEU A 493 33.46 5.90 7.32
CA LEU A 493 33.80 4.59 7.89
C LEU A 493 34.98 3.96 7.19
N CYS A 494 35.12 4.18 5.89
CA CYS A 494 36.25 3.66 5.14
C CYS A 494 37.55 4.39 5.44
N GLN A 495 37.51 5.72 5.50
CA GLN A 495 38.73 6.48 5.73
C GLN A 495 39.31 6.18 7.10
N VAL A 496 38.46 6.04 8.11
CA VAL A 496 38.92 5.86 9.49
C VAL A 496 39.16 4.40 9.84
N GLY A 497 38.55 3.47 9.11
CA GLY A 497 38.65 2.08 9.50
C GLY A 497 37.87 1.84 10.77
N ALA A 498 36.64 2.32 10.81
CA ALA A 498 35.76 2.16 11.95
C ALA A 498 34.55 1.32 11.57
N TRP A 499 34.07 0.53 12.51
CA TRP A 499 32.89 -0.27 12.26
C TRP A 499 31.66 0.62 12.15
N GLY A 500 30.60 0.06 11.55
CA GLY A 500 29.33 0.75 11.47
C GLY A 500 28.17 -0.18 11.69
N CYS A 501 27.33 0.11 12.68
CA CYS A 501 26.17 -0.71 12.99
C CYS A 501 24.92 0.10 12.70
N PHE A 502 24.26 -0.20 11.59
CA PHE A 502 23.11 0.58 11.12
C PHE A 502 21.84 -0.06 11.66
N ASP A 503 21.41 0.38 12.84
CA ASP A 503 20.21 -0.18 13.44
C ASP A 503 18.98 0.19 12.62
N GLU A 504 18.08 -0.79 12.48
CA GLU A 504 16.89 -0.64 11.65
C GLU A 504 17.28 -0.19 10.24
N PHE A 505 17.95 -1.09 9.53
CA PHE A 505 18.30 -0.80 8.14
C PHE A 505 17.11 -0.96 7.22
N ASN A 506 16.05 -1.63 7.67
CA ASN A 506 14.87 -1.82 6.85
C ASN A 506 13.90 -0.66 6.94
N ARG A 507 14.22 0.38 7.70
CA ARG A 507 13.38 1.56 7.78
C ARG A 507 13.72 2.58 6.70
N LEU A 508 14.71 2.30 5.86
CA LEU A 508 14.94 3.10 4.67
C LEU A 508 13.88 2.78 3.62
N GLU A 509 13.61 3.74 2.74
CA GLU A 509 12.73 3.48 1.62
C GLU A 509 13.41 2.53 0.65
N GLU A 510 12.62 1.60 0.10
CA GLU A 510 13.20 0.48 -0.64
C GLU A 510 13.99 0.95 -1.85
N ARG A 511 13.65 2.12 -2.40
CA ARG A 511 14.47 2.72 -3.45
C ARG A 511 15.89 2.93 -2.96
N MET A 512 16.05 3.50 -1.77
CA MET A 512 17.39 3.74 -1.26
C MET A 512 18.06 2.45 -0.81
N LEU A 513 17.26 1.47 -0.37
CA LEU A 513 17.83 0.17 -0.08
C LEU A 513 18.47 -0.44 -1.30
N SER A 514 17.82 -0.30 -2.47
CA SER A 514 18.43 -0.76 -3.71
C SER A 514 19.62 0.12 -4.10
N ALA A 515 19.49 1.44 -3.92
CA ALA A 515 20.53 2.35 -4.38
C ALA A 515 21.84 2.16 -3.64
N VAL A 516 21.79 2.01 -2.31
CA VAL A 516 23.01 1.85 -1.54
C VAL A 516 23.60 0.47 -1.65
N SER A 517 22.88 -0.48 -2.25
CA SER A 517 23.48 -1.79 -2.50
C SER A 517 24.69 -1.65 -3.40
N GLN A 518 24.64 -0.70 -4.34
CA GLN A 518 25.80 -0.44 -5.19
C GLN A 518 27.00 -0.02 -4.35
N GLN A 519 26.79 0.87 -3.38
CA GLN A 519 27.89 1.34 -2.56
C GLN A 519 28.44 0.24 -1.67
N VAL A 520 27.56 -0.53 -1.05
CA VAL A 520 28.03 -1.62 -0.20
C VAL A 520 28.83 -2.62 -1.01
N GLN A 521 28.36 -2.97 -2.21
CA GLN A 521 29.10 -3.89 -3.07
C GLN A 521 30.42 -3.30 -3.51
N CYS A 522 30.46 -1.99 -3.82
CA CYS A 522 31.71 -1.35 -4.17
C CYS A 522 32.71 -1.48 -3.03
N ILE A 523 32.25 -1.24 -1.80
CA ILE A 523 33.13 -1.33 -0.65
C ILE A 523 33.65 -2.76 -0.49
N GLN A 524 32.74 -3.73 -0.49
CA GLN A 524 33.13 -5.12 -0.24
C GLN A 524 34.10 -5.63 -1.29
N GLU A 525 33.83 -5.36 -2.57
CA GLU A 525 34.71 -5.87 -3.61
C GLU A 525 36.04 -5.12 -3.62
N ALA A 526 36.01 -3.81 -3.36
CA ALA A 526 37.27 -3.08 -3.25
C ALA A 526 38.02 -3.50 -1.99
N LEU A 527 37.30 -3.92 -0.96
CA LEU A 527 37.94 -4.33 0.28
C LEU A 527 38.59 -5.70 0.14
N ARG A 528 38.07 -6.54 -0.75
CA ARG A 528 38.64 -7.87 -0.98
C ARG A 528 40.01 -7.81 -1.64
N GLU A 529 40.42 -6.67 -2.20
CA GLU A 529 41.76 -6.53 -2.74
C GLU A 529 42.82 -6.60 -1.66
N HIS A 530 42.45 -6.39 -0.40
CA HIS A 530 43.40 -6.53 0.70
C HIS A 530 43.73 -7.99 0.96
N SER A 531 42.76 -8.90 0.80
CA SER A 531 43.01 -10.31 1.01
C SER A 531 43.80 -10.90 -0.15
N ASN A 532 43.95 -10.12 -1.23
CA ASN A 532 44.68 -10.57 -2.41
C ASN A 532 46.17 -10.70 -2.13
N PRO A 541 47.83 2.45 -2.77
CA PRO A 541 46.88 1.90 -1.80
C PRO A 541 45.69 1.23 -2.47
N ILE A 542 44.66 0.91 -1.69
CA ILE A 542 43.41 0.36 -2.21
C ILE A 542 42.32 1.38 -2.01
N THR A 543 41.70 1.82 -3.10
CA THR A 543 40.68 2.84 -3.09
C THR A 543 39.44 2.34 -3.80
N CYS A 544 38.31 2.98 -3.50
CA CYS A 544 37.03 2.58 -4.07
C CYS A 544 36.29 3.76 -4.69
N GLU A 545 35.04 3.54 -5.08
CA GLU A 545 34.22 4.55 -5.74
C GLU A 545 33.04 4.89 -4.84
N LEU A 546 33.10 6.04 -4.20
CA LEU A 546 32.04 6.53 -3.34
C LEU A 546 31.76 7.98 -3.68
N LEU A 547 30.54 8.27 -4.11
CA LEU A 547 30.11 9.64 -4.40
C LEU A 547 31.02 10.29 -5.44
N ASN A 548 31.34 9.53 -6.48
CA ASN A 548 32.10 10.02 -7.63
C ASN A 548 33.49 10.52 -7.23
N LYS A 549 34.12 9.83 -6.29
CA LYS A 549 35.49 10.15 -5.93
C LYS A 549 36.14 8.93 -5.31
N GLN A 550 37.47 8.97 -5.24
CA GLN A 550 38.28 7.86 -4.74
C GLN A 550 38.67 8.13 -3.29
N VAL A 551 38.38 7.15 -2.43
CA VAL A 551 38.69 7.26 -1.01
C VAL A 551 39.44 6.00 -0.59
N LYS A 552 40.30 6.16 0.41
CA LYS A 552 41.11 5.05 0.88
C LYS A 552 40.29 4.14 1.78
N VAL A 553 40.29 2.85 1.47
CA VAL A 553 39.52 1.86 2.22
C VAL A 553 40.47 1.10 3.14
N SER A 554 40.16 1.08 4.42
CA SER A 554 41.01 0.36 5.36
C SER A 554 40.41 -1.00 5.68
N PRO A 555 41.25 -2.02 5.86
CA PRO A 555 40.73 -3.37 6.11
C PRO A 555 39.95 -3.48 7.39
N ASP A 556 40.16 -2.56 8.33
CA ASP A 556 39.55 -2.68 9.64
C ASP A 556 38.05 -2.45 9.63
N MET A 557 37.51 -1.77 8.62
CA MET A 557 36.11 -1.37 8.66
C MET A 557 35.18 -2.56 8.43
N ALA A 558 33.95 -2.41 8.91
CA ALA A 558 32.91 -3.40 8.72
C ALA A 558 31.57 -2.70 8.58
N ILE A 559 30.58 -3.44 8.12
CA ILE A 559 29.21 -2.95 8.00
C ILE A 559 28.28 -3.98 8.61
N PHE A 560 27.47 -3.55 9.56
CA PHE A 560 26.49 -4.40 10.23
C PHE A 560 25.12 -3.75 10.12
N ILE A 561 24.08 -4.54 9.92
CA ILE A 561 22.73 -4.03 9.86
C ILE A 561 21.87 -4.90 10.76
N THR A 562 21.12 -4.28 11.65
CA THR A 562 20.22 -5.01 12.53
C THR A 562 18.79 -4.66 12.16
N MET A 563 17.94 -5.68 12.06
CA MET A 563 16.62 -5.50 11.48
C MET A 563 15.56 -6.17 12.32
N ASN A 564 14.33 -5.72 12.14
CA ASN A 564 13.15 -6.34 12.74
C ASN A 564 12.23 -6.76 11.60
N PRO A 565 12.22 -8.03 11.23
CA PRO A 565 11.35 -8.46 10.14
C PRO A 565 9.90 -8.58 10.59
N GLY A 566 8.99 -8.12 9.75
CA GLY A 566 7.57 -8.24 10.04
C GLY A 566 7.00 -7.16 10.92
N TYR A 567 7.76 -6.10 11.21
CA TYR A 567 7.28 -5.01 12.05
C TYR A 567 6.79 -3.86 11.19
N ALA A 568 5.82 -3.11 11.74
CA ALA A 568 5.22 -2.02 10.99
C ALA A 568 6.24 -0.92 10.72
N GLY A 569 6.05 -0.22 9.60
CA GLY A 569 6.97 0.82 9.22
C GLY A 569 8.29 0.32 8.72
N ARG A 570 8.37 -0.93 8.29
CA ARG A 570 9.60 -1.54 7.81
C ARG A 570 9.50 -1.83 6.32
N SER A 571 10.60 -1.67 5.61
CA SER A 571 10.69 -1.96 4.20
C SER A 571 11.24 -3.36 3.98
N ASN A 572 11.08 -3.87 2.76
CA ASN A 572 11.57 -5.18 2.40
C ASN A 572 12.83 -5.07 1.56
N LEU A 573 13.87 -5.80 1.96
CA LEU A 573 15.16 -5.66 1.31
C LEU A 573 15.14 -6.26 -0.09
N PRO A 574 15.90 -5.68 -1.03
CA PRO A 574 16.13 -6.36 -2.31
C PRO A 574 16.94 -7.62 -2.12
N ASP A 575 16.76 -8.58 -3.03
CA ASP A 575 17.61 -9.75 -3.03
C ASP A 575 19.02 -9.43 -3.50
N ASN A 576 19.21 -8.28 -4.13
CA ASN A 576 20.56 -7.81 -4.45
C ASN A 576 21.34 -7.49 -3.18
N LEU A 577 20.66 -6.98 -2.16
CA LEU A 577 21.32 -6.58 -0.92
C LEU A 577 21.42 -7.71 0.08
N LYS A 578 20.49 -8.66 0.06
CA LYS A 578 20.54 -9.76 1.01
C LYS A 578 21.72 -10.68 0.78
N LYS A 579 22.33 -10.66 -0.40
CA LYS A 579 23.53 -11.44 -0.67
C LYS A 579 24.81 -10.70 -0.31
N LEU A 580 24.72 -9.45 0.10
CA LEU A 580 25.88 -8.70 0.56
C LEU A 580 26.11 -8.85 2.06
N PHE A 581 25.31 -9.66 2.74
CA PHE A 581 25.36 -9.79 4.19
C PHE A 581 25.13 -11.25 4.58
N ARG A 582 25.39 -11.56 5.84
CA ARG A 582 25.13 -12.89 6.42
C ARG A 582 24.11 -12.75 7.53
N SER A 583 22.88 -13.19 7.27
CA SER A 583 21.83 -13.04 8.26
C SER A 583 22.04 -14.01 9.42
N LEU A 584 21.53 -13.62 10.58
CA LEU A 584 21.62 -14.43 11.79
C LEU A 584 20.35 -14.22 12.60
N ALA A 585 19.73 -15.32 13.02
CA ALA A 585 18.45 -15.25 13.72
C ALA A 585 18.70 -15.25 15.22
N MET A 586 18.22 -14.21 15.90
CA MET A 586 18.35 -14.08 17.35
C MET A 586 16.94 -13.92 17.91
N THR A 587 16.27 -15.04 18.15
CA THR A 587 14.88 -15.03 18.58
C THR A 587 14.69 -15.27 20.05
N LYS A 588 15.46 -16.19 20.65
CA LYS A 588 15.30 -16.55 22.06
C LYS A 588 16.64 -16.43 22.77
N PRO A 589 16.98 -15.25 23.29
CA PRO A 589 18.19 -15.14 24.10
C PRO A 589 18.07 -15.98 25.37
N ASP A 590 19.22 -16.42 25.86
CA ASP A 590 19.30 -17.23 27.07
C ASP A 590 19.17 -16.32 28.28
N ARG A 591 17.92 -16.11 28.70
CA ARG A 591 17.65 -15.16 29.77
C ARG A 591 18.04 -15.73 31.13
N GLN A 592 17.90 -17.03 31.31
CA GLN A 592 18.26 -17.63 32.60
C GLN A 592 19.73 -17.43 32.89
N LEU A 593 20.59 -17.65 31.89
CA LEU A 593 22.02 -17.46 32.10
C LEU A 593 22.34 -16.01 32.39
N ILE A 594 21.70 -15.08 31.68
CA ILE A 594 21.95 -13.66 31.91
C ILE A 594 21.57 -13.29 33.34
N ALA A 595 20.41 -13.74 33.79
CA ALA A 595 19.98 -13.44 35.15
C ALA A 595 20.94 -14.03 36.17
N GLN A 596 21.33 -15.29 35.97
CA GLN A 596 22.23 -15.93 36.92
C GLN A 596 23.55 -15.18 37.01
N VAL A 597 24.15 -14.88 35.86
CA VAL A 597 25.46 -14.23 35.87
C VAL A 597 25.36 -12.83 36.44
N MET A 598 24.33 -12.07 36.06
CA MET A 598 24.20 -10.70 36.56
C MET A 598 24.01 -10.68 38.06
N LEU A 599 23.13 -11.55 38.58
CA LEU A 599 22.94 -11.59 40.03
C LEU A 599 24.21 -12.05 40.73
N TYR A 600 24.90 -13.05 40.19
CA TYR A 600 26.13 -13.54 40.81
C TYR A 600 27.18 -12.44 40.85
N SER A 601 27.25 -11.63 39.80
CA SER A 601 28.21 -10.53 39.80
C SER A 601 27.76 -9.43 40.76
N GLN A 602 26.46 -9.26 40.96
CA GLN A 602 25.99 -8.20 41.85
C GLN A 602 26.23 -8.51 43.32
N GLY A 603 26.58 -9.74 43.67
CA GLY A 603 26.80 -10.13 45.04
C GLY A 603 25.70 -10.95 45.67
N PHE A 604 24.70 -11.36 44.91
CA PHE A 604 23.65 -12.21 45.45
C PHE A 604 24.19 -13.60 45.67
N ARG A 605 24.25 -14.04 46.93
CA ARG A 605 24.79 -15.35 47.25
C ARG A 605 23.95 -16.47 46.69
N THR A 606 22.66 -16.25 46.45
CA THR A 606 21.76 -17.26 45.92
C THR A 606 21.40 -16.94 44.47
N ALA A 607 22.39 -16.53 43.68
CA ALA A 607 22.13 -16.06 42.33
C ALA A 607 21.47 -17.13 41.47
N GLU A 608 21.91 -18.38 41.60
CA GLU A 608 21.32 -19.45 40.79
C GLU A 608 19.85 -19.65 41.11
N VAL A 609 19.51 -19.74 42.39
CA VAL A 609 18.12 -19.95 42.78
C VAL A 609 17.28 -18.75 42.38
N LEU A 610 17.83 -17.55 42.54
CA LEU A 610 17.10 -16.36 42.12
C LEU A 610 16.81 -16.37 40.63
N ALA A 611 17.80 -16.76 39.81
CA ALA A 611 17.56 -16.81 38.37
C ALA A 611 16.50 -17.85 38.02
N ASN A 612 16.61 -19.04 38.64
CA ASN A 612 15.62 -20.08 38.39
C ASN A 612 14.23 -19.68 38.87
N LYS A 613 14.12 -18.78 39.84
CA LYS A 613 12.81 -18.30 40.22
C LYS A 613 12.31 -17.22 39.27
N ILE A 614 13.21 -16.36 38.82
CA ILE A 614 12.75 -15.14 38.15
C ILE A 614 12.45 -15.36 36.68
N VAL A 615 13.19 -16.23 35.99
CA VAL A 615 12.97 -16.33 34.55
C VAL A 615 11.67 -17.08 34.25
N PRO A 616 11.39 -18.22 34.91
CA PRO A 616 10.06 -18.82 34.75
C PRO A 616 8.94 -17.90 35.17
N PHE A 617 9.18 -17.01 36.13
CA PHE A 617 8.18 -16.02 36.49
C PHE A 617 7.83 -15.15 35.29
N PHE A 618 8.84 -14.72 34.54
CA PHE A 618 8.57 -13.90 33.36
C PHE A 618 7.89 -14.68 32.25
N LYS A 619 8.33 -15.92 32.00
CA LYS A 619 7.66 -16.66 30.93
C LYS A 619 6.23 -17.02 31.32
N LEU A 620 5.93 -17.11 32.60
CA LEU A 620 4.55 -17.36 33.02
C LEU A 620 3.73 -16.09 33.06
N CYS A 621 4.35 -14.94 33.32
CA CYS A 621 3.64 -13.68 33.19
C CYS A 621 3.27 -13.41 31.74
N ASP A 622 4.14 -13.80 30.81
CA ASP A 622 3.82 -13.61 29.40
C ASP A 622 2.67 -14.49 28.92
N GLU A 623 2.27 -15.49 29.71
CA GLU A 623 1.21 -16.41 29.31
C GLU A 623 -0.07 -16.24 30.13
N GLN A 624 0.06 -16.15 31.45
CA GLN A 624 -1.14 -16.05 32.33
C GLN A 624 -1.79 -14.67 32.18
N LEU A 625 -0.97 -13.60 32.16
CA LEU A 625 -1.51 -12.21 32.08
C LEU A 625 -1.98 -11.92 30.65
N SER A 626 -3.00 -11.06 30.51
CA SER A 626 -3.57 -10.76 29.17
C SER A 626 -2.60 -9.91 28.34
N SER A 627 -2.52 -10.16 27.03
CA SER A 627 -1.62 -9.38 26.15
C SER A 627 -2.19 -7.97 25.97
N GLN A 628 -1.44 -6.94 26.38
CA GLN A 628 -1.88 -5.54 26.21
C GLN A 628 -0.89 -4.79 25.32
N SER A 629 -1.30 -3.67 24.73
CA SER A 629 -0.42 -2.88 23.83
C SER A 629 0.81 -2.39 24.60
N HIS A 630 0.65 -2.08 25.90
CA HIS A 630 1.76 -1.52 26.71
C HIS A 630 2.48 -2.62 27.50
N TYR A 631 2.05 -3.88 27.37
CA TYR A 631 2.66 -4.98 28.18
C TYR A 631 4.00 -5.40 27.59
N ASP A 632 5.03 -5.51 28.45
CA ASP A 632 6.37 -5.95 27.99
C ASP A 632 6.97 -6.92 29.01
N PHE A 633 7.17 -8.19 28.63
CA PHE A 633 7.80 -9.18 29.54
C PHE A 633 9.04 -9.75 28.83
N GLY A 634 9.72 -8.94 28.02
CA GLY A 634 10.87 -9.43 27.24
C GLY A 634 12.19 -9.33 27.98
N LEU A 635 13.29 -9.22 27.24
CA LEU A 635 14.61 -9.19 27.85
C LEU A 635 14.91 -7.81 28.44
N ARG A 636 14.41 -6.75 27.83
CA ARG A 636 14.66 -5.41 28.35
C ARG A 636 14.05 -5.25 29.74
N ALA A 637 12.83 -5.75 29.94
CA ALA A 637 12.21 -5.68 31.25
C ALA A 637 13.00 -6.47 32.28
N LEU A 638 13.46 -7.66 31.91
CA LEU A 638 14.23 -8.47 32.85
C LEU A 638 15.54 -7.78 33.21
N LYS A 639 16.20 -7.17 32.24
CA LYS A 639 17.43 -6.44 32.53
C LYS A 639 17.15 -5.27 33.47
N SER A 640 16.05 -4.56 33.25
CA SER A 640 15.71 -3.45 34.14
C SER A 640 15.44 -3.96 35.55
N VAL A 641 14.76 -5.10 35.67
CA VAL A 641 14.50 -5.68 36.98
C VAL A 641 15.81 -6.03 37.67
N LEU A 642 16.75 -6.61 36.94
CA LEU A 642 18.03 -6.99 37.53
C LEU A 642 18.83 -5.78 38.00
N VAL A 643 18.87 -4.73 37.17
CA VAL A 643 19.60 -3.52 37.57
C VAL A 643 18.95 -2.90 38.80
N SER A 644 17.62 -2.81 38.82
CA SER A 644 16.95 -2.25 39.99
C SER A 644 17.17 -3.11 41.22
N ALA A 645 17.22 -4.43 41.05
CA ALA A 645 17.46 -5.32 42.18
C ALA A 645 18.86 -5.08 42.76
N GLY A 646 19.84 -4.90 41.89
CA GLY A 646 21.17 -4.55 42.38
C GLY A 646 21.18 -3.25 43.14
N ASN A 647 20.50 -2.24 42.61
CA ASN A 647 20.45 -0.95 43.30
C ASN A 647 19.75 -1.07 44.64
N VAL A 648 18.66 -1.84 44.70
CA VAL A 648 17.94 -2.02 45.96
C VAL A 648 18.80 -2.75 46.97
N LYS A 649 19.58 -3.73 46.52
CA LYS A 649 20.49 -4.42 47.44
C LYS A 649 21.52 -3.45 48.00
N ARG A 650 22.10 -2.60 47.15
CA ARG A 650 23.08 -1.64 47.65
C ARG A 650 22.44 -0.67 48.63
N GLU A 651 21.22 -0.21 48.34
CA GLU A 651 20.56 0.74 49.22
C GLU A 651 20.21 0.08 50.57
N ARG A 652 19.77 -1.17 50.54
CA ARG A 652 19.48 -1.87 51.79
C ARG A 652 20.73 -2.08 52.61
N ILE A 653 21.85 -2.39 51.95
CA ILE A 653 23.12 -2.51 52.65
C ILE A 653 23.49 -1.20 53.31
N GLN A 654 23.36 -0.08 52.58
CA GLN A 654 23.70 1.21 53.17
C GLN A 654 22.79 1.55 54.34
N LYS A 655 21.49 1.26 54.21
CA LYS A 655 20.56 1.53 55.30
C LYS A 655 20.90 0.70 56.54
N ILE A 656 21.25 -0.57 56.35
CA ILE A 656 21.63 -1.39 57.49
C ILE A 656 22.91 -0.86 58.12
N LYS A 657 23.85 -0.40 57.29
CA LYS A 657 25.11 0.10 57.82
C LYS A 657 24.92 1.38 58.61
N ARG A 658 23.98 2.23 58.21
CA ARG A 658 23.67 3.42 59.01
C ARG A 658 23.16 3.03 60.39
N GLU A 659 22.31 2.01 60.47
CA GLU A 659 21.76 1.56 61.74
C GLU A 659 22.81 0.90 62.62
N ILE A 672 30.09 -9.15 54.91
CA ILE A 672 29.71 -8.69 56.23
C ILE A 672 28.24 -8.28 56.25
N ALA A 673 27.49 -8.81 57.21
CA ALA A 673 26.05 -8.58 57.31
C ALA A 673 25.35 -8.94 56.02
N GLU A 674 25.74 -10.07 55.43
CA GLU A 674 25.22 -10.52 54.15
C GLU A 674 24.15 -11.58 54.32
N ASN A 675 23.33 -11.45 55.36
CA ASN A 675 22.13 -12.24 55.51
C ASN A 675 20.88 -11.46 55.09
N LEU A 676 21.00 -10.66 54.04
CA LEU A 676 19.84 -9.97 53.50
C LEU A 676 18.86 -10.97 52.91
N PRO A 677 17.57 -10.69 52.96
CA PRO A 677 16.62 -11.51 52.22
C PRO A 677 16.70 -11.17 50.75
N GLU A 678 17.29 -12.03 49.93
CA GLU A 678 17.51 -11.65 48.54
C GLU A 678 16.23 -11.74 47.73
N GLN A 679 15.37 -12.72 48.05
CA GLN A 679 14.09 -12.82 47.35
C GLN A 679 13.22 -11.61 47.62
N GLU A 680 13.27 -11.07 48.83
CA GLU A 680 12.54 -9.84 49.11
C GLU A 680 13.04 -8.70 48.26
N ILE A 681 14.34 -8.63 48.02
CA ILE A 681 14.90 -7.60 47.15
C ILE A 681 14.42 -7.80 45.72
N LEU A 682 14.34 -9.06 45.27
CA LEU A 682 13.83 -9.32 43.93
C LEU A 682 12.38 -8.88 43.79
N ILE A 683 11.55 -9.20 44.78
CA ILE A 683 10.15 -8.78 44.72
C ILE A 683 10.05 -7.26 44.79
N GLN A 684 10.90 -6.63 45.61
CA GLN A 684 10.99 -5.18 45.64
C GLN A 684 11.17 -4.60 44.24
N SER A 685 12.22 -5.05 43.54
CA SER A 685 12.50 -4.50 42.22
C SER A 685 11.40 -4.84 41.22
N VAL A 686 10.88 -6.07 41.26
CA VAL A 686 9.85 -6.46 40.31
C VAL A 686 8.61 -5.61 40.48
N CYS A 687 8.15 -5.46 41.73
CA CYS A 687 6.98 -4.63 41.98
C CYS A 687 7.25 -3.16 41.68
N GLU A 688 8.50 -2.74 41.76
CA GLU A 688 8.82 -1.38 41.34
C GLU A 688 8.88 -1.23 39.83
N THR A 689 8.90 -2.33 39.07
CA THR A 689 8.96 -2.20 37.62
C THR A 689 7.75 -2.80 36.90
N MET A 690 7.35 -4.03 37.22
CA MET A 690 6.30 -4.69 36.44
C MET A 690 4.89 -4.30 36.86
N VAL A 691 4.69 -3.68 38.02
CA VAL A 691 3.34 -3.39 38.49
C VAL A 691 2.78 -2.10 37.90
N PRO A 692 3.51 -0.95 37.80
CA PRO A 692 2.89 0.29 37.29
C PRO A 692 2.10 0.11 35.99
N LYS A 693 2.50 -0.83 35.13
CA LYS A 693 1.83 -1.02 33.82
C LYS A 693 0.67 -2.03 33.93
N LEU A 694 0.56 -2.73 35.05
CA LEU A 694 -0.49 -3.79 35.19
C LEU A 694 -1.89 -3.19 35.05
N VAL A 695 -2.77 -3.86 34.30
CA VAL A 695 -4.19 -3.41 34.21
C VAL A 695 -4.93 -3.94 35.46
N ALA A 696 -6.12 -3.41 35.75
CA ALA A 696 -6.83 -3.79 36.99
C ALA A 696 -7.00 -5.31 37.12
N GLU A 697 -7.34 -6.00 36.03
CA GLU A 697 -7.63 -7.47 36.11
C GLU A 697 -6.33 -8.29 36.22
N ASP A 698 -5.18 -7.73 35.83
CA ASP A 698 -3.92 -8.52 35.81
C ASP A 698 -3.08 -8.27 37.07
N ILE A 699 -3.47 -7.30 37.91
CA ILE A 699 -2.74 -7.06 39.20
C ILE A 699 -2.86 -8.32 40.09
N PRO A 700 -4.06 -8.85 40.42
CA PRO A 700 -4.17 -10.07 41.23
C PRO A 700 -3.46 -11.27 40.60
N LEU A 701 -3.46 -11.36 39.26
CA LEU A 701 -2.77 -12.46 38.60
C LEU A 701 -1.27 -12.39 38.86
N LEU A 702 -0.67 -11.21 38.64
CA LEU A 702 0.76 -11.08 38.88
C LEU A 702 1.11 -11.34 40.33
N PHE A 703 0.28 -10.88 41.26
CA PHE A 703 0.63 -11.08 42.66
C PHE A 703 0.44 -12.52 43.08
N SER A 704 -0.53 -13.24 42.49
CA SER A 704 -0.62 -14.67 42.72
C SER A 704 0.61 -15.38 42.18
N LEU A 705 1.09 -14.97 41.00
CA LEU A 705 2.30 -15.58 40.45
C LEU A 705 3.50 -15.31 41.36
N LEU A 706 3.61 -14.10 41.88
CA LEU A 706 4.69 -13.77 42.80
C LEU A 706 4.60 -14.61 44.07
N SER A 707 3.38 -14.82 44.57
CA SER A 707 3.20 -15.64 45.76
C SER A 707 3.49 -17.11 45.51
N ASP A 708 3.35 -17.58 44.27
CA ASP A 708 3.59 -18.98 43.98
C ASP A 708 5.02 -19.27 43.55
N VAL A 709 5.75 -18.29 43.03
CA VAL A 709 7.15 -18.53 42.71
C VAL A 709 8.04 -18.29 43.92
N PHE A 710 7.76 -17.25 44.69
CA PHE A 710 8.49 -16.94 45.91
C PHE A 710 7.61 -17.17 47.13
N PRO A 711 7.32 -18.42 47.49
CA PRO A 711 6.35 -18.66 48.56
C PRO A 711 6.91 -18.24 49.91
N GLY A 712 6.06 -17.64 50.73
CA GLY A 712 6.45 -17.19 52.04
C GLY A 712 7.15 -15.85 52.09
N VAL A 713 7.47 -15.27 50.95
CA VAL A 713 8.15 -13.98 50.92
C VAL A 713 7.10 -12.87 50.93
N GLN A 714 7.36 -11.85 51.74
CA GLN A 714 6.44 -10.73 51.87
C GLN A 714 7.09 -9.48 51.29
N TYR A 715 6.25 -8.62 50.71
CA TYR A 715 6.69 -7.35 50.15
C TYR A 715 6.05 -6.23 50.94
N HIS A 716 6.88 -5.28 51.39
CA HIS A 716 6.41 -4.13 52.17
C HIS A 716 6.88 -2.87 51.47
N ARG A 717 5.95 -2.14 50.88
CA ARG A 717 6.29 -0.93 50.14
C ARG A 717 6.75 0.17 51.09
N GLY A 718 7.65 1.00 50.60
CA GLY A 718 8.13 2.12 51.39
C GLY A 718 7.05 3.16 51.60
N GLU A 719 7.32 4.09 52.51
CA GLU A 719 6.36 5.12 52.88
C GLU A 719 6.48 6.38 52.05
N MET A 720 7.71 6.83 51.75
CA MET A 720 7.94 8.00 50.91
C MET A 720 7.30 9.25 51.52
N THR A 721 7.55 9.45 52.81
CA THR A 721 6.83 10.48 53.57
C THR A 721 7.16 11.88 53.09
N ALA A 722 8.44 12.16 52.82
CA ALA A 722 8.82 13.51 52.43
C ALA A 722 8.19 13.89 51.09
N LEU A 723 8.28 12.99 50.11
CA LEU A 723 7.64 13.25 48.83
C LEU A 723 6.14 13.30 48.97
N ARG A 724 5.57 12.50 49.88
CA ARG A 724 4.13 12.51 50.04
C ARG A 724 3.64 13.83 50.61
N GLU A 725 4.35 14.40 51.59
CA GLU A 725 3.92 15.69 52.11
C GLU A 725 4.14 16.79 51.08
N GLU A 726 5.22 16.70 50.31
CA GLU A 726 5.41 17.69 49.25
C GLU A 726 4.30 17.60 48.21
N LEU A 727 3.90 16.38 47.86
CA LEU A 727 2.80 16.20 46.92
C LEU A 727 1.52 16.77 47.47
N LYS A 728 1.25 16.54 48.76
CA LYS A 728 0.03 17.06 49.35
C LYS A 728 0.01 18.58 49.29
N LYS A 729 1.14 19.22 49.60
CA LYS A 729 1.19 20.67 49.49
C LYS A 729 0.92 21.11 48.06
N VAL A 730 1.62 20.51 47.09
CA VAL A 730 1.49 20.95 45.70
C VAL A 730 0.05 20.76 45.23
N CYS A 731 -0.57 19.64 45.58
CA CYS A 731 -1.98 19.45 45.27
C CYS A 731 -2.84 20.52 45.91
N GLN A 732 -2.42 21.06 47.07
CA GLN A 732 -3.14 22.19 47.62
C GLN A 732 -3.00 23.43 46.75
N GLU A 733 -1.79 23.73 46.27
CA GLU A 733 -1.70 24.97 45.49
C GLU A 733 -2.32 24.85 44.10
N MET A 734 -2.61 23.64 43.61
CA MET A 734 -3.21 23.48 42.29
C MET A 734 -4.64 22.97 42.36
N TYR A 735 -5.32 23.14 43.48
CA TYR A 735 -6.74 22.84 43.60
C TYR A 735 -7.03 21.38 43.27
N LEU A 736 -6.12 20.50 43.64
CA LEU A 736 -6.25 19.07 43.34
C LEU A 736 -6.45 18.28 44.62
N THR A 737 -7.21 17.20 44.50
CA THR A 737 -7.48 16.33 45.63
C THR A 737 -6.25 15.49 45.92
N TYR A 738 -5.90 15.38 47.19
CA TYR A 738 -4.84 14.51 47.66
C TYR A 738 -5.45 13.44 48.56
N GLY A 739 -4.83 12.26 48.58
CA GLY A 739 -5.37 11.17 49.36
C GLY A 739 -4.27 10.19 49.69
N ASP A 740 -4.58 9.30 50.62
CA ASP A 740 -3.69 8.23 51.02
C ASP A 740 -4.47 6.94 51.19
N GLY A 741 -3.90 5.83 50.74
CA GLY A 741 -4.56 4.55 50.88
C GLY A 741 -5.86 4.45 50.12
N GLU A 742 -6.94 4.11 50.82
CA GLU A 742 -8.25 3.99 50.20
C GLU A 742 -9.00 5.31 50.15
N GLU A 743 -8.42 6.39 50.66
CA GLU A 743 -9.10 7.67 50.66
C GLU A 743 -9.33 8.16 49.23
N VAL A 744 -10.19 9.16 49.11
CA VAL A 744 -10.48 9.74 47.80
C VAL A 744 -9.22 10.43 47.30
N GLY A 745 -8.70 9.96 46.18
CA GLY A 745 -7.40 10.40 45.70
C GLY A 745 -6.26 9.47 46.02
N GLY A 746 -6.55 8.28 46.55
CA GLY A 746 -5.50 7.32 46.85
C GLY A 746 -4.83 6.76 45.62
N MET A 747 -5.61 6.09 44.77
CA MET A 747 -5.03 5.45 43.60
C MET A 747 -4.24 6.43 42.76
N TRP A 748 -4.65 7.70 42.77
CA TRP A 748 -3.89 8.73 42.04
C TRP A 748 -2.52 8.97 42.66
N VAL A 749 -2.43 8.98 43.99
CA VAL A 749 -1.12 9.21 44.58
C VAL A 749 -0.24 7.98 44.42
N GLU A 750 -0.84 6.79 44.48
CA GLU A 750 -0.05 5.61 44.13
C GLU A 750 0.48 5.71 42.70
N LYS A 751 -0.34 6.21 41.78
CA LYS A 751 0.11 6.34 40.40
C LYS A 751 1.25 7.33 40.28
N VAL A 752 1.14 8.49 40.93
CA VAL A 752 2.22 9.47 40.82
C VAL A 752 3.49 8.96 41.50
N LEU A 753 3.37 8.20 42.59
CA LEU A 753 4.57 7.65 43.22
C LEU A 753 5.23 6.61 42.33
N GLN A 754 4.43 5.73 41.72
CA GLN A 754 5.00 4.76 40.78
C GLN A 754 5.68 5.48 39.63
N LEU A 755 5.09 6.59 39.19
CA LEU A 755 5.68 7.38 38.13
C LEU A 755 7.02 7.94 38.56
N TYR A 756 7.12 8.37 39.82
CA TYR A 756 8.40 8.86 40.33
C TYR A 756 9.44 7.75 40.34
N GLN A 757 9.04 6.55 40.77
CA GLN A 757 9.98 5.43 40.80
C GLN A 757 10.50 5.11 39.39
N ILE A 758 9.59 5.00 38.43
CA ILE A 758 9.99 4.69 37.06
C ILE A 758 10.84 5.82 36.48
N THR A 759 10.57 7.07 36.89
CA THR A 759 11.44 8.18 36.48
C THR A 759 12.84 8.00 37.02
N GLN A 760 12.95 7.52 38.26
CA GLN A 760 14.27 7.27 38.81
C GLN A 760 15.00 6.22 37.98
N ILE A 761 14.33 5.13 37.64
CA ILE A 761 15.01 4.02 36.98
C ILE A 761 15.29 4.32 35.50
N ASN A 762 14.25 4.64 34.75
CA ASN A 762 14.32 4.77 33.30
C ASN A 762 14.62 6.21 32.89
N HIS A 763 14.96 6.37 31.61
CA HIS A 763 15.05 7.69 31.01
C HIS A 763 14.11 7.85 29.82
N GLY A 764 13.33 6.84 29.50
CA GLY A 764 12.22 6.99 28.56
C GLY A 764 10.95 6.48 29.21
N LEU A 765 9.92 7.30 29.25
CA LEU A 765 8.70 6.98 29.98
C LEU A 765 7.50 7.01 29.04
N MET A 766 6.45 6.30 29.42
CA MET A 766 5.17 6.40 28.73
C MET A 766 4.06 6.31 29.75
N MET A 767 3.28 7.38 29.85
CA MET A 767 2.10 7.44 30.68
C MET A 767 0.91 7.06 29.81
N VAL A 768 0.38 5.86 30.02
CA VAL A 768 -0.62 5.29 29.14
C VAL A 768 -1.94 5.19 29.90
N GLY A 769 -3.03 5.62 29.26
CA GLY A 769 -4.34 5.45 29.83
C GLY A 769 -5.39 6.25 29.08
N PRO A 770 -6.66 5.89 29.27
CA PRO A 770 -7.73 6.61 28.59
C PRO A 770 -7.72 8.08 28.97
N SER A 771 -8.08 8.93 28.01
CA SER A 771 -8.07 10.36 28.26
C SER A 771 -9.07 10.72 29.34
N GLY A 772 -8.65 11.54 30.29
CA GLY A 772 -9.47 11.82 31.45
C GLY A 772 -9.06 10.96 32.62
N SER A 773 -7.75 10.77 32.78
CA SER A 773 -7.22 9.89 33.81
C SER A 773 -6.15 10.54 34.68
N GLY A 774 -5.81 11.81 34.44
CA GLY A 774 -4.87 12.49 35.30
C GLY A 774 -3.41 12.29 34.98
N LYS A 775 -3.07 11.92 33.75
CA LYS A 775 -1.66 11.76 33.38
C LYS A 775 -0.93 13.09 33.45
N SER A 776 -1.45 14.12 32.77
CA SER A 776 -0.78 15.41 32.71
C SER A 776 -0.65 16.02 34.09
N MET A 777 -1.72 15.98 34.87
CA MET A 777 -1.66 16.51 36.22
C MET A 777 -0.68 15.73 37.08
N ALA A 778 -0.63 14.41 36.90
CA ALA A 778 0.32 13.60 37.65
C ALA A 778 1.75 14.07 37.39
N TRP A 779 2.13 14.20 36.12
CA TRP A 779 3.52 14.57 35.88
C TRP A 779 3.80 16.02 36.24
N ARG A 780 2.83 16.93 36.10
CA ARG A 780 3.08 18.30 36.53
C ARG A 780 3.26 18.40 38.04
N VAL A 781 2.40 17.71 38.79
CA VAL A 781 2.50 17.71 40.24
C VAL A 781 3.84 17.12 40.66
N LEU A 782 4.25 16.02 40.04
CA LEU A 782 5.52 15.42 40.40
C LEU A 782 6.68 16.37 40.11
N LEU A 783 6.63 17.08 38.97
CA LEU A 783 7.71 17.99 38.65
C LEU A 783 7.82 19.09 39.70
N LYS A 784 6.69 19.65 40.12
CA LYS A 784 6.75 20.70 41.13
C LYS A 784 7.20 20.16 42.48
N ALA A 785 6.70 18.99 42.87
CA ALA A 785 7.07 18.41 44.16
C ALA A 785 8.57 18.10 44.20
N LEU A 786 9.11 17.55 43.11
CA LEU A 786 10.54 17.30 43.06
C LEU A 786 11.33 18.59 43.09
N GLU A 787 10.84 19.63 42.41
CA GLU A 787 11.55 20.91 42.44
C GLU A 787 11.64 21.45 43.86
N ARG A 788 10.56 21.36 44.62
CA ARG A 788 10.57 21.89 45.98
C ARG A 788 11.15 20.93 47.00
N LEU A 789 11.34 19.66 46.65
CA LEU A 789 11.94 18.70 47.57
C LEU A 789 13.45 18.68 47.42
N GLU A 790 13.93 18.35 46.21
CA GLU A 790 15.36 18.26 45.97
C GLU A 790 16.01 19.62 45.78
N GLY A 791 15.26 20.61 45.33
CA GLY A 791 15.79 21.95 45.12
C GLY A 791 16.29 22.23 43.72
N VAL A 792 16.16 21.28 42.80
CA VAL A 792 16.59 21.47 41.42
C VAL A 792 15.41 22.00 40.62
N GLU A 793 15.64 23.06 39.85
CA GLU A 793 14.58 23.65 39.06
C GLU A 793 14.16 22.69 37.95
N GLY A 794 12.88 22.43 37.83
CA GLY A 794 12.36 21.51 36.84
C GLY A 794 11.72 22.20 35.65
N VAL A 795 12.30 22.04 34.47
CA VAL A 795 11.83 22.68 33.24
C VAL A 795 11.26 21.60 32.33
N ALA A 796 10.08 21.85 31.78
CA ALA A 796 9.41 20.89 30.91
C ALA A 796 9.17 21.52 29.55
N HIS A 797 9.39 20.74 28.50
CA HIS A 797 9.07 21.14 27.13
C HIS A 797 8.04 20.17 26.59
N ILE A 798 6.83 20.66 26.35
CA ILE A 798 5.77 19.82 25.81
C ILE A 798 5.77 19.97 24.30
N ILE A 799 5.74 18.84 23.59
CA ILE A 799 5.79 18.81 22.14
C ILE A 799 4.69 17.88 21.66
N ASP A 800 3.94 18.32 20.65
CA ASP A 800 3.04 17.41 19.97
C ASP A 800 3.75 16.92 18.72
N PRO A 801 4.05 15.64 18.62
CA PRO A 801 4.85 15.14 17.50
C PRO A 801 4.05 15.03 16.22
N LYS A 802 2.78 14.64 16.32
CA LYS A 802 1.95 14.44 15.15
C LYS A 802 1.31 15.74 14.66
N ALA A 803 1.40 16.82 15.42
CA ALA A 803 0.89 18.11 14.98
C ALA A 803 1.78 18.76 13.94
N ILE A 804 2.96 18.19 13.68
CA ILE A 804 3.88 18.71 12.69
C ILE A 804 4.48 17.55 11.90
N SER A 805 4.96 17.85 10.70
CA SER A 805 5.66 16.85 9.92
C SER A 805 7.02 16.56 10.53
N LYS A 806 7.43 15.29 10.48
CA LYS A 806 8.69 14.92 11.11
C LYS A 806 9.88 15.62 10.48
N ASP A 807 9.74 16.16 9.26
CA ASP A 807 10.74 17.08 8.75
C ASP A 807 10.89 18.28 9.67
N HIS A 808 9.80 18.69 10.32
CA HIS A 808 9.86 19.77 11.29
C HIS A 808 10.15 19.29 12.70
N LEU A 809 9.85 18.01 12.99
CA LEU A 809 10.11 17.50 14.32
C LEU A 809 11.58 17.17 14.54
N TYR A 810 12.27 16.70 13.51
CA TYR A 810 13.67 16.33 13.64
C TYR A 810 14.61 17.17 12.81
N GLY A 811 14.14 17.79 11.74
CA GLY A 811 14.98 18.62 10.90
C GLY A 811 15.28 17.96 9.57
N THR A 812 15.91 18.74 8.70
CA THR A 812 16.18 18.28 7.34
C THR A 812 17.54 18.77 6.88
N LEU A 813 17.90 18.37 5.66
CA LEU A 813 19.14 18.78 5.02
C LEU A 813 18.86 18.90 3.53
N ASP A 814 18.96 20.10 2.99
CA ASP A 814 18.61 20.31 1.59
C ASP A 814 19.60 19.56 0.69
N PRO A 815 19.10 18.88 -0.35
CA PRO A 815 20.00 18.08 -1.19
C PRO A 815 21.08 18.88 -1.90
N ASN A 816 20.84 20.15 -2.20
CA ASN A 816 21.78 20.92 -3.00
C ASN A 816 22.94 21.44 -2.15
N THR A 817 22.64 22.32 -1.20
CA THR A 817 23.69 22.92 -0.40
C THR A 817 24.28 21.96 0.63
N ARG A 818 23.56 20.88 0.93
CA ARG A 818 23.98 19.94 1.96
C ARG A 818 24.16 20.65 3.31
N GLU A 819 23.23 21.53 3.63
CA GLU A 819 23.21 22.24 4.89
C GLU A 819 22.07 21.72 5.76
N TRP A 820 22.37 21.47 7.03
CA TRP A 820 21.41 20.87 7.95
C TRP A 820 20.70 21.96 8.74
N THR A 821 19.38 21.90 8.74
CA THR A 821 18.56 22.76 9.58
C THR A 821 17.81 21.92 10.59
N ASP A 822 17.79 22.37 11.83
CA ASP A 822 17.28 21.59 12.95
C ASP A 822 15.77 21.52 12.91
N GLY A 823 15.25 20.51 13.59
CA GLY A 823 13.84 20.39 13.81
C GLY A 823 13.44 20.98 15.15
N LEU A 824 12.36 20.44 15.70
CA LEU A 824 11.89 20.93 16.98
C LEU A 824 12.51 20.17 18.15
N PHE A 825 12.47 18.85 18.11
CA PHE A 825 13.08 18.05 19.16
C PHE A 825 14.59 18.25 19.19
N THR A 826 15.23 18.26 18.03
CA THR A 826 16.67 18.41 17.96
C THR A 826 17.10 19.75 18.51
N HIS A 827 16.33 20.81 18.24
CA HIS A 827 16.69 22.12 18.76
C HIS A 827 16.65 22.15 20.27
N VAL A 828 15.63 21.53 20.87
CA VAL A 828 15.53 21.46 22.32
C VAL A 828 16.73 20.70 22.89
N LEU A 829 17.05 19.55 22.29
CA LEU A 829 18.14 18.75 22.81
C LEU A 829 19.48 19.47 22.66
N ARG A 830 19.69 20.18 21.55
CA ARG A 830 20.92 20.94 21.40
C ARG A 830 21.01 22.08 22.40
N LYS A 831 19.90 22.76 22.68
CA LYS A 831 19.93 23.80 23.69
C LYS A 831 20.30 23.23 25.06
N ILE A 832 19.74 22.06 25.39
CA ILE A 832 20.09 21.44 26.66
C ILE A 832 21.56 21.08 26.69
N ILE A 833 22.07 20.47 25.62
CA ILE A 833 23.46 20.03 25.59
C ILE A 833 24.40 21.23 25.63
N ASP A 834 24.13 22.24 24.82
CA ASP A 834 24.91 23.48 24.86
C ASP A 834 24.30 24.39 25.92
N SER A 835 24.53 24.01 27.18
CA SER A 835 23.86 24.69 28.28
C SER A 835 24.44 26.08 28.50
N VAL A 836 24.15 27.00 27.58
CA VAL A 836 24.59 28.39 27.74
C VAL A 836 23.87 29.03 28.92
N ARG A 837 22.60 28.70 29.11
CA ARG A 837 21.81 29.22 30.22
C ARG A 837 21.77 28.25 31.40
N GLY A 838 22.81 27.43 31.55
CA GLY A 838 22.87 26.49 32.65
C GLY A 838 21.77 25.46 32.62
N GLU A 839 21.42 24.97 31.43
CA GLU A 839 20.34 24.00 31.31
C GLU A 839 20.73 22.64 31.84
N LEU A 840 22.02 22.37 31.98
CA LEU A 840 22.48 21.06 32.44
C LEU A 840 22.30 20.86 33.93
N GLN A 841 22.04 21.93 34.69
CA GLN A 841 21.88 21.84 36.13
C GLN A 841 20.42 21.70 36.53
N LYS A 842 19.50 21.66 35.58
CA LYS A 842 18.07 21.60 35.86
C LYS A 842 17.53 20.22 35.50
N ARG A 843 16.27 20.01 35.85
CA ARG A 843 15.57 18.77 35.54
C ARG A 843 14.80 18.99 34.25
N GLN A 844 15.39 18.59 33.13
CA GLN A 844 14.75 18.80 31.83
C GLN A 844 13.87 17.61 31.50
N TRP A 845 12.59 17.88 31.22
CA TRP A 845 11.62 16.85 30.90
C TRP A 845 11.02 17.17 29.54
N ILE A 846 11.38 16.39 28.52
CA ILE A 846 10.83 16.56 27.19
C ILE A 846 9.64 15.61 27.08
N VAL A 847 8.44 16.16 27.10
CA VAL A 847 7.23 15.36 27.09
C VAL A 847 6.61 15.42 25.70
N PHE A 848 6.21 14.26 25.19
CA PHE A 848 5.59 14.11 23.88
C PHE A 848 4.14 13.71 24.12
N ASP A 849 3.24 14.69 24.08
CA ASP A 849 1.81 14.44 24.26
C ASP A 849 1.16 14.43 22.88
N GLY A 850 0.81 13.23 22.41
CA GLY A 850 0.30 13.07 21.07
C GLY A 850 0.01 11.63 20.72
N ASP A 851 0.40 11.21 19.52
CA ASP A 851 0.16 9.86 19.04
C ASP A 851 1.47 9.20 18.65
N VAL A 852 1.56 7.90 18.90
CA VAL A 852 2.78 7.14 18.71
C VAL A 852 2.57 6.16 17.55
N ASP A 853 3.42 6.28 16.53
CA ASP A 853 3.44 5.39 15.38
C ASP A 853 4.88 5.19 14.96
N PRO A 854 5.21 4.02 14.40
CA PRO A 854 6.61 3.74 14.08
C PRO A 854 7.12 4.54 12.89
N GLU A 855 6.96 5.84 12.92
CA GLU A 855 7.46 6.69 11.84
C GLU A 855 8.31 7.82 12.37
N TRP A 856 7.98 8.36 13.53
CA TRP A 856 8.82 9.35 14.21
C TRP A 856 9.38 8.85 15.52
N VAL A 857 8.74 7.87 16.18
CA VAL A 857 9.28 7.34 17.42
C VAL A 857 10.58 6.60 17.16
N GLU A 858 10.64 5.86 16.05
CA GLU A 858 11.80 5.03 15.79
C GLU A 858 13.06 5.85 15.58
N ASN A 859 12.93 7.12 15.21
CA ASN A 859 14.10 7.98 15.13
C ASN A 859 14.73 8.18 16.49
N LEU A 860 14.01 7.86 17.56
CA LEU A 860 14.52 7.90 18.91
C LEU A 860 14.77 6.51 19.49
N ASN A 861 14.80 5.48 18.66
CA ASN A 861 15.16 4.16 19.15
C ASN A 861 16.57 4.16 19.73
N SER A 862 17.51 4.82 19.06
CA SER A 862 18.85 4.97 19.58
C SER A 862 18.92 5.86 20.81
N VAL A 863 17.84 6.57 21.14
CA VAL A 863 17.82 7.43 22.32
C VAL A 863 17.23 6.71 23.53
N LEU A 864 16.30 5.79 23.34
CA LEU A 864 15.61 5.12 24.42
C LEU A 864 16.25 3.79 24.81
N ASP A 865 17.40 3.45 24.24
CA ASP A 865 18.11 2.25 24.62
C ASP A 865 19.45 2.64 25.22
N ASP A 866 20.29 1.64 25.49
CA ASP A 866 21.53 1.88 26.21
C ASP A 866 22.45 2.84 25.47
N ASN A 867 22.20 3.06 24.18
CA ASN A 867 23.02 4.00 23.43
C ASN A 867 22.90 5.41 23.98
N LYS A 868 21.67 5.84 24.32
CA LYS A 868 21.43 7.19 24.81
C LYS A 868 22.02 8.24 23.87
N LEU A 869 21.79 8.05 22.57
CA LEU A 869 22.37 8.94 21.59
C LEU A 869 21.39 9.13 20.44
N LEU A 870 21.30 10.35 19.93
CA LEU A 870 20.46 10.68 18.79
C LEU A 870 21.33 10.87 17.56
N THR A 871 21.01 10.15 16.48
CA THR A 871 21.79 10.13 15.26
C THR A 871 21.04 10.87 14.16
N LEU A 872 21.72 11.77 13.49
CA LEU A 872 21.09 12.52 12.43
C LEU A 872 21.65 12.12 11.07
N PRO A 873 20.86 12.28 10.01
CA PRO A 873 21.41 12.02 8.67
C PRO A 873 22.62 12.86 8.34
N ASN A 874 22.79 14.00 9.02
CA ASN A 874 24.01 14.78 8.87
C ASN A 874 25.23 14.03 9.37
N GLY A 875 25.02 12.94 10.12
CA GLY A 875 26.10 12.24 10.78
C GLY A 875 26.42 12.78 12.16
N GLU A 876 25.81 13.90 12.55
CA GLU A 876 25.99 14.43 13.89
C GLU A 876 25.42 13.46 14.92
N ARG A 877 26.03 13.45 16.09
CA ARG A 877 25.63 12.57 17.18
C ARG A 877 25.40 13.44 18.41
N LEU A 878 24.20 13.36 18.98
CA LEU A 878 23.84 14.17 20.14
C LEU A 878 23.60 13.25 21.34
N SER A 879 24.44 13.38 22.35
CA SER A 879 24.36 12.51 23.52
C SER A 879 23.31 13.03 24.49
N LEU A 880 22.50 12.12 25.01
CA LEU A 880 21.42 12.52 25.91
C LEU A 880 21.98 12.80 27.30
N PRO A 881 21.91 14.04 27.80
CA PRO A 881 22.47 14.33 29.11
C PRO A 881 21.73 13.58 30.20
N PRO A 882 22.39 13.27 31.32
CA PRO A 882 21.76 12.42 32.33
C PRO A 882 20.57 13.06 33.03
N ASN A 883 20.39 14.37 32.95
CA ASN A 883 19.28 15.04 33.63
C ASN A 883 18.04 15.13 32.77
N VAL A 884 18.04 14.54 31.58
CA VAL A 884 16.95 14.67 30.62
C VAL A 884 16.12 13.40 30.64
N ARG A 885 14.80 13.55 30.69
CA ARG A 885 13.87 12.43 30.57
C ARG A 885 12.97 12.67 29.36
N ILE A 886 12.69 11.61 28.62
CA ILE A 886 11.80 11.65 27.47
C ILE A 886 10.54 10.88 27.85
N MET A 887 9.38 11.51 27.75
CA MET A 887 8.13 10.83 28.06
C MET A 887 7.07 11.05 27.01
N PHE A 888 6.17 10.08 26.93
CA PHE A 888 5.12 10.06 25.92
C PHE A 888 3.78 9.92 26.65
N GLU A 889 3.07 11.04 26.76
CA GLU A 889 1.73 11.06 27.33
C GLU A 889 0.74 10.62 26.26
N VAL A 890 0.33 9.36 26.29
CA VAL A 890 -0.48 8.76 25.23
C VAL A 890 -1.68 8.06 25.83
N GLN A 891 -2.69 7.83 24.99
CA GLN A 891 -3.89 7.15 25.43
C GLN A 891 -3.95 5.69 25.00
N ASP A 892 -3.15 5.28 24.02
CA ASP A 892 -3.05 3.87 23.67
C ASP A 892 -1.81 3.67 22.81
N LEU A 893 -1.42 2.41 22.66
CA LEU A 893 -0.25 2.02 21.87
C LEU A 893 -0.63 0.97 20.85
N LYS A 894 -1.82 1.11 20.25
CA LYS A 894 -2.30 0.13 19.30
C LYS A 894 -1.44 0.12 18.03
N TYR A 895 -0.95 1.29 17.62
CA TYR A 895 -0.18 1.41 16.39
C TYR A 895 1.30 1.57 16.63
N ALA A 896 1.80 1.17 17.79
CA ALA A 896 3.22 1.23 18.09
C ALA A 896 3.84 -0.16 18.04
N THR A 897 5.01 -0.26 17.42
CA THR A 897 5.72 -1.52 17.34
C THR A 897 6.28 -1.91 18.71
N LEU A 898 6.49 -3.21 18.91
CA LEU A 898 7.04 -3.68 20.17
C LEU A 898 8.44 -3.12 20.42
N ALA A 899 9.11 -2.66 19.37
CA ALA A 899 10.46 -2.14 19.51
C ALA A 899 10.51 -0.94 20.43
N THR A 900 9.49 -0.06 20.34
CA THR A 900 9.46 1.17 21.17
C THR A 900 8.83 0.88 22.53
N VAL A 901 7.86 -0.04 22.59
CA VAL A 901 7.19 -0.39 23.87
C VAL A 901 8.24 -0.93 24.84
N SER A 902 9.17 -1.76 24.36
CA SER A 902 10.20 -2.36 25.24
C SER A 902 11.22 -1.32 25.71
N ARG A 903 11.45 -0.26 24.92
CA ARG A 903 12.47 0.71 25.29
C ARG A 903 12.03 1.68 26.38
N CYS A 904 10.76 1.67 26.77
CA CYS A 904 10.23 2.69 27.64
C CYS A 904 9.58 2.06 28.87
N GLY A 905 9.59 2.81 29.97
CA GLY A 905 8.90 2.39 31.17
C GLY A 905 7.43 2.76 31.12
N MET A 906 6.55 1.77 31.25
CA MET A 906 5.12 1.96 31.09
C MET A 906 4.49 2.22 32.45
N VAL A 907 3.70 3.29 32.56
CA VAL A 907 2.87 3.52 33.73
C VAL A 907 1.44 3.65 33.24
N TRP A 908 0.57 2.76 33.69
CA TRP A 908 -0.80 2.66 33.19
C TRP A 908 -1.75 3.42 34.09
N PHE A 909 -2.41 4.43 33.53
CA PHE A 909 -3.39 5.23 34.24
C PHE A 909 -4.78 4.75 33.88
N SER A 910 -5.40 4.00 34.78
CA SER A 910 -6.77 3.57 34.55
C SER A 910 -7.71 4.77 34.61
N GLU A 911 -8.93 4.58 34.11
CA GLU A 911 -9.93 5.63 34.24
C GLU A 911 -10.49 5.70 35.66
N ASP A 912 -10.37 4.62 36.43
CA ASP A 912 -10.78 4.65 37.82
C ASP A 912 -9.80 5.42 38.69
N VAL A 913 -8.61 5.70 38.19
CA VAL A 913 -7.62 6.43 38.97
C VAL A 913 -8.15 7.81 39.34
N LEU A 914 -8.72 8.51 38.37
CA LEU A 914 -9.27 9.84 38.58
C LEU A 914 -10.78 9.70 38.71
N SER A 915 -11.28 9.74 39.94
CA SER A 915 -12.69 9.51 40.19
C SER A 915 -13.52 10.75 39.90
N THR A 916 -14.83 10.56 39.84
CA THR A 916 -15.73 11.65 39.50
C THR A 916 -15.71 12.75 40.56
N ASP A 917 -15.85 12.37 41.82
CA ASP A 917 -15.89 13.35 42.89
C ASP A 917 -14.57 14.10 43.00
N MET A 918 -13.48 13.50 42.53
CA MET A 918 -12.21 14.22 42.50
C MET A 918 -12.28 15.40 41.54
N ILE A 919 -12.90 15.19 40.37
CA ILE A 919 -13.10 16.29 39.44
C ILE A 919 -14.07 17.31 40.01
N PHE A 920 -15.12 16.84 40.68
CA PHE A 920 -16.06 17.77 41.30
C PHE A 920 -15.38 18.65 42.33
N ASN A 921 -14.53 18.04 43.16
CA ASN A 921 -13.80 18.80 44.17
C ASN A 921 -12.89 19.82 43.51
N ASN A 922 -12.22 19.43 42.42
CA ASN A 922 -11.38 20.40 41.72
C ASN A 922 -12.22 21.55 41.21
N PHE A 923 -13.38 21.25 40.63
CA PHE A 923 -14.23 22.30 40.09
C PHE A 923 -14.66 23.28 41.17
N LEU A 924 -15.18 22.75 42.27
CA LEU A 924 -15.65 23.63 43.34
C LEU A 924 -14.51 24.41 43.98
N ALA A 925 -13.36 23.78 44.16
CA ALA A 925 -12.21 24.47 44.74
C ALA A 925 -11.72 25.59 43.84
N ARG A 926 -11.72 25.38 42.52
CA ARG A 926 -11.39 26.47 41.62
C ARG A 926 -12.47 27.52 41.57
N LEU A 927 -13.72 27.14 41.84
CA LEU A 927 -14.81 28.11 41.86
C LEU A 927 -14.69 29.07 43.02
N ARG A 928 -14.48 28.54 44.23
CA ARG A 928 -14.39 29.40 45.41
C ARG A 928 -13.18 30.31 45.37
N SER A 929 -12.21 30.04 44.51
CA SER A 929 -11.09 30.93 44.24
C SER A 929 -11.17 31.34 42.77
N ILE A 930 -10.09 31.96 42.29
CA ILE A 930 -9.96 32.30 40.87
C ILE A 930 -11.15 33.15 40.43
N PRO A 931 -11.17 34.44 40.74
CA PRO A 931 -12.30 35.28 40.31
C PRO A 931 -12.48 35.23 38.80
N LEU A 932 -13.71 34.92 38.37
CA LEU A 932 -14.00 34.88 36.95
C LEU A 932 -13.94 36.25 36.30
N SER A 955 -13.93 41.15 43.50
CA SER A 955 -14.31 40.51 44.77
C SER A 955 -15.80 40.17 44.90
N PRO A 956 -16.78 41.05 44.53
CA PRO A 956 -18.19 40.65 44.61
C PRO A 956 -18.39 39.44 43.69
N MET A 957 -17.65 39.38 42.59
CA MET A 957 -17.74 38.19 41.69
C MET A 957 -17.37 36.95 42.50
N LEU A 958 -16.25 37.02 43.23
CA LEU A 958 -15.81 35.87 44.06
C LEU A 958 -16.90 35.56 45.08
N GLN A 959 -17.52 36.57 45.68
CA GLN A 959 -18.52 36.28 46.73
C GLN A 959 -19.66 35.50 46.10
N ILE A 960 -20.10 35.90 44.91
CA ILE A 960 -21.15 35.18 44.19
C ILE A 960 -20.68 33.75 43.91
N GLN A 961 -19.43 33.59 43.50
CA GLN A 961 -18.91 32.26 43.24
C GLN A 961 -18.94 31.41 44.51
N ARG A 962 -18.54 31.99 45.64
CA ARG A 962 -18.44 31.22 46.88
C ARG A 962 -19.82 30.76 47.33
N ASP A 963 -20.80 31.66 47.36
CA ASP A 963 -22.11 31.22 47.83
C ASP A 963 -22.80 30.32 46.79
N ALA A 964 -22.50 30.50 45.50
CA ALA A 964 -23.02 29.58 44.50
C ALA A 964 -22.44 28.18 44.70
N ALA A 965 -21.14 28.09 44.99
CA ALA A 965 -20.54 26.79 45.25
C ALA A 965 -21.15 26.15 46.48
N THR A 966 -21.41 26.96 47.52
CA THR A 966 -22.11 26.45 48.68
C THR A 966 -23.48 25.90 48.29
N ILE A 967 -24.17 26.57 47.37
CA ILE A 967 -25.47 26.09 46.91
C ILE A 967 -25.32 24.76 46.19
N MET A 968 -24.32 24.65 45.31
CA MET A 968 -24.13 23.46 44.49
C MET A 968 -23.59 22.27 45.26
N GLN A 969 -23.00 22.49 46.44
CA GLN A 969 -22.34 21.42 47.17
C GLN A 969 -23.15 20.14 47.30
N PRO A 970 -24.40 20.15 47.78
CA PRO A 970 -25.09 18.88 48.02
C PRO A 970 -25.36 18.07 46.76
N TYR A 971 -25.29 18.70 45.59
CA TYR A 971 -25.56 18.00 44.33
C TYR A 971 -24.32 17.31 43.79
N PHE A 972 -23.14 17.89 44.00
CA PHE A 972 -21.89 17.31 43.50
C PHE A 972 -21.32 16.30 44.50
N THR A 973 -22.16 15.33 44.85
CA THR A 973 -21.81 14.29 45.81
C THR A 973 -21.38 13.05 45.05
N SER A 974 -20.65 12.18 45.76
CA SER A 974 -20.18 10.93 45.15
C SER A 974 -21.33 10.10 44.60
N ASN A 975 -22.52 10.23 45.18
CA ASN A 975 -23.72 9.57 44.70
C ASN A 975 -24.86 10.56 44.62
N GLY A 976 -24.56 11.78 44.21
CA GLY A 976 -25.52 12.85 44.16
C GLY A 976 -26.29 12.92 42.87
N LEU A 977 -26.75 14.12 42.53
CA LEU A 977 -27.53 14.30 41.31
C LEU A 977 -26.66 14.15 40.07
N VAL A 978 -25.52 14.82 40.03
CA VAL A 978 -24.73 14.84 38.80
C VAL A 978 -24.16 13.47 38.51
N THR A 979 -23.69 12.75 39.52
CA THR A 979 -23.13 11.43 39.29
C THR A 979 -24.17 10.47 38.74
N LYS A 980 -25.34 10.42 39.36
CA LYS A 980 -26.40 9.54 38.87
C LYS A 980 -26.86 9.94 37.48
N ALA A 981 -26.99 11.25 37.23
CA ALA A 981 -27.38 11.71 35.92
C ALA A 981 -26.37 11.29 34.86
N LEU A 982 -25.08 11.45 35.15
CA LEU A 982 -24.05 11.10 34.17
C LEU A 982 -24.02 9.60 33.92
N GLU A 983 -24.12 8.80 34.98
CA GLU A 983 -24.07 7.36 34.78
C GLU A 983 -25.31 6.87 34.05
N HIS A 984 -26.44 7.59 34.15
CA HIS A 984 -27.59 7.23 33.34
C HIS A 984 -27.42 7.70 31.90
N ALA A 985 -26.86 8.89 31.69
CA ALA A 985 -26.65 9.41 30.34
C ALA A 985 -25.68 8.55 29.56
N PHE A 986 -24.81 7.82 30.25
CA PHE A 986 -23.97 6.85 29.55
C PHE A 986 -24.79 5.75 28.88
N GLN A 987 -26.04 5.56 29.28
CA GLN A 987 -26.91 4.55 28.67
C GLN A 987 -27.71 5.08 27.50
N LEU A 988 -27.54 6.35 27.13
CA LEU A 988 -28.24 6.93 26.00
C LEU A 988 -27.43 6.76 24.72
N GLU A 989 -28.01 7.17 23.61
CA GLU A 989 -27.37 7.10 22.31
C GLU A 989 -27.00 8.51 21.89
N HIS A 990 -25.71 8.75 21.69
CA HIS A 990 -25.21 10.06 21.31
C HIS A 990 -24.57 9.94 19.94
N ILE A 991 -24.65 11.04 19.17
CA ILE A 991 -24.10 11.03 17.82
C ILE A 991 -22.59 10.86 17.87
N MET A 992 -21.95 11.33 18.93
CA MET A 992 -20.54 11.09 19.16
C MET A 992 -20.36 10.29 20.44
N ASP A 993 -19.22 9.60 20.52
CA ASP A 993 -18.94 8.79 21.69
C ASP A 993 -18.96 9.66 22.94
N LEU A 994 -19.63 9.19 23.97
CA LEU A 994 -19.90 9.99 25.15
C LEU A 994 -18.78 9.78 26.16
N THR A 995 -18.00 10.82 26.42
CA THR A 995 -16.90 10.78 27.36
C THR A 995 -17.19 11.71 28.53
N ARG A 996 -16.78 11.27 29.72
CA ARG A 996 -17.17 11.94 30.96
C ARG A 996 -16.68 13.39 31.01
N LEU A 997 -15.43 13.61 30.60
CA LEU A 997 -14.86 14.94 30.74
C LEU A 997 -15.52 15.96 29.82
N ARG A 998 -16.00 15.53 28.66
CA ARG A 998 -16.66 16.47 27.76
C ARG A 998 -17.93 17.03 28.40
N CYS A 999 -18.75 16.12 28.93
CA CYS A 999 -19.97 16.54 29.63
C CYS A 999 -19.63 17.41 30.82
N LEU A 1000 -18.65 17.02 31.62
CA LEU A 1000 -18.32 17.78 32.80
C LEU A 1000 -17.82 19.17 32.43
N GLY A 1001 -17.02 19.28 31.37
CA GLY A 1001 -16.53 20.58 30.96
C GLY A 1001 -17.64 21.51 30.48
N SER A 1002 -18.56 20.98 29.69
CA SER A 1002 -19.69 21.81 29.27
C SER A 1002 -20.51 22.24 30.49
N LEU A 1003 -20.75 21.32 31.42
CA LEU A 1003 -21.52 21.66 32.62
C LEU A 1003 -20.83 22.76 33.42
N PHE A 1004 -19.51 22.66 33.59
CA PHE A 1004 -18.79 23.65 34.39
C PHE A 1004 -18.79 25.00 33.70
N SER A 1005 -18.64 25.04 32.37
CA SER A 1005 -18.68 26.31 31.68
C SER A 1005 -20.05 26.96 31.81
N MET A 1006 -21.13 26.17 31.71
CA MET A 1006 -22.45 26.78 31.86
C MET A 1006 -22.71 27.24 33.29
N LEU A 1007 -22.18 26.53 34.29
CA LEU A 1007 -22.36 27.00 35.66
C LEU A 1007 -21.59 28.30 35.89
N HIS A 1008 -20.41 28.43 35.28
CA HIS A 1008 -19.71 29.71 35.31
C HIS A 1008 -20.55 30.80 34.65
N GLN A 1009 -21.23 30.46 33.57
CA GLN A 1009 -22.11 31.44 32.93
C GLN A 1009 -23.26 31.81 33.84
N ALA A 1010 -23.76 30.86 34.62
CA ALA A 1010 -24.83 31.18 35.57
C ALA A 1010 -24.35 32.18 36.61
N CYS A 1011 -23.13 31.98 37.11
CA CYS A 1011 -22.56 32.96 38.05
C CYS A 1011 -22.39 34.32 37.39
N ARG A 1012 -21.98 34.33 36.12
CA ARG A 1012 -21.87 35.60 35.41
C ARG A 1012 -23.24 36.26 35.22
N ASN A 1013 -24.29 35.46 35.02
CA ASN A 1013 -25.64 36.02 34.93
C ASN A 1013 -26.04 36.66 36.25
N VAL A 1014 -25.74 36.01 37.36
CA VAL A 1014 -26.04 36.60 38.67
C VAL A 1014 -25.27 37.90 38.84
N ALA A 1015 -24.00 37.92 38.44
CA ALA A 1015 -23.22 39.15 38.56
C ALA A 1015 -23.81 40.26 37.70
N GLN A 1016 -24.23 39.92 36.49
CA GLN A 1016 -24.85 40.91 35.62
C GLN A 1016 -26.13 41.46 36.22
N TYR A 1017 -26.95 40.58 36.80
CA TYR A 1017 -28.17 41.05 37.45
C TYR A 1017 -27.85 41.99 38.59
N ASN A 1018 -26.90 41.62 39.44
CA ASN A 1018 -26.56 42.46 40.58
C ASN A 1018 -26.01 43.80 40.13
N ALA A 1019 -25.31 43.81 38.99
CA ALA A 1019 -24.89 45.08 38.41
C ALA A 1019 -26.08 45.90 37.95
N ASN A 1020 -27.10 45.24 37.38
CA ASN A 1020 -28.27 45.95 36.86
C ASN A 1020 -29.18 46.48 37.96
N HIS A 1021 -28.98 46.08 39.21
CA HIS A 1021 -29.78 46.56 40.33
C HIS A 1021 -28.80 47.06 41.40
N PRO A 1022 -28.30 48.29 41.25
CA PRO A 1022 -27.39 48.82 42.28
C PRO A 1022 -28.01 48.81 43.66
N ASP A 1023 -29.32 49.00 43.75
CA ASP A 1023 -30.05 48.85 44.99
C ASP A 1023 -30.84 47.55 44.93
N PHE A 1024 -30.92 46.86 46.07
CA PHE A 1024 -31.56 45.56 46.18
C PHE A 1024 -30.87 44.58 45.24
N PRO A 1025 -29.66 44.13 45.56
CA PRO A 1025 -29.08 42.99 44.83
C PRO A 1025 -29.77 41.70 45.23
N MET A 1026 -29.55 40.66 44.43
CA MET A 1026 -30.25 39.40 44.65
C MET A 1026 -29.75 38.75 45.93
N GLN A 1027 -30.69 38.38 46.80
CA GLN A 1027 -30.36 37.88 48.12
C GLN A 1027 -29.97 36.41 48.04
N ILE A 1028 -29.89 35.74 49.20
CA ILE A 1028 -29.51 34.34 49.20
C ILE A 1028 -30.63 33.46 48.68
N GLU A 1029 -31.89 33.81 48.91
CA GLU A 1029 -32.97 32.93 48.50
C GLU A 1029 -33.15 32.94 46.98
N GLN A 1030 -33.18 34.13 46.39
CA GLN A 1030 -33.35 34.21 44.94
C GLN A 1030 -32.17 33.56 44.22
N LEU A 1031 -30.96 33.82 44.70
CA LEU A 1031 -29.78 33.21 44.10
C LEU A 1031 -29.79 31.70 44.31
N GLU A 1032 -30.25 31.24 45.46
CA GLU A 1032 -30.36 29.81 45.70
C GLU A 1032 -31.27 29.15 44.69
N ARG A 1033 -32.46 29.72 44.50
CA ARG A 1033 -33.39 29.14 43.55
C ARG A 1033 -32.84 29.19 42.13
N TYR A 1034 -32.26 30.32 41.75
CA TYR A 1034 -31.74 30.45 40.39
C TYR A 1034 -30.64 29.44 40.12
N ILE A 1035 -29.70 29.28 41.07
CA ILE A 1035 -28.59 28.38 40.85
C ILE A 1035 -29.06 26.93 40.87
N GLN A 1036 -29.94 26.57 41.81
CA GLN A 1036 -30.34 25.18 41.88
C GLN A 1036 -31.29 24.79 40.75
N ARG A 1037 -31.85 25.76 40.03
CA ARG A 1037 -32.59 25.42 38.82
C ARG A 1037 -31.70 25.42 37.59
N TYR A 1038 -30.77 26.37 37.51
CA TYR A 1038 -29.80 26.35 36.43
C TYR A 1038 -28.96 25.09 36.45
N LEU A 1039 -28.77 24.49 37.63
CA LEU A 1039 -28.06 23.22 37.68
C LEU A 1039 -28.78 22.14 36.89
N VAL A 1040 -30.09 22.01 37.07
CA VAL A 1040 -30.85 21.01 36.33
C VAL A 1040 -30.85 21.34 34.85
N TYR A 1041 -31.02 22.62 34.52
CA TYR A 1041 -30.97 23.04 33.12
C TYR A 1041 -29.66 22.63 32.47
N ALA A 1042 -28.54 22.92 33.13
CA ALA A 1042 -27.24 22.63 32.56
C ALA A 1042 -26.94 21.13 32.54
N ILE A 1043 -27.44 20.37 33.51
CA ILE A 1043 -27.28 18.93 33.46
C ILE A 1043 -27.96 18.38 32.21
N LEU A 1044 -29.20 18.80 31.98
CA LEU A 1044 -29.91 18.31 30.80
C LEU A 1044 -29.16 18.67 29.52
N TRP A 1045 -28.73 19.93 29.41
CA TRP A 1045 -28.06 20.34 28.19
C TRP A 1045 -26.73 19.61 27.99
N SER A 1046 -25.94 19.44 29.06
CA SER A 1046 -24.64 18.79 28.91
C SER A 1046 -24.80 17.31 28.58
N LEU A 1047 -25.62 16.60 29.33
CA LEU A 1047 -25.67 15.16 29.15
C LEU A 1047 -26.58 14.72 28.02
N SER A 1048 -27.35 15.62 27.41
CA SER A 1048 -28.15 15.23 26.26
C SER A 1048 -28.11 16.25 25.13
N GLY A 1049 -27.15 17.17 25.12
CA GLY A 1049 -27.09 18.15 24.05
C GLY A 1049 -26.60 17.59 22.74
N ASP A 1050 -26.21 16.32 22.69
CA ASP A 1050 -25.73 15.70 21.47
C ASP A 1050 -26.61 14.55 21.00
N SER A 1051 -27.80 14.40 21.57
CA SER A 1051 -28.68 13.30 21.19
C SER A 1051 -29.97 13.84 20.60
N ARG A 1052 -30.77 12.93 20.06
CA ARG A 1052 -32.02 13.31 19.44
C ARG A 1052 -33.06 13.65 20.51
N LEU A 1053 -34.25 14.06 20.05
CA LEU A 1053 -35.26 14.56 20.97
C LEU A 1053 -35.76 13.47 21.90
N LYS A 1054 -35.86 12.24 21.41
CA LYS A 1054 -36.34 11.16 22.28
C LYS A 1054 -35.41 10.95 23.46
N MET A 1055 -34.10 10.96 23.21
CA MET A 1055 -33.14 10.76 24.29
C MET A 1055 -33.11 11.95 25.25
N ARG A 1056 -33.25 13.17 24.73
CA ARG A 1056 -33.35 14.32 25.63
C ARG A 1056 -34.57 14.21 26.52
N ALA A 1057 -35.71 13.82 25.94
CA ALA A 1057 -36.91 13.65 26.75
C ALA A 1057 -36.74 12.56 27.79
N GLU A 1058 -36.10 11.46 27.41
CA GLU A 1058 -35.90 10.37 28.37
C GLU A 1058 -34.98 10.79 29.51
N LEU A 1059 -33.91 11.52 29.21
CA LEU A 1059 -33.05 12.01 30.27
C LEU A 1059 -33.79 12.97 31.18
N GLY A 1060 -34.61 13.86 30.61
CA GLY A 1060 -35.42 14.73 31.44
C GLY A 1060 -36.37 13.97 32.35
N GLU A 1061 -36.97 12.90 31.82
CA GLU A 1061 -37.87 12.10 32.64
C GLU A 1061 -37.12 11.45 33.79
N TYR A 1062 -35.94 10.92 33.53
CA TYR A 1062 -35.18 10.29 34.61
C TYR A 1062 -34.77 11.33 35.66
N ILE A 1063 -34.34 12.51 35.21
CA ILE A 1063 -33.96 13.56 36.16
C ILE A 1063 -35.14 13.94 37.03
N ARG A 1064 -36.31 14.11 36.42
CA ARG A 1064 -37.51 14.37 37.21
C ARG A 1064 -37.76 13.26 38.22
N ARG A 1065 -37.52 12.01 37.81
CA ARG A 1065 -37.79 10.89 38.69
C ARG A 1065 -36.87 10.84 39.90
N ILE A 1066 -35.61 11.24 39.76
CA ILE A 1066 -34.65 11.08 40.85
C ILE A 1066 -34.52 12.33 41.71
N THR A 1067 -34.48 13.52 41.11
CA THR A 1067 -34.09 14.70 41.88
C THR A 1067 -35.25 15.27 42.69
N THR A 1068 -34.89 16.15 43.61
CA THR A 1068 -35.86 16.89 44.42
C THR A 1068 -35.82 18.39 44.16
N VAL A 1069 -35.05 18.85 43.18
CA VAL A 1069 -35.07 20.26 42.83
C VAL A 1069 -36.45 20.63 42.32
N PRO A 1070 -36.97 21.82 42.61
CA PRO A 1070 -38.26 22.21 42.00
C PRO A 1070 -38.17 22.18 40.49
N LEU A 1071 -39.21 21.67 39.87
CA LEU A 1071 -39.24 21.42 38.43
C LEU A 1071 -40.55 21.91 37.84
N PRO A 1072 -40.59 22.17 36.54
CA PRO A 1072 -41.84 22.62 35.91
C PRO A 1072 -42.94 21.61 36.11
N THR A 1073 -44.16 22.12 36.28
CA THR A 1073 -45.30 21.29 36.64
C THR A 1073 -46.12 20.83 35.43
N ALA A 1074 -45.79 21.26 34.23
CA ALA A 1074 -46.57 20.83 33.07
C ALA A 1074 -46.41 19.33 32.86
N PRO A 1075 -47.50 18.57 32.80
CA PRO A 1075 -47.40 17.12 32.95
C PRO A 1075 -46.97 16.36 31.71
N ASN A 1076 -46.99 16.99 30.53
CA ASN A 1076 -46.72 16.25 29.30
C ASN A 1076 -45.68 16.88 28.38
N ILE A 1077 -44.93 17.87 28.84
CA ILE A 1077 -43.92 18.46 27.95
C ILE A 1077 -42.54 18.30 28.57
N PRO A 1078 -41.50 18.11 27.76
CA PRO A 1078 -40.15 17.91 28.30
C PRO A 1078 -39.59 19.15 28.96
N ILE A 1079 -38.72 18.92 29.95
CA ILE A 1079 -38.11 20.00 30.69
C ILE A 1079 -37.17 20.83 29.82
N ILE A 1080 -36.65 20.25 28.73
CA ILE A 1080 -35.77 20.98 27.84
C ILE A 1080 -36.46 22.15 27.16
N ASP A 1081 -37.79 22.22 27.22
CA ASP A 1081 -38.51 23.38 26.71
C ASP A 1081 -38.50 24.55 27.67
N TYR A 1082 -37.89 24.39 28.84
CA TYR A 1082 -37.98 25.36 29.90
C TYR A 1082 -36.60 25.97 30.16
N GLU A 1083 -36.55 27.28 30.27
CA GLU A 1083 -35.36 27.98 30.71
C GLU A 1083 -35.54 28.46 32.15
N VAL A 1084 -34.47 28.98 32.71
CA VAL A 1084 -34.48 29.56 34.05
C VAL A 1084 -34.26 31.05 33.89
N SER A 1085 -35.25 31.85 34.30
CA SER A 1085 -35.08 33.28 34.30
C SER A 1085 -34.26 33.70 35.51
N ILE A 1086 -33.82 34.96 35.50
CA ILE A 1086 -32.98 35.46 36.59
C ILE A 1086 -33.74 35.58 37.90
N SER A 1087 -35.06 35.39 37.88
CA SER A 1087 -35.85 35.34 39.11
C SER A 1087 -35.99 33.94 39.66
N GLY A 1088 -35.23 32.98 39.15
CA GLY A 1088 -35.29 31.63 39.66
C GLY A 1088 -36.60 30.92 39.41
N GLU A 1089 -37.17 31.06 38.23
CA GLU A 1089 -38.42 30.42 37.90
C GLU A 1089 -38.29 29.68 36.57
N TRP A 1090 -39.08 28.62 36.43
CA TRP A 1090 -39.10 27.84 35.20
C TRP A 1090 -40.01 28.53 34.19
N SER A 1091 -39.42 29.06 33.12
CA SER A 1091 -40.16 29.79 32.11
C SER A 1091 -40.13 29.03 30.79
N PRO A 1092 -41.27 28.79 30.16
CA PRO A 1092 -41.25 28.05 28.90
C PRO A 1092 -40.46 28.79 27.82
N TRP A 1093 -39.77 28.03 26.98
CA TRP A 1093 -39.11 28.64 25.84
C TRP A 1093 -40.09 29.20 24.82
N GLN A 1094 -41.32 28.70 24.83
CA GLN A 1094 -42.31 29.13 23.85
C GLN A 1094 -42.63 30.61 23.96
N ALA A 1095 -42.47 31.18 25.15
CA ALA A 1095 -42.70 32.61 25.32
C ALA A 1095 -41.68 33.45 24.58
N LYS A 1096 -40.54 32.88 24.24
CA LYS A 1096 -39.49 33.63 23.57
C LYS A 1096 -39.58 33.57 22.05
N VAL A 1097 -40.46 32.74 21.49
CA VAL A 1097 -40.60 32.61 20.05
C VAL A 1097 -41.89 33.31 19.63
N PRO A 1098 -41.82 34.48 19.03
CA PRO A 1098 -43.03 35.17 18.58
C PRO A 1098 -43.37 34.78 17.14
N GLN A 1099 -44.59 35.12 16.74
CA GLN A 1099 -45.00 34.97 15.35
C GLN A 1099 -44.46 36.17 14.59
N ILE A 1100 -43.24 36.04 14.09
CA ILE A 1100 -42.61 37.14 13.37
C ILE A 1100 -43.32 37.33 12.04
N GLU A 1101 -43.31 38.57 11.55
CA GLU A 1101 -43.83 38.90 10.23
C GLU A 1101 -42.67 39.43 9.41
N VAL A 1102 -42.11 38.58 8.54
CA VAL A 1102 -41.01 39.00 7.70
C VAL A 1102 -41.50 40.06 6.72
N GLU A 1103 -40.59 40.97 6.34
CA GLU A 1103 -40.91 41.90 5.28
C GLU A 1103 -41.34 41.14 4.04
N THR A 1104 -42.17 41.73 3.19
CA THR A 1104 -42.58 41.05 1.98
C THR A 1104 -41.42 40.89 0.99
N HIS A 1105 -40.39 41.71 1.13
CA HIS A 1105 -39.15 41.48 0.41
C HIS A 1105 -38.22 40.67 1.32
N LYS A 1106 -36.97 40.49 0.91
CA LYS A 1106 -35.95 39.77 1.67
C LYS A 1106 -36.47 38.50 2.33
N VAL A 1107 -37.30 37.74 1.63
CA VAL A 1107 -37.70 36.43 2.10
C VAL A 1107 -36.63 35.42 1.72
N ALA A 1108 -36.44 34.42 2.58
CA ALA A 1108 -35.38 33.42 2.41
C ALA A 1108 -34.01 34.08 2.27
N ALA A 1109 -33.88 35.29 2.80
CA ALA A 1109 -32.61 36.00 2.76
C ALA A 1109 -31.61 35.30 3.70
N PRO A 1110 -30.31 35.49 3.46
CA PRO A 1110 -29.31 34.74 4.26
C PRO A 1110 -29.41 34.98 5.75
N ASP A 1111 -29.71 36.21 6.17
CA ASP A 1111 -29.68 36.56 7.59
C ASP A 1111 -31.03 36.40 8.27
N VAL A 1112 -32.09 36.11 7.53
CA VAL A 1112 -33.42 36.06 8.12
C VAL A 1112 -33.62 34.70 8.77
N VAL A 1113 -33.84 34.71 10.08
CA VAL A 1113 -34.06 33.49 10.85
C VAL A 1113 -35.43 33.60 11.50
N VAL A 1114 -36.34 32.71 11.13
CA VAL A 1114 -37.65 32.69 11.75
C VAL A 1114 -37.51 31.99 13.10
N PRO A 1115 -37.84 32.66 14.20
CA PRO A 1115 -37.62 32.05 15.52
C PRO A 1115 -38.39 30.76 15.67
N THR A 1116 -37.77 29.80 16.34
CA THR A 1116 -38.37 28.50 16.57
C THR A 1116 -37.85 27.99 17.90
N LEU A 1117 -38.60 27.08 18.52
CA LEU A 1117 -38.18 26.45 19.77
C LEU A 1117 -36.73 26.01 19.70
N ASP A 1118 -36.45 25.10 18.76
CA ASP A 1118 -35.10 24.58 18.61
C ASP A 1118 -34.12 25.66 18.20
N THR A 1119 -34.59 26.81 17.73
CA THR A 1119 -33.67 27.87 17.37
C THR A 1119 -33.28 28.70 18.59
N VAL A 1120 -34.25 29.08 19.42
CA VAL A 1120 -33.92 29.87 20.60
C VAL A 1120 -33.14 29.04 21.61
N ARG A 1121 -33.53 27.78 21.81
CA ARG A 1121 -32.81 26.95 22.78
C ARG A 1121 -31.34 26.82 22.38
N HIS A 1122 -31.11 26.50 21.10
CA HIS A 1122 -29.77 26.28 20.62
C HIS A 1122 -28.96 27.57 20.60
N GLU A 1123 -29.58 28.68 20.21
CA GLU A 1123 -28.86 29.95 20.23
C GLU A 1123 -28.48 30.34 21.65
N ALA A 1124 -29.37 30.13 22.61
CA ALA A 1124 -29.03 30.44 24.00
C ALA A 1124 -27.87 29.59 24.47
N LEU A 1125 -27.91 28.29 24.17
CA LEU A 1125 -26.81 27.40 24.57
C LEU A 1125 -25.50 27.84 23.93
N LEU A 1126 -25.52 28.20 22.66
CA LEU A 1126 -24.30 28.63 21.99
C LEU A 1126 -23.77 29.94 22.55
N TYR A 1127 -24.66 30.87 22.89
CA TYR A 1127 -24.21 32.09 23.53
C TYR A 1127 -23.56 31.81 24.88
N THR A 1128 -24.15 30.90 25.64
CA THR A 1128 -23.55 30.49 26.91
C THR A 1128 -22.13 29.98 26.68
N TRP A 1129 -21.96 29.09 25.70
CA TRP A 1129 -20.64 28.51 25.51
C TRP A 1129 -19.65 29.51 24.95
N LEU A 1130 -20.09 30.38 24.05
CA LEU A 1130 -19.18 31.33 23.42
C LEU A 1130 -18.83 32.50 24.31
N ALA A 1131 -19.59 32.72 25.39
CA ALA A 1131 -19.22 33.79 26.32
C ALA A 1131 -17.93 33.47 27.03
N GLU A 1132 -17.72 32.22 27.44
CA GLU A 1132 -16.49 31.79 28.08
C GLU A 1132 -15.43 31.36 27.08
N HIS A 1133 -15.65 31.59 25.80
CA HIS A 1133 -14.63 31.46 24.78
C HIS A 1133 -14.19 30.02 24.66
N LYS A 1134 -15.07 29.13 25.09
CA LYS A 1134 -14.87 27.70 25.06
C LYS A 1134 -15.09 27.18 23.65
N PRO A 1135 -14.16 26.41 23.09
CA PRO A 1135 -14.42 25.78 21.79
C PRO A 1135 -15.53 24.76 21.88
N LEU A 1136 -16.26 24.62 20.76
CA LEU A 1136 -17.44 23.77 20.71
C LEU A 1136 -17.62 23.27 19.28
N VAL A 1137 -18.48 22.27 19.11
CA VAL A 1137 -18.77 21.73 17.79
C VAL A 1137 -20.26 21.46 17.65
N LEU A 1138 -20.80 21.81 16.49
CA LEU A 1138 -22.19 21.56 16.11
C LEU A 1138 -22.21 20.41 15.12
N CYS A 1139 -22.80 19.29 15.50
CA CYS A 1139 -22.81 18.11 14.64
C CYS A 1139 -24.24 17.78 14.27
N GLY A 1140 -24.49 17.62 12.98
CA GLY A 1140 -25.80 17.26 12.50
C GLY A 1140 -25.86 17.07 11.01
N PRO A 1141 -27.02 16.67 10.51
CA PRO A 1141 -27.16 16.43 9.08
C PRO A 1141 -26.96 17.71 8.30
N PRO A 1142 -26.52 17.60 7.05
CA PRO A 1142 -26.19 18.80 6.27
C PRO A 1142 -27.40 19.69 6.05
N GLY A 1143 -27.17 21.00 6.08
CA GLY A 1143 -28.23 21.95 5.84
C GLY A 1143 -29.25 22.07 6.93
N SER A 1144 -28.97 21.52 8.12
CA SER A 1144 -29.94 21.54 9.21
C SER A 1144 -30.00 22.87 9.95
N GLY A 1145 -29.02 23.74 9.76
CA GLY A 1145 -29.08 25.05 10.37
C GLY A 1145 -27.95 25.35 11.32
N LYS A 1146 -26.83 24.62 11.19
CA LYS A 1146 -25.70 24.84 12.08
C LYS A 1146 -25.07 26.20 11.83
N THR A 1147 -24.77 26.51 10.58
CA THR A 1147 -24.17 27.81 10.28
C THR A 1147 -25.13 28.95 10.61
N MET A 1148 -26.41 28.75 10.31
CA MET A 1148 -27.40 29.79 10.58
C MET A 1148 -27.51 30.05 12.07
N THR A 1149 -27.64 28.99 12.87
CA THR A 1149 -27.75 29.15 14.32
C THR A 1149 -26.49 29.77 14.90
N LEU A 1150 -25.32 29.32 14.44
CA LEU A 1150 -24.08 29.89 14.96
C LEU A 1150 -23.98 31.37 14.64
N PHE A 1151 -24.30 31.76 13.40
CA PHE A 1151 -24.17 33.17 13.07
C PHE A 1151 -25.22 34.01 13.78
N SER A 1152 -26.40 33.45 14.02
CA SER A 1152 -27.37 34.15 14.86
C SER A 1152 -26.82 34.36 16.25
N ALA A 1153 -26.15 33.36 16.81
CA ALA A 1153 -25.56 33.52 18.13
C ALA A 1153 -24.49 34.61 18.13
N LEU A 1154 -23.62 34.62 17.12
CA LEU A 1154 -22.55 35.61 17.09
C LEU A 1154 -23.05 37.02 16.83
N ARG A 1155 -24.17 37.19 16.12
CA ARG A 1155 -24.62 38.57 15.89
C ARG A 1155 -25.09 39.22 17.17
N ALA A 1156 -25.40 38.44 18.20
CA ALA A 1156 -25.67 39.00 19.52
C ALA A 1156 -24.40 39.46 20.21
N LEU A 1157 -23.29 38.76 19.98
CA LEU A 1157 -22.02 39.11 20.60
C LEU A 1157 -21.37 40.18 19.73
N PRO A 1158 -21.23 41.42 20.21
CA PRO A 1158 -20.82 42.50 19.30
C PRO A 1158 -19.34 42.61 19.07
N ASP A 1159 -18.51 41.96 19.89
CA ASP A 1159 -17.07 42.17 19.85
C ASP A 1159 -16.32 40.96 19.33
N MET A 1160 -16.97 40.12 18.53
CA MET A 1160 -16.32 38.96 17.94
C MET A 1160 -16.47 39.01 16.44
N GLU A 1161 -15.36 38.81 15.72
CA GLU A 1161 -15.38 38.73 14.28
C GLU A 1161 -15.11 37.30 13.87
N VAL A 1162 -15.93 36.77 12.97
CA VAL A 1162 -15.84 35.38 12.57
C VAL A 1162 -15.13 35.30 11.23
N VAL A 1163 -14.37 34.23 11.05
CA VAL A 1163 -13.63 33.96 9.82
C VAL A 1163 -13.87 32.50 9.47
N GLY A 1164 -14.25 32.26 8.21
CA GLY A 1164 -14.63 30.93 7.80
C GLY A 1164 -13.45 30.10 7.31
N LEU A 1165 -13.49 28.81 7.60
CA LEU A 1165 -12.52 27.85 7.14
C LEU A 1165 -13.25 26.62 6.67
N ASN A 1166 -12.86 26.09 5.53
CA ASN A 1166 -13.52 24.96 4.89
C ASN A 1166 -12.55 23.79 4.90
N PHE A 1167 -12.90 22.74 5.62
CA PHE A 1167 -12.00 21.61 5.83
C PHE A 1167 -12.35 20.51 4.84
N SER A 1168 -11.38 20.13 4.03
CA SER A 1168 -11.50 19.04 3.07
C SER A 1168 -10.69 17.85 3.55
N SER A 1169 -10.66 16.79 2.74
CA SER A 1169 -9.88 15.62 3.10
C SER A 1169 -8.38 15.89 3.07
N ALA A 1170 -7.95 16.90 2.32
CA ALA A 1170 -6.53 17.21 2.18
C ALA A 1170 -6.15 18.51 2.90
N THR A 1171 -6.73 18.75 4.05
CA THR A 1171 -6.44 19.96 4.81
C THR A 1171 -5.35 19.67 5.84
N THR A 1172 -4.38 20.56 5.91
CA THR A 1172 -3.26 20.49 6.83
C THR A 1172 -3.26 21.74 7.69
N PRO A 1173 -2.59 21.71 8.83
CA PRO A 1173 -2.47 22.93 9.66
C PRO A 1173 -1.98 24.15 8.90
N GLU A 1174 -1.50 23.97 7.67
CA GLU A 1174 -1.10 25.11 6.86
C GLU A 1174 -2.28 26.03 6.58
N LEU A 1175 -3.49 25.49 6.47
CA LEU A 1175 -4.66 26.33 6.31
C LEU A 1175 -4.82 27.27 7.50
N LEU A 1176 -4.70 26.73 8.71
CA LEU A 1176 -4.79 27.55 9.90
C LEU A 1176 -3.68 28.58 9.93
N LEU A 1177 -2.47 28.17 9.56
CA LEU A 1177 -1.34 29.10 9.61
C LEU A 1177 -1.51 30.25 8.61
N LYS A 1178 -2.03 29.95 7.42
CA LYS A 1178 -2.30 31.04 6.48
C LYS A 1178 -3.39 31.96 7.00
N THR A 1179 -4.42 31.39 7.62
CA THR A 1179 -5.47 32.22 8.22
C THR A 1179 -4.89 33.14 9.29
N PHE A 1180 -4.01 32.61 10.12
CA PHE A 1180 -3.39 33.44 11.15
C PHE A 1180 -2.46 34.48 10.54
N ASP A 1181 -1.74 34.10 9.48
CA ASP A 1181 -0.85 35.06 8.83
C ASP A 1181 -1.63 36.22 8.23
N HIS A 1182 -2.86 35.99 7.82
CA HIS A 1182 -3.67 37.05 7.23
C HIS A 1182 -4.45 37.85 8.26
N TYR A 1183 -5.21 37.19 9.13
CA TYR A 1183 -6.11 37.84 10.07
C TYR A 1183 -5.47 38.15 11.41
N CYS A 1184 -4.26 37.69 11.68
CA CYS A 1184 -3.61 37.92 12.97
C CYS A 1184 -2.17 38.35 12.77
N GLU A 1185 -1.95 39.26 11.83
CA GLU A 1185 -0.61 39.52 11.31
C GLU A 1185 0.35 40.04 12.38
N TYR A 1186 -0.15 40.58 13.49
CA TYR A 1186 0.72 40.89 14.60
C TYR A 1186 1.26 39.61 15.23
N ARG A 1187 2.57 39.61 15.48
CA ARG A 1187 3.28 38.57 16.20
C ARG A 1187 4.09 39.30 17.26
N ARG A 1188 3.49 39.48 18.43
CA ARG A 1188 4.14 40.31 19.44
C ARG A 1188 5.09 39.45 20.26
N THR A 1189 6.03 40.12 20.93
CA THR A 1189 7.07 39.44 21.69
C THR A 1189 7.22 40.01 23.10
N PRO A 1190 6.16 39.95 23.93
CA PRO A 1190 6.34 40.23 25.36
C PRO A 1190 6.57 38.96 26.15
N ASN A 1191 7.66 38.87 26.91
CA ASN A 1191 8.01 37.74 27.76
C ASN A 1191 7.57 36.41 27.16
N GLY A 1192 7.84 36.24 25.88
CA GLY A 1192 7.29 35.18 25.06
C GLY A 1192 6.86 35.77 23.75
N VAL A 1193 6.08 35.02 22.98
CA VAL A 1193 5.53 35.50 21.71
C VAL A 1193 4.05 35.16 21.67
N VAL A 1194 3.23 36.16 21.35
CA VAL A 1194 1.78 36.00 21.31
C VAL A 1194 1.27 36.31 19.91
N LEU A 1195 0.33 35.49 19.47
CA LEU A 1195 -0.36 35.66 18.21
C LEU A 1195 -1.72 36.27 18.52
N ALA A 1196 -1.97 37.46 17.98
CA ALA A 1196 -3.19 38.19 18.31
C ALA A 1196 -3.86 38.69 17.05
N PRO A 1197 -5.19 38.80 17.06
CA PRO A 1197 -5.89 39.37 15.90
C PRO A 1197 -5.46 40.80 15.65
N VAL A 1198 -5.45 41.19 14.38
CA VAL A 1198 -5.02 42.55 14.02
C VAL A 1198 -5.98 43.58 14.60
N GLN A 1199 -7.29 43.31 14.51
CA GLN A 1199 -8.30 44.26 14.97
C GLN A 1199 -8.33 44.23 16.49
N LEU A 1200 -7.80 45.28 17.11
CA LEU A 1200 -7.65 45.30 18.55
C LEU A 1200 -9.01 45.35 19.24
N GLY A 1201 -9.11 44.67 20.37
CA GLY A 1201 -10.33 44.69 21.14
C GLY A 1201 -11.40 43.72 20.68
N LYS A 1202 -11.15 42.97 19.60
CA LYS A 1202 -12.10 42.00 19.08
C LYS A 1202 -11.53 40.60 19.23
N TRP A 1203 -12.41 39.63 19.37
CA TRP A 1203 -12.04 38.23 19.48
C TRP A 1203 -12.27 37.56 18.13
N LEU A 1204 -11.26 36.86 17.65
CA LEU A 1204 -11.36 36.18 16.37
C LEU A 1204 -11.95 34.79 16.56
N VAL A 1205 -13.02 34.50 15.86
CA VAL A 1205 -13.63 33.18 15.87
C VAL A 1205 -13.28 32.51 14.55
N LEU A 1206 -12.88 31.25 14.60
CA LEU A 1206 -12.55 30.48 13.41
C LEU A 1206 -13.62 29.40 13.23
N PHE A 1207 -14.53 29.64 12.31
CA PHE A 1207 -15.60 28.69 12.04
C PHE A 1207 -15.05 27.63 11.10
N CYS A 1208 -14.72 26.46 11.63
CA CYS A 1208 -14.10 25.39 10.87
C CYS A 1208 -15.16 24.38 10.49
N ASP A 1209 -15.61 24.44 9.23
CA ASP A 1209 -16.69 23.56 8.78
C ASP A 1209 -16.14 22.22 8.32
N GLU A 1210 -16.95 21.18 8.49
CA GLU A 1210 -16.54 19.81 8.19
C GLU A 1210 -15.25 19.47 8.92
N ILE A 1211 -15.29 19.61 10.25
CA ILE A 1211 -14.08 19.44 11.03
C ILE A 1211 -13.64 17.99 11.09
N ASN A 1212 -14.54 17.04 10.89
CA ASN A 1212 -14.19 15.63 10.94
C ASN A 1212 -13.93 15.04 9.57
N LEU A 1213 -13.67 15.88 8.57
CA LEU A 1213 -13.43 15.45 7.21
C LEU A 1213 -11.97 15.06 6.93
N PRO A 1214 -10.96 15.80 7.39
CA PRO A 1214 -9.58 15.48 7.00
C PRO A 1214 -9.23 14.02 7.29
N ASP A 1215 -8.55 13.40 6.34
CA ASP A 1215 -8.38 11.95 6.35
C ASP A 1215 -7.41 11.51 7.42
N MET A 1216 -7.72 10.39 8.08
CA MET A 1216 -6.79 9.75 8.98
C MET A 1216 -5.69 9.06 8.18
N ASP A 1217 -4.48 9.10 8.71
CA ASP A 1217 -3.37 8.38 8.08
C ASP A 1217 -3.48 6.91 8.48
N LYS A 1218 -2.43 6.14 8.22
CA LYS A 1218 -2.48 4.71 8.48
C LYS A 1218 -2.59 4.39 9.97
N TYR A 1219 -2.35 5.35 10.85
CA TYR A 1219 -2.30 5.10 12.29
C TYR A 1219 -3.38 5.85 13.05
N GLY A 1220 -4.47 6.22 12.39
CA GLY A 1220 -5.59 6.83 13.08
C GLY A 1220 -5.32 8.19 13.70
N THR A 1221 -4.67 9.09 12.97
CA THR A 1221 -4.43 10.43 13.45
C THR A 1221 -4.73 11.44 12.37
N GLN A 1222 -5.51 12.47 12.71
CA GLN A 1222 -5.76 13.59 11.83
C GLN A 1222 -4.86 14.73 12.26
N ARG A 1223 -3.97 15.16 11.36
CA ARG A 1223 -2.93 16.11 11.76
C ARG A 1223 -3.54 17.43 12.21
N VAL A 1224 -4.53 17.93 11.49
CA VAL A 1224 -5.08 19.24 11.85
C VAL A 1224 -5.88 19.16 13.14
N ILE A 1225 -6.52 18.02 13.40
CA ILE A 1225 -7.24 17.87 14.67
C ILE A 1225 -6.25 17.87 15.83
N SER A 1226 -5.12 17.20 15.67
CA SER A 1226 -4.09 17.24 16.71
C SER A 1226 -3.52 18.64 16.88
N PHE A 1227 -3.33 19.36 15.78
CA PHE A 1227 -2.85 20.73 15.87
C PHE A 1227 -3.82 21.61 16.65
N ILE A 1228 -5.12 21.47 16.34
CA ILE A 1228 -6.14 22.26 17.03
C ILE A 1228 -6.20 21.88 18.50
N ARG A 1229 -6.15 20.58 18.80
CA ARG A 1229 -6.19 20.14 20.18
C ARG A 1229 -4.99 20.69 20.96
N GLN A 1230 -3.82 20.69 20.33
CA GLN A 1230 -2.64 21.24 20.99
C GLN A 1230 -2.80 22.72 21.26
N MET A 1231 -3.29 23.47 20.27
CA MET A 1231 -3.31 24.91 20.41
C MET A 1231 -4.53 25.40 21.18
N VAL A 1232 -5.46 24.51 21.51
CA VAL A 1232 -6.54 24.79 22.43
C VAL A 1232 -6.17 24.43 23.85
N GLU A 1233 -5.76 23.18 24.09
CA GLU A 1233 -5.48 22.75 25.46
C GLU A 1233 -4.25 23.44 26.01
N HIS A 1234 -3.16 23.43 25.25
CA HIS A 1234 -1.93 24.08 25.65
C HIS A 1234 -1.89 25.55 25.26
N GLY A 1235 -2.93 26.04 24.61
CA GLY A 1235 -3.06 27.46 24.35
C GLY A 1235 -2.09 28.03 23.36
N GLY A 1236 -1.55 27.20 22.46
CA GLY A 1236 -0.59 27.71 21.51
C GLY A 1236 0.07 26.57 20.76
N PHE A 1237 1.06 26.94 19.96
CA PHE A 1237 1.75 25.99 19.09
C PHE A 1237 3.20 26.43 18.95
N TYR A 1238 3.92 25.80 18.03
CA TYR A 1238 5.30 26.11 17.73
C TYR A 1238 5.39 26.57 16.29
N ARG A 1239 6.05 27.69 16.06
CA ARG A 1239 6.31 28.15 14.70
C ARG A 1239 7.57 27.46 14.22
N THR A 1240 7.48 26.75 13.09
CA THR A 1240 8.64 26.02 12.59
C THR A 1240 9.50 26.92 11.73
N SER A 1241 9.84 28.06 12.25
CA SER A 1241 10.84 28.97 11.69
C SER A 1241 11.87 29.37 12.73
N ASP A 1242 11.44 29.53 13.98
CA ASP A 1242 12.34 29.79 15.10
C ASP A 1242 12.17 28.75 16.19
N GLN A 1243 11.22 27.83 16.04
CA GLN A 1243 10.85 26.84 17.04
C GLN A 1243 10.36 27.46 18.34
N THR A 1244 10.16 28.77 18.37
CA THR A 1244 9.68 29.43 19.58
C THR A 1244 8.21 29.11 19.80
N TRP A 1245 7.86 28.91 21.07
CA TRP A 1245 6.46 28.71 21.42
C TRP A 1245 5.69 30.00 21.20
N VAL A 1246 4.56 29.90 20.50
CA VAL A 1246 3.69 31.03 20.23
C VAL A 1246 2.36 30.77 20.92
N LYS A 1247 1.91 31.74 21.71
CA LYS A 1247 0.73 31.60 22.56
C LYS A 1247 -0.43 32.39 21.96
N LEU A 1248 -1.61 31.76 21.91
CA LEU A 1248 -2.77 32.41 21.33
C LEU A 1248 -3.31 33.48 22.26
N GLU A 1249 -3.67 34.64 21.70
CA GLU A 1249 -4.36 35.67 22.45
C GLU A 1249 -5.61 36.07 21.66
N ARG A 1250 -6.77 35.95 22.29
CA ARG A 1250 -8.05 36.32 21.68
C ARG A 1250 -8.34 35.50 20.42
N ILE A 1251 -8.12 34.19 20.50
CA ILE A 1251 -8.45 33.28 19.41
C ILE A 1251 -9.33 32.18 19.98
N GLN A 1252 -10.47 31.92 19.36
CA GLN A 1252 -11.30 30.79 19.74
C GLN A 1252 -11.83 30.09 18.51
N PHE A 1253 -12.24 28.84 18.70
CA PHE A 1253 -12.62 27.95 17.61
C PHE A 1253 -14.03 27.45 17.79
N VAL A 1254 -14.75 27.30 16.67
CA VAL A 1254 -16.03 26.61 16.64
C VAL A 1254 -16.06 25.73 15.40
N GLY A 1255 -16.48 24.49 15.56
CA GLY A 1255 -16.50 23.56 14.45
C GLY A 1255 -17.88 23.08 14.09
N ALA A 1256 -18.09 22.69 12.84
CA ALA A 1256 -19.37 22.16 12.40
C ALA A 1256 -19.11 20.91 11.58
N CYS A 1257 -19.83 19.84 11.88
CA CYS A 1257 -19.56 18.57 11.21
C CYS A 1257 -20.85 17.79 11.04
N ASN A 1258 -20.80 16.80 10.17
CA ASN A 1258 -21.87 15.84 10.00
C ASN A 1258 -21.61 14.63 10.87
N PRO A 1259 -22.62 13.79 11.12
CA PRO A 1259 -22.44 12.66 12.00
C PRO A 1259 -21.32 11.77 11.51
N PRO A 1260 -20.57 11.15 12.42
CA PRO A 1260 -19.47 10.27 11.99
C PRO A 1260 -19.93 9.11 11.14
N THR A 1261 -21.19 8.69 11.25
CA THR A 1261 -21.69 7.59 10.45
C THR A 1261 -21.78 7.93 8.97
N ASP A 1262 -21.75 9.21 8.62
CA ASP A 1262 -21.89 9.61 7.24
C ASP A 1262 -20.66 9.20 6.43
N PRO A 1263 -20.84 8.95 5.13
CA PRO A 1263 -19.68 8.63 4.29
C PRO A 1263 -18.66 9.75 4.28
N GLY A 1264 -17.38 9.36 4.31
CA GLY A 1264 -16.29 10.31 4.33
C GLY A 1264 -16.04 10.96 5.67
N ARG A 1265 -16.78 10.57 6.71
CA ARG A 1265 -16.67 11.19 8.02
C ARG A 1265 -16.01 10.23 9.00
N LYS A 1266 -15.03 10.75 9.74
CA LYS A 1266 -14.29 9.98 10.72
C LYS A 1266 -14.66 10.43 12.12
N PRO A 1267 -14.80 9.51 13.07
CA PRO A 1267 -15.01 9.91 14.46
C PRO A 1267 -13.80 10.68 14.98
N LEU A 1268 -14.05 11.68 15.81
CA LEU A 1268 -12.99 12.50 16.34
C LEU A 1268 -12.39 11.87 17.59
N SER A 1269 -11.14 12.24 17.87
CA SER A 1269 -10.42 11.67 19.00
C SER A 1269 -10.94 12.21 20.32
N HIS A 1270 -10.96 11.34 21.34
CA HIS A 1270 -11.44 11.76 22.65
C HIS A 1270 -10.54 12.81 23.29
N ARG A 1271 -9.24 12.74 23.04
CA ARG A 1271 -8.34 13.80 23.52
C ARG A 1271 -8.72 15.14 22.94
N PHE A 1272 -9.34 15.15 21.76
CA PHE A 1272 -9.89 16.38 21.23
C PHE A 1272 -11.30 16.63 21.78
N LEU A 1273 -12.08 15.57 21.97
CA LEU A 1273 -13.47 15.75 22.37
C LEU A 1273 -13.60 16.22 23.82
N ARG A 1274 -12.55 16.11 24.62
CA ARG A 1274 -12.64 16.58 26.00
C ARG A 1274 -12.87 18.10 26.04
N HIS A 1275 -12.18 18.84 25.20
CA HIS A 1275 -12.23 20.29 25.27
C HIS A 1275 -13.34 20.90 24.44
N VAL A 1276 -14.09 20.11 23.67
CA VAL A 1276 -15.16 20.67 22.86
C VAL A 1276 -16.47 19.92 23.10
N PRO A 1277 -17.44 20.51 23.77
CA PRO A 1277 -18.78 19.90 23.80
C PRO A 1277 -19.44 19.97 22.44
N VAL A 1278 -20.34 19.01 22.21
CA VAL A 1278 -20.98 18.85 20.92
C VAL A 1278 -22.48 19.05 21.08
N VAL A 1279 -23.07 19.83 20.17
CA VAL A 1279 -24.50 20.11 20.15
C VAL A 1279 -25.09 19.54 18.87
N TYR A 1280 -26.19 18.82 19.00
CA TYR A 1280 -26.77 18.06 17.89
C TYR A 1280 -27.93 18.86 17.31
N VAL A 1281 -27.72 19.44 16.14
CA VAL A 1281 -28.73 20.21 15.43
C VAL A 1281 -29.33 19.31 14.37
N ASP A 1282 -30.60 18.95 14.53
CA ASP A 1282 -31.27 18.03 13.63
C ASP A 1282 -32.15 18.79 12.64
N TYR A 1283 -32.68 18.03 11.68
CA TYR A 1283 -33.58 18.60 10.69
C TYR A 1283 -34.85 19.07 11.37
N PRO A 1284 -35.32 20.29 11.09
CA PRO A 1284 -36.61 20.71 11.63
C PRO A 1284 -37.72 19.76 11.21
N GLY A 1285 -38.64 19.50 12.13
CA GLY A 1285 -39.69 18.54 11.90
C GLY A 1285 -40.76 19.09 10.99
N PRO A 1286 -41.82 18.30 10.82
CA PRO A 1286 -42.91 18.74 9.93
C PRO A 1286 -43.52 20.06 10.35
N ALA A 1287 -43.98 20.17 11.59
CA ALA A 1287 -44.61 21.41 12.05
C ALA A 1287 -43.61 22.56 12.08
N SER A 1288 -42.36 22.26 12.45
CA SER A 1288 -41.35 23.31 12.47
C SER A 1288 -41.15 23.89 11.07
N LEU A 1289 -41.01 23.04 10.07
CA LEU A 1289 -40.89 23.52 8.70
C LEU A 1289 -42.15 24.24 8.27
N THR A 1290 -43.31 23.73 8.67
CA THR A 1290 -44.57 24.37 8.32
C THR A 1290 -44.60 25.81 8.80
N GLN A 1291 -44.25 26.04 10.05
CA GLN A 1291 -44.21 27.41 10.56
C GLN A 1291 -43.12 28.21 9.87
N ILE A 1292 -41.92 27.64 9.74
CA ILE A 1292 -40.77 28.37 9.23
C ILE A 1292 -41.05 28.89 7.82
N TYR A 1293 -41.70 28.07 7.00
CA TYR A 1293 -41.90 28.46 5.62
C TYR A 1293 -43.29 29.01 5.35
N GLY A 1294 -44.26 28.78 6.23
CA GLY A 1294 -45.48 29.56 6.16
C GLY A 1294 -45.22 31.02 6.43
N THR A 1295 -44.28 31.31 7.32
CA THR A 1295 -43.88 32.70 7.53
C THR A 1295 -43.37 33.30 6.23
N PHE A 1296 -42.49 32.60 5.53
CA PHE A 1296 -41.94 33.13 4.29
C PHE A 1296 -43.00 33.22 3.20
N ASN A 1297 -43.93 32.25 3.15
CA ASN A 1297 -44.98 32.30 2.14
C ASN A 1297 -45.90 33.48 2.36
N ARG A 1298 -46.40 33.64 3.59
CA ARG A 1298 -47.22 34.80 3.90
C ARG A 1298 -46.47 36.10 3.63
N ALA A 1299 -45.15 36.09 3.81
CA ALA A 1299 -44.37 37.27 3.48
C ALA A 1299 -44.38 37.53 1.98
N MET A 1300 -44.10 36.51 1.17
CA MET A 1300 -43.94 36.74 -0.26
C MET A 1300 -45.28 36.83 -0.98
N LEU A 1301 -46.30 36.12 -0.52
CA LEU A 1301 -47.59 36.18 -1.19
C LEU A 1301 -48.32 37.44 -0.76
N ARG A 1302 -47.62 38.58 -0.83
CA ARG A 1302 -48.18 39.88 -0.54
C ARG A 1302 -48.01 40.86 -1.68
N LEU A 1303 -47.08 40.60 -2.61
CA LEU A 1303 -46.94 41.44 -3.79
C LEU A 1303 -48.20 41.39 -4.64
N ILE A 1304 -48.93 40.27 -4.59
CA ILE A 1304 -50.16 40.09 -5.32
C ILE A 1304 -51.26 39.77 -4.32
N PRO A 1305 -52.01 40.78 -3.86
CA PRO A 1305 -53.01 40.60 -2.82
C PRO A 1305 -54.28 39.91 -3.29
N SER A 1306 -54.11 38.84 -4.06
CA SER A 1306 -55.22 37.99 -4.47
C SER A 1306 -54.92 36.51 -4.30
N LEU A 1307 -53.69 36.17 -3.92
CA LEU A 1307 -53.27 34.80 -3.67
C LEU A 1307 -53.18 34.51 -2.18
N ARG A 1308 -53.73 35.40 -1.35
CA ARG A 1308 -53.49 35.34 0.08
C ARG A 1308 -53.97 34.03 0.67
N THR A 1309 -55.19 33.62 0.30
CA THR A 1309 -55.74 32.38 0.84
C THR A 1309 -54.95 31.17 0.41
N TYR A 1310 -54.07 31.32 -0.57
CA TYR A 1310 -53.22 30.23 -1.04
C TYR A 1310 -51.90 30.14 -0.29
N ALA A 1311 -51.60 31.11 0.58
CA ALA A 1311 -50.34 31.08 1.31
C ALA A 1311 -50.23 29.85 2.21
N GLU A 1312 -51.37 29.38 2.72
CA GLU A 1312 -51.34 28.22 3.61
C GLU A 1312 -51.24 26.90 2.87
N PRO A 1313 -52.04 26.62 1.83
CA PRO A 1313 -51.86 25.34 1.13
C PRO A 1313 -50.51 25.23 0.46
N LEU A 1314 -50.06 26.30 -0.19
CA LEU A 1314 -48.81 26.26 -0.94
C LEU A 1314 -47.67 25.74 -0.06
N THR A 1315 -47.50 26.35 1.12
CA THR A 1315 -46.49 25.89 2.06
C THR A 1315 -46.66 24.42 2.34
N ALA A 1316 -47.87 24.00 2.72
CA ALA A 1316 -48.11 22.60 2.98
C ALA A 1316 -47.69 21.77 1.79
N ALA A 1317 -48.14 22.18 0.59
CA ALA A 1317 -47.75 21.47 -0.62
C ALA A 1317 -46.24 21.37 -0.71
N MET A 1318 -45.55 22.50 -0.60
CA MET A 1318 -44.10 22.49 -0.60
C MET A 1318 -43.60 21.44 0.37
N VAL A 1319 -43.95 21.60 1.64
CA VAL A 1319 -43.43 20.71 2.66
C VAL A 1319 -43.75 19.27 2.32
N GLU A 1320 -44.99 19.02 1.87
CA GLU A 1320 -45.39 17.67 1.53
C GLU A 1320 -44.42 17.06 0.54
N PHE A 1321 -44.18 17.76 -0.56
CA PHE A 1321 -43.29 17.22 -1.58
C PHE A 1321 -41.93 16.94 -0.99
N TYR A 1322 -41.41 17.90 -0.21
CA TYR A 1322 -40.10 17.75 0.39
C TYR A 1322 -40.03 16.43 1.15
N THR A 1323 -41.02 16.18 2.01
CA THR A 1323 -41.00 14.96 2.80
C THR A 1323 -40.85 13.74 1.90
N MET A 1324 -41.67 13.66 0.86
CA MET A 1324 -41.63 12.51 -0.04
C MET A 1324 -40.22 12.30 -0.55
N SER A 1325 -39.61 13.37 -1.08
CA SER A 1325 -38.29 13.21 -1.67
C SER A 1325 -37.29 12.74 -0.64
N GLN A 1326 -37.37 13.27 0.58
CA GLN A 1326 -36.37 12.94 1.58
C GLN A 1326 -36.46 11.48 1.98
N GLU A 1327 -37.58 10.82 1.74
CA GLU A 1327 -37.70 9.40 2.04
C GLU A 1327 -37.63 8.54 0.79
N ARG A 1328 -37.40 9.14 -0.37
CA ARG A 1328 -37.35 8.40 -1.63
C ARG A 1328 -35.93 8.26 -2.14
N PHE A 1329 -35.22 9.38 -2.27
CA PHE A 1329 -33.87 9.38 -2.82
C PHE A 1329 -32.90 9.67 -1.69
N THR A 1330 -32.49 8.62 -1.00
CA THR A 1330 -31.53 8.73 0.09
C THR A 1330 -30.11 8.72 -0.45
N GLN A 1331 -29.16 9.00 0.44
CA GLN A 1331 -27.75 8.95 0.05
C GLN A 1331 -27.29 7.53 -0.25
N ASP A 1332 -28.10 6.52 0.07
CA ASP A 1332 -27.79 5.15 -0.31
C ASP A 1332 -27.74 4.99 -1.83
N THR A 1333 -28.68 5.61 -2.53
CA THR A 1333 -28.72 5.50 -3.99
C THR A 1333 -27.53 6.20 -4.63
N GLN A 1334 -27.39 7.49 -4.37
CA GLN A 1334 -26.32 8.29 -4.94
C GLN A 1334 -25.69 9.16 -3.86
N PRO A 1335 -24.43 9.55 -4.05
CA PRO A 1335 -23.79 10.42 -3.05
C PRO A 1335 -24.39 11.81 -2.97
N HIS A 1336 -25.09 12.29 -3.99
CA HIS A 1336 -25.61 13.65 -3.98
C HIS A 1336 -27.09 13.71 -3.62
N TYR A 1337 -27.71 12.60 -3.24
CA TYR A 1337 -29.14 12.58 -2.93
C TYR A 1337 -29.38 13.00 -1.48
N ILE A 1338 -28.91 14.19 -1.14
CA ILE A 1338 -29.09 14.77 0.18
C ILE A 1338 -30.12 15.88 0.09
N TYR A 1339 -31.20 15.74 0.85
CA TYR A 1339 -32.31 16.68 0.81
C TYR A 1339 -32.40 17.43 2.13
N SER A 1340 -32.34 18.74 2.06
CA SER A 1340 -32.14 19.61 3.21
C SER A 1340 -33.04 20.82 3.09
N PRO A 1341 -33.30 21.52 4.20
CA PRO A 1341 -34.05 22.78 4.13
C PRO A 1341 -33.42 23.83 3.23
N ARG A 1342 -32.17 23.65 2.81
CA ARG A 1342 -31.63 24.58 1.82
C ARG A 1342 -32.46 24.55 0.55
N GLU A 1343 -33.02 23.38 0.21
CA GLU A 1343 -33.88 23.29 -0.97
C GLU A 1343 -35.18 24.05 -0.78
N MET A 1344 -35.79 23.97 0.40
CA MET A 1344 -37.00 24.75 0.64
C MET A 1344 -36.69 26.25 0.61
N THR A 1345 -35.54 26.65 1.15
CA THR A 1345 -35.16 28.04 1.08
C THR A 1345 -34.98 28.50 -0.37
N ARG A 1346 -34.30 27.67 -1.18
CA ARG A 1346 -34.16 28.00 -2.59
C ARG A 1346 -35.51 28.01 -3.30
N TRP A 1347 -36.42 27.13 -2.88
CA TRP A 1347 -37.76 27.08 -3.46
C TRP A 1347 -38.51 28.39 -3.23
N VAL A 1348 -38.57 28.82 -1.97
CA VAL A 1348 -39.26 30.07 -1.65
C VAL A 1348 -38.58 31.24 -2.35
N ARG A 1349 -37.25 31.28 -2.31
CA ARG A 1349 -36.55 32.39 -2.95
C ARG A 1349 -36.78 32.41 -4.45
N GLY A 1350 -36.84 31.23 -5.08
CA GLY A 1350 -37.11 31.18 -6.51
C GLY A 1350 -38.50 31.64 -6.89
N ILE A 1351 -39.51 31.17 -6.16
CA ILE A 1351 -40.87 31.66 -6.41
C ILE A 1351 -40.95 33.16 -6.19
N PHE A 1352 -40.24 33.65 -5.17
CA PHE A 1352 -40.23 35.09 -4.91
C PHE A 1352 -39.59 35.86 -6.05
N GLU A 1353 -38.47 35.38 -6.58
CA GLU A 1353 -37.84 36.09 -7.68
C GLU A 1353 -38.75 36.10 -8.90
N ALA A 1354 -39.45 34.99 -9.14
CA ALA A 1354 -40.40 34.97 -10.25
C ALA A 1354 -41.52 35.98 -10.05
N LEU A 1355 -42.07 36.05 -8.83
CA LEU A 1355 -43.25 36.87 -8.59
C LEU A 1355 -42.94 38.34 -8.37
N ARG A 1356 -41.69 38.71 -8.14
CA ARG A 1356 -41.38 40.09 -7.77
C ARG A 1356 -41.78 41.12 -8.82
N PRO A 1357 -41.45 40.98 -10.11
CA PRO A 1357 -41.79 42.05 -11.05
C PRO A 1357 -43.26 42.06 -11.44
N LEU A 1358 -43.91 40.90 -11.49
CA LEU A 1358 -45.29 40.84 -11.95
C LEU A 1358 -46.23 41.53 -10.95
N GLU A 1359 -47.31 42.07 -11.48
CA GLU A 1359 -48.31 42.79 -10.69
C GLU A 1359 -49.52 41.94 -10.35
N THR A 1360 -50.07 41.23 -11.33
CA THR A 1360 -51.19 40.33 -11.11
C THR A 1360 -50.86 38.97 -11.68
N LEU A 1361 -51.42 37.93 -11.07
CA LEU A 1361 -51.11 36.58 -11.52
C LEU A 1361 -52.14 35.58 -11.01
N PRO A 1362 -52.74 34.80 -11.90
CA PRO A 1362 -53.76 33.83 -11.46
C PRO A 1362 -53.11 32.68 -10.71
N VAL A 1363 -53.94 32.00 -9.90
CA VAL A 1363 -53.43 30.89 -9.09
C VAL A 1363 -52.80 29.82 -9.98
N GLU A 1364 -53.30 29.68 -11.21
CA GLU A 1364 -52.69 28.74 -12.13
C GLU A 1364 -51.24 29.11 -12.41
N GLY A 1365 -50.96 30.40 -12.60
CA GLY A 1365 -49.59 30.83 -12.78
C GLY A 1365 -48.74 30.56 -11.55
N LEU A 1366 -49.34 30.69 -10.37
CA LEU A 1366 -48.61 30.41 -9.14
C LEU A 1366 -48.20 28.96 -9.08
N ILE A 1367 -49.12 28.04 -9.37
CA ILE A 1367 -48.77 26.64 -9.37
C ILE A 1367 -47.79 26.33 -10.49
N ARG A 1368 -47.87 27.06 -11.60
CA ARG A 1368 -46.91 26.91 -12.67
C ARG A 1368 -45.49 27.20 -12.17
N ILE A 1369 -45.31 28.36 -11.53
CA ILE A 1369 -43.99 28.72 -11.01
C ILE A 1369 -43.55 27.73 -9.96
N TRP A 1370 -44.46 27.33 -9.08
CA TRP A 1370 -44.16 26.35 -8.05
C TRP A 1370 -43.61 25.07 -8.67
N ALA A 1371 -44.29 24.55 -9.69
CA ALA A 1371 -43.85 23.32 -10.33
C ALA A 1371 -42.51 23.50 -11.02
N HIS A 1372 -42.31 24.65 -11.68
CA HIS A 1372 -41.02 24.86 -12.35
C HIS A 1372 -39.88 24.83 -11.36
N GLU A 1373 -40.04 25.51 -10.21
CA GLU A 1373 -38.99 25.48 -9.20
C GLU A 1373 -38.81 24.09 -8.63
N ALA A 1374 -39.90 23.37 -8.40
CA ALA A 1374 -39.78 22.01 -7.87
C ALA A 1374 -39.02 21.12 -8.83
N LEU A 1375 -39.27 21.26 -10.13
CA LEU A 1375 -38.52 20.50 -11.12
C LEU A 1375 -37.05 20.91 -11.16
N ARG A 1376 -36.76 22.21 -11.04
CA ARG A 1376 -35.37 22.63 -11.08
C ARG A 1376 -34.59 22.26 -9.83
N LEU A 1377 -35.28 21.99 -8.71
CA LEU A 1377 -34.58 21.70 -7.47
C LEU A 1377 -34.64 20.23 -7.05
N PHE A 1378 -35.53 19.43 -7.62
CA PHE A 1378 -35.65 18.05 -7.20
C PHE A 1378 -35.38 17.04 -8.30
N GLN A 1379 -35.18 17.48 -9.54
CA GLN A 1379 -35.05 16.55 -10.65
C GLN A 1379 -33.79 16.76 -11.48
N ASP A 1380 -33.12 17.90 -11.35
CA ASP A 1380 -31.87 18.08 -12.07
C ASP A 1380 -30.82 17.09 -11.61
N ARG A 1381 -30.72 16.86 -10.31
CA ARG A 1381 -29.71 15.96 -9.77
C ARG A 1381 -30.03 14.49 -10.00
N LEU A 1382 -31.27 14.16 -10.34
CA LEU A 1382 -31.63 12.76 -10.50
C LEU A 1382 -30.84 12.15 -11.65
N VAL A 1383 -30.52 10.87 -11.50
CA VAL A 1383 -29.66 10.17 -12.46
C VAL A 1383 -30.52 9.32 -13.39
N GLU A 1384 -31.23 8.35 -12.83
CA GLU A 1384 -32.00 7.45 -13.67
C GLU A 1384 -33.24 8.15 -14.21
N ASP A 1385 -33.78 7.60 -15.28
CA ASP A 1385 -35.02 8.14 -15.85
C ASP A 1385 -36.23 7.74 -15.02
N GLU A 1386 -36.16 6.61 -14.32
CA GLU A 1386 -37.27 6.22 -13.46
C GLU A 1386 -37.49 7.24 -12.37
N GLU A 1387 -36.42 7.73 -11.76
CA GLU A 1387 -36.55 8.73 -10.72
C GLU A 1387 -37.12 10.03 -11.26
N ARG A 1388 -36.70 10.44 -12.46
CA ARG A 1388 -37.26 11.63 -13.08
C ARG A 1388 -38.76 11.47 -13.33
N ARG A 1389 -39.17 10.29 -13.82
CA ARG A 1389 -40.58 10.04 -14.04
C ARG A 1389 -41.36 10.07 -12.72
N TRP A 1390 -40.79 9.50 -11.67
CA TRP A 1390 -41.44 9.52 -10.36
C TRP A 1390 -41.63 10.95 -9.86
N THR A 1391 -40.59 11.77 -9.99
CA THR A 1391 -40.71 13.16 -9.58
C THR A 1391 -41.78 13.89 -10.39
N ASP A 1392 -41.81 13.67 -11.70
CA ASP A 1392 -42.79 14.36 -12.53
C ASP A 1392 -44.21 13.94 -12.18
N GLU A 1393 -44.42 12.66 -11.89
CA GLU A 1393 -45.75 12.22 -11.47
C GLU A 1393 -46.13 12.83 -10.13
N ASN A 1394 -45.21 12.83 -9.17
CA ASN A 1394 -45.58 13.24 -7.83
C ASN A 1394 -45.69 14.75 -7.69
N ILE A 1395 -45.06 15.54 -8.56
CA ILE A 1395 -45.36 16.97 -8.59
C ILE A 1395 -46.84 17.18 -8.83
N ASP A 1396 -47.37 16.53 -9.87
CA ASP A 1396 -48.79 16.65 -10.20
C ASP A 1396 -49.66 16.09 -9.10
N THR A 1397 -49.27 14.95 -8.53
CA THR A 1397 -50.08 14.34 -7.47
C THR A 1397 -50.20 15.27 -6.28
N VAL A 1398 -49.08 15.86 -5.84
CA VAL A 1398 -49.13 16.76 -4.70
C VAL A 1398 -49.96 18.01 -5.02
N ALA A 1399 -49.74 18.61 -6.20
CA ALA A 1399 -50.48 19.81 -6.53
C ALA A 1399 -51.98 19.54 -6.59
N LEU A 1400 -52.36 18.37 -7.10
CA LEU A 1400 -53.78 18.03 -7.15
C LEU A 1400 -54.35 17.75 -5.77
N LYS A 1401 -53.56 17.10 -4.90
CA LYS A 1401 -54.02 16.81 -3.55
C LYS A 1401 -54.28 18.09 -2.76
N HIS A 1402 -53.38 19.06 -2.88
CA HIS A 1402 -53.56 20.29 -2.12
C HIS A 1402 -54.53 21.25 -2.80
N PHE A 1403 -54.46 21.36 -4.13
CA PHE A 1403 -55.39 22.20 -4.87
C PHE A 1403 -56.37 21.30 -5.62
N PRO A 1404 -57.63 21.22 -5.20
CA PRO A 1404 -58.56 20.28 -5.84
C PRO A 1404 -59.39 20.87 -6.97
N ASN A 1405 -59.33 22.18 -7.20
CA ASN A 1405 -60.16 22.83 -8.21
C ASN A 1405 -59.34 23.54 -9.27
N ILE A 1406 -58.01 23.42 -9.25
CA ILE A 1406 -57.18 24.09 -10.24
C ILE A 1406 -57.37 23.43 -11.59
N ASP A 1407 -57.08 24.17 -12.66
CA ASP A 1407 -57.11 23.62 -14.01
C ASP A 1407 -55.73 23.08 -14.33
N ARG A 1408 -55.64 21.76 -14.51
CA ARG A 1408 -54.34 21.12 -14.68
C ARG A 1408 -53.63 21.62 -15.93
N GLU A 1409 -54.35 21.73 -17.04
CA GLU A 1409 -53.69 22.01 -18.31
C GLU A 1409 -53.11 23.41 -18.38
N LYS A 1410 -53.59 24.34 -17.57
CA LYS A 1410 -53.04 25.69 -17.58
C LYS A 1410 -51.85 25.87 -16.65
N ALA A 1411 -51.56 24.87 -15.81
CA ALA A 1411 -50.47 24.98 -14.85
C ALA A 1411 -49.54 23.78 -14.92
N MET A 1412 -50.10 22.61 -15.28
CA MET A 1412 -49.36 21.36 -15.29
C MET A 1412 -49.08 20.85 -16.70
N SER A 1413 -49.05 21.74 -17.69
CA SER A 1413 -48.68 21.34 -19.04
C SER A 1413 -47.21 20.94 -19.08
N ARG A 1414 -46.92 19.88 -19.84
CA ARG A 1414 -45.65 19.18 -19.69
C ARG A 1414 -44.42 20.04 -19.95
N PRO A 1415 -44.31 20.79 -21.06
CA PRO A 1415 -43.03 21.51 -21.26
C PRO A 1415 -42.95 22.81 -20.47
N ILE A 1416 -42.78 22.66 -19.16
CA ILE A 1416 -42.69 23.82 -18.27
C ILE A 1416 -41.35 24.47 -18.49
N LEU A 1417 -41.36 25.66 -19.10
CA LEU A 1417 -40.15 26.42 -19.31
C LEU A 1417 -40.37 27.86 -18.88
N TYR A 1418 -39.31 28.49 -18.40
CA TYR A 1418 -39.37 29.86 -17.92
C TYR A 1418 -38.11 30.57 -18.38
N SER A 1419 -38.27 31.75 -18.98
CA SER A 1419 -37.11 32.46 -19.50
C SER A 1419 -37.40 33.95 -19.55
N ASN A 1420 -36.32 34.73 -19.56
CA ASN A 1420 -36.41 36.18 -19.62
C ASN A 1420 -35.61 36.75 -20.79
N TRP A 1421 -35.27 35.92 -21.77
CA TRP A 1421 -34.57 36.41 -22.94
C TRP A 1421 -35.49 37.20 -23.86
N LEU A 1422 -36.70 36.67 -24.09
CA LEU A 1422 -37.61 37.30 -25.04
C LEU A 1422 -38.14 38.63 -24.53
N SER A 1423 -38.35 38.75 -23.22
CA SER A 1423 -38.95 39.94 -22.64
C SER A 1423 -38.08 40.50 -21.52
N LYS A 1424 -38.65 41.40 -20.72
CA LYS A 1424 -37.94 41.99 -19.59
C LYS A 1424 -38.21 41.30 -18.27
N ASP A 1425 -39.04 40.27 -18.25
CA ASP A 1425 -39.41 39.60 -17.01
C ASP A 1425 -39.27 38.09 -17.15
N TYR A 1426 -39.21 37.41 -16.01
CA TYR A 1426 -38.98 35.96 -15.98
C TYR A 1426 -40.32 35.24 -16.18
N ILE A 1427 -40.85 35.37 -17.39
CA ILE A 1427 -42.16 34.83 -17.74
C ILE A 1427 -41.97 33.45 -18.35
N PRO A 1428 -43.02 32.63 -18.44
CA PRO A 1428 -42.92 31.40 -19.21
C PRO A 1428 -42.76 31.70 -20.70
N VAL A 1429 -42.20 30.74 -21.43
CA VAL A 1429 -42.04 30.84 -22.86
C VAL A 1429 -42.57 29.56 -23.50
N ASP A 1430 -42.44 29.48 -24.82
CA ASP A 1430 -42.84 28.32 -25.58
C ASP A 1430 -41.62 27.71 -26.26
N GLN A 1431 -41.69 26.39 -26.48
CA GLN A 1431 -40.53 25.69 -27.04
C GLN A 1431 -40.16 26.24 -28.41
N GLU A 1432 -41.15 26.54 -29.24
CA GLU A 1432 -40.86 26.96 -30.60
C GLU A 1432 -40.31 28.38 -30.65
N GLU A 1433 -40.89 29.29 -29.89
CA GLU A 1433 -40.38 30.66 -29.85
C GLU A 1433 -38.97 30.70 -29.28
N LEU A 1434 -38.74 29.95 -28.19
CA LEU A 1434 -37.41 29.87 -27.62
C LEU A 1434 -36.43 29.24 -28.61
N ARG A 1435 -36.88 28.23 -29.36
CA ARG A 1435 -36.01 27.60 -30.34
C ARG A 1435 -35.59 28.59 -31.40
N ASP A 1436 -36.53 29.41 -31.88
CA ASP A 1436 -36.17 30.41 -32.88
C ASP A 1436 -35.19 31.43 -32.30
N TYR A 1437 -35.43 31.88 -31.07
CA TYR A 1437 -34.50 32.84 -30.47
C TYR A 1437 -33.12 32.24 -30.30
N VAL A 1438 -33.05 30.99 -29.85
CA VAL A 1438 -31.77 30.32 -29.64
C VAL A 1438 -31.05 30.12 -30.96
N LYS A 1439 -31.81 29.81 -32.02
CA LYS A 1439 -31.20 29.67 -33.34
C LYS A 1439 -30.58 30.97 -33.80
N ALA A 1440 -31.30 32.08 -33.64
CA ALA A 1440 -30.75 33.36 -34.06
C ALA A 1440 -29.52 33.72 -33.23
N ARG A 1441 -29.58 33.47 -31.93
CA ARG A 1441 -28.44 33.78 -31.08
C ARG A 1441 -27.24 32.92 -31.43
N LEU A 1442 -27.47 31.64 -31.76
CA LEU A 1442 -26.37 30.78 -32.18
C LEU A 1442 -25.77 31.27 -33.50
N LYS A 1443 -26.62 31.74 -34.41
CA LYS A 1443 -26.11 32.29 -35.66
C LYS A 1443 -25.19 33.47 -35.39
N VAL A 1444 -25.58 34.35 -34.47
CA VAL A 1444 -24.68 35.46 -34.13
C VAL A 1444 -23.44 34.95 -33.41
N PHE A 1445 -23.61 33.91 -32.59
CA PHE A 1445 -22.52 33.38 -31.79
C PHE A 1445 -21.41 32.82 -32.68
N TYR A 1446 -21.78 32.12 -33.75
CA TYR A 1446 -20.79 31.54 -34.64
C TYR A 1446 -19.90 32.62 -35.23
N GLU A 1447 -20.50 33.67 -35.79
CA GLU A 1447 -19.72 34.77 -36.33
C GLU A 1447 -19.01 35.55 -35.24
N GLU A 1448 -19.44 35.41 -34.00
CA GLU A 1448 -18.81 36.16 -32.92
C GLU A 1448 -17.55 35.46 -32.41
N GLU A 1449 -17.68 34.24 -31.89
CA GLU A 1449 -16.54 33.63 -31.23
C GLU A 1449 -16.31 32.15 -31.45
N LEU A 1450 -17.25 31.38 -32.01
CA LEU A 1450 -17.03 29.94 -32.12
C LEU A 1450 -17.82 29.37 -33.28
N ASP A 1451 -17.13 29.05 -34.38
CA ASP A 1451 -17.78 28.54 -35.59
C ASP A 1451 -17.85 27.00 -35.54
N VAL A 1452 -18.64 26.51 -34.60
CA VAL A 1452 -18.93 25.08 -34.49
C VAL A 1452 -20.45 24.91 -34.51
N PRO A 1453 -21.04 24.43 -35.60
CA PRO A 1453 -22.50 24.32 -35.65
C PRO A 1453 -23.03 23.31 -34.65
N LEU A 1454 -24.24 23.57 -34.17
CA LEU A 1454 -24.92 22.70 -33.22
C LEU A 1454 -26.26 22.27 -33.79
N VAL A 1455 -26.86 21.27 -33.13
CA VAL A 1455 -28.23 20.85 -33.39
C VAL A 1455 -29.04 21.12 -32.14
N LEU A 1456 -30.20 21.75 -32.31
CA LEU A 1456 -31.05 22.11 -31.18
C LEU A 1456 -32.15 21.09 -31.05
N PHE A 1457 -32.32 20.58 -29.83
CA PHE A 1457 -33.41 19.69 -29.48
C PHE A 1457 -33.84 20.03 -28.07
N ASN A 1458 -34.85 19.32 -27.57
CA ASN A 1458 -35.50 19.73 -26.33
C ASN A 1458 -34.50 19.81 -25.19
N GLU A 1459 -33.61 18.83 -25.07
CA GLU A 1459 -32.70 18.78 -23.95
C GLU A 1459 -31.77 19.98 -23.96
N VAL A 1460 -31.33 20.41 -25.13
CA VAL A 1460 -30.42 21.56 -25.21
C VAL A 1460 -31.14 22.82 -24.72
N LEU A 1461 -32.42 22.95 -25.07
CA LEU A 1461 -33.20 24.09 -24.60
C LEU A 1461 -33.33 24.07 -23.08
N ASP A 1462 -33.68 22.92 -22.51
CA ASP A 1462 -33.79 22.83 -21.06
C ASP A 1462 -32.47 23.16 -20.39
N HIS A 1463 -31.37 22.63 -20.92
CA HIS A 1463 -30.08 22.82 -20.29
C HIS A 1463 -29.60 24.26 -20.38
N VAL A 1464 -29.81 24.91 -21.53
CA VAL A 1464 -29.39 26.30 -21.63
C VAL A 1464 -30.21 27.17 -20.68
N LEU A 1465 -31.50 26.83 -20.51
CA LEU A 1465 -32.29 27.57 -19.54
C LEU A 1465 -31.76 27.38 -18.12
N ARG A 1466 -31.44 26.15 -17.74
CA ARG A 1466 -30.93 25.89 -16.40
C ARG A 1466 -29.63 26.65 -16.16
N ILE A 1467 -28.72 26.60 -17.14
CA ILE A 1467 -27.42 27.24 -16.95
C ILE A 1467 -27.57 28.74 -16.85
N ASP A 1468 -28.47 29.33 -17.64
CA ASP A 1468 -28.68 30.76 -17.49
C ASP A 1468 -29.25 31.09 -16.12
N ARG A 1469 -30.19 30.28 -15.63
CA ARG A 1469 -30.75 30.51 -14.30
C ARG A 1469 -29.65 30.57 -13.26
N ILE A 1470 -28.73 29.61 -13.30
CA ILE A 1470 -27.65 29.61 -12.33
C ILE A 1470 -26.73 30.80 -12.55
N PHE A 1471 -26.49 31.17 -13.80
CA PHE A 1471 -25.59 32.28 -14.08
C PHE A 1471 -26.12 33.60 -13.57
N ARG A 1472 -27.43 33.73 -13.39
CA ARG A 1472 -27.97 35.02 -13.00
C ARG A 1472 -27.70 35.36 -11.54
N GLN A 1473 -27.57 34.35 -10.67
CA GLN A 1473 -27.30 34.61 -9.26
C GLN A 1473 -25.88 35.13 -9.05
N PRO A 1474 -25.63 35.85 -7.93
CA PRO A 1474 -24.30 36.43 -7.70
C PRO A 1474 -23.20 35.40 -7.53
N GLN A 1475 -23.37 34.50 -6.57
CA GLN A 1475 -22.43 33.41 -6.36
C GLN A 1475 -22.95 32.15 -7.05
N GLY A 1476 -22.98 32.21 -8.37
CA GLY A 1476 -23.52 31.12 -9.16
C GLY A 1476 -22.48 30.16 -9.65
N HIS A 1477 -22.34 29.02 -8.96
CA HIS A 1477 -21.38 27.99 -9.31
C HIS A 1477 -22.11 26.75 -9.77
N LEU A 1478 -21.62 26.14 -10.83
CA LEU A 1478 -22.32 25.08 -11.54
C LEU A 1478 -21.47 23.81 -11.55
N LEU A 1479 -22.14 22.66 -11.58
CA LEU A 1479 -21.46 21.36 -11.64
C LEU A 1479 -22.21 20.50 -12.64
N LEU A 1480 -21.70 20.43 -13.87
CA LEU A 1480 -22.36 19.73 -14.96
C LEU A 1480 -21.75 18.34 -15.08
N ILE A 1481 -22.48 17.33 -14.66
CA ILE A 1481 -21.99 15.96 -14.67
C ILE A 1481 -22.62 15.25 -15.86
N GLY A 1482 -21.80 14.89 -16.83
CA GLY A 1482 -22.32 14.25 -18.03
C GLY A 1482 -21.21 13.73 -18.90
N VAL A 1483 -21.60 12.84 -19.83
CA VAL A 1483 -20.63 12.20 -20.70
C VAL A 1483 -19.86 13.24 -21.50
N SER A 1484 -18.60 12.94 -21.78
CA SER A 1484 -17.77 13.84 -22.57
C SER A 1484 -18.29 13.93 -23.99
N GLY A 1485 -18.14 15.11 -24.58
CA GLY A 1485 -18.64 15.34 -25.92
C GLY A 1485 -20.12 15.59 -26.00
N ALA A 1486 -20.81 15.70 -24.87
CA ALA A 1486 -22.25 15.94 -24.87
C ALA A 1486 -22.61 17.40 -25.04
N GLY A 1487 -21.63 18.29 -25.13
CA GLY A 1487 -21.90 19.70 -25.33
C GLY A 1487 -21.91 20.55 -24.09
N LYS A 1488 -21.45 20.03 -22.95
CA LYS A 1488 -21.50 20.79 -21.70
C LYS A 1488 -20.67 22.07 -21.79
N THR A 1489 -19.41 21.94 -22.18
CA THR A 1489 -18.52 23.09 -22.22
C THR A 1489 -19.00 24.12 -23.23
N THR A 1490 -19.40 23.68 -24.42
CA THR A 1490 -19.79 24.64 -25.44
C THR A 1490 -21.13 25.30 -25.11
N LEU A 1491 -22.04 24.55 -24.50
CA LEU A 1491 -23.29 25.17 -24.05
C LEU A 1491 -23.03 26.22 -22.99
N SER A 1492 -22.15 25.92 -22.04
CA SER A 1492 -21.82 26.90 -21.02
C SER A 1492 -21.16 28.12 -21.64
N ARG A 1493 -20.26 27.93 -22.60
CA ARG A 1493 -19.64 29.06 -23.27
C ARG A 1493 -20.68 29.90 -24.00
N PHE A 1494 -21.64 29.23 -24.65
CA PHE A 1494 -22.68 29.93 -25.38
C PHE A 1494 -23.49 30.81 -24.45
N VAL A 1495 -24.01 30.23 -23.36
CA VAL A 1495 -24.87 30.99 -22.48
C VAL A 1495 -24.08 32.06 -21.72
N ALA A 1496 -22.81 31.78 -21.41
CA ALA A 1496 -21.96 32.81 -20.80
C ALA A 1496 -21.78 33.98 -21.73
N TRP A 1497 -21.59 33.72 -23.02
CA TRP A 1497 -21.52 34.81 -23.99
C TRP A 1497 -22.85 35.53 -24.08
N MET A 1498 -23.95 34.79 -24.01
CA MET A 1498 -25.27 35.42 -23.99
C MET A 1498 -25.38 36.44 -22.88
N ASN A 1499 -25.01 36.06 -21.67
CA ASN A 1499 -25.16 36.93 -20.52
C ASN A 1499 -23.99 37.88 -20.35
N GLY A 1500 -23.01 37.86 -21.25
CA GLY A 1500 -21.91 38.80 -21.20
C GLY A 1500 -20.78 38.41 -20.26
N LEU A 1501 -20.70 37.16 -19.85
CA LEU A 1501 -19.66 36.69 -18.94
C LEU A 1501 -18.43 36.31 -19.74
N SER A 1502 -17.32 37.02 -19.53
CA SER A 1502 -16.06 36.65 -20.15
C SER A 1502 -15.65 35.26 -19.67
N VAL A 1503 -15.25 34.41 -20.61
CA VAL A 1503 -14.97 33.02 -20.30
C VAL A 1503 -13.48 32.85 -20.02
N TYR A 1504 -13.14 32.16 -18.93
CA TYR A 1504 -11.76 31.85 -18.61
C TYR A 1504 -11.60 30.35 -18.42
N GLN A 1505 -10.63 29.76 -19.14
CA GLN A 1505 -10.36 28.31 -18.95
C GLN A 1505 -8.84 28.13 -18.84
N ILE A 1506 -8.36 27.51 -17.75
CA ILE A 1506 -6.89 27.34 -17.55
C ILE A 1506 -6.33 26.44 -18.65
N LYS A 1507 -5.13 26.74 -19.14
CA LYS A 1507 -4.52 25.95 -20.23
C LYS A 1507 -3.53 24.95 -19.64
N VAL A 1508 -3.98 23.71 -19.42
CA VAL A 1508 -3.11 22.65 -18.81
C VAL A 1508 -2.13 22.13 -19.87
N HIS A 1509 -0.88 21.88 -19.48
CA HIS A 1509 0.13 21.31 -20.41
C HIS A 1509 0.99 20.28 -19.67
N ARG A 1510 2.07 19.81 -20.29
CA ARG A 1510 2.92 18.76 -19.67
C ARG A 1510 3.55 19.28 -18.38
N LYS A 1511 4.03 20.53 -18.38
CA LYS A 1511 4.74 21.07 -17.18
C LYS A 1511 3.83 22.03 -16.40
N TYR A 1512 2.51 21.85 -16.50
CA TYR A 1512 1.57 22.69 -15.71
C TYR A 1512 1.70 22.30 -14.23
N THR A 1513 1.96 23.28 -13.36
CA THR A 1513 2.18 22.97 -11.91
C THR A 1513 1.15 23.69 -11.04
N GLY A 1514 1.21 23.47 -9.72
CA GLY A 1514 0.31 24.17 -8.79
C GLY A 1514 0.55 25.67 -8.81
N GLU A 1515 1.81 26.10 -8.95
CA GLU A 1515 2.13 27.55 -9.03
C GLU A 1515 1.48 28.15 -10.28
N ASP A 1516 1.53 27.44 -11.41
CA ASP A 1516 0.87 27.93 -12.65
C ASP A 1516 -0.63 28.09 -12.38
N PHE A 1517 -1.23 27.13 -11.67
CA PHE A 1517 -2.68 27.21 -11.33
C PHE A 1517 -2.92 28.43 -10.44
N ASP A 1518 -2.05 28.66 -9.45
CA ASP A 1518 -2.20 29.82 -8.52
C ASP A 1518 -2.08 31.12 -9.31
N GLU A 1519 -1.17 31.18 -10.29
CA GLU A 1519 -1.02 32.39 -11.14
C GLU A 1519 -2.33 32.66 -11.88
N ASP A 1520 -2.96 31.61 -12.43
CA ASP A 1520 -4.25 31.77 -13.14
C ASP A 1520 -5.33 32.19 -12.15
N LEU A 1521 -5.34 31.61 -10.95
CA LEU A 1521 -6.33 31.99 -9.91
C LEU A 1521 -6.15 33.47 -9.55
N ARG A 1522 -4.91 33.90 -9.37
CA ARG A 1522 -4.64 35.31 -9.08
C ARG A 1522 -5.18 36.21 -10.17
N THR A 1523 -4.93 35.84 -11.43
CA THR A 1523 -5.40 36.68 -12.53
C THR A 1523 -6.93 36.72 -12.58
N VAL A 1524 -7.57 35.56 -12.43
CA VAL A 1524 -9.03 35.55 -12.52
C VAL A 1524 -9.66 36.28 -11.34
N LEU A 1525 -9.09 36.15 -10.14
CA LEU A 1525 -9.61 36.88 -8.99
C LEU A 1525 -9.38 38.38 -9.14
N ARG A 1526 -8.22 38.77 -9.67
CA ARG A 1526 -7.96 40.19 -9.88
C ARG A 1526 -8.96 40.78 -10.87
N ARG A 1527 -9.28 40.03 -11.92
CA ARG A 1527 -10.24 40.54 -12.89
C ARG A 1527 -11.66 40.53 -12.34
N SER A 1528 -11.99 39.56 -11.48
CA SER A 1528 -13.33 39.51 -10.89
C SER A 1528 -13.53 40.64 -9.89
N GLY A 1529 -12.72 40.64 -8.83
CA GLY A 1529 -12.82 41.65 -7.80
C GLY A 1529 -12.51 43.03 -8.30
N CYS A 1530 -11.25 43.27 -8.63
CA CYS A 1530 -10.87 44.54 -9.24
C CYS A 1530 -11.37 44.59 -10.68
N LYS A 1531 -11.61 45.81 -11.16
CA LYS A 1531 -12.01 46.07 -12.54
C LYS A 1531 -13.40 45.54 -12.87
N ASN A 1532 -14.01 44.80 -11.95
CA ASN A 1532 -15.44 44.50 -11.95
C ASN A 1532 -15.94 44.03 -13.32
N GLU A 1533 -15.47 42.86 -13.72
CA GLU A 1533 -15.95 42.24 -14.94
C GLU A 1533 -16.41 40.81 -14.64
N LYS A 1534 -17.61 40.47 -15.10
CA LYS A 1534 -18.15 39.15 -14.87
C LYS A 1534 -17.33 38.10 -15.59
N ILE A 1535 -17.10 36.98 -14.92
CA ILE A 1535 -16.26 35.90 -15.46
C ILE A 1535 -16.95 34.57 -15.23
N ALA A 1536 -16.97 33.75 -16.25
CA ALA A 1536 -17.35 32.35 -16.15
C ALA A 1536 -16.07 31.52 -16.21
N PHE A 1537 -15.74 30.87 -15.09
CA PHE A 1537 -14.50 30.13 -14.95
C PHE A 1537 -14.80 28.66 -15.19
N ILE A 1538 -14.43 28.17 -16.36
CA ILE A 1538 -14.77 26.80 -16.75
C ILE A 1538 -13.62 25.88 -16.38
N MET A 1539 -13.92 24.81 -15.67
CA MET A 1539 -12.93 23.83 -15.28
C MET A 1539 -13.45 22.44 -15.61
N ASP A 1540 -12.52 21.50 -15.73
CA ASP A 1540 -12.86 20.13 -16.04
C ASP A 1540 -12.22 19.20 -15.01
N GLU A 1541 -12.65 17.94 -15.04
CA GLU A 1541 -12.04 16.94 -14.19
C GLU A 1541 -10.58 16.72 -14.55
N SER A 1542 -10.22 17.00 -15.81
CA SER A 1542 -8.85 16.83 -16.25
C SER A 1542 -7.95 17.99 -15.82
N ASN A 1543 -8.54 19.16 -15.61
CA ASN A 1543 -7.73 20.33 -15.27
C ASN A 1543 -7.16 20.25 -13.86
N VAL A 1544 -7.85 19.52 -12.97
CA VAL A 1544 -7.38 19.42 -11.56
C VAL A 1544 -6.31 18.34 -11.47
N LEU A 1545 -5.08 18.67 -11.88
CA LEU A 1545 -3.98 17.66 -11.89
C LEU A 1545 -3.68 17.19 -10.46
N ASP A 1546 -3.56 18.11 -9.51
CA ASP A 1546 -3.16 17.72 -8.13
C ASP A 1546 -4.28 18.00 -7.13
N SER A 1547 -4.06 17.67 -5.86
CA SER A 1547 -5.04 17.94 -4.81
C SER A 1547 -5.01 19.38 -4.35
N GLY A 1548 -3.86 20.03 -4.47
CA GLY A 1548 -3.77 21.46 -4.14
C GLY A 1548 -4.72 22.25 -5.02
N PHE A 1549 -4.92 21.78 -6.25
CA PHE A 1549 -5.89 22.42 -7.18
C PHE A 1549 -7.28 22.36 -6.56
N LEU A 1550 -7.65 21.19 -6.01
CA LEU A 1550 -9.00 20.99 -5.43
C LEU A 1550 -9.15 21.75 -4.12
N GLU A 1551 -8.08 21.90 -3.33
CA GLU A 1551 -8.17 22.68 -2.10
C GLU A 1551 -8.44 24.14 -2.38
N ARG A 1552 -7.73 24.71 -3.37
CA ARG A 1552 -7.98 26.10 -3.73
C ARG A 1552 -9.39 26.29 -4.27
N MET A 1553 -9.87 25.34 -5.07
CA MET A 1553 -11.26 25.40 -5.52
C MET A 1553 -12.23 25.33 -4.36
N ASN A 1554 -11.97 24.46 -3.39
CA ASN A 1554 -12.87 24.34 -2.25
C ASN A 1554 -13.01 25.67 -1.52
N THR A 1555 -11.88 26.29 -1.19
CA THR A 1555 -11.98 27.57 -0.50
C THR A 1555 -12.58 28.67 -1.37
N LEU A 1556 -12.26 28.69 -2.66
CA LEU A 1556 -12.80 29.73 -3.53
C LEU A 1556 -14.31 29.60 -3.67
N LEU A 1557 -14.81 28.37 -3.79
CA LEU A 1557 -16.24 28.15 -3.93
C LEU A 1557 -17.00 28.36 -2.63
N ALA A 1558 -16.38 28.08 -1.49
CA ALA A 1558 -17.11 28.21 -0.24
C ALA A 1558 -17.07 29.62 0.33
N ASN A 1559 -15.97 30.35 0.20
CA ASN A 1559 -15.86 31.64 0.86
C ASN A 1559 -15.72 32.82 -0.09
N GLY A 1560 -15.57 32.59 -1.38
CA GLY A 1560 -15.37 33.68 -2.31
C GLY A 1560 -13.98 34.27 -2.29
N GLU A 1561 -13.05 33.68 -1.55
CA GLU A 1561 -11.70 34.19 -1.48
C GLU A 1561 -10.76 33.12 -0.98
N VAL A 1562 -9.51 33.21 -1.41
CA VAL A 1562 -8.45 32.28 -1.02
C VAL A 1562 -7.50 33.03 -0.08
N PRO A 1563 -7.53 32.77 1.21
CA PRO A 1563 -6.55 33.40 2.10
C PRO A 1563 -5.16 32.84 1.85
N GLY A 1564 -4.18 33.74 1.87
CA GLY A 1564 -2.81 33.36 1.62
C GLY A 1564 -2.44 33.19 0.16
N LEU A 1565 -3.39 33.38 -0.75
CA LEU A 1565 -3.05 33.35 -2.17
C LEU A 1565 -2.14 34.50 -2.53
N PHE A 1566 -2.48 35.71 -2.09
CA PHE A 1566 -1.67 36.89 -2.33
C PHE A 1566 -0.76 37.10 -1.13
N GLU A 1567 0.55 37.04 -1.37
CA GLU A 1567 1.53 37.19 -0.30
C GLU A 1567 2.61 38.17 -0.77
N GLY A 1568 3.15 38.91 0.19
CA GLY A 1568 4.22 39.83 -0.14
C GLY A 1568 3.75 40.95 -1.05
N ASP A 1569 4.65 41.39 -1.94
CA ASP A 1569 4.37 42.53 -2.80
C ASP A 1569 3.07 42.36 -3.56
N GLU A 1570 2.76 41.15 -4.02
CA GLU A 1570 1.51 40.91 -4.73
C GLU A 1570 0.34 41.45 -3.93
N TYR A 1571 0.25 41.07 -2.66
CA TYR A 1571 -0.83 41.57 -1.82
C TYR A 1571 -0.90 43.08 -1.86
N ALA A 1572 0.24 43.75 -1.66
CA ALA A 1572 0.25 45.21 -1.71
C ALA A 1572 -0.33 45.70 -3.02
N THR A 1573 0.16 45.17 -4.15
CA THR A 1573 -0.38 45.59 -5.43
C THR A 1573 -1.87 45.31 -5.49
N LEU A 1574 -2.28 44.12 -5.05
CA LEU A 1574 -3.71 43.81 -4.98
C LEU A 1574 -4.45 44.91 -4.23
N MET A 1575 -3.94 45.27 -3.06
CA MET A 1575 -4.57 46.34 -2.29
C MET A 1575 -4.64 47.61 -3.12
N THR A 1576 -3.53 48.00 -3.75
CA THR A 1576 -3.56 49.14 -4.64
C THR A 1576 -4.68 49.00 -5.65
N GLN A 1577 -4.73 47.86 -6.34
CA GLN A 1577 -5.79 47.64 -7.32
C GLN A 1577 -7.16 47.76 -6.67
N CYS A 1578 -7.33 47.14 -5.51
CA CYS A 1578 -8.62 47.22 -4.83
C CYS A 1578 -8.98 48.67 -4.57
N LYS A 1579 -8.02 49.47 -4.11
CA LYS A 1579 -8.30 50.88 -3.87
C LYS A 1579 -8.82 51.54 -5.14
N GLU A 1580 -8.13 51.30 -6.26
CA GLU A 1580 -8.58 51.88 -7.53
C GLU A 1580 -10.02 51.50 -7.81
N GLY A 1581 -10.36 50.22 -7.61
CA GLY A 1581 -11.72 49.77 -7.87
C GLY A 1581 -12.75 50.55 -7.05
N ALA A 1582 -12.45 50.78 -5.78
CA ALA A 1582 -13.39 51.54 -4.96
C ALA A 1582 -13.53 52.96 -5.51
N GLN A 1583 -12.42 53.55 -5.97
CA GLN A 1583 -12.50 54.88 -6.56
C GLN A 1583 -13.38 54.87 -7.80
N LYS A 1584 -13.46 53.72 -8.47
CA LYS A 1584 -14.36 53.62 -9.62
C LYS A 1584 -15.81 53.58 -9.17
N GLU A 1585 -16.09 52.94 -8.02
CA GLU A 1585 -17.43 52.86 -7.50
C GLU A 1585 -17.76 53.99 -6.53
N GLY A 1586 -16.81 54.86 -6.24
CA GLY A 1586 -17.03 55.98 -5.35
C GLY A 1586 -16.91 55.67 -3.88
N LEU A 1587 -16.70 54.41 -3.52
CA LEU A 1587 -16.58 54.05 -2.11
C LEU A 1587 -15.29 54.60 -1.51
N MET A 1588 -15.37 55.06 -0.27
CA MET A 1588 -14.21 55.57 0.46
C MET A 1588 -13.74 54.48 1.40
N LEU A 1589 -12.75 53.70 0.95
CA LEU A 1589 -12.16 52.63 1.74
C LEU A 1589 -10.65 52.87 1.80
N ASP A 1590 -10.09 52.79 2.98
CA ASP A 1590 -8.66 53.00 3.10
C ASP A 1590 -7.95 51.90 3.87
N SER A 1591 -8.60 51.30 4.87
CA SER A 1591 -7.97 50.24 5.63
C SER A 1591 -7.78 49.00 4.77
N HIS A 1592 -6.68 48.30 5.00
CA HIS A 1592 -6.38 47.08 4.25
C HIS A 1592 -7.30 45.92 4.60
N GLU A 1593 -8.11 46.05 5.65
CA GLU A 1593 -9.08 45.01 5.97
C GLU A 1593 -10.41 45.24 5.24
N GLU A 1594 -10.89 46.48 5.26
CA GLU A 1594 -12.14 46.76 4.56
C GLU A 1594 -11.96 46.65 3.05
N LEU A 1595 -10.78 47.00 2.54
CA LEU A 1595 -10.51 46.80 1.12
C LEU A 1595 -10.56 45.33 0.75
N TYR A 1596 -9.99 44.46 1.58
CA TYR A 1596 -10.06 43.04 1.32
C TYR A 1596 -11.49 42.54 1.40
N LYS A 1597 -12.27 43.05 2.35
CA LYS A 1597 -13.67 42.64 2.44
C LYS A 1597 -14.45 43.06 1.20
N TRP A 1598 -14.20 44.27 0.70
CA TRP A 1598 -14.85 44.72 -0.51
C TRP A 1598 -14.44 43.89 -1.72
N PHE A 1599 -13.16 43.55 -1.80
CA PHE A 1599 -12.68 42.67 -2.86
C PHE A 1599 -13.37 41.31 -2.80
N THR A 1600 -13.54 40.77 -1.60
CA THR A 1600 -14.23 39.50 -1.45
C THR A 1600 -15.68 39.61 -1.90
N SER A 1601 -16.35 40.71 -1.56
CA SER A 1601 -17.72 40.90 -2.02
C SER A 1601 -17.78 40.97 -3.53
N GLN A 1602 -16.84 41.68 -4.15
CA GLN A 1602 -16.82 41.79 -5.61
C GLN A 1602 -16.61 40.43 -6.25
N VAL A 1603 -15.72 39.62 -5.70
CA VAL A 1603 -15.47 38.29 -6.24
C VAL A 1603 -16.71 37.42 -6.09
N ILE A 1604 -17.40 37.52 -4.95
CA ILE A 1604 -18.67 36.82 -4.80
C ILE A 1604 -19.66 37.27 -5.85
N ARG A 1605 -19.58 38.53 -6.25
CA ARG A 1605 -20.51 39.04 -7.25
C ARG A 1605 -20.11 38.63 -8.65
N ASN A 1606 -18.92 39.03 -9.11
CA ASN A 1606 -18.53 38.89 -10.51
C ASN A 1606 -17.59 37.71 -10.73
N LEU A 1607 -18.05 36.49 -10.41
CA LEU A 1607 -17.26 35.32 -10.75
C LEU A 1607 -18.12 34.08 -10.62
N HIS A 1608 -18.28 33.34 -11.70
CA HIS A 1608 -19.03 32.09 -11.73
C HIS A 1608 -18.11 30.97 -12.16
N VAL A 1609 -18.14 29.87 -11.44
CA VAL A 1609 -17.25 28.74 -11.68
C VAL A 1609 -18.08 27.57 -12.17
N VAL A 1610 -17.68 26.98 -13.29
CA VAL A 1610 -18.41 25.89 -13.92
C VAL A 1610 -17.51 24.66 -13.93
N PHE A 1611 -18.05 23.53 -13.51
CA PHE A 1611 -17.29 22.29 -13.45
C PHE A 1611 -17.97 21.20 -14.27
N THR A 1612 -17.17 20.45 -15.00
CA THR A 1612 -17.62 19.35 -15.84
C THR A 1612 -16.94 18.07 -15.37
N MET A 1613 -17.70 16.98 -15.31
CA MET A 1613 -17.17 15.73 -14.80
C MET A 1613 -17.78 14.58 -15.59
N ASN A 1614 -17.13 13.43 -15.51
CA ASN A 1614 -17.83 12.34 -16.17
C ASN A 1614 -18.68 11.58 -15.15
N PRO A 1615 -19.84 11.10 -15.55
CA PRO A 1615 -20.74 10.46 -14.59
C PRO A 1615 -20.24 9.08 -14.19
N SER A 1616 -19.15 9.05 -13.43
CA SER A 1616 -18.51 7.80 -13.02
C SER A 1616 -18.75 7.58 -11.54
N SER A 1617 -19.21 6.39 -11.18
CA SER A 1617 -19.30 6.05 -9.77
C SER A 1617 -17.92 5.98 -9.16
N GLU A 1618 -17.86 6.07 -7.83
CA GLU A 1618 -16.63 6.12 -7.06
C GLU A 1618 -15.76 7.31 -7.41
N GLY A 1619 -16.28 8.25 -8.20
CA GLY A 1619 -15.59 9.49 -8.47
C GLY A 1619 -16.38 10.65 -7.90
N LEU A 1620 -17.70 10.46 -7.81
CA LEU A 1620 -18.54 11.44 -7.14
C LEU A 1620 -18.39 11.34 -5.63
N LYS A 1621 -18.38 10.14 -5.08
CA LYS A 1621 -18.17 10.00 -3.64
C LYS A 1621 -16.75 10.38 -3.24
N ASP A 1622 -15.79 10.19 -4.14
CA ASP A 1622 -14.44 10.68 -3.86
C ASP A 1622 -14.40 12.20 -3.79
N ARG A 1623 -15.09 12.87 -4.70
CA ARG A 1623 -15.12 14.33 -4.70
C ARG A 1623 -16.01 14.88 -3.59
N ALA A 1624 -16.96 14.09 -3.08
CA ALA A 1624 -17.77 14.52 -1.96
C ALA A 1624 -16.96 14.65 -0.68
N ALA A 1625 -15.80 14.01 -0.62
CA ALA A 1625 -14.88 14.16 0.50
C ALA A 1625 -13.64 14.97 0.17
N THR A 1626 -13.20 14.97 -1.09
CA THR A 1626 -12.00 15.71 -1.44
C THR A 1626 -12.26 17.20 -1.51
N SER A 1627 -13.44 17.59 -1.99
CA SER A 1627 -13.83 19.00 -2.05
C SER A 1627 -15.33 19.08 -1.88
N PRO A 1628 -15.82 19.10 -0.63
CA PRO A 1628 -17.27 19.09 -0.41
C PRO A 1628 -17.96 20.37 -0.84
N ALA A 1629 -17.22 21.46 -1.10
CA ALA A 1629 -17.86 22.68 -1.59
C ALA A 1629 -18.51 22.46 -2.95
N LEU A 1630 -18.14 21.39 -3.66
CA LEU A 1630 -18.80 21.05 -4.91
C LEU A 1630 -20.19 20.47 -4.70
N PHE A 1631 -20.57 20.17 -3.46
CA PHE A 1631 -21.87 19.60 -3.17
C PHE A 1631 -22.75 20.52 -2.33
N ASN A 1632 -22.27 21.70 -1.98
CA ASN A 1632 -23.04 22.59 -1.12
C ASN A 1632 -23.12 24.00 -1.72
N ARG A 1633 -22.12 24.38 -2.50
CA ARG A 1633 -22.09 25.69 -3.13
C ARG A 1633 -22.28 25.64 -4.63
N CYS A 1634 -22.38 24.45 -5.21
CA CYS A 1634 -22.48 24.28 -6.65
C CYS A 1634 -23.78 23.58 -6.99
N VAL A 1635 -24.49 24.11 -7.99
CA VAL A 1635 -25.74 23.54 -8.45
C VAL A 1635 -25.42 22.34 -9.34
N LEU A 1636 -25.93 21.17 -8.96
CA LEU A 1636 -25.62 19.93 -9.66
C LEU A 1636 -26.60 19.74 -10.80
N ASN A 1637 -26.09 19.69 -12.03
CA ASN A 1637 -26.90 19.43 -13.22
C ASN A 1637 -26.42 18.13 -13.83
N TRP A 1638 -27.27 17.10 -13.79
CA TRP A 1638 -26.90 15.79 -14.32
C TRP A 1638 -27.34 15.71 -15.78
N PHE A 1639 -26.41 16.02 -16.68
CA PHE A 1639 -26.70 15.90 -18.10
C PHE A 1639 -26.77 14.44 -18.52
N GLY A 1640 -25.81 13.62 -18.07
CA GLY A 1640 -25.75 12.25 -18.53
C GLY A 1640 -25.38 12.17 -20.00
N ASP A 1641 -25.81 11.09 -20.63
CA ASP A 1641 -25.66 10.90 -22.06
C ASP A 1641 -26.94 11.32 -22.77
N TRP A 1642 -26.83 11.54 -24.09
CA TRP A 1642 -28.00 11.87 -24.88
C TRP A 1642 -29.00 10.74 -24.79
N SER A 1643 -30.25 11.08 -24.49
CA SER A 1643 -31.27 10.06 -24.35
C SER A 1643 -31.74 9.59 -25.72
N THR A 1644 -32.48 8.48 -25.73
CA THR A 1644 -33.04 7.96 -26.97
C THR A 1644 -33.80 9.04 -27.71
N GLU A 1645 -34.55 9.86 -26.96
CA GLU A 1645 -35.14 11.06 -27.53
C GLU A 1645 -34.10 11.86 -28.28
N ALA A 1646 -33.08 12.33 -27.55
CA ALA A 1646 -32.11 13.26 -28.11
C ALA A 1646 -31.45 12.68 -29.35
N LEU A 1647 -31.12 11.39 -29.31
CA LEU A 1647 -30.56 10.74 -30.50
C LEU A 1647 -31.56 10.77 -31.65
N TYR A 1648 -32.83 10.51 -31.36
CA TYR A 1648 -33.84 10.53 -32.42
C TYR A 1648 -33.94 11.92 -33.06
N GLN A 1649 -34.04 12.97 -32.23
CA GLN A 1649 -34.19 14.30 -32.82
C GLN A 1649 -32.94 14.73 -33.58
N VAL A 1650 -31.75 14.43 -33.07
CA VAL A 1650 -30.56 14.85 -33.81
C VAL A 1650 -30.46 14.07 -35.12
N GLY A 1651 -30.79 12.78 -35.07
CA GLY A 1651 -30.77 11.95 -36.30
C GLY A 1651 -31.67 12.54 -37.35
N LYS A 1652 -32.96 12.73 -37.04
CA LYS A 1652 -33.94 13.24 -38.05
C LYS A 1652 -33.53 14.63 -38.55
N GLU A 1653 -33.12 15.53 -37.65
CA GLU A 1653 -32.80 16.92 -38.05
C GLU A 1653 -31.60 16.93 -39.01
N PHE A 1654 -30.55 16.16 -38.72
CA PHE A 1654 -29.33 16.18 -39.57
C PHE A 1654 -29.61 15.46 -40.89
N THR A 1655 -30.38 14.36 -40.85
CA THR A 1655 -30.64 13.58 -42.09
C THR A 1655 -31.76 14.21 -42.92
N SER A 1656 -32.32 15.34 -42.48
CA SER A 1656 -33.44 16.00 -43.21
C SER A 1656 -33.00 16.34 -44.64
N LYS A 1657 -31.75 16.82 -44.81
CA LYS A 1657 -31.23 17.18 -46.14
C LYS A 1657 -31.17 15.94 -47.04
N MET A 1658 -30.82 14.78 -46.48
CA MET A 1658 -30.69 13.53 -47.28
C MET A 1658 -32.05 13.13 -47.86
N ASP A 1659 -32.06 12.56 -49.06
CA ASP A 1659 -33.32 12.11 -49.70
C ASP A 1659 -33.68 10.72 -49.15
N LEU A 1660 -34.40 10.68 -48.02
CA LEU A 1660 -34.82 9.38 -47.42
C LEU A 1660 -36.32 9.20 -47.68
N GLU A 1661 -36.76 9.41 -48.92
CA GLU A 1661 -38.20 9.30 -49.26
C GLU A 1661 -38.46 8.03 -50.07
N LYS A 1662 -39.20 7.08 -49.49
CA LYS A 1662 -39.53 5.83 -50.18
C LYS A 1662 -41.03 5.69 -50.24
N PRO A 1663 -41.67 6.12 -51.32
CA PRO A 1663 -43.14 6.06 -51.38
C PRO A 1663 -43.69 4.65 -51.28
N ASN A 1664 -42.98 3.66 -51.82
CA ASN A 1664 -43.43 2.29 -51.80
C ASN A 1664 -42.93 1.50 -50.61
N TYR A 1665 -42.65 2.18 -49.50
CA TYR A 1665 -42.16 1.49 -48.31
C TYR A 1665 -43.27 0.62 -47.72
N ILE A 1666 -42.90 -0.57 -47.27
CA ILE A 1666 -43.81 -1.47 -46.59
C ILE A 1666 -43.38 -1.55 -45.12
N VAL A 1667 -44.32 -1.28 -44.22
CA VAL A 1667 -44.05 -1.39 -42.79
C VAL A 1667 -44.21 -2.84 -42.38
N PRO A 1668 -43.24 -3.44 -41.69
CA PRO A 1668 -43.41 -4.81 -41.21
C PRO A 1668 -44.44 -4.88 -40.10
N ASP A 1669 -44.86 -6.10 -39.79
CA ASP A 1669 -45.84 -6.30 -38.74
C ASP A 1669 -45.22 -6.07 -37.37
N TYR A 1670 -44.22 -6.88 -37.02
CA TYR A 1670 -43.57 -6.78 -35.71
C TYR A 1670 -42.27 -5.97 -35.85
N MET A 1671 -42.45 -4.67 -36.02
CA MET A 1671 -41.32 -3.78 -36.06
C MET A 1671 -40.70 -3.67 -34.66
N PRO A 1672 -39.39 -3.49 -34.56
CA PRO A 1672 -38.76 -3.31 -33.26
C PRO A 1672 -38.92 -1.89 -32.77
N VAL A 1673 -38.94 -1.74 -31.45
CA VAL A 1673 -39.17 -0.46 -30.79
C VAL A 1673 -37.87 -0.01 -30.14
N VAL A 1674 -37.44 1.20 -30.49
CA VAL A 1674 -36.28 1.82 -29.87
C VAL A 1674 -36.71 3.20 -29.36
N TYR A 1675 -37.27 4.01 -30.24
CA TYR A 1675 -37.84 5.28 -29.83
C TYR A 1675 -39.31 5.08 -29.51
N ASP A 1676 -39.68 5.37 -28.26
CA ASP A 1676 -41.05 5.09 -27.82
C ASP A 1676 -42.07 5.90 -28.58
N LYS A 1677 -41.79 7.19 -28.81
CA LYS A 1677 -42.71 8.04 -29.55
C LYS A 1677 -42.42 8.00 -31.04
N LEU A 1678 -42.35 6.80 -31.60
CA LEU A 1678 -42.27 6.62 -33.03
C LEU A 1678 -43.67 6.69 -33.62
N PRO A 1679 -43.90 7.50 -34.65
CA PRO A 1679 -45.24 7.58 -35.25
C PRO A 1679 -45.75 6.21 -35.65
N GLN A 1680 -47.03 5.95 -35.39
CA GLN A 1680 -47.60 4.63 -35.72
C GLN A 1680 -47.57 4.30 -37.21
N PRO A 1681 -47.66 5.26 -38.15
CA PRO A 1681 -47.16 5.00 -39.49
C PRO A 1681 -45.69 5.38 -39.56
N PRO A 1682 -44.78 4.41 -39.59
CA PRO A 1682 -43.37 4.76 -39.74
C PRO A 1682 -43.02 4.97 -41.20
N SER A 1683 -42.67 6.21 -41.54
CA SER A 1683 -42.23 6.48 -42.89
C SER A 1683 -40.83 5.94 -43.10
N HIS A 1684 -40.31 6.10 -44.31
CA HIS A 1684 -38.95 5.67 -44.59
C HIS A 1684 -37.95 6.46 -43.74
N ARG A 1685 -38.12 7.78 -43.69
CA ARG A 1685 -37.18 8.61 -42.94
C ARG A 1685 -37.19 8.24 -41.46
N GLU A 1686 -38.38 8.04 -40.90
CA GLU A 1686 -38.47 7.64 -39.50
C GLU A 1686 -37.84 6.28 -39.25
N ALA A 1687 -38.05 5.33 -40.17
CA ALA A 1687 -37.42 4.02 -40.01
C ALA A 1687 -35.91 4.13 -40.06
N ILE A 1688 -35.38 4.95 -40.97
CA ILE A 1688 -33.94 5.13 -41.08
C ILE A 1688 -33.38 5.72 -39.79
N VAL A 1689 -34.03 6.76 -39.27
CA VAL A 1689 -33.51 7.41 -38.06
C VAL A 1689 -33.63 6.48 -36.87
N ASN A 1690 -34.71 5.69 -36.82
CA ASN A 1690 -34.83 4.68 -35.76
C ASN A 1690 -33.69 3.69 -35.82
N SER A 1691 -33.34 3.24 -37.02
CA SER A 1691 -32.20 2.34 -37.15
C SER A 1691 -30.90 3.02 -36.75
N CYS A 1692 -30.78 4.32 -37.05
CA CYS A 1692 -29.58 5.05 -36.63
C CYS A 1692 -29.42 5.06 -35.12
N VAL A 1693 -30.51 5.33 -34.40
CA VAL A 1693 -30.39 5.33 -32.94
C VAL A 1693 -30.17 3.92 -32.43
N PHE A 1694 -30.72 2.91 -33.10
CA PHE A 1694 -30.41 1.53 -32.73
C PHE A 1694 -28.93 1.22 -32.90
N VAL A 1695 -28.33 1.68 -33.99
CA VAL A 1695 -26.91 1.45 -34.22
C VAL A 1695 -26.10 2.09 -33.11
N HIS A 1696 -26.44 3.32 -32.73
CA HIS A 1696 -25.70 3.94 -31.65
C HIS A 1696 -25.87 3.16 -30.35
N GLN A 1697 -27.09 2.68 -30.08
CA GLN A 1697 -27.35 2.01 -28.82
C GLN A 1697 -26.63 0.67 -28.72
N THR A 1698 -26.48 -0.05 -29.83
CA THR A 1698 -25.89 -1.38 -29.75
C THR A 1698 -24.44 -1.35 -29.29
N LEU A 1699 -23.74 -0.23 -29.49
CA LEU A 1699 -22.35 -0.16 -29.02
C LEU A 1699 -22.27 -0.29 -27.51
N HIS A 1700 -23.27 0.23 -26.79
CA HIS A 1700 -23.25 0.11 -25.33
C HIS A 1700 -23.41 -1.34 -24.89
N GLN A 1701 -24.32 -2.07 -25.51
CA GLN A 1701 -24.44 -3.49 -25.19
C GLN A 1701 -23.17 -4.23 -25.56
N ALA A 1702 -22.55 -3.86 -26.68
CA ALA A 1702 -21.30 -4.49 -27.07
C ALA A 1702 -20.21 -4.25 -26.04
N ASN A 1703 -20.09 -3.01 -25.56
CA ASN A 1703 -19.09 -2.70 -24.55
C ASN A 1703 -19.37 -3.43 -23.24
N ALA A 1704 -20.65 -3.53 -22.86
CA ALA A 1704 -21.00 -4.25 -21.64
C ALA A 1704 -20.64 -5.73 -21.75
N ARG A 1705 -20.97 -6.35 -22.88
CA ARG A 1705 -20.62 -7.75 -23.08
C ARG A 1705 -19.10 -7.94 -23.09
N LEU A 1706 -18.38 -7.01 -23.72
CA LEU A 1706 -16.92 -7.11 -23.75
C LEU A 1706 -16.32 -7.00 -22.37
N ALA A 1707 -16.82 -6.05 -21.56
CA ALA A 1707 -16.27 -5.87 -20.22
C ALA A 1707 -16.60 -7.05 -19.32
N LYS A 1708 -17.78 -7.64 -19.49
CA LYS A 1708 -18.14 -8.80 -18.67
C LYS A 1708 -17.20 -9.97 -18.94
N ARG A 1709 -16.84 -10.19 -20.19
CA ARG A 1709 -15.93 -11.27 -20.59
C ARG A 1709 -14.63 -10.64 -21.09
N GLY A 1710 -13.72 -10.38 -20.16
CA GLY A 1710 -12.45 -9.77 -20.52
C GLY A 1710 -12.37 -8.32 -20.12
N GLY A 1711 -12.44 -7.42 -21.11
CA GLY A 1711 -12.43 -6.01 -20.81
C GLY A 1711 -11.97 -5.20 -22.01
N ARG A 1712 -11.34 -4.07 -21.72
CA ARG A 1712 -10.83 -3.15 -22.72
C ARG A 1712 -11.94 -2.61 -23.61
N THR A 1713 -12.85 -1.86 -22.99
CA THR A 1713 -13.95 -1.22 -23.68
C THR A 1713 -13.78 0.29 -23.61
N MET A 1714 -14.11 0.97 -24.70
CA MET A 1714 -14.00 2.42 -24.74
C MET A 1714 -15.37 3.06 -24.59
N ALA A 1715 -15.39 4.38 -24.53
CA ALA A 1715 -16.59 5.14 -24.24
C ALA A 1715 -17.25 5.59 -25.53
N ILE A 1716 -18.57 5.47 -25.60
CA ILE A 1716 -19.34 5.84 -26.79
C ILE A 1716 -19.95 7.21 -26.51
N THR A 1717 -19.21 8.25 -26.84
CA THR A 1717 -19.68 9.60 -26.64
C THR A 1717 -20.65 10.00 -27.74
N PRO A 1718 -21.44 11.05 -27.53
CA PRO A 1718 -22.31 11.54 -28.60
C PRO A 1718 -21.57 12.05 -29.82
N ARG A 1719 -20.28 12.40 -29.68
CA ARG A 1719 -19.51 12.75 -30.87
C ARG A 1719 -19.39 11.57 -31.82
N HIS A 1720 -19.45 10.35 -31.28
CA HIS A 1720 -19.56 9.17 -32.15
C HIS A 1720 -20.81 9.23 -33.01
N TYR A 1721 -21.95 9.59 -32.41
CA TYR A 1721 -23.19 9.68 -33.17
C TYR A 1721 -23.12 10.80 -34.20
N LEU A 1722 -22.51 11.92 -33.84
CA LEU A 1722 -22.32 12.99 -34.81
C LEU A 1722 -21.50 12.51 -36.00
N ASP A 1723 -20.40 11.79 -35.73
CA ASP A 1723 -19.60 11.27 -36.83
C ASP A 1723 -20.38 10.26 -37.66
N PHE A 1724 -21.15 9.40 -37.02
CA PHE A 1724 -21.92 8.41 -37.76
C PHE A 1724 -22.93 9.06 -38.68
N ILE A 1725 -23.64 10.07 -38.18
CA ILE A 1725 -24.63 10.72 -39.03
C ILE A 1725 -23.97 11.52 -40.13
N ASN A 1726 -22.87 12.21 -39.83
CA ASN A 1726 -22.17 12.97 -40.85
C ASN A 1726 -21.63 12.05 -41.94
N HIS A 1727 -21.09 10.89 -41.54
CA HIS A 1727 -20.62 9.92 -42.51
C HIS A 1727 -21.76 9.39 -43.36
N TYR A 1728 -22.90 9.11 -42.73
CA TYR A 1728 -24.07 8.65 -43.48
C TYR A 1728 -24.48 9.68 -44.53
N ALA A 1729 -24.54 10.95 -44.14
CA ALA A 1729 -24.95 11.98 -45.08
C ALA A 1729 -23.97 12.11 -46.24
N ASN A 1730 -22.68 12.24 -45.92
CA ASN A 1730 -21.68 12.43 -46.97
C ASN A 1730 -21.62 11.22 -47.89
N LEU A 1731 -21.68 10.02 -47.33
CA LEU A 1731 -21.61 8.81 -48.14
C LEU A 1731 -22.84 8.65 -49.01
N PHE A 1732 -24.02 8.96 -48.47
CA PHE A 1732 -25.24 8.89 -49.27
C PHE A 1732 -25.15 9.85 -50.45
N HIS A 1733 -24.71 11.09 -50.19
CA HIS A 1733 -24.57 12.06 -51.27
C HIS A 1733 -23.55 11.59 -52.30
N GLU A 1734 -22.45 11.01 -51.85
CA GLU A 1734 -21.40 10.60 -52.79
C GLU A 1734 -21.84 9.42 -53.65
N LYS A 1735 -22.38 8.38 -53.02
CA LYS A 1735 -22.76 7.19 -53.78
C LYS A 1735 -23.95 7.47 -54.67
N ARG A 1736 -24.86 8.34 -54.24
CA ARG A 1736 -25.95 8.74 -55.12
C ARG A 1736 -25.42 9.47 -56.35
N SER A 1737 -24.43 10.33 -56.17
CA SER A 1737 -23.88 11.08 -57.28
C SER A 1737 -23.18 10.17 -58.27
N GLU A 1738 -22.41 9.19 -57.77
CA GLU A 1738 -21.67 8.31 -58.67
C GLU A 1738 -22.59 7.43 -59.49
N LEU A 1739 -23.63 6.87 -58.85
CA LEU A 1739 -24.55 5.99 -59.57
C LEU A 1739 -25.23 6.72 -60.71
N GLU A 1740 -25.58 8.00 -60.50
CA GLU A 1740 -26.27 8.75 -61.54
C GLU A 1740 -25.37 8.99 -62.74
N GLU A 1741 -24.12 9.38 -62.51
CA GLU A 1741 -23.19 9.60 -63.62
C GLU A 1741 -22.99 8.32 -64.41
N GLN A 1742 -22.77 7.20 -63.72
CA GLN A 1742 -22.54 5.94 -64.39
C GLN A 1742 -23.77 5.51 -65.18
N GLN A 1743 -24.96 5.66 -64.61
CA GLN A 1743 -26.17 5.26 -65.32
C GLN A 1743 -26.40 6.14 -66.53
N MET A 1744 -26.12 7.44 -66.43
CA MET A 1744 -26.27 8.33 -67.58
C MET A 1744 -25.30 7.97 -68.68
N HIS A 1745 -24.05 7.67 -68.33
CA HIS A 1745 -23.09 7.24 -69.33
C HIS A 1745 -23.53 5.96 -70.00
N LEU A 1746 -24.03 4.99 -69.22
CA LEU A 1746 -24.49 3.73 -69.79
C LEU A 1746 -25.67 3.96 -70.72
N ASN A 1747 -26.62 4.81 -70.33
CA ASN A 1747 -27.78 5.07 -71.16
C ASN A 1747 -27.38 5.73 -72.48
N VAL A 1748 -26.50 6.73 -72.43
CA VAL A 1748 -26.11 7.39 -73.67
C VAL A 1748 -25.31 6.44 -74.56
N GLY A 1749 -24.50 5.57 -73.95
CA GLY A 1749 -23.80 4.57 -74.74
C GLY A 1749 -24.75 3.62 -75.43
N LEU A 1750 -25.76 3.13 -74.71
CA LEU A 1750 -26.74 2.24 -75.32
C LEU A 1750 -27.49 2.95 -76.44
N ARG A 1751 -27.81 4.23 -76.24
CA ARG A 1751 -28.50 4.98 -77.28
C ARG A 1751 -27.64 5.10 -78.53
N LYS A 1752 -26.36 5.40 -78.37
CA LYS A 1752 -25.46 5.51 -79.53
C LYS A 1752 -25.32 4.16 -80.23
N ILE A 1753 -25.23 3.07 -79.46
CA ILE A 1753 -25.10 1.75 -80.08
C ILE A 1753 -26.37 1.38 -80.84
N LYS A 1754 -27.54 1.70 -80.26
CA LYS A 1754 -28.78 1.43 -80.97
C LYS A 1754 -28.87 2.25 -82.25
N GLU A 1755 -28.45 3.51 -82.19
CA GLU A 1755 -28.44 4.36 -83.37
C GLU A 1755 -27.56 3.77 -84.46
N THR A 1756 -26.35 3.32 -84.11
CA THR A 1756 -25.46 2.79 -85.14
C THR A 1756 -25.96 1.45 -85.66
N VAL A 1757 -26.61 0.64 -84.81
CA VAL A 1757 -27.16 -0.63 -85.28
C VAL A 1757 -28.26 -0.38 -86.31
N ASP A 1758 -29.17 0.55 -86.00
CA ASP A 1758 -30.24 0.85 -86.95
C ASP A 1758 -29.68 1.46 -88.23
N GLN A 1759 -28.66 2.32 -88.10
CA GLN A 1759 -28.03 2.91 -89.28
C GLN A 1759 -27.41 1.83 -90.17
N VAL A 1760 -26.71 0.87 -89.56
CA VAL A 1760 -26.10 -0.20 -90.34
C VAL A 1760 -27.17 -1.07 -90.99
N GLU A 1761 -28.25 -1.37 -90.27
CA GLU A 1761 -29.33 -2.15 -90.85
C GLU A 1761 -29.94 -1.44 -92.06
N GLU A 1762 -30.11 -0.12 -91.96
CA GLU A 1762 -30.62 0.64 -93.10
C GLU A 1762 -29.63 0.64 -94.26
N LEU A 1763 -28.35 0.79 -93.97
CA LEU A 1763 -27.34 0.84 -95.04
C LEU A 1763 -27.18 -0.50 -95.74
N ARG A 1764 -27.37 -1.61 -95.01
CA ARG A 1764 -27.28 -2.92 -95.64
C ARG A 1764 -28.35 -3.08 -96.71
N ARG A 1765 -29.57 -2.62 -96.44
CA ARG A 1765 -30.66 -2.70 -97.39
C ARG A 1765 -30.36 -1.90 -98.66
N LYS A 1949 -16.94 -0.85 -95.72
CA LYS A 1949 -18.32 -0.40 -95.84
C LYS A 1949 -19.22 -1.08 -94.82
N VAL A 1950 -19.24 -2.41 -94.84
CA VAL A 1950 -20.05 -3.19 -93.89
C VAL A 1950 -19.25 -4.20 -93.11
N ASN A 1951 -18.06 -4.60 -93.57
CA ASN A 1951 -17.26 -5.58 -92.83
C ASN A 1951 -16.79 -5.01 -91.50
N ARG A 1952 -16.41 -3.72 -91.48
CA ARG A 1952 -16.04 -3.08 -90.23
C ARG A 1952 -17.19 -3.08 -89.25
N SER A 1953 -18.41 -2.87 -89.74
CA SER A 1953 -19.57 -2.86 -88.87
C SER A 1953 -19.78 -4.22 -88.22
N THR A 1954 -19.67 -5.31 -88.98
CA THR A 1954 -19.81 -6.63 -88.39
C THR A 1954 -18.67 -6.92 -87.42
N ALA A 1955 -17.46 -6.47 -87.76
CA ALA A 1955 -16.31 -6.69 -86.87
C ALA A 1955 -16.53 -6.03 -85.52
N LEU A 1956 -17.01 -4.78 -85.51
CA LEU A 1956 -17.26 -4.13 -84.23
C LEU A 1956 -18.48 -4.74 -83.53
N LEU A 1957 -19.52 -5.09 -84.29
CA LEU A 1957 -20.70 -5.70 -83.70
C LEU A 1957 -20.38 -7.02 -83.02
N LYS A 1958 -19.36 -7.72 -83.51
CA LYS A 1958 -18.95 -8.99 -82.90
C LYS A 1958 -18.72 -8.85 -81.40
N SER A 1959 -18.08 -7.75 -80.98
CA SER A 1959 -17.90 -7.51 -79.55
C SER A 1959 -19.01 -6.65 -78.96
N LEU A 1960 -19.59 -5.76 -79.76
CA LEU A 1960 -20.62 -4.88 -79.24
C LEU A 1960 -21.90 -5.61 -78.88
N SER A 1961 -22.11 -6.82 -79.41
CA SER A 1961 -23.28 -7.61 -78.98
C SER A 1961 -23.16 -8.01 -77.51
N ALA A 1962 -22.04 -8.62 -77.14
CA ALA A 1962 -21.81 -8.95 -75.73
C ALA A 1962 -21.71 -7.68 -74.89
N GLU A 1963 -21.19 -6.61 -75.48
CA GLU A 1963 -21.18 -5.32 -74.79
C GLU A 1963 -22.60 -4.88 -74.43
N ARG A 1964 -23.52 -4.97 -75.39
CA ARG A 1964 -24.90 -4.60 -75.13
C ARG A 1964 -25.52 -5.51 -74.07
N GLU A 1965 -25.24 -6.80 -74.16
CA GLU A 1965 -25.81 -7.74 -73.18
C GLU A 1965 -25.36 -7.40 -71.76
N ARG A 1966 -24.05 -7.21 -71.57
CA ARG A 1966 -23.59 -6.92 -70.22
C ARG A 1966 -23.95 -5.51 -69.79
N TRP A 1967 -24.11 -4.58 -70.73
CA TRP A 1967 -24.61 -3.25 -70.39
C TRP A 1967 -26.04 -3.33 -69.86
N GLU A 1968 -26.88 -4.13 -70.51
CA GLU A 1968 -28.23 -4.32 -70.01
C GLU A 1968 -28.22 -4.96 -68.63
N LYS A 1969 -27.34 -5.96 -68.45
CA LYS A 1969 -27.23 -6.61 -67.15
C LYS A 1969 -26.83 -5.62 -66.06
N THR A 1970 -25.83 -4.78 -66.36
CA THR A 1970 -25.38 -3.79 -65.38
C THR A 1970 -26.46 -2.76 -65.09
N SER A 1971 -27.19 -2.33 -66.13
CA SER A 1971 -28.27 -1.38 -65.92
C SER A 1971 -29.35 -1.96 -65.01
N GLU A 1972 -29.68 -3.24 -65.20
CA GLU A 1972 -30.65 -3.89 -64.33
C GLU A 1972 -30.14 -4.00 -62.90
N THR A 1973 -28.85 -4.36 -62.73
CA THR A 1973 -28.32 -4.53 -61.39
C THR A 1973 -28.23 -3.21 -60.63
N PHE A 1974 -27.68 -2.19 -61.28
CA PHE A 1974 -27.43 -0.91 -60.60
C PHE A 1974 -28.71 -0.15 -60.29
N LYS A 1975 -29.83 -0.52 -60.91
CA LYS A 1975 -31.10 0.06 -60.51
C LYS A 1975 -31.60 -0.53 -59.20
N ASN A 1976 -31.21 -1.78 -58.90
CA ASN A 1976 -31.42 -2.29 -57.56
C ASN A 1976 -30.53 -1.58 -56.55
N GLN A 1977 -29.32 -1.20 -56.96
CA GLN A 1977 -28.45 -0.46 -56.06
C GLN A 1977 -29.08 0.86 -55.64
N MET A 1978 -29.73 1.55 -56.58
CA MET A 1978 -30.42 2.79 -56.24
C MET A 1978 -31.50 2.53 -55.20
N SER A 1979 -32.19 1.39 -55.29
CA SER A 1979 -33.21 1.07 -54.31
C SER A 1979 -32.62 0.85 -52.92
N THR A 1980 -31.47 0.18 -52.85
CA THR A 1980 -30.88 -0.19 -51.57
C THR A 1980 -29.76 0.75 -51.15
N ILE A 1981 -29.67 1.94 -51.73
CA ILE A 1981 -28.58 2.85 -51.40
C ILE A 1981 -28.66 3.28 -49.94
N ALA A 1982 -29.88 3.43 -49.41
CA ALA A 1982 -30.05 3.93 -48.05
C ALA A 1982 -29.50 2.94 -47.02
N GLY A 1983 -29.91 1.68 -47.10
CA GLY A 1983 -29.41 0.69 -46.15
C GLY A 1983 -27.92 0.46 -46.30
N ASP A 1984 -27.43 0.42 -47.54
CA ASP A 1984 -26.00 0.23 -47.77
C ASP A 1984 -25.21 1.33 -47.12
N CYS A 1985 -25.57 2.59 -47.38
CA CYS A 1985 -24.81 3.69 -46.81
C CYS A 1985 -24.96 3.75 -45.29
N LEU A 1986 -26.14 3.39 -44.77
CA LEU A 1986 -26.29 3.35 -43.32
C LEU A 1986 -25.31 2.37 -42.70
N LEU A 1987 -25.28 1.13 -43.21
CA LEU A 1987 -24.38 0.15 -42.65
C LEU A 1987 -22.92 0.56 -42.82
N SER A 1988 -22.60 1.12 -43.98
CA SER A 1988 -21.22 1.54 -44.23
C SER A 1988 -20.77 2.61 -43.25
N ALA A 1989 -21.57 3.67 -43.08
CA ALA A 1989 -21.19 4.74 -42.16
C ALA A 1989 -21.16 4.24 -40.73
N ALA A 1990 -22.11 3.37 -40.36
CA ALA A 1990 -22.10 2.81 -39.01
C ALA A 1990 -20.82 2.04 -38.75
N PHE A 1991 -20.41 1.20 -39.70
CA PHE A 1991 -19.17 0.46 -39.56
C PHE A 1991 -17.96 1.38 -39.51
N ILE A 1992 -17.96 2.44 -40.31
CA ILE A 1992 -16.83 3.36 -40.32
C ILE A 1992 -16.72 4.09 -38.99
N ALA A 1993 -17.84 4.38 -38.36
CA ALA A 1993 -17.82 5.19 -37.15
C ALA A 1993 -17.73 4.39 -35.86
N TYR A 1994 -18.16 3.13 -35.86
CA TYR A 1994 -18.32 2.41 -34.60
C TYR A 1994 -17.54 1.12 -34.46
N ALA A 1995 -16.70 0.77 -35.44
CA ALA A 1995 -15.94 -0.48 -35.35
C ALA A 1995 -14.45 -0.25 -35.48
N GLY A 1996 -13.98 1.00 -35.42
CA GLY A 1996 -12.58 1.28 -35.64
C GLY A 1996 -11.66 0.68 -34.60
N TYR A 1997 -12.18 0.46 -33.39
CA TYR A 1997 -11.36 -0.03 -32.29
C TYR A 1997 -11.44 -1.54 -32.09
N PHE A 1998 -12.48 -2.18 -32.61
CA PHE A 1998 -12.73 -3.58 -32.29
C PHE A 1998 -11.97 -4.51 -33.23
N ASP A 1999 -11.83 -5.76 -32.81
CA ASP A 1999 -11.23 -6.79 -33.63
C ASP A 1999 -12.26 -7.39 -34.59
N GLN A 2000 -11.79 -8.26 -35.48
CA GLN A 2000 -12.62 -8.69 -36.60
C GLN A 2000 -13.85 -9.45 -36.13
N GLN A 2001 -13.74 -10.23 -35.05
CA GLN A 2001 -14.90 -10.93 -34.54
C GLN A 2001 -15.96 -9.95 -34.06
N MET A 2002 -15.52 -8.90 -33.36
CA MET A 2002 -16.47 -7.90 -32.88
C MET A 2002 -17.02 -7.06 -34.02
N ARG A 2003 -16.18 -6.69 -34.99
CA ARG A 2003 -16.69 -5.97 -36.14
C ARG A 2003 -17.75 -6.77 -36.89
N GLN A 2004 -17.50 -8.08 -37.05
CA GLN A 2004 -18.47 -8.92 -37.75
C GLN A 2004 -19.75 -9.08 -36.95
N ASN A 2005 -19.65 -9.23 -35.62
CA ASN A 2005 -20.86 -9.34 -34.82
C ASN A 2005 -21.67 -8.06 -34.89
N LEU A 2006 -21.01 -6.91 -34.84
CA LEU A 2006 -21.72 -5.64 -34.96
C LEU A 2006 -22.40 -5.53 -36.32
N PHE A 2007 -21.69 -5.87 -37.39
CA PHE A 2007 -22.29 -5.80 -38.71
C PHE A 2007 -23.48 -6.74 -38.82
N THR A 2008 -23.38 -7.94 -38.24
CA THR A 2008 -24.47 -8.90 -38.28
C THR A 2008 -25.69 -8.38 -37.52
N THR A 2009 -25.48 -7.79 -36.35
CA THR A 2009 -26.62 -7.26 -35.60
C THR A 2009 -27.28 -6.11 -36.34
N TRP A 2010 -26.47 -5.21 -36.92
CA TRP A 2010 -27.05 -4.11 -37.68
C TRP A 2010 -27.84 -4.63 -38.88
N SER A 2011 -27.31 -5.66 -39.55
CA SER A 2011 -28.01 -6.24 -40.69
C SER A 2011 -29.32 -6.90 -40.27
N HIS A 2012 -29.31 -7.62 -39.14
CA HIS A 2012 -30.55 -8.22 -38.67
C HIS A 2012 -31.59 -7.16 -38.36
N HIS A 2013 -31.18 -6.06 -37.71
CA HIS A 2013 -32.13 -5.01 -37.43
C HIS A 2013 -32.68 -4.39 -38.70
N LEU A 2014 -31.82 -4.15 -39.69
CA LEU A 2014 -32.30 -3.60 -40.95
C LEU A 2014 -33.26 -4.57 -41.64
N GLN A 2015 -33.00 -5.86 -41.52
CA GLN A 2015 -33.91 -6.85 -42.11
C GLN A 2015 -35.27 -6.83 -41.44
N GLN A 2016 -35.30 -6.76 -40.11
CA GLN A 2016 -36.58 -6.78 -39.40
C GLN A 2016 -37.36 -5.49 -39.64
N ALA A 2017 -36.70 -4.40 -39.97
CA ALA A 2017 -37.35 -3.13 -40.23
C ALA A 2017 -37.69 -2.92 -41.70
N ASN A 2018 -37.49 -3.95 -42.53
CA ASN A 2018 -37.83 -3.91 -43.94
C ASN A 2018 -37.06 -2.84 -44.69
N ILE A 2019 -35.86 -2.53 -44.23
CA ILE A 2019 -34.97 -1.62 -44.93
C ILE A 2019 -34.19 -2.40 -45.96
N GLN A 2020 -34.04 -1.82 -47.15
CA GLN A 2020 -33.37 -2.49 -48.26
C GLN A 2020 -31.89 -2.14 -48.24
N PHE A 2021 -31.06 -3.16 -48.02
CA PHE A 2021 -29.62 -3.02 -48.11
C PHE A 2021 -29.08 -4.19 -48.92
N ARG A 2022 -28.11 -3.91 -49.80
CA ARG A 2022 -27.62 -4.95 -50.70
C ARG A 2022 -26.78 -5.94 -49.90
N THR A 2023 -27.31 -7.14 -49.69
CA THR A 2023 -26.64 -8.16 -48.92
C THR A 2023 -25.72 -8.99 -49.83
N ASP A 2024 -25.03 -9.95 -49.23
CA ASP A 2024 -24.09 -10.81 -49.94
C ASP A 2024 -23.03 -10.00 -50.67
N ILE A 2025 -22.61 -8.89 -50.05
CA ILE A 2025 -21.53 -8.07 -50.55
C ILE A 2025 -20.60 -7.75 -49.39
N ALA A 2026 -19.38 -7.35 -49.74
CA ALA A 2026 -18.36 -7.02 -48.75
C ALA A 2026 -18.09 -5.53 -48.76
N ARG A 2027 -17.99 -4.96 -47.56
CA ARG A 2027 -17.90 -3.50 -47.42
C ARG A 2027 -16.63 -2.95 -48.03
N THR A 2028 -15.52 -3.69 -47.93
CA THR A 2028 -14.25 -3.15 -48.38
C THR A 2028 -14.22 -2.87 -49.88
N GLU A 2029 -15.15 -3.43 -50.64
CA GLU A 2029 -15.30 -3.04 -52.04
C GLU A 2029 -16.28 -1.88 -52.22
N TYR A 2030 -17.34 -1.83 -51.42
CA TYR A 2030 -18.32 -0.77 -51.60
C TYR A 2030 -17.73 0.59 -51.25
N LEU A 2031 -16.78 0.62 -50.33
CA LEU A 2031 -16.22 1.87 -49.83
C LEU A 2031 -14.95 2.27 -50.54
N SER A 2032 -14.41 1.43 -51.42
CA SER A 2032 -13.13 1.70 -52.03
C SER A 2032 -13.10 1.15 -53.45
N ASN A 2033 -12.36 1.83 -54.31
CA ASN A 2033 -12.12 1.38 -55.67
C ASN A 2033 -10.80 0.63 -55.73
N ALA A 2034 -10.60 -0.08 -56.84
CA ALA A 2034 -9.36 -0.83 -57.00
C ALA A 2034 -8.15 0.08 -57.16
N ASP A 2035 -8.34 1.29 -57.68
CA ASP A 2035 -7.21 2.19 -57.90
C ASP A 2035 -6.58 2.62 -56.60
N GLU A 2036 -7.38 3.09 -55.65
CA GLU A 2036 -6.81 3.49 -54.38
C GLU A 2036 -6.35 2.29 -53.56
N ARG A 2037 -6.96 1.13 -53.77
CA ARG A 2037 -6.44 -0.08 -53.13
C ARG A 2037 -5.03 -0.39 -53.64
N LEU A 2038 -4.82 -0.25 -54.95
CA LEU A 2038 -3.48 -0.43 -55.51
C LEU A 2038 -2.52 0.61 -54.97
N ARG A 2039 -2.98 1.86 -54.85
CA ARG A 2039 -2.10 2.90 -54.32
C ARG A 2039 -1.72 2.63 -52.87
N TRP A 2040 -2.67 2.14 -52.07
CA TRP A 2040 -2.35 1.77 -50.70
C TRP A 2040 -1.35 0.62 -50.65
N GLN A 2041 -1.56 -0.41 -51.46
CA GLN A 2041 -0.67 -1.56 -51.45
C GLN A 2041 0.73 -1.17 -51.94
N ALA A 2042 0.81 -0.20 -52.85
CA ALA A 2042 2.10 0.36 -53.23
C ALA A 2042 2.74 1.13 -52.09
N SER A 2043 1.96 1.52 -51.09
CA SER A 2043 2.45 2.18 -49.89
C SER A 2043 2.77 1.20 -48.77
N SER A 2044 2.98 -0.07 -49.10
CA SER A 2044 3.35 -1.12 -48.15
C SER A 2044 2.24 -1.40 -47.14
N LEU A 2045 1.00 -1.22 -47.53
CA LEU A 2045 -0.09 -1.65 -46.68
C LEU A 2045 -0.22 -3.17 -46.75
N PRO A 2046 -0.39 -3.85 -45.62
CA PRO A 2046 -0.66 -5.29 -45.67
C PRO A 2046 -1.92 -5.58 -46.47
N ALA A 2047 -1.93 -6.74 -47.11
CA ALA A 2047 -3.02 -7.11 -48.02
C ALA A 2047 -4.00 -8.04 -47.31
N ASP A 2048 -4.86 -7.44 -46.49
CA ASP A 2048 -5.96 -8.15 -45.87
C ASP A 2048 -7.09 -7.18 -45.62
N ASP A 2049 -8.27 -7.73 -45.35
CA ASP A 2049 -9.47 -6.91 -45.25
C ASP A 2049 -9.35 -5.88 -44.14
N LEU A 2050 -8.80 -6.29 -42.99
CA LEU A 2050 -8.73 -5.39 -41.85
C LEU A 2050 -7.88 -4.17 -42.16
N CYS A 2051 -6.74 -4.36 -42.83
CA CYS A 2051 -5.89 -3.22 -43.14
C CYS A 2051 -6.52 -2.34 -44.23
N THR A 2052 -7.20 -2.94 -45.21
CA THR A 2052 -7.87 -2.13 -46.21
C THR A 2052 -8.91 -1.24 -45.56
N GLU A 2053 -9.73 -1.81 -44.68
CA GLU A 2053 -10.76 -0.99 -44.05
C GLU A 2053 -10.17 -0.02 -43.04
N ASN A 2054 -9.02 -0.33 -42.46
CA ASN A 2054 -8.33 0.65 -41.63
C ASN A 2054 -7.90 1.85 -42.47
N ALA A 2055 -7.36 1.60 -43.66
CA ALA A 2055 -7.01 2.71 -44.54
C ALA A 2055 -8.27 3.46 -44.98
N ILE A 2056 -9.37 2.74 -45.16
CA ILE A 2056 -10.65 3.38 -45.46
C ILE A 2056 -11.00 4.38 -44.36
N MET A 2057 -10.87 3.95 -43.11
CA MET A 2057 -11.14 4.83 -41.98
C MET A 2057 -10.16 6.01 -41.99
N LEU A 2058 -8.90 5.75 -42.30
CA LEU A 2058 -7.89 6.80 -42.33
C LEU A 2058 -8.10 7.79 -43.46
N LYS A 2059 -8.91 7.45 -44.46
CA LYS A 2059 -9.20 8.40 -45.51
C LYS A 2059 -10.48 9.20 -45.25
N ARG A 2060 -11.53 8.53 -44.79
CA ARG A 2060 -12.80 9.18 -44.49
C ARG A 2060 -12.90 9.39 -42.98
N PHE A 2061 -12.20 10.42 -42.50
CA PHE A 2061 -12.15 10.71 -41.07
C PHE A 2061 -12.63 12.12 -40.81
N ASN A 2062 -13.53 12.27 -39.84
CA ASN A 2062 -13.95 13.56 -39.32
C ASN A 2062 -13.15 13.97 -38.10
N ARG A 2063 -12.95 13.07 -37.16
CA ARG A 2063 -12.12 13.29 -35.99
C ARG A 2063 -10.74 12.72 -36.26
N TYR A 2064 -9.71 13.51 -36.00
CA TYR A 2064 -8.35 13.16 -36.39
C TYR A 2064 -7.94 11.83 -35.75
N PRO A 2065 -7.48 10.87 -36.55
CA PRO A 2065 -7.46 9.47 -36.07
C PRO A 2065 -6.35 9.20 -35.07
N LEU A 2066 -6.58 8.16 -34.28
CA LEU A 2066 -5.63 7.61 -33.33
C LEU A 2066 -5.35 6.18 -33.74
N ILE A 2067 -4.10 5.88 -34.06
CA ILE A 2067 -3.72 4.62 -34.68
C ILE A 2067 -3.12 3.72 -33.60
N ILE A 2068 -3.71 2.54 -33.41
CA ILE A 2068 -3.20 1.55 -32.47
C ILE A 2068 -2.45 0.52 -33.31
N ASP A 2069 -1.15 0.74 -33.51
CA ASP A 2069 -0.32 -0.20 -34.26
C ASP A 2069 0.78 -0.79 -33.38
N PRO A 2070 0.64 -2.06 -32.95
CA PRO A 2070 1.72 -2.66 -32.16
C PRO A 2070 3.03 -2.77 -32.92
N SER A 2071 3.00 -2.79 -34.25
CA SER A 2071 4.18 -2.70 -35.09
C SER A 2071 4.24 -1.30 -35.70
N GLY A 2072 5.16 -1.12 -36.63
CA GLY A 2072 5.29 0.17 -37.29
C GLY A 2072 4.65 0.24 -38.66
N GLN A 2073 3.81 -0.74 -38.98
CA GLN A 2073 3.30 -0.86 -40.35
C GLN A 2073 2.40 0.31 -40.72
N ALA A 2074 1.46 0.63 -39.82
CA ALA A 2074 0.54 1.75 -40.07
C ALA A 2074 1.33 3.07 -40.09
N THR A 2075 2.31 3.21 -39.20
CA THR A 2075 3.13 4.45 -39.12
C THR A 2075 3.82 4.68 -40.47
N GLU A 2076 4.47 3.66 -41.01
CA GLU A 2076 5.19 3.78 -42.31
C GLU A 2076 4.16 4.01 -43.43
N PHE A 2077 3.03 3.30 -43.40
CA PHE A 2077 1.99 3.46 -44.40
C PHE A 2077 1.55 4.92 -44.51
N ILE A 2078 1.32 5.56 -43.36
CA ILE A 2078 0.95 6.96 -43.34
C ILE A 2078 2.07 7.82 -43.88
N MET A 2079 3.31 7.55 -43.47
CA MET A 2079 4.45 8.30 -43.98
C MET A 2079 4.54 8.22 -45.49
N ASN A 2080 4.41 7.02 -46.03
CA ASN A 2080 4.53 6.85 -47.47
C ASN A 2080 3.42 7.57 -48.21
N GLU A 2081 2.18 7.48 -47.72
CA GLU A 2081 1.10 8.16 -48.41
C GLU A 2081 1.27 9.67 -48.38
N TYR A 2082 1.56 10.24 -47.21
CA TYR A 2082 1.65 11.69 -47.10
C TYR A 2082 3.06 12.19 -47.35
N LYS A 2083 3.91 11.36 -47.95
CA LYS A 2083 5.27 11.80 -48.27
C LYS A 2083 5.27 12.95 -49.26
N ASP A 2084 4.34 12.92 -50.21
CA ASP A 2084 4.25 14.01 -51.19
C ASP A 2084 3.93 15.34 -50.51
N ARG A 2085 3.01 15.32 -49.55
CA ARG A 2085 2.57 16.53 -48.86
C ARG A 2085 3.49 16.93 -47.73
N LYS A 2086 4.67 16.31 -47.63
CA LYS A 2086 5.70 16.69 -46.66
C LYS A 2086 5.19 16.53 -45.22
N ILE A 2087 4.73 15.32 -44.92
CA ILE A 2087 4.32 15.01 -43.56
C ILE A 2087 5.53 15.00 -42.65
N THR A 2088 5.33 15.38 -41.38
CA THR A 2088 6.47 15.50 -40.43
C THR A 2088 6.29 14.54 -39.25
N ARG A 2089 7.37 13.88 -38.83
CA ARG A 2089 7.30 12.95 -37.66
C ARG A 2089 7.67 13.72 -36.39
N THR A 2090 6.75 13.79 -35.43
CA THR A 2090 7.03 14.47 -34.13
C THR A 2090 6.49 13.59 -32.99
N SER A 2091 6.95 13.81 -31.76
CA SER A 2091 6.43 13.04 -30.60
C SER A 2091 6.06 14.00 -29.46
N PHE A 2092 5.09 13.62 -28.63
CA PHE A 2092 4.73 14.45 -27.46
C PHE A 2092 5.94 14.58 -26.53
N LEU A 2093 6.69 13.48 -26.36
CA LEU A 2093 7.89 13.49 -25.47
C LEU A 2093 8.90 14.51 -25.99
N ASP A 2094 8.96 14.72 -27.31
CA ASP A 2094 9.91 15.70 -27.89
C ASP A 2094 9.58 17.11 -27.38
N ASP A 2095 10.61 17.86 -26.96
CA ASP A 2095 10.39 19.24 -26.47
C ASP A 2095 10.06 20.18 -27.64
N ALA A 2096 10.41 19.76 -28.87
CA ALA A 2096 10.14 20.59 -30.07
C ALA A 2096 8.76 20.27 -30.64
N PHE A 2097 7.92 19.56 -29.88
CA PHE A 2097 6.55 19.21 -30.36
C PHE A 2097 5.77 20.50 -30.65
N ARG A 2098 5.79 21.46 -29.71
CA ARG A 2098 5.01 22.72 -29.89
C ARG A 2098 5.51 23.46 -31.13
N LYS A 2099 6.83 23.56 -31.32
CA LYS A 2099 7.39 24.28 -32.48
C LYS A 2099 6.89 23.63 -33.78
N ASN A 2100 6.96 22.30 -33.87
CA ASN A 2100 6.50 21.58 -35.10
C ASN A 2100 4.99 21.70 -35.24
N LEU A 2101 4.25 21.63 -34.13
CA LEU A 2101 2.76 21.74 -34.17
C LEU A 2101 2.37 23.09 -34.77
N GLU A 2102 2.91 24.19 -34.24
CA GLU A 2102 2.60 25.52 -34.76
C GLU A 2102 2.93 25.61 -36.24
N SER A 2103 4.09 25.07 -36.64
CA SER A 2103 4.47 25.11 -38.04
C SER A 2103 3.49 24.32 -38.90
N ALA A 2104 3.06 23.15 -38.42
CA ALA A 2104 2.12 22.34 -39.17
C ALA A 2104 0.75 22.99 -39.24
N LEU A 2105 0.39 23.80 -38.25
CA LEU A 2105 -0.91 24.46 -38.29
C LEU A 2105 -0.92 25.71 -39.17
N ARG A 2106 0.15 26.51 -39.14
CA ARG A 2106 0.13 27.77 -39.87
C ARG A 2106 0.55 27.64 -41.33
N PHE A 2107 1.01 26.46 -41.75
CA PHE A 2107 1.42 26.26 -43.13
C PHE A 2107 0.66 25.15 -43.84
N GLY A 2108 -0.08 24.32 -43.13
CA GLY A 2108 -0.87 23.28 -43.76
C GLY A 2108 -0.07 22.09 -44.22
N ASN A 2109 0.63 21.45 -43.29
CA ASN A 2109 1.37 20.24 -43.60
C ASN A 2109 0.95 19.13 -42.66
N PRO A 2110 0.73 17.93 -43.17
CA PRO A 2110 0.30 16.83 -42.29
C PRO A 2110 1.33 16.53 -41.22
N LEU A 2111 0.87 16.07 -40.06
CA LEU A 2111 1.78 15.80 -38.93
C LEU A 2111 1.49 14.41 -38.34
N LEU A 2112 2.52 13.58 -38.18
CA LEU A 2112 2.34 12.25 -37.56
C LEU A 2112 2.96 12.29 -36.15
N VAL A 2113 2.17 11.98 -35.12
CA VAL A 2113 2.66 12.05 -33.71
C VAL A 2113 2.58 10.67 -33.06
N GLN A 2114 3.65 10.23 -32.40
CA GLN A 2114 3.64 8.92 -31.69
C GLN A 2114 3.64 9.14 -30.17
N ASP A 2115 3.65 8.05 -29.39
CA ASP A 2115 3.68 8.14 -27.90
C ASP A 2115 2.50 9.01 -27.43
N VAL A 2116 1.28 8.63 -27.79
CA VAL A 2116 0.08 9.45 -27.44
C VAL A 2116 -0.35 9.19 -25.99
N GLU A 2117 0.20 8.16 -25.34
CA GLU A 2117 -0.10 7.94 -23.90
C GLU A 2117 0.28 9.21 -23.13
N SER A 2118 1.15 10.05 -23.73
CA SER A 2118 1.59 11.28 -23.09
C SER A 2118 0.88 12.45 -23.77
N TYR A 2119 -0.41 12.31 -23.97
CA TYR A 2119 -1.19 13.27 -24.74
C TYR A 2119 -1.10 14.66 -24.11
N ASP A 2120 -0.78 15.65 -24.94
CA ASP A 2120 -0.66 17.03 -24.50
C ASP A 2120 -1.98 17.76 -24.71
N PRO A 2121 -2.60 18.30 -23.67
CA PRO A 2121 -3.90 18.97 -23.85
C PRO A 2121 -3.83 20.21 -24.71
N VAL A 2122 -2.63 20.59 -25.17
CA VAL A 2122 -2.51 21.70 -26.10
C VAL A 2122 -3.31 21.42 -27.37
N LEU A 2123 -3.48 20.15 -27.71
CA LEU A 2123 -4.24 19.76 -28.88
C LEU A 2123 -5.74 19.78 -28.66
N ASN A 2124 -6.21 20.02 -27.43
CA ASN A 2124 -7.65 19.97 -27.18
C ASN A 2124 -8.47 20.86 -28.09
N PRO A 2125 -8.09 22.13 -28.36
CA PRO A 2125 -8.85 22.90 -29.34
C PRO A 2125 -8.76 22.32 -30.74
N VAL A 2126 -7.54 21.98 -31.17
CA VAL A 2126 -7.32 21.51 -32.54
C VAL A 2126 -8.16 20.28 -32.82
N LEU A 2127 -8.22 19.35 -31.87
CA LEU A 2127 -9.05 18.17 -32.06
C LEU A 2127 -10.53 18.53 -32.14
N ASN A 2128 -10.97 19.48 -31.32
CA ASN A 2128 -12.37 19.88 -31.31
C ASN A 2128 -12.69 20.91 -32.38
N ARG A 2129 -11.68 21.42 -33.07
CA ARG A 2129 -11.84 22.33 -34.20
C ARG A 2129 -12.52 23.64 -33.77
N GLU A 2130 -12.17 24.13 -32.59
CA GLU A 2130 -12.71 25.42 -32.17
C GLU A 2130 -12.07 26.52 -32.99
N VAL A 2131 -12.66 26.85 -34.13
CA VAL A 2131 -12.09 27.82 -35.05
C VAL A 2131 -12.94 29.08 -35.01
N ARG A 2132 -12.30 30.19 -35.34
CA ARG A 2132 -12.97 31.49 -35.42
C ARG A 2132 -12.77 32.05 -36.82
N ARG A 2133 -13.86 32.19 -37.56
CA ARG A 2133 -13.80 32.71 -38.92
C ARG A 2133 -13.99 34.23 -38.86
N THR A 2134 -12.90 34.91 -38.52
CA THR A 2134 -12.95 36.35 -38.29
C THR A 2134 -11.88 37.02 -39.13
N GLY A 2135 -12.23 38.16 -39.73
CA GLY A 2135 -11.31 38.83 -40.62
C GLY A 2135 -11.06 38.09 -41.92
N GLY A 2136 -11.98 37.22 -42.32
CA GLY A 2136 -11.79 36.42 -43.51
C GLY A 2136 -10.84 35.27 -43.34
N ARG A 2137 -10.40 35.00 -42.12
CA ARG A 2137 -9.42 33.96 -41.86
C ARG A 2137 -9.87 33.11 -40.68
N VAL A 2138 -9.41 31.85 -40.68
CA VAL A 2138 -9.71 30.92 -39.61
C VAL A 2138 -8.60 31.01 -38.57
N LEU A 2139 -8.98 31.22 -37.32
CA LEU A 2139 -8.03 31.39 -36.22
C LEU A 2139 -8.28 30.30 -35.20
N ILE A 2140 -7.21 29.74 -34.65
CA ILE A 2140 -7.29 28.72 -33.62
C ILE A 2140 -6.30 29.08 -32.51
N THR A 2141 -6.65 28.75 -31.28
CA THR A 2141 -5.90 29.19 -30.10
C THR A 2141 -5.17 28.02 -29.47
N LEU A 2142 -3.85 28.12 -29.39
CA LEU A 2142 -3.03 27.18 -28.63
C LEU A 2142 -2.51 27.87 -27.38
N GLY A 2143 -2.87 27.36 -26.21
CA GLY A 2143 -2.51 28.02 -24.98
C GLY A 2143 -3.06 29.43 -24.94
N ASP A 2144 -2.18 30.42 -25.12
CA ASP A 2144 -2.60 31.80 -25.21
C ASP A 2144 -2.45 32.41 -26.59
N GLN A 2145 -1.69 31.78 -27.47
CA GLN A 2145 -1.40 32.39 -28.77
C GLN A 2145 -2.40 31.94 -29.82
N ASP A 2146 -2.88 32.91 -30.59
CA ASP A 2146 -3.84 32.67 -31.66
C ASP A 2146 -3.10 32.64 -33.00
N ILE A 2147 -3.40 31.64 -33.82
CA ILE A 2147 -2.68 31.40 -35.07
C ILE A 2147 -3.68 31.18 -36.20
N ASP A 2148 -3.32 31.64 -37.38
CA ASP A 2148 -4.15 31.50 -38.58
C ASP A 2148 -4.00 30.09 -39.13
N LEU A 2149 -4.99 29.24 -38.87
CA LEU A 2149 -4.96 27.86 -39.34
C LEU A 2149 -5.08 27.79 -40.86
N SER A 2150 -4.44 26.78 -41.44
CA SER A 2150 -4.55 26.44 -42.85
C SER A 2150 -5.49 25.26 -43.03
N PRO A 2151 -6.30 25.25 -44.09
CA PRO A 2151 -7.26 24.14 -44.27
C PRO A 2151 -6.60 22.80 -44.55
N SER A 2152 -5.34 22.79 -44.99
CA SER A 2152 -4.67 21.55 -45.36
C SER A 2152 -4.08 20.81 -44.18
N PHE A 2153 -4.21 21.35 -42.96
CA PHE A 2153 -3.59 20.72 -41.81
C PHE A 2153 -4.27 19.41 -41.49
N VAL A 2154 -3.49 18.35 -41.34
CA VAL A 2154 -3.98 17.04 -40.94
C VAL A 2154 -3.04 16.50 -39.87
N ILE A 2155 -3.59 15.94 -38.82
CA ILE A 2155 -2.79 15.39 -37.73
C ILE A 2155 -3.21 13.95 -37.48
N PHE A 2156 -2.23 13.08 -37.31
CA PHE A 2156 -2.47 11.68 -36.95
C PHE A 2156 -1.75 11.41 -35.64
N LEU A 2157 -2.46 10.80 -34.69
CA LEU A 2157 -1.81 10.40 -33.41
C LEU A 2157 -1.69 8.88 -33.41
N SER A 2158 -0.67 8.32 -32.75
CA SER A 2158 -0.44 6.85 -32.81
C SER A 2158 0.29 6.34 -31.56
N THR A 2159 0.17 5.04 -31.28
CA THR A 2159 0.88 4.42 -30.12
C THR A 2159 1.19 2.95 -30.45
N ARG A 2160 2.28 2.42 -29.87
CA ARG A 2160 2.68 1.01 -30.14
C ARG A 2160 2.14 0.09 -29.04
N ASP A 2161 1.34 0.61 -28.12
CA ASP A 2161 0.79 -0.19 -27.00
C ASP A 2161 -0.68 -0.50 -27.26
N PRO A 2162 -1.08 -1.77 -27.48
CA PRO A 2162 -2.50 -2.13 -27.64
C PRO A 2162 -3.24 -2.33 -26.35
N THR A 2163 -2.58 -2.20 -25.20
CA THR A 2163 -3.20 -2.48 -23.91
C THR A 2163 -3.15 -1.20 -23.08
N VAL A 2164 -3.51 -0.09 -23.70
CA VAL A 2164 -3.51 1.22 -23.03
C VAL A 2164 -4.94 1.73 -22.98
N GLU A 2165 -5.31 2.28 -21.84
CA GLU A 2165 -6.65 2.83 -21.63
C GLU A 2165 -6.58 4.35 -21.68
N PHE A 2166 -7.42 4.94 -22.49
CA PHE A 2166 -7.35 6.38 -22.61
C PHE A 2166 -8.45 7.06 -21.80
N PRO A 2167 -8.20 8.27 -21.32
CA PRO A 2167 -9.27 9.01 -20.66
C PRO A 2167 -10.36 9.36 -21.64
N PRO A 2168 -11.62 9.36 -21.19
CA PRO A 2168 -12.73 9.60 -22.13
C PRO A 2168 -12.68 10.96 -22.82
N ASP A 2169 -12.04 11.96 -22.23
CA ASP A 2169 -11.93 13.25 -22.91
C ASP A 2169 -11.15 13.11 -24.21
N LEU A 2170 -10.07 12.32 -24.20
CA LEU A 2170 -9.39 12.00 -25.45
C LEU A 2170 -10.21 11.02 -26.28
N CYS A 2171 -10.85 10.05 -25.63
CA CYS A 2171 -11.64 9.04 -26.33
C CYS A 2171 -12.79 9.64 -27.12
N SER A 2172 -13.20 10.86 -26.82
CA SER A 2172 -14.24 11.54 -27.58
C SER A 2172 -13.71 12.40 -28.73
N ARG A 2173 -12.41 12.64 -28.79
CA ARG A 2173 -11.86 13.58 -29.76
C ARG A 2173 -11.16 12.91 -30.93
N VAL A 2174 -11.05 11.58 -30.94
CA VAL A 2174 -10.24 10.89 -31.93
C VAL A 2174 -11.01 9.72 -32.50
N THR A 2175 -10.57 9.28 -33.68
CA THR A 2175 -11.14 8.14 -34.38
C THR A 2175 -10.21 6.95 -34.20
N PHE A 2176 -10.66 5.93 -33.47
CA PHE A 2176 -9.78 4.80 -33.21
C PHE A 2176 -9.62 3.96 -34.48
N VAL A 2177 -8.37 3.68 -34.83
CA VAL A 2177 -8.03 2.83 -35.97
C VAL A 2177 -7.10 1.76 -35.39
N ASN A 2178 -7.64 0.58 -35.11
CA ASN A 2178 -6.89 -0.47 -34.41
C ASN A 2178 -6.36 -1.47 -35.43
N PHE A 2179 -5.04 -1.55 -35.56
CA PHE A 2179 -4.40 -2.47 -36.49
C PHE A 2179 -4.04 -3.75 -35.75
N THR A 2180 -5.04 -4.57 -35.50
CA THR A 2180 -4.79 -5.87 -34.90
C THR A 2180 -4.26 -6.83 -35.95
N VAL A 2181 -3.97 -8.06 -35.55
CA VAL A 2181 -3.53 -9.12 -36.43
C VAL A 2181 -4.57 -10.23 -36.43
N THR A 2182 -4.96 -10.66 -37.62
CA THR A 2182 -6.04 -11.63 -37.80
C THR A 2182 -5.46 -13.01 -38.10
N ARG A 2183 -6.30 -14.03 -37.93
CA ARG A 2183 -5.86 -15.39 -38.21
C ARG A 2183 -5.48 -15.54 -39.67
N SER A 2184 -6.31 -15.02 -40.58
CA SER A 2184 -6.06 -15.20 -41.99
C SER A 2184 -4.81 -14.47 -42.45
N SER A 2185 -4.60 -13.25 -41.94
CA SER A 2185 -3.40 -12.52 -42.31
C SER A 2185 -2.14 -13.23 -41.86
N LEU A 2186 -2.17 -13.78 -40.64
CA LEU A 2186 -1.03 -14.53 -40.15
C LEU A 2186 -0.81 -15.79 -40.97
N GLN A 2187 -1.89 -16.50 -41.33
CA GLN A 2187 -1.73 -17.68 -42.16
C GLN A 2187 -1.10 -17.33 -43.49
N SER A 2188 -1.55 -16.23 -44.11
CA SER A 2188 -1.02 -15.85 -45.41
C SER A 2188 0.44 -15.44 -45.32
N GLN A 2189 0.81 -14.67 -44.29
CA GLN A 2189 2.22 -14.30 -44.14
C GLN A 2189 3.09 -15.51 -43.89
N CYS A 2190 2.63 -16.44 -43.06
CA CYS A 2190 3.40 -17.65 -42.79
C CYS A 2190 3.54 -18.50 -44.04
N LEU A 2191 2.47 -18.64 -44.81
CA LEU A 2191 2.55 -19.42 -46.04
C LEU A 2191 3.49 -18.77 -47.04
N ASN A 2192 3.45 -17.44 -47.17
CA ASN A 2192 4.39 -16.77 -48.05
C ASN A 2192 5.83 -17.00 -47.60
N GLU A 2193 6.07 -16.96 -46.29
CA GLU A 2193 7.43 -17.17 -45.81
C GLU A 2193 7.90 -18.60 -46.06
N VAL A 2194 7.05 -19.58 -45.79
CA VAL A 2194 7.47 -20.97 -45.99
C VAL A 2194 7.65 -21.26 -47.48
N LEU A 2195 6.87 -20.62 -48.35
CA LEU A 2195 7.09 -20.82 -49.77
C LEU A 2195 8.35 -20.11 -50.25
N LYS A 2196 8.68 -18.95 -49.67
CA LYS A 2196 9.93 -18.30 -50.02
C LYS A 2196 11.12 -19.15 -49.61
N ALA A 2197 11.04 -19.78 -48.44
CA ALA A 2197 12.18 -20.55 -47.96
C ALA A 2197 12.26 -21.92 -48.62
N GLU A 2198 11.21 -22.73 -48.46
CA GLU A 2198 11.25 -24.13 -48.89
C GLU A 2198 11.40 -24.25 -50.39
N ARG A 2199 10.60 -23.49 -51.16
CA ARG A 2199 10.60 -23.55 -52.61
C ARG A 2199 10.72 -22.13 -53.17
N PRO A 2200 11.91 -21.54 -53.14
CA PRO A 2200 12.03 -20.13 -53.54
C PRO A 2200 11.60 -19.86 -54.96
N ASP A 2201 11.81 -20.80 -55.87
CA ASP A 2201 11.47 -20.57 -57.27
C ASP A 2201 9.97 -20.36 -57.44
N VAL A 2202 9.15 -21.16 -56.73
CA VAL A 2202 7.71 -21.00 -56.82
C VAL A 2202 7.29 -19.66 -56.25
N ASP A 2203 7.88 -19.24 -55.13
CA ASP A 2203 7.54 -17.96 -54.55
C ASP A 2203 7.83 -16.81 -55.51
N GLU A 2204 9.03 -16.80 -56.09
CA GLU A 2204 9.37 -15.74 -57.03
C GLU A 2204 8.42 -15.76 -58.21
N LYS A 2205 8.13 -16.95 -58.74
CA LYS A 2205 7.16 -17.08 -59.82
C LYS A 2205 5.80 -16.55 -59.38
N ARG A 2206 5.33 -16.97 -58.20
CA ARG A 2206 4.03 -16.51 -57.72
C ARG A 2206 4.04 -15.00 -57.52
N SER A 2207 5.14 -14.46 -57.00
CA SER A 2207 5.20 -13.02 -56.76
C SER A 2207 5.05 -12.25 -58.07
N ASP A 2208 5.85 -12.59 -59.08
CA ASP A 2208 5.77 -11.82 -60.32
C ASP A 2208 4.44 -12.07 -61.03
N LEU A 2209 3.93 -13.31 -60.98
CA LEU A 2209 2.66 -13.61 -61.64
C LEU A 2209 1.52 -12.84 -61.02
N LEU A 2210 1.48 -12.77 -59.69
CA LEU A 2210 0.45 -11.98 -59.03
C LEU A 2210 0.63 -10.49 -59.30
N LYS A 2211 1.89 -10.03 -59.42
CA LYS A 2211 2.12 -8.63 -59.74
C LYS A 2211 1.59 -8.30 -61.14
N LEU A 2212 1.76 -9.22 -62.09
CA LEU A 2212 1.29 -8.98 -63.45
C LEU A 2212 -0.23 -9.10 -63.55
N GLN A 2213 -0.84 -10.01 -62.76
CA GLN A 2213 -2.29 -10.14 -62.81
C GLN A 2213 -2.97 -8.84 -62.39
N GLY A 2214 -2.40 -8.13 -61.43
CA GLY A 2214 -2.97 -6.86 -61.03
C GLY A 2214 -2.95 -5.83 -62.14
N GLU A 2215 -1.88 -5.81 -62.94
CA GLU A 2215 -1.78 -4.81 -63.99
C GLU A 2215 -2.76 -5.08 -65.13
N PHE A 2216 -3.09 -6.35 -65.36
CA PHE A 2216 -4.04 -6.67 -66.43
C PHE A 2216 -5.45 -6.20 -66.10
N GLN A 2217 -5.89 -6.40 -64.85
CA GLN A 2217 -7.19 -5.86 -64.47
C GLN A 2217 -7.20 -4.34 -64.51
N LEU A 2218 -6.10 -3.71 -64.10
CA LEU A 2218 -5.99 -2.26 -64.20
C LEU A 2218 -6.16 -1.79 -65.64
N ARG A 2219 -5.44 -2.44 -66.57
CA ARG A 2219 -5.50 -2.02 -67.95
C ARG A 2219 -6.85 -2.35 -68.58
N LEU A 2220 -7.48 -3.44 -68.15
CA LEU A 2220 -8.82 -3.76 -68.65
C LEU A 2220 -9.82 -2.72 -68.20
N ARG A 2221 -9.74 -2.28 -66.95
CA ARG A 2221 -10.61 -1.21 -66.49
C ARG A 2221 -10.33 0.09 -67.24
N GLN A 2222 -9.04 0.39 -67.51
CA GLN A 2222 -8.73 1.60 -68.25
C GLN A 2222 -9.26 1.55 -69.67
N LEU A 2223 -9.15 0.40 -70.34
CA LEU A 2223 -9.70 0.30 -71.69
C LEU A 2223 -11.22 0.36 -71.66
N GLU A 2224 -11.85 -0.19 -70.62
CA GLU A 2224 -13.29 -0.07 -70.49
C GLU A 2224 -13.71 1.39 -70.38
N LYS A 2225 -13.02 2.15 -69.52
CA LYS A 2225 -13.32 3.57 -69.35
C LYS A 2225 -13.07 4.34 -70.65
N SER A 2226 -11.97 4.05 -71.33
CA SER A 2226 -11.69 4.73 -72.59
C SER A 2226 -12.75 4.42 -73.63
N LEU A 2227 -13.19 3.16 -73.70
CA LEU A 2227 -14.25 2.79 -74.63
C LEU A 2227 -15.51 3.59 -74.36
N LEU A 2228 -15.96 3.61 -73.11
CA LEU A 2228 -17.20 4.31 -72.79
C LEU A 2228 -17.08 5.81 -73.05
N GLN A 2229 -15.94 6.39 -72.67
CA GLN A 2229 -15.72 7.82 -72.89
C GLN A 2229 -15.71 8.15 -74.37
N ALA A 2230 -15.05 7.32 -75.19
CA ALA A 2230 -15.03 7.55 -76.63
C ALA A 2230 -16.42 7.43 -77.24
N LEU A 2231 -17.18 6.44 -76.80
CA LEU A 2231 -18.55 6.29 -77.30
C LEU A 2231 -19.39 7.51 -76.97
N ASN A 2232 -19.27 8.03 -75.75
CA ASN A 2232 -20.13 9.13 -75.34
C ASN A 2232 -19.68 10.47 -75.91
N GLU A 2233 -18.38 10.67 -76.10
CA GLU A 2233 -17.89 12.00 -76.48
C GLU A 2233 -18.06 12.29 -77.96
N VAL A 2234 -17.91 11.29 -78.82
CA VAL A 2234 -17.89 11.55 -80.27
C VAL A 2234 -19.31 11.65 -80.80
N LYS A 2235 -19.43 12.23 -82.00
CA LYS A 2235 -20.69 12.34 -82.70
C LYS A 2235 -20.61 11.64 -84.05
N GLY A 2236 -19.99 10.46 -84.07
CA GLY A 2236 -19.96 9.64 -85.26
C GLY A 2236 -20.26 8.18 -84.97
N ARG A 2237 -21.34 7.66 -85.54
CA ARG A 2237 -21.69 6.26 -85.33
C ARG A 2237 -20.84 5.36 -86.23
N ILE A 2238 -20.97 5.53 -87.55
CA ILE A 2238 -20.20 4.76 -88.50
C ILE A 2238 -19.47 5.62 -89.52
N LEU A 2239 -19.88 6.89 -89.70
CA LEU A 2239 -19.29 7.71 -90.76
C LEU A 2239 -17.91 8.23 -90.35
N ASP A 2240 -17.70 8.49 -89.07
CA ASP A 2240 -16.44 9.07 -88.60
C ASP A 2240 -15.40 7.97 -88.50
N ASP A 2241 -14.50 7.91 -89.49
CA ASP A 2241 -13.40 6.95 -89.44
C ASP A 2241 -12.41 7.29 -88.34
N ASP A 2242 -12.19 8.58 -88.07
CA ASP A 2242 -11.26 8.98 -87.03
C ASP A 2242 -11.66 8.46 -85.66
N THR A 2243 -12.94 8.18 -85.45
CA THR A 2243 -13.42 7.58 -84.21
C THR A 2243 -13.58 6.07 -84.31
N ILE A 2244 -13.69 5.52 -85.52
CA ILE A 2244 -13.81 4.07 -85.66
C ILE A 2244 -12.44 3.40 -85.67
N ILE A 2245 -11.38 4.16 -85.92
CA ILE A 2245 -10.03 3.59 -85.85
C ILE A 2245 -9.53 3.47 -84.42
N THR A 2246 -10.12 4.22 -83.49
CA THR A 2246 -9.73 4.17 -82.09
C THR A 2246 -10.61 3.25 -81.25
N THR A 2247 -11.57 2.56 -81.87
CA THR A 2247 -12.47 1.68 -81.13
C THR A 2247 -12.32 0.20 -81.47
N LEU A 2248 -12.02 -0.14 -82.73
CA LEU A 2248 -11.77 -1.53 -83.05
C LEU A 2248 -10.44 -2.00 -82.46
N GLU A 2249 -9.41 -1.14 -82.52
CA GLU A 2249 -8.14 -1.47 -81.88
C GLU A 2249 -8.33 -1.65 -80.38
N ASN A 2250 -9.28 -0.92 -79.80
CA ASN A 2250 -9.58 -1.09 -78.38
C ASN A 2250 -10.12 -2.49 -78.10
N LEU A 2251 -11.03 -2.98 -78.95
CA LEU A 2251 -11.54 -4.33 -78.79
C LEU A 2251 -10.45 -5.37 -79.00
N LYS A 2252 -9.54 -5.12 -79.94
CA LYS A 2252 -8.41 -6.04 -80.12
C LYS A 2252 -7.55 -6.10 -78.86
N ARG A 2253 -7.25 -4.94 -78.27
CA ARG A 2253 -6.47 -4.95 -77.03
C ARG A 2253 -7.22 -5.69 -75.93
N GLU A 2254 -8.52 -5.47 -75.83
CA GLU A 2254 -9.31 -6.14 -74.80
C GLU A 2254 -9.26 -7.65 -74.97
N ALA A 2255 -9.48 -8.14 -76.20
CA ALA A 2255 -9.46 -9.57 -76.44
C ALA A 2255 -8.09 -10.17 -76.17
N ALA A 2256 -7.03 -9.49 -76.63
CA ALA A 2256 -5.69 -10.00 -76.40
C ALA A 2256 -5.37 -10.08 -74.91
N GLU A 2257 -5.74 -9.06 -74.15
CA GLU A 2257 -5.42 -9.05 -72.73
C GLU A 2257 -6.26 -10.05 -71.96
N VAL A 2258 -7.53 -10.23 -72.33
CA VAL A 2258 -8.34 -11.23 -71.65
C VAL A 2258 -7.82 -12.63 -71.97
N THR A 2259 -7.37 -12.86 -73.20
CA THR A 2259 -6.77 -14.14 -73.52
C THR A 2259 -5.51 -14.38 -72.70
N ARG A 2260 -4.66 -13.35 -72.60
CA ARG A 2260 -3.42 -13.53 -71.86
C ARG A 2260 -3.69 -13.79 -70.37
N LYS A 2261 -4.65 -13.09 -69.79
CA LYS A 2261 -4.90 -13.26 -68.36
C LYS A 2261 -5.60 -14.59 -68.08
N VAL A 2262 -6.52 -15.02 -68.95
CA VAL A 2262 -7.11 -16.34 -68.74
C VAL A 2262 -6.07 -17.43 -68.99
N GLU A 2263 -5.03 -17.13 -69.76
CA GLU A 2263 -3.92 -18.07 -69.89
C GLU A 2263 -3.09 -18.15 -68.62
N GLU A 2264 -2.68 -17.02 -68.07
CA GLU A 2264 -1.74 -17.05 -66.94
C GLU A 2264 -2.44 -17.37 -65.63
N THR A 2265 -3.69 -16.94 -65.46
CA THR A 2265 -4.33 -17.11 -64.17
C THR A 2265 -4.91 -18.51 -63.97
N ASP A 2266 -4.85 -19.35 -65.00
CA ASP A 2266 -5.42 -20.70 -64.93
C ASP A 2266 -4.31 -21.75 -65.01
N ILE A 2267 -3.34 -21.57 -65.89
CA ILE A 2267 -2.29 -22.57 -66.04
C ILE A 2267 -1.21 -22.38 -64.99
N VAL A 2268 -0.65 -21.18 -64.90
CA VAL A 2268 0.43 -20.94 -63.95
C VAL A 2268 -0.08 -21.02 -62.52
N MET A 2269 -1.24 -20.43 -62.26
CA MET A 2269 -1.74 -20.38 -60.88
C MET A 2269 -2.17 -21.75 -60.38
N GLN A 2270 -2.56 -22.64 -61.29
CA GLN A 2270 -2.97 -23.98 -60.86
C GLN A 2270 -1.81 -24.73 -60.20
N GLU A 2271 -0.67 -24.80 -60.88
CA GLU A 2271 0.46 -25.53 -60.33
C GLU A 2271 0.99 -24.86 -59.06
N VAL A 2272 1.01 -23.53 -59.04
CA VAL A 2272 1.45 -22.81 -57.85
C VAL A 2272 0.52 -23.11 -56.68
N GLU A 2273 -0.78 -23.14 -56.93
CA GLU A 2273 -1.75 -23.46 -55.89
C GLU A 2273 -1.56 -24.89 -55.39
N THR A 2274 -1.29 -25.82 -56.30
CA THR A 2274 -1.05 -27.19 -55.88
C THR A 2274 0.21 -27.30 -55.04
N VAL A 2275 1.23 -26.51 -55.38
CA VAL A 2275 2.44 -26.48 -54.57
C VAL A 2275 2.15 -25.93 -53.19
N SER A 2276 1.38 -24.85 -53.11
CA SER A 2276 1.12 -24.18 -51.85
C SER A 2276 0.13 -24.93 -50.97
N GLN A 2277 -0.74 -25.76 -51.53
CA GLN A 2277 -1.76 -26.41 -50.72
C GLN A 2277 -1.20 -27.51 -49.84
N GLN A 2278 0.08 -27.85 -49.97
CA GLN A 2278 0.71 -28.81 -49.08
C GLN A 2278 1.34 -28.14 -47.86
N TYR A 2279 1.63 -26.84 -47.93
CA TYR A 2279 2.20 -26.10 -46.82
C TYR A 2279 1.16 -25.43 -45.95
N LEU A 2280 -0.11 -25.59 -46.25
CA LEU A 2280 -1.17 -24.91 -45.52
C LEU A 2280 -1.42 -25.49 -44.13
N PRO A 2281 -1.29 -26.81 -43.92
CA PRO A 2281 -1.32 -27.29 -42.53
C PRO A 2281 -0.27 -26.65 -41.66
N LEU A 2282 0.92 -26.38 -42.21
CA LEU A 2282 1.94 -25.68 -41.46
C LEU A 2282 1.50 -24.27 -41.08
N SER A 2283 0.88 -23.55 -42.01
CA SER A 2283 0.44 -22.19 -41.69
C SER A 2283 -0.66 -22.21 -40.64
N THR A 2284 -1.58 -23.17 -40.72
CA THR A 2284 -2.63 -23.26 -39.71
C THR A 2284 -2.04 -23.53 -38.33
N ALA A 2285 -1.17 -24.55 -38.24
CA ALA A 2285 -0.53 -24.87 -36.98
C ALA A 2285 0.44 -23.77 -36.54
N CYS A 2286 0.81 -22.88 -37.44
CA CYS A 2286 1.68 -21.77 -37.11
C CYS A 2286 0.91 -20.58 -36.55
N SER A 2287 -0.32 -20.36 -37.02
CA SER A 2287 -1.14 -19.30 -36.44
C SER A 2287 -1.74 -19.73 -35.11
N SER A 2288 -2.09 -21.02 -34.97
CA SER A 2288 -2.67 -21.47 -33.72
C SER A 2288 -1.74 -21.21 -32.55
N ILE A 2289 -0.44 -21.46 -32.73
CA ILE A 2289 0.49 -21.28 -31.62
C ILE A 2289 0.66 -19.81 -31.29
N TYR A 2290 0.66 -18.94 -32.29
CA TYR A 2290 0.77 -17.51 -32.00
C TYR A 2290 -0.42 -17.02 -31.20
N PHE A 2291 -1.62 -17.49 -31.55
CA PHE A 2291 -2.77 -17.00 -30.81
C PHE A 2291 -2.87 -17.65 -29.43
N THR A 2292 -2.35 -18.87 -29.28
CA THR A 2292 -2.18 -19.41 -27.94
C THR A 2292 -1.23 -18.56 -27.11
N MET A 2293 -0.11 -18.15 -27.71
CA MET A 2293 0.83 -17.26 -27.02
C MET A 2293 0.15 -15.96 -26.61
N GLU A 2294 -0.64 -15.37 -27.51
CA GLU A 2294 -1.32 -14.13 -27.17
C GLU A 2294 -2.30 -14.33 -26.03
N SER A 2295 -3.00 -15.46 -26.04
CA SER A 2295 -3.98 -15.75 -24.96
C SER A 2295 -3.27 -16.03 -23.62
N LEU A 2296 -1.96 -16.32 -23.65
CA LEU A 2296 -1.22 -16.68 -22.40
C LEU A 2296 -1.23 -15.54 -21.39
N LYS A 2297 -1.39 -14.28 -21.83
CA LYS A 2297 -1.35 -13.11 -20.92
C LYS A 2297 -2.50 -13.19 -19.92
N GLN A 2298 -3.57 -13.92 -20.23
CA GLN A 2298 -4.76 -14.00 -19.34
C GLN A 2298 -4.38 -14.66 -18.02
N ILE A 2299 -3.74 -15.84 -18.05
CA ILE A 2299 -3.46 -16.58 -16.78
C ILE A 2299 -2.38 -15.85 -15.97
N HIS A 2300 -1.35 -15.29 -16.64
CA HIS A 2300 -0.24 -14.63 -15.88
C HIS A 2300 0.10 -13.29 -16.53
N PHE A 2301 0.20 -12.23 -15.71
CA PHE A 2301 0.50 -10.87 -16.21
C PHE A 2301 1.90 -10.82 -16.85
N LEU A 2302 2.82 -11.68 -16.39
CA LEU A 2302 4.22 -11.65 -16.89
C LEU A 2302 4.30 -12.24 -18.30
N TYR A 2303 3.30 -13.01 -18.72
CA TYR A 2303 3.38 -13.70 -20.04
C TYR A 2303 2.97 -12.75 -21.16
N GLN A 2304 3.77 -11.70 -21.39
CA GLN A 2304 3.47 -10.72 -22.46
C GLN A 2304 4.38 -11.03 -23.67
N TYR A 2305 3.79 -11.51 -24.77
CA TYR A 2305 4.59 -11.86 -25.97
C TYR A 2305 4.12 -10.99 -27.15
N SER A 2306 5.08 -10.51 -27.95
CA SER A 2306 4.73 -9.65 -29.12
C SER A 2306 4.73 -10.50 -30.40
N LEU A 2307 4.19 -9.96 -31.50
CA LEU A 2307 4.21 -10.66 -32.76
C LEU A 2307 5.63 -10.85 -33.26
N GLN A 2308 6.50 -9.85 -33.06
CA GLN A 2308 7.88 -9.96 -33.51
C GLN A 2308 8.60 -11.11 -32.83
N PHE A 2309 8.23 -11.42 -31.59
CA PHE A 2309 8.84 -12.56 -30.89
C PHE A 2309 8.52 -13.87 -31.61
N PHE A 2310 7.25 -14.11 -31.91
CA PHE A 2310 6.91 -15.34 -32.61
C PHE A 2310 7.47 -15.35 -34.02
N LEU A 2311 7.54 -14.18 -34.67
CA LEU A 2311 8.15 -14.12 -35.98
C LEU A 2311 9.63 -14.50 -35.92
N ASP A 2312 10.32 -14.07 -34.86
CA ASP A 2312 11.71 -14.50 -34.68
C ASP A 2312 11.79 -16.00 -34.47
N ILE A 2313 10.87 -16.56 -33.69
CA ILE A 2313 10.81 -18.02 -33.53
C ILE A 2313 10.71 -18.69 -34.89
N TYR A 2314 9.80 -18.20 -35.72
CA TYR A 2314 9.52 -18.84 -37.00
C TYR A 2314 10.67 -18.67 -37.99
N HIS A 2315 11.27 -17.47 -38.02
CA HIS A 2315 12.43 -17.25 -38.89
C HIS A 2315 13.60 -18.10 -38.47
N ASN A 2316 13.79 -18.28 -37.16
CA ASN A 2316 14.85 -19.16 -36.68
C ASN A 2316 14.56 -20.61 -37.07
N VAL A 2317 13.31 -21.04 -36.97
CA VAL A 2317 12.98 -22.41 -37.35
C VAL A 2317 13.24 -22.63 -38.84
N LEU A 2318 12.98 -21.61 -39.66
CA LEU A 2318 13.17 -21.78 -41.10
C LEU A 2318 14.63 -21.66 -41.52
N TYR A 2319 15.23 -20.50 -41.28
CA TYR A 2319 16.54 -20.16 -41.84
C TYR A 2319 17.71 -20.47 -40.92
N GLU A 2320 17.46 -20.99 -39.71
CA GLU A 2320 18.54 -21.28 -38.78
C GLU A 2320 18.35 -22.65 -38.14
N ASN A 2321 17.97 -23.65 -38.94
CA ASN A 2321 17.66 -24.95 -38.38
C ASN A 2321 18.77 -25.94 -38.67
N PRO A 2322 19.51 -26.40 -37.67
CA PRO A 2322 20.55 -27.40 -37.94
C PRO A 2322 20.01 -28.77 -38.31
N ASN A 2323 18.82 -29.13 -37.84
CA ASN A 2323 18.28 -30.45 -38.16
C ASN A 2323 17.93 -30.59 -39.64
N LEU A 2324 17.84 -29.47 -40.36
CA LEU A 2324 17.51 -29.47 -41.78
C LEU A 2324 18.73 -29.50 -42.67
N LYS A 2325 19.94 -29.41 -42.11
CA LYS A 2325 21.14 -29.38 -42.92
C LYS A 2325 21.38 -30.75 -43.53
N GLY A 2326 21.26 -30.85 -44.85
CA GLY A 2326 21.47 -32.08 -45.59
C GLY A 2326 20.23 -32.63 -46.26
N VAL A 2327 19.07 -32.46 -45.65
CA VAL A 2327 17.83 -33.00 -46.21
C VAL A 2327 17.42 -32.14 -47.40
N THR A 2328 17.17 -32.79 -48.54
CA THR A 2328 16.76 -32.09 -49.76
C THR A 2328 15.33 -32.38 -50.17
N ASP A 2329 14.79 -33.53 -49.79
CA ASP A 2329 13.40 -33.83 -50.08
C ASP A 2329 12.50 -32.82 -49.37
N HIS A 2330 11.47 -32.35 -50.06
CA HIS A 2330 10.63 -31.32 -49.50
C HIS A 2330 9.68 -31.88 -48.43
N THR A 2331 9.29 -33.14 -48.54
CA THR A 2331 8.39 -33.72 -47.54
C THR A 2331 9.09 -33.86 -46.19
N GLN A 2332 10.28 -34.44 -46.18
CA GLN A 2332 11.04 -34.54 -44.95
C GLN A 2332 11.40 -33.16 -44.40
N ARG A 2333 11.73 -32.23 -45.29
CA ARG A 2333 12.03 -30.87 -44.83
C ARG A 2333 10.81 -30.26 -44.16
N LEU A 2334 9.63 -30.47 -44.72
CA LEU A 2334 8.42 -29.91 -44.09
C LEU A 2334 8.15 -30.56 -42.74
N SER A 2335 8.34 -31.89 -42.65
CA SER A 2335 8.13 -32.55 -41.37
C SER A 2335 9.10 -32.02 -40.31
N ILE A 2336 10.36 -31.84 -40.69
CA ILE A 2336 11.34 -31.30 -39.76
C ILE A 2336 10.97 -29.88 -39.37
N ILE A 2337 10.48 -29.09 -40.33
CA ILE A 2337 10.12 -27.71 -40.03
C ILE A 2337 8.99 -27.66 -39.02
N THR A 2338 7.95 -28.47 -39.20
CA THR A 2338 6.83 -28.40 -38.28
C THR A 2338 7.20 -28.90 -36.89
N LYS A 2339 7.95 -30.01 -36.81
CA LYS A 2339 8.38 -30.48 -35.49
C LYS A 2339 9.25 -29.44 -34.80
N ASP A 2340 10.20 -28.86 -35.52
CA ASP A 2340 11.07 -27.88 -34.90
C ASP A 2340 10.32 -26.62 -34.54
N LEU A 2341 9.28 -26.25 -35.27
CA LEU A 2341 8.47 -25.11 -34.88
C LEU A 2341 7.81 -25.36 -33.54
N PHE A 2342 7.17 -26.53 -33.38
CA PHE A 2342 6.55 -26.84 -32.09
C PHE A 2342 7.59 -26.79 -30.97
N GLN A 2343 8.75 -27.41 -31.19
CA GLN A 2343 9.75 -27.51 -30.14
C GLN A 2343 10.35 -26.16 -29.80
N VAL A 2344 10.76 -25.39 -30.81
CA VAL A 2344 11.38 -24.09 -30.54
C VAL A 2344 10.38 -23.14 -29.90
N ALA A 2345 9.12 -23.19 -30.33
CA ALA A 2345 8.11 -22.36 -29.69
C ALA A 2345 7.98 -22.71 -28.22
N PHE A 2346 7.87 -23.99 -27.90
CA PHE A 2346 7.76 -24.36 -26.49
C PHE A 2346 8.98 -23.92 -25.71
N ASN A 2347 10.18 -24.13 -26.27
CA ASN A 2347 11.38 -23.80 -25.52
C ASN A 2347 11.49 -22.31 -25.26
N ARG A 2348 11.31 -21.49 -26.29
CA ARG A 2348 11.45 -20.05 -26.10
C ARG A 2348 10.35 -19.50 -25.19
N VAL A 2349 9.13 -20.03 -25.29
CA VAL A 2349 8.07 -19.52 -24.42
C VAL A 2349 8.29 -19.96 -22.98
N ALA A 2350 8.55 -21.25 -22.76
CA ALA A 2350 8.69 -21.77 -21.41
C ALA A 2350 9.94 -21.25 -20.71
N ARG A 2351 10.94 -20.81 -21.48
CA ARG A 2351 12.15 -20.21 -20.85
C ARG A 2351 11.72 -18.95 -20.07
N GLY A 2352 10.55 -18.38 -20.40
CA GLY A 2352 10.04 -17.19 -19.70
C GLY A 2352 8.72 -17.46 -18.99
N MET A 2353 8.49 -18.71 -18.59
CA MET A 2353 7.23 -19.07 -17.87
C MET A 2353 7.58 -19.78 -16.56
N LEU A 2354 6.63 -19.84 -15.62
CA LEU A 2354 6.84 -20.59 -14.36
C LEU A 2354 6.64 -22.09 -14.63
N HIS A 2355 7.32 -22.95 -13.87
CA HIS A 2355 7.25 -24.41 -14.13
C HIS A 2355 5.80 -24.91 -14.03
N GLN A 2356 4.98 -24.30 -13.16
CA GLN A 2356 3.57 -24.71 -12.99
C GLN A 2356 2.81 -24.58 -14.31
N ASP A 2357 3.08 -23.53 -15.10
CA ASP A 2357 2.30 -23.30 -16.34
C ASP A 2357 2.95 -23.98 -17.55
N HIS A 2358 4.05 -24.72 -17.36
CA HIS A 2358 4.67 -25.48 -18.48
C HIS A 2358 3.70 -26.56 -18.98
N ILE A 2359 3.06 -27.28 -18.06
CA ILE A 2359 2.17 -28.38 -18.44
C ILE A 2359 0.95 -27.85 -19.18
N THR A 2360 0.41 -26.71 -18.76
CA THR A 2360 -0.72 -26.15 -19.47
C THR A 2360 -0.33 -25.76 -20.89
N PHE A 2361 0.81 -25.09 -21.04
CA PHE A 2361 1.23 -24.69 -22.38
C PHE A 2361 1.52 -25.90 -23.26
N ALA A 2362 2.12 -26.95 -22.69
CA ALA A 2362 2.39 -28.16 -23.45
C ALA A 2362 1.09 -28.84 -23.87
N MET A 2363 0.09 -28.82 -22.99
CA MET A 2363 -1.20 -29.41 -23.35
C MET A 2363 -1.85 -28.63 -24.48
N LEU A 2364 -1.71 -27.31 -24.47
CA LEU A 2364 -2.24 -26.51 -25.57
C LEU A 2364 -1.51 -26.80 -26.88
N LEU A 2365 -0.19 -26.90 -26.83
CA LEU A 2365 0.55 -27.25 -28.03
C LEU A 2365 0.16 -28.64 -28.52
N ALA A 2366 -0.05 -29.57 -27.60
CA ALA A 2366 -0.48 -30.91 -27.98
C ALA A 2366 -1.85 -30.86 -28.65
N ARG A 2367 -2.75 -30.01 -28.15
CA ARG A 2367 -4.05 -29.86 -28.81
C ARG A 2367 -3.86 -29.36 -30.24
N ILE A 2368 -3.00 -28.37 -30.42
CA ILE A 2368 -2.78 -27.82 -31.76
C ILE A 2368 -2.23 -28.89 -32.69
N LYS A 2369 -1.26 -29.67 -32.20
CA LYS A 2369 -0.74 -30.77 -33.01
C LYS A 2369 -1.80 -31.83 -33.29
N LEU A 2370 -2.65 -32.12 -32.32
CA LEU A 2370 -3.69 -33.12 -32.50
C LEU A 2370 -4.69 -32.72 -33.57
N LYS A 2371 -5.10 -31.44 -33.59
CA LYS A 2371 -6.08 -31.00 -34.58
C LYS A 2371 -5.51 -30.96 -35.98
N GLY A 2372 -4.19 -30.90 -36.15
CA GLY A 2372 -3.55 -30.87 -37.45
C GLY A 2372 -3.07 -32.21 -37.94
N THR A 2373 -3.48 -33.31 -37.30
CA THR A 2373 -3.05 -34.63 -37.73
C THR A 2373 -3.87 -35.08 -38.93
N VAL A 2374 -3.73 -36.36 -39.28
CA VAL A 2374 -4.23 -36.83 -40.56
C VAL A 2374 -5.73 -37.08 -40.51
N GLY A 2375 -6.18 -38.08 -39.75
CA GLY A 2375 -7.58 -38.44 -39.78
C GLY A 2375 -8.18 -38.87 -38.46
N GLU A 2376 -7.42 -38.77 -37.38
CA GLU A 2376 -7.94 -39.16 -36.08
C GLU A 2376 -8.99 -38.16 -35.61
N PRO A 2377 -9.96 -38.62 -34.81
CA PRO A 2377 -11.08 -37.74 -34.43
C PRO A 2377 -10.61 -36.51 -33.69
N THR A 2378 -11.40 -35.43 -33.82
CA THR A 2378 -11.06 -34.19 -33.15
C THR A 2378 -11.05 -34.35 -31.64
N TYR A 2379 -11.80 -35.32 -31.11
CA TYR A 2379 -11.85 -35.62 -29.69
C TYR A 2379 -12.36 -34.43 -28.88
N ASP A 2380 -13.22 -33.61 -29.48
CA ASP A 2380 -13.77 -32.47 -28.76
C ASP A 2380 -14.82 -32.91 -27.75
N ALA A 2381 -15.55 -33.99 -28.04
CA ALA A 2381 -16.57 -34.46 -27.12
C ALA A 2381 -15.97 -34.88 -25.79
N GLU A 2382 -14.73 -35.35 -25.79
CA GLU A 2382 -14.07 -35.77 -24.56
C GLU A 2382 -13.29 -34.63 -23.91
N PHE A 2383 -12.66 -33.77 -24.70
CA PHE A 2383 -11.97 -32.62 -24.11
C PHE A 2383 -12.95 -31.66 -23.47
N GLN A 2384 -14.19 -31.60 -23.97
CA GLN A 2384 -15.21 -30.78 -23.32
C GLN A 2384 -15.46 -31.27 -21.89
N HIS A 2385 -15.62 -32.59 -21.72
CA HIS A 2385 -15.83 -33.14 -20.39
C HIS A 2385 -14.59 -32.99 -19.54
N PHE A 2386 -13.41 -33.11 -20.16
CA PHE A 2386 -12.17 -32.92 -19.41
C PHE A 2386 -12.09 -31.51 -18.83
N LEU A 2387 -12.42 -30.51 -19.64
CA LEU A 2387 -12.25 -29.13 -19.20
C LEU A 2387 -13.37 -28.69 -18.26
N ARG A 2388 -14.62 -28.89 -18.67
CA ARG A 2388 -15.76 -28.37 -17.92
C ARG A 2388 -16.76 -29.47 -17.63
N GLY A 2389 -16.27 -30.63 -17.19
CA GLY A 2389 -17.15 -31.72 -16.84
C GLY A 2389 -17.52 -31.73 -15.37
N ASN A 2390 -16.83 -30.91 -14.59
CA ASN A 2390 -17.15 -30.79 -13.17
C ASN A 2390 -18.41 -29.96 -12.92
N GLU A 2391 -18.90 -29.25 -13.93
CA GLU A 2391 -20.06 -28.39 -13.77
C GLU A 2391 -21.36 -29.12 -14.05
N ILE A 2392 -21.31 -30.42 -14.37
CA ILE A 2392 -22.54 -31.17 -14.57
C ILE A 2392 -23.30 -31.27 -13.26
N VAL A 2393 -24.58 -30.92 -13.30
CA VAL A 2393 -25.43 -30.88 -12.11
C VAL A 2393 -26.05 -32.25 -11.91
N LEU A 2394 -25.94 -32.78 -10.68
CA LEU A 2394 -26.46 -34.10 -10.35
C LEU A 2394 -27.01 -34.09 -8.94
N SER A 2395 -28.27 -34.49 -8.78
CA SER A 2395 -28.94 -34.40 -7.48
C SER A 2395 -28.66 -35.61 -6.60
N ALA A 2396 -29.13 -36.79 -7.01
CA ALA A 2396 -29.11 -37.97 -6.16
C ALA A 2396 -28.77 -39.22 -6.95
N GLY A 2397 -27.83 -39.11 -7.88
CA GLY A 2397 -27.34 -40.24 -8.63
C GLY A 2397 -26.01 -40.78 -8.18
N SER A 2398 -25.38 -40.16 -7.19
CA SER A 2398 -24.06 -40.57 -6.73
C SER A 2398 -24.19 -41.76 -5.80
N THR A 2399 -23.65 -42.90 -6.20
CA THR A 2399 -23.74 -44.11 -5.40
C THR A 2399 -22.47 -44.95 -5.52
N PRO A 2400 -21.65 -45.04 -4.48
CA PRO A 2400 -20.48 -45.92 -4.53
C PRO A 2400 -20.88 -47.39 -4.62
N ARG A 2401 -20.05 -48.16 -5.30
CA ARG A 2401 -20.30 -49.57 -5.55
C ARG A 2401 -19.36 -50.43 -4.71
N ILE A 2402 -19.95 -51.31 -3.91
CA ILE A 2402 -19.21 -52.24 -3.04
C ILE A 2402 -18.27 -51.44 -2.15
N GLN A 2403 -18.65 -50.19 -1.88
CA GLN A 2403 -17.90 -49.29 -1.00
C GLN A 2403 -16.44 -49.16 -1.45
N GLY A 2404 -16.20 -49.29 -2.75
CA GLY A 2404 -14.84 -49.21 -3.25
C GLY A 2404 -14.46 -47.80 -3.63
N LEU A 2405 -15.41 -46.87 -3.53
CA LEU A 2405 -15.19 -45.49 -3.94
C LEU A 2405 -15.70 -44.56 -2.85
N THR A 2406 -15.05 -43.41 -2.75
CA THR A 2406 -15.51 -42.36 -1.84
C THR A 2406 -16.62 -41.54 -2.51
N VAL A 2407 -17.12 -40.55 -1.79
CA VAL A 2407 -18.21 -39.73 -2.32
C VAL A 2407 -17.74 -38.94 -3.53
N GLU A 2408 -16.56 -38.32 -3.42
CA GLU A 2408 -16.04 -37.56 -4.56
C GLU A 2408 -15.78 -38.46 -5.75
N GLN A 2409 -15.24 -39.66 -5.50
CA GLN A 2409 -14.97 -40.58 -6.59
C GLN A 2409 -16.27 -41.06 -7.24
N ALA A 2410 -17.29 -41.36 -6.44
CA ALA A 2410 -18.57 -41.76 -7.01
C ALA A 2410 -19.19 -40.65 -7.84
N GLU A 2411 -19.13 -39.41 -7.34
CA GLU A 2411 -19.66 -38.29 -8.11
C GLU A 2411 -18.89 -38.12 -9.41
N ALA A 2412 -17.56 -38.25 -9.37
CA ALA A 2412 -16.77 -38.11 -10.58
C ALA A 2412 -17.08 -39.22 -11.58
N VAL A 2413 -17.25 -40.44 -11.10
CA VAL A 2413 -17.52 -41.55 -12.03
C VAL A 2413 -18.90 -41.41 -12.65
N VAL A 2414 -19.89 -40.94 -11.88
CA VAL A 2414 -21.21 -40.79 -12.47
C VAL A 2414 -21.26 -39.58 -13.39
N ARG A 2415 -20.40 -38.58 -13.17
CA ARG A 2415 -20.29 -37.49 -14.14
C ARG A 2415 -19.60 -37.95 -15.40
N LEU A 2416 -18.60 -38.83 -15.27
CA LEU A 2416 -17.90 -39.34 -16.44
C LEU A 2416 -18.72 -40.37 -17.21
N SER A 2417 -19.72 -40.97 -16.56
CA SER A 2417 -20.59 -41.91 -17.26
C SER A 2417 -21.43 -41.24 -18.34
N CYS A 2418 -21.51 -39.91 -18.35
CA CYS A 2418 -22.29 -39.23 -19.38
C CYS A 2418 -21.69 -39.41 -20.76
N LEU A 2419 -20.36 -39.50 -20.85
CA LEU A 2419 -19.72 -39.68 -22.15
C LEU A 2419 -20.10 -41.04 -22.74
N PRO A 2420 -20.24 -41.12 -24.07
CA PRO A 2420 -20.65 -42.39 -24.68
C PRO A 2420 -19.71 -43.54 -24.40
N ALA A 2421 -18.40 -43.28 -24.32
CA ALA A 2421 -17.45 -44.38 -24.16
C ALA A 2421 -17.52 -44.98 -22.76
N PHE A 2422 -17.71 -44.15 -21.73
CA PHE A 2422 -17.70 -44.61 -20.34
C PHE A 2422 -19.10 -44.83 -19.80
N LYS A 2423 -20.03 -45.31 -20.63
CA LYS A 2423 -21.38 -45.55 -20.16
C LYS A 2423 -21.46 -46.76 -19.23
N ASP A 2424 -20.43 -47.59 -19.19
CA ASP A 2424 -20.46 -48.82 -18.41
C ASP A 2424 -19.43 -48.82 -17.27
N LEU A 2425 -19.02 -47.64 -16.80
CA LEU A 2425 -18.04 -47.59 -15.73
C LEU A 2425 -18.55 -48.25 -14.46
N ILE A 2426 -19.81 -47.96 -14.11
CA ILE A 2426 -20.34 -48.40 -12.82
C ILE A 2426 -20.38 -49.92 -12.74
N ALA A 2427 -20.82 -50.58 -13.81
CA ALA A 2427 -20.86 -52.03 -13.80
C ALA A 2427 -19.47 -52.64 -13.85
N LYS A 2428 -18.55 -51.99 -14.57
CA LYS A 2428 -17.22 -52.58 -14.75
C LYS A 2428 -16.37 -52.46 -13.49
N VAL A 2429 -16.47 -51.35 -12.76
CA VAL A 2429 -15.64 -51.19 -11.57
C VAL A 2429 -16.03 -52.20 -10.50
N GLN A 2430 -17.33 -52.49 -10.37
CA GLN A 2430 -17.78 -53.44 -9.36
C GLN A 2430 -17.63 -54.88 -9.80
N ALA A 2431 -17.34 -55.12 -11.08
CA ALA A 2431 -17.11 -56.48 -11.56
C ALA A 2431 -15.64 -56.85 -11.56
N ASP A 2432 -14.75 -55.94 -11.14
CA ASP A 2432 -13.31 -56.19 -11.13
C ASP A 2432 -12.77 -56.03 -9.73
N GLU A 2433 -11.83 -56.92 -9.36
CA GLU A 2433 -11.21 -56.87 -8.06
C GLU A 2433 -9.88 -56.13 -8.08
N GLN A 2434 -9.18 -56.14 -9.21
CA GLN A 2434 -7.90 -55.45 -9.32
C GLN A 2434 -8.04 -53.93 -9.25
N PHE A 2435 -9.26 -53.40 -9.43
CA PHE A 2435 -9.43 -51.96 -9.40
C PHE A 2435 -9.11 -51.37 -8.03
N GLY A 2436 -9.44 -52.11 -6.97
CA GLY A 2436 -9.06 -51.66 -5.64
C GLY A 2436 -7.55 -51.55 -5.50
N ILE A 2437 -6.82 -52.52 -6.05
CA ILE A 2437 -5.36 -52.46 -6.04
C ILE A 2437 -4.88 -51.26 -6.84
N TRP A 2438 -5.51 -51.02 -8.00
CA TRP A 2438 -5.07 -49.93 -8.86
C TRP A 2438 -5.30 -48.57 -8.20
N LEU A 2439 -6.41 -48.43 -7.47
CA LEU A 2439 -6.72 -47.15 -6.84
C LEU A 2439 -5.63 -46.73 -5.86
N ASP A 2440 -5.13 -47.68 -5.07
CA ASP A 2440 -4.11 -47.41 -4.07
C ASP A 2440 -2.71 -47.76 -4.57
N SER A 2441 -2.48 -47.59 -5.87
CA SER A 2441 -1.16 -47.84 -6.44
C SER A 2441 -0.30 -46.59 -6.35
N SER A 2442 1.01 -46.79 -6.44
CA SER A 2442 1.94 -45.67 -6.32
C SER A 2442 1.83 -44.72 -7.51
N SER A 2443 1.86 -45.26 -8.72
CA SER A 2443 1.77 -44.48 -9.95
C SER A 2443 0.77 -45.13 -10.88
N PRO A 2444 -0.53 -44.97 -10.61
CA PRO A 2444 -1.54 -45.61 -11.47
C PRO A 2444 -1.50 -45.12 -12.90
N GLU A 2445 -1.03 -43.90 -13.14
CA GLU A 2445 -1.01 -43.36 -14.49
C GLU A 2445 -0.12 -44.19 -15.40
N GLN A 2446 0.87 -44.88 -14.84
CA GLN A 2446 1.70 -45.75 -15.66
C GLN A 2446 0.91 -46.89 -16.26
N THR A 2447 0.02 -47.50 -15.46
CA THR A 2447 -0.81 -48.61 -15.91
C THR A 2447 -2.25 -48.36 -15.48
N VAL A 2448 -3.10 -48.01 -16.43
CA VAL A 2448 -4.52 -47.73 -16.17
C VAL A 2448 -5.33 -48.88 -16.72
N PRO A 2449 -6.24 -49.46 -15.95
CA PRO A 2449 -7.03 -50.58 -16.46
C PRO A 2449 -7.92 -50.14 -17.61
N TYR A 2450 -8.19 -51.09 -18.49
CA TYR A 2450 -9.00 -50.83 -19.69
C TYR A 2450 -10.47 -50.95 -19.30
N LEU A 2451 -11.17 -49.82 -19.21
CA LEU A 2451 -12.56 -49.80 -18.79
C LEU A 2451 -13.52 -49.20 -19.80
N TRP A 2452 -13.06 -48.34 -20.70
CA TRP A 2452 -13.95 -47.79 -21.71
C TRP A 2452 -14.28 -48.83 -22.76
N SER A 2453 -15.42 -48.64 -23.42
CA SER A 2453 -15.89 -49.52 -24.47
C SER A 2453 -15.81 -48.77 -25.80
N GLU A 2454 -15.05 -49.34 -26.74
CA GLU A 2454 -14.85 -48.73 -28.04
C GLU A 2454 -15.21 -49.74 -29.13
N GLU A 2455 -15.84 -49.24 -30.19
CA GLU A 2455 -16.19 -50.12 -31.31
C GLU A 2455 -14.98 -50.43 -32.17
N THR A 2456 -14.00 -49.53 -32.20
CA THR A 2456 -12.80 -49.71 -32.98
C THR A 2456 -11.57 -49.56 -32.09
N PRO A 2457 -10.46 -50.22 -32.44
CA PRO A 2457 -9.23 -50.04 -31.65
C PRO A 2457 -8.72 -48.62 -31.77
N ALA A 2458 -8.75 -47.89 -30.65
CA ALA A 2458 -8.37 -46.49 -30.66
C ALA A 2458 -6.89 -46.33 -30.95
N THR A 2459 -6.55 -45.19 -31.54
CA THR A 2459 -5.18 -44.81 -31.73
C THR A 2459 -4.53 -44.59 -30.37
N PRO A 2460 -3.19 -44.69 -30.28
CA PRO A 2460 -2.54 -44.46 -28.98
C PRO A 2460 -2.92 -43.14 -28.34
N ILE A 2461 -3.15 -42.09 -29.13
CA ILE A 2461 -3.60 -40.83 -28.54
C ILE A 2461 -5.00 -40.98 -27.96
N GLY A 2462 -5.84 -41.79 -28.60
CA GLY A 2462 -7.16 -42.03 -28.04
C GLY A 2462 -7.12 -42.72 -26.70
N GLN A 2463 -6.29 -43.76 -26.59
CA GLN A 2463 -6.11 -44.40 -25.30
C GLN A 2463 -5.51 -43.42 -24.30
N ALA A 2464 -4.59 -42.57 -24.75
CA ALA A 2464 -3.98 -41.61 -23.84
C ALA A 2464 -5.04 -40.69 -23.24
N ILE A 2465 -5.92 -40.15 -24.08
CA ILE A 2465 -6.93 -39.21 -23.56
C ILE A 2465 -7.98 -39.95 -22.73
N HIS A 2466 -8.31 -41.19 -23.09
CA HIS A 2466 -9.26 -41.95 -22.28
C HIS A 2466 -8.70 -42.24 -20.90
N ARG A 2467 -7.43 -42.64 -20.82
CA ARG A 2467 -6.79 -42.82 -19.53
C ARG A 2467 -6.65 -41.50 -18.79
N LEU A 2468 -6.50 -40.40 -19.53
CA LEU A 2468 -6.50 -39.08 -18.91
C LEU A 2468 -7.82 -38.83 -18.19
N LEU A 2469 -8.93 -39.13 -18.85
CA LEU A 2469 -10.23 -38.93 -18.22
C LEU A 2469 -10.42 -39.84 -17.02
N LEU A 2470 -10.00 -41.11 -17.14
CA LEU A 2470 -10.11 -42.01 -15.99
C LEU A 2470 -9.28 -41.51 -14.80
N ILE A 2471 -8.07 -41.03 -15.07
CA ILE A 2471 -7.24 -40.52 -13.98
C ILE A 2471 -7.89 -39.32 -13.34
N GLN A 2472 -8.45 -38.42 -14.15
CA GLN A 2472 -9.13 -37.26 -13.59
C GLN A 2472 -10.32 -37.68 -12.75
N ALA A 2473 -11.02 -38.75 -13.14
CA ALA A 2473 -12.18 -39.19 -12.37
C ALA A 2473 -11.79 -39.85 -11.06
N PHE A 2474 -10.83 -40.78 -11.09
CA PHE A 2474 -10.55 -41.63 -9.94
C PHE A 2474 -9.45 -41.10 -9.04
N ARG A 2475 -8.29 -40.81 -9.60
CA ARG A 2475 -7.10 -40.45 -8.83
C ARG A 2475 -6.60 -39.09 -9.32
N PRO A 2476 -7.31 -38.01 -8.99
CA PRO A 2476 -6.88 -36.70 -9.48
C PRO A 2476 -5.52 -36.28 -8.99
N ASP A 2477 -5.04 -36.87 -7.89
CA ASP A 2477 -3.69 -36.58 -7.42
C ASP A 2477 -2.65 -36.87 -8.51
N ARG A 2478 -2.87 -37.92 -9.28
CA ARG A 2478 -1.97 -38.29 -10.36
C ARG A 2478 -2.33 -37.63 -11.68
N LEU A 2479 -3.38 -36.80 -11.70
CA LEU A 2479 -3.85 -36.23 -12.95
C LEU A 2479 -2.73 -35.49 -13.67
N LEU A 2480 -2.05 -34.59 -12.96
CA LEU A 2480 -0.94 -33.88 -13.56
C LEU A 2480 0.12 -34.86 -14.05
N ALA A 2481 0.42 -35.88 -13.25
CA ALA A 2481 1.39 -36.90 -13.65
C ALA A 2481 0.90 -37.68 -14.87
N MET A 2482 -0.41 -37.83 -15.02
CA MET A 2482 -0.94 -38.40 -16.25
C MET A 2482 -0.89 -37.42 -17.40
N ALA A 2483 -1.08 -36.12 -17.13
CA ALA A 2483 -1.11 -35.15 -18.21
C ALA A 2483 0.20 -35.17 -18.98
N HIS A 2484 1.33 -35.23 -18.26
CA HIS A 2484 2.63 -35.35 -18.92
C HIS A 2484 2.63 -36.53 -19.87
N MET A 2485 2.14 -37.68 -19.41
CA MET A 2485 2.10 -38.85 -20.28
C MET A 2485 1.34 -38.54 -21.57
N PHE A 2486 0.22 -37.82 -21.44
CA PHE A 2486 -0.54 -37.46 -22.62
C PHE A 2486 0.32 -36.69 -23.61
N VAL A 2487 1.04 -35.67 -23.12
CA VAL A 2487 1.90 -34.90 -24.00
C VAL A 2487 2.93 -35.82 -24.64
N SER A 2488 3.41 -36.81 -23.88
CA SER A 2488 4.42 -37.71 -24.41
C SER A 2488 3.91 -38.46 -25.63
N THR A 2489 2.62 -38.74 -25.70
CA THR A 2489 2.12 -39.45 -26.86
C THR A 2489 1.76 -38.54 -28.02
N ASN A 2490 1.74 -37.22 -27.81
CA ASN A 2490 1.38 -36.29 -28.85
C ASN A 2490 2.60 -35.63 -29.47
N LEU A 2491 3.41 -34.97 -28.66
CA LEU A 2491 4.60 -34.29 -29.12
C LEU A 2491 5.84 -35.16 -28.97
N GLY A 2492 5.68 -36.40 -28.56
CA GLY A 2492 6.81 -37.29 -28.37
C GLY A 2492 7.49 -37.02 -27.04
N GLU A 2493 7.97 -38.08 -26.39
CA GLU A 2493 8.65 -37.91 -25.13
C GLU A 2493 9.90 -37.06 -25.32
N SER A 2494 10.46 -36.60 -24.21
CA SER A 2494 11.58 -35.67 -24.22
C SER A 2494 11.23 -34.37 -24.93
N PHE A 2495 9.94 -34.04 -24.96
CA PHE A 2495 9.53 -32.71 -25.43
C PHE A 2495 9.76 -31.68 -24.36
N MET A 2496 9.32 -31.97 -23.14
CA MET A 2496 9.43 -31.07 -21.99
C MET A 2496 10.72 -31.31 -21.23
N SER A 2497 11.85 -31.40 -21.93
CA SER A 2497 13.08 -31.84 -21.31
C SER A 2497 14.18 -30.81 -21.27
N ILE A 2498 14.21 -29.85 -22.21
CA ILE A 2498 15.20 -28.79 -22.12
C ILE A 2498 14.97 -27.96 -20.86
N MET A 2499 13.73 -27.93 -20.36
CA MET A 2499 13.45 -27.17 -19.16
C MET A 2499 14.13 -27.75 -17.93
N GLU A 2500 14.24 -29.08 -17.86
CA GLU A 2500 14.94 -29.70 -16.73
C GLU A 2500 16.42 -29.37 -16.72
N GLN A 2501 16.99 -29.09 -17.81
CA GLN A 2501 18.40 -28.77 -17.91
C GLN A 2501 18.66 -27.35 -17.43
N PRO A 2502 19.85 -27.08 -16.92
CA PRO A 2502 20.19 -25.71 -16.52
C PRO A 2502 20.11 -24.76 -17.70
N LEU A 2503 19.79 -23.50 -17.40
CA LEU A 2503 19.65 -22.48 -18.43
C LEU A 2503 21.01 -22.16 -19.05
N ASP A 2504 21.01 -21.93 -20.37
CA ASP A 2504 22.22 -21.62 -21.11
C ASP A 2504 22.18 -20.14 -21.49
N LEU A 2505 22.78 -19.29 -20.66
CA LEU A 2505 22.72 -17.86 -20.90
C LEU A 2505 23.52 -17.46 -22.13
N THR A 2506 24.75 -17.96 -22.26
CA THR A 2506 25.67 -17.44 -23.27
C THR A 2506 25.14 -17.70 -24.68
N HIS A 2507 24.59 -18.88 -24.93
CA HIS A 2507 24.10 -19.20 -26.26
C HIS A 2507 22.94 -18.29 -26.65
N ILE A 2508 21.97 -18.13 -25.74
CA ILE A 2508 20.80 -17.32 -26.04
C ILE A 2508 21.17 -15.85 -26.18
N VAL A 2509 22.09 -15.38 -25.35
CA VAL A 2509 22.47 -13.96 -25.39
C VAL A 2509 23.23 -13.66 -26.68
N GLY A 2510 24.15 -14.54 -27.07
CA GLY A 2510 24.89 -14.29 -28.29
C GLY A 2510 24.12 -14.58 -29.56
N THR A 2511 23.06 -15.38 -29.48
CA THR A 2511 22.34 -15.85 -30.66
C THR A 2511 20.91 -15.32 -30.74
N GLU A 2512 20.07 -15.64 -29.75
CA GLU A 2512 18.64 -15.48 -29.87
C GLU A 2512 18.14 -14.11 -29.42
N VAL A 2513 19.03 -13.18 -29.12
CA VAL A 2513 18.66 -11.87 -28.61
C VAL A 2513 19.26 -10.80 -29.51
N LYS A 2514 18.42 -9.93 -30.04
CA LYS A 2514 18.88 -8.78 -30.78
C LYS A 2514 19.30 -7.68 -29.81
N PRO A 2515 20.20 -6.79 -30.22
CA PRO A 2515 20.67 -5.77 -29.28
C PRO A 2515 19.56 -4.92 -28.69
N ASN A 2516 18.54 -4.58 -29.47
CA ASN A 2516 17.52 -3.64 -29.01
C ASN A 2516 16.67 -4.26 -27.90
N THR A 2517 16.31 -5.51 -28.04
CA THR A 2517 15.40 -6.10 -27.06
C THR A 2517 16.14 -6.28 -25.73
N PRO A 2518 15.69 -5.66 -24.66
CA PRO A 2518 16.34 -5.88 -23.36
C PRO A 2518 16.10 -7.29 -22.87
N VAL A 2519 17.04 -7.77 -22.07
CA VAL A 2519 16.96 -9.11 -21.48
C VAL A 2519 16.36 -8.97 -20.09
N LEU A 2520 15.08 -9.27 -19.96
CA LEU A 2520 14.41 -9.16 -18.67
C LEU A 2520 14.65 -10.42 -17.88
N MET A 2521 15.09 -10.27 -16.64
CA MET A 2521 15.40 -11.38 -15.75
C MET A 2521 14.53 -11.23 -14.52
N CYS A 2522 13.44 -11.97 -14.49
CA CYS A 2522 12.42 -11.82 -13.46
C CYS A 2522 12.63 -12.91 -12.42
N SER A 2523 12.79 -12.52 -11.17
CA SER A 2523 13.10 -13.43 -10.09
C SER A 2523 11.92 -13.53 -9.14
N VAL A 2524 11.64 -14.75 -8.68
CA VAL A 2524 10.59 -15.00 -7.71
C VAL A 2524 11.04 -14.46 -6.35
N PRO A 2525 10.15 -14.32 -5.38
CA PRO A 2525 10.60 -13.94 -4.03
C PRO A 2525 11.67 -14.89 -3.52
N GLY A 2526 12.83 -14.33 -3.20
CA GLY A 2526 13.93 -15.10 -2.65
C GLY A 2526 15.02 -15.46 -3.64
N TYR A 2527 14.91 -15.03 -4.89
CA TYR A 2527 15.90 -15.36 -5.90
C TYR A 2527 16.44 -14.10 -6.55
N ASP A 2528 17.61 -14.24 -7.16
CA ASP A 2528 18.23 -13.14 -7.89
C ASP A 2528 18.97 -13.72 -9.07
N ALA A 2529 19.14 -12.91 -10.11
CA ALA A 2529 19.80 -13.34 -11.32
C ALA A 2529 21.02 -12.50 -11.68
N SER A 2530 21.35 -11.49 -10.88
CA SER A 2530 22.50 -10.65 -11.20
C SER A 2530 23.79 -11.43 -11.16
N GLY A 2531 23.90 -12.39 -10.24
CA GLY A 2531 25.10 -13.20 -10.16
C GLY A 2531 25.35 -14.01 -11.41
N HIS A 2532 24.27 -14.55 -11.99
CA HIS A 2532 24.41 -15.32 -13.22
C HIS A 2532 25.04 -14.48 -14.31
N VAL A 2533 24.60 -13.23 -14.44
CA VAL A 2533 25.13 -12.40 -15.51
C VAL A 2533 26.52 -11.89 -15.19
N GLU A 2534 26.83 -11.64 -13.93
CA GLU A 2534 28.20 -11.28 -13.60
C GLU A 2534 29.14 -12.41 -13.97
N ASP A 2535 28.75 -13.65 -13.65
CA ASP A 2535 29.55 -14.81 -14.05
C ASP A 2535 29.65 -14.92 -15.56
N LEU A 2536 28.54 -14.72 -16.26
CA LEU A 2536 28.55 -14.83 -17.71
C LEU A 2536 29.47 -13.78 -18.34
N ALA A 2537 29.37 -12.54 -17.89
CA ALA A 2537 30.19 -11.48 -18.45
C ALA A 2537 31.67 -11.71 -18.14
N ALA A 2538 31.98 -12.20 -16.95
CA ALA A 2538 33.37 -12.54 -16.64
C ALA A 2538 33.86 -13.67 -17.53
N GLU A 2539 33.03 -14.69 -17.75
CA GLU A 2539 33.44 -15.82 -18.56
C GLU A 2539 33.63 -15.42 -20.02
N GLN A 2540 32.74 -14.59 -20.54
CA GLN A 2540 32.87 -14.11 -21.91
C GLN A 2540 33.95 -13.05 -22.05
N ASN A 2541 34.58 -12.65 -20.94
CA ASN A 2541 35.54 -11.55 -20.94
C ASN A 2541 34.92 -10.29 -21.53
N THR A 2542 33.66 -10.06 -21.21
CA THR A 2542 32.90 -8.92 -21.68
C THR A 2542 32.75 -7.95 -20.52
N GLN A 2543 33.15 -6.70 -20.73
CA GLN A 2543 33.04 -5.70 -19.68
C GLN A 2543 31.58 -5.33 -19.50
N ILE A 2544 31.12 -5.31 -18.25
CA ILE A 2544 29.73 -5.03 -17.93
C ILE A 2544 29.69 -3.91 -16.90
N THR A 2545 28.81 -2.94 -17.11
CA THR A 2545 28.58 -1.86 -16.17
C THR A 2545 27.27 -2.12 -15.45
N SER A 2546 27.34 -2.38 -14.15
CA SER A 2546 26.16 -2.71 -13.36
C SER A 2546 25.78 -1.52 -12.49
N ILE A 2547 24.49 -1.16 -12.51
CA ILE A 2547 23.99 -0.02 -11.77
C ILE A 2547 22.70 -0.44 -11.08
N ALA A 2548 22.52 -0.02 -9.83
CA ALA A 2548 21.29 -0.27 -9.09
C ALA A 2548 20.36 0.92 -9.26
N ILE A 2549 19.09 0.64 -9.54
CA ILE A 2549 18.14 1.68 -9.89
C ILE A 2549 17.51 2.29 -8.65
N GLY A 2550 17.55 3.61 -8.57
CA GLY A 2550 16.97 4.35 -7.47
C GLY A 2550 17.76 5.61 -7.22
N SER A 2551 17.21 6.44 -6.33
CA SER A 2551 17.92 7.56 -5.73
C SER A 2551 18.20 8.71 -6.69
N ALA A 2552 17.69 8.66 -7.92
CA ALA A 2552 17.77 9.76 -8.87
C ALA A 2552 19.18 10.06 -9.35
N GLU A 2553 20.20 9.41 -8.78
CA GLU A 2553 21.51 9.38 -9.39
C GLU A 2553 21.72 8.13 -10.23
N GLY A 2554 21.06 7.04 -9.86
CA GLY A 2554 21.08 5.85 -10.68
C GLY A 2554 20.51 6.10 -12.06
N PHE A 2555 19.49 6.95 -12.16
CA PHE A 2555 18.91 7.25 -13.48
C PHE A 2555 19.93 7.94 -14.38
N ASN A 2556 20.57 8.99 -13.86
CA ASN A 2556 21.56 9.71 -14.67
C ASN A 2556 22.72 8.81 -15.04
N GLN A 2557 23.21 8.02 -14.07
CA GLN A 2557 24.32 7.13 -14.34
C GLN A 2557 23.94 6.07 -15.37
N ALA A 2558 22.74 5.51 -15.27
CA ALA A 2558 22.30 4.48 -16.20
C ALA A 2558 22.13 5.03 -17.60
N ASP A 2559 21.59 6.24 -17.72
CA ASP A 2559 21.44 6.83 -19.05
C ASP A 2559 22.80 7.10 -19.68
N LYS A 2560 23.74 7.63 -18.90
CA LYS A 2560 25.09 7.84 -19.44
C LYS A 2560 25.73 6.53 -19.85
N ALA A 2561 25.56 5.49 -19.03
CA ALA A 2561 26.15 4.20 -19.35
C ALA A 2561 25.56 3.61 -20.63
N ILE A 2562 24.24 3.69 -20.78
CA ILE A 2562 23.61 3.19 -22.00
C ILE A 2562 24.11 3.97 -23.21
N ASN A 2563 24.18 5.30 -23.08
CA ASN A 2563 24.62 6.11 -24.20
C ASN A 2563 26.03 5.74 -24.64
N THR A 2564 26.93 5.52 -23.68
CA THR A 2564 28.29 5.16 -24.08
C THR A 2564 28.40 3.73 -24.56
N ALA A 2565 27.55 2.84 -24.04
CA ALA A 2565 27.68 1.43 -24.42
C ALA A 2565 27.12 1.14 -25.80
N VAL A 2566 26.02 1.79 -26.19
CA VAL A 2566 25.42 1.47 -27.48
C VAL A 2566 26.31 1.89 -28.64
N LYS A 2567 27.21 2.85 -28.45
CA LYS A 2567 28.09 3.30 -29.52
C LYS A 2567 29.47 2.65 -29.47
N SER A 2568 29.70 1.76 -28.52
CA SER A 2568 30.99 1.10 -28.39
C SER A 2568 30.87 -0.40 -28.31
N GLY A 2569 29.81 -0.92 -27.72
CA GLY A 2569 29.55 -2.34 -27.68
C GLY A 2569 30.00 -2.92 -26.36
N ARG A 2570 29.05 -3.02 -25.42
CA ARG A 2570 29.33 -3.40 -24.05
C ARG A 2570 28.04 -3.90 -23.44
N TRP A 2571 28.12 -4.31 -22.18
CA TRP A 2571 26.98 -4.85 -21.48
C TRP A 2571 26.61 -3.89 -20.35
N VAL A 2572 25.31 -3.66 -20.18
CA VAL A 2572 24.82 -2.82 -19.11
C VAL A 2572 23.78 -3.59 -18.31
N MET A 2573 23.93 -3.62 -17.00
CA MET A 2573 22.94 -4.16 -16.09
C MET A 2573 22.26 -3.05 -15.32
N LEU A 2574 20.93 -3.11 -15.26
CA LEU A 2574 20.14 -2.28 -14.36
C LEU A 2574 19.46 -3.23 -13.38
N LYS A 2575 19.85 -3.14 -12.12
CA LYS A 2575 19.41 -4.08 -11.10
C LYS A 2575 18.17 -3.56 -10.39
N ASN A 2576 17.26 -4.48 -10.07
CA ASN A 2576 16.05 -4.17 -9.32
C ASN A 2576 15.27 -3.06 -9.97
N VAL A 2577 15.19 -3.07 -11.30
CA VAL A 2577 14.46 -2.01 -12.01
C VAL A 2577 13.00 -2.46 -12.06
N HIS A 2578 12.35 -2.34 -10.92
CA HIS A 2578 10.91 -2.41 -10.80
C HIS A 2578 10.43 -1.37 -9.80
N LEU A 2579 11.33 -0.56 -9.27
CA LEU A 2579 11.04 0.52 -8.36
C LEU A 2579 10.94 1.87 -9.05
N ALA A 2580 11.13 1.91 -10.37
CA ALA A 2580 10.96 3.13 -11.17
C ALA A 2580 10.18 2.80 -12.43
N PRO A 2581 8.89 2.47 -12.29
CA PRO A 2581 8.11 2.14 -13.49
C PRO A 2581 8.00 3.28 -14.49
N GLY A 2582 7.94 4.53 -14.05
CA GLY A 2582 7.87 5.63 -14.99
C GLY A 2582 9.14 5.77 -15.82
N TRP A 2583 10.28 5.74 -15.15
CA TRP A 2583 11.54 5.71 -15.88
C TRP A 2583 11.64 4.48 -16.74
N LEU A 2584 10.92 3.42 -16.37
CA LEU A 2584 10.99 2.19 -17.15
C LEU A 2584 10.18 2.32 -18.44
N MET A 2585 9.03 2.99 -18.38
CA MET A 2585 8.35 3.42 -19.60
C MET A 2585 9.25 4.27 -20.47
N GLN A 2586 9.95 5.23 -19.87
CA GLN A 2586 10.83 6.08 -20.66
C GLN A 2586 11.94 5.29 -21.32
N LEU A 2587 12.49 4.31 -20.61
CA LEU A 2587 13.53 3.45 -21.17
C LEU A 2587 12.97 2.59 -22.30
N GLU A 2588 11.77 2.06 -22.13
CA GLU A 2588 11.14 1.26 -23.18
C GLU A 2588 10.95 2.10 -24.44
N LYS A 2589 10.54 3.36 -24.27
CA LYS A 2589 10.41 4.25 -25.41
C LYS A 2589 11.77 4.56 -26.02
N LYS A 2590 12.81 4.66 -25.21
CA LYS A 2590 14.12 5.06 -25.72
C LYS A 2590 14.79 3.94 -26.50
N LEU A 2591 14.62 2.69 -26.06
CA LEU A 2591 15.29 1.57 -26.72
C LEU A 2591 14.82 1.39 -28.16
N HIS A 2592 13.55 1.68 -28.43
CA HIS A 2592 12.96 1.41 -29.73
C HIS A 2592 13.66 2.16 -30.86
N SER A 2593 14.37 3.24 -30.55
CA SER A 2593 14.95 4.06 -31.60
C SER A 2593 16.43 4.36 -31.36
N LEU A 2594 17.22 3.35 -31.03
CA LEU A 2594 18.65 3.55 -30.82
C LEU A 2594 19.50 3.07 -31.98
N GLN A 2595 19.19 1.89 -32.53
CA GLN A 2595 20.04 1.24 -33.52
C GLN A 2595 21.45 1.13 -32.98
N PRO A 2596 21.69 0.24 -32.03
CA PRO A 2596 22.98 0.21 -31.33
C PRO A 2596 24.02 -0.61 -32.07
N HIS A 2597 25.26 -0.48 -31.62
CA HIS A 2597 26.34 -1.36 -32.05
C HIS A 2597 26.03 -2.80 -31.63
N ALA A 2598 26.36 -3.74 -32.50
CA ALA A 2598 26.15 -5.13 -32.16
C ALA A 2598 27.05 -5.52 -30.98
N CYS A 2599 26.79 -6.68 -30.42
CA CYS A 2599 27.41 -7.19 -29.20
C CYS A 2599 27.01 -6.38 -27.97
N PHE A 2600 26.28 -5.29 -28.13
CA PHE A 2600 25.74 -4.56 -26.99
C PHE A 2600 24.59 -5.36 -26.40
N ARG A 2601 24.48 -5.33 -25.09
CA ARG A 2601 23.40 -6.02 -24.41
C ARG A 2601 22.95 -5.19 -23.22
N LEU A 2602 21.65 -5.19 -22.98
CA LEU A 2602 21.06 -4.52 -21.83
C LEU A 2602 20.28 -5.56 -21.04
N PHE A 2603 20.63 -5.71 -19.76
CA PHE A 2603 19.98 -6.68 -18.89
C PHE A 2603 19.23 -5.93 -17.82
N LEU A 2604 17.97 -6.31 -17.61
CA LEU A 2604 17.09 -5.64 -16.65
C LEU A 2604 16.68 -6.68 -15.63
N THR A 2605 17.24 -6.57 -14.43
CA THR A 2605 16.90 -7.47 -13.34
C THR A 2605 15.67 -6.93 -12.63
N MET A 2606 14.69 -7.79 -12.37
CA MET A 2606 13.50 -7.30 -11.72
C MET A 2606 12.85 -8.42 -10.92
N GLU A 2607 12.03 -8.02 -9.96
CA GLU A 2607 11.17 -8.93 -9.24
C GLU A 2607 9.85 -9.04 -9.99
N ILE A 2608 9.19 -10.20 -9.86
CA ILE A 2608 7.91 -10.42 -10.50
C ILE A 2608 6.86 -9.65 -9.69
N ASN A 2609 6.55 -8.43 -10.13
CA ASN A 2609 5.47 -7.66 -9.54
C ASN A 2609 4.56 -7.14 -10.63
N PRO A 2610 3.25 -7.08 -10.38
CA PRO A 2610 2.31 -6.71 -11.44
C PRO A 2610 2.39 -5.28 -11.90
N LYS A 2611 3.30 -4.48 -11.36
CA LYS A 2611 3.42 -3.08 -11.76
C LYS A 2611 4.51 -2.85 -12.79
N VAL A 2612 5.09 -3.91 -13.33
CA VAL A 2612 6.04 -3.75 -14.44
C VAL A 2612 5.29 -3.28 -15.68
N PRO A 2613 5.85 -2.38 -16.47
CA PRO A 2613 5.16 -1.94 -17.69
C PRO A 2613 4.94 -3.08 -18.66
N VAL A 2614 3.77 -3.09 -19.29
CA VAL A 2614 3.45 -4.15 -20.24
C VAL A 2614 4.27 -3.99 -21.52
N ASN A 2615 4.44 -2.77 -22.00
CA ASN A 2615 5.18 -2.59 -23.26
C ASN A 2615 6.63 -3.01 -23.10
N LEU A 2616 7.22 -2.78 -21.93
CA LEU A 2616 8.59 -3.25 -21.71
C LEU A 2616 8.65 -4.77 -21.73
N LEU A 2617 7.68 -5.43 -21.10
CA LEU A 2617 7.64 -6.89 -21.15
C LEU A 2617 7.52 -7.39 -22.58
N ARG A 2618 6.73 -6.69 -23.40
CA ARG A 2618 6.55 -7.10 -24.78
C ARG A 2618 7.79 -6.86 -25.63
N ALA A 2619 8.54 -5.81 -25.35
CA ALA A 2619 9.69 -5.46 -26.17
C ALA A 2619 10.98 -6.14 -25.74
N GLY A 2620 10.93 -7.02 -24.74
CA GLY A 2620 12.10 -7.69 -24.23
C GLY A 2620 12.05 -9.19 -24.41
N ARG A 2621 12.97 -9.87 -23.75
CA ARG A 2621 13.05 -11.32 -23.73
C ARG A 2621 13.00 -11.76 -22.27
N ILE A 2622 11.96 -12.49 -21.89
CA ILE A 2622 11.66 -12.77 -20.49
C ILE A 2622 12.35 -14.07 -20.07
N PHE A 2623 13.09 -14.02 -18.97
CA PHE A 2623 13.71 -15.21 -18.37
C PHE A 2623 13.30 -15.28 -16.92
N VAL A 2624 12.57 -16.31 -16.55
CA VAL A 2624 12.07 -16.47 -15.19
C VAL A 2624 13.04 -17.34 -14.41
N PHE A 2625 13.55 -16.81 -13.29
CA PHE A 2625 14.46 -17.54 -12.42
C PHE A 2625 13.70 -18.00 -11.19
N GLU A 2626 13.72 -19.30 -10.95
CA GLU A 2626 12.83 -19.95 -10.01
C GLU A 2626 13.56 -21.10 -9.35
N PRO A 2627 13.17 -21.50 -8.14
CA PRO A 2627 13.75 -22.69 -7.53
C PRO A 2627 13.59 -23.91 -8.41
N PRO A 2628 14.64 -24.71 -8.54
CA PRO A 2628 14.60 -25.85 -9.44
C PRO A 2628 13.46 -26.79 -9.09
N PRO A 2629 12.87 -27.44 -10.07
CA PRO A 2629 11.92 -28.52 -9.81
C PRO A 2629 12.65 -29.83 -9.60
N GLY A 2630 12.52 -30.39 -8.41
CA GLY A 2630 13.09 -31.71 -8.17
C GLY A 2630 14.54 -31.63 -7.76
N VAL A 2631 14.99 -32.67 -7.04
CA VAL A 2631 16.38 -32.69 -6.58
C VAL A 2631 17.32 -32.84 -7.76
N LYS A 2632 16.89 -33.52 -8.82
CA LYS A 2632 17.77 -33.74 -9.97
C LYS A 2632 18.18 -32.43 -10.60
N ALA A 2633 17.22 -31.54 -10.86
CA ALA A 2633 17.55 -30.25 -11.45
C ALA A 2633 18.40 -29.42 -10.50
N ASN A 2634 18.11 -29.50 -9.19
CA ASN A 2634 18.92 -28.82 -8.20
C ASN A 2634 20.38 -29.21 -8.35
N MET A 2635 20.65 -30.52 -8.34
CA MET A 2635 22.03 -30.99 -8.45
C MET A 2635 22.65 -30.57 -9.77
N LEU A 2636 21.90 -30.68 -10.86
CA LEU A 2636 22.48 -30.38 -12.16
C LEU A 2636 22.91 -28.91 -12.23
N ARG A 2637 22.08 -28.00 -11.73
CA ARG A 2637 22.44 -26.60 -11.82
C ARG A 2637 23.50 -26.23 -10.80
N THR A 2638 23.52 -26.90 -9.63
CA THR A 2638 24.61 -26.66 -8.69
C THR A 2638 25.94 -27.05 -9.29
N PHE A 2639 25.99 -28.21 -9.94
CA PHE A 2639 27.23 -28.64 -10.58
C PHE A 2639 27.61 -27.72 -11.73
N SER A 2640 26.63 -27.29 -12.52
CA SER A 2640 26.94 -26.38 -13.62
C SER A 2640 27.44 -25.04 -13.10
N SER A 2641 27.01 -24.63 -11.91
CA SER A 2641 27.47 -23.36 -11.36
C SER A 2641 28.91 -23.43 -10.90
N ILE A 2642 29.31 -24.51 -10.22
CA ILE A 2642 30.65 -24.66 -9.68
C ILE A 2642 31.62 -25.05 -10.79
N PRO A 2643 32.68 -24.28 -11.02
CA PRO A 2643 33.64 -24.65 -12.06
C PRO A 2643 34.30 -25.98 -11.77
N VAL A 2644 34.54 -26.75 -12.83
CA VAL A 2644 35.18 -28.05 -12.68
C VAL A 2644 36.61 -27.90 -12.22
N SER A 2645 37.26 -26.77 -12.55
CA SER A 2645 38.59 -26.52 -12.04
C SER A 2645 38.60 -26.41 -10.52
N ARG A 2646 37.51 -25.89 -9.95
CA ARG A 2646 37.44 -25.75 -8.50
C ARG A 2646 37.24 -27.11 -7.82
N ILE A 2647 36.54 -28.04 -8.45
CA ILE A 2647 36.42 -29.38 -7.90
C ILE A 2647 37.64 -30.20 -8.28
N CYS A 2648 38.07 -31.05 -7.36
CA CYS A 2648 39.23 -31.93 -7.55
C CYS A 2648 40.53 -31.16 -7.70
N LYS A 2649 40.72 -30.12 -6.89
CA LYS A 2649 42.02 -29.46 -6.80
C LYS A 2649 42.81 -29.98 -5.60
N SER A 2650 42.13 -30.15 -4.47
CA SER A 2650 42.61 -30.77 -3.24
C SER A 2650 42.52 -32.29 -3.45
N PRO A 2651 42.80 -33.16 -2.45
CA PRO A 2651 42.65 -34.60 -2.70
C PRO A 2651 41.30 -34.97 -3.27
N ASN A 2652 41.25 -36.13 -3.94
CA ASN A 2652 40.06 -36.49 -4.69
C ASN A 2652 38.81 -36.55 -3.83
N GLU A 2653 38.96 -36.77 -2.52
CA GLU A 2653 37.80 -36.77 -1.63
C GLU A 2653 37.01 -35.48 -1.70
N ARG A 2654 37.67 -34.37 -2.06
CA ARG A 2654 36.95 -33.11 -2.23
C ARG A 2654 35.75 -33.28 -3.15
N ALA A 2655 35.93 -34.01 -4.25
CA ALA A 2655 34.83 -34.21 -5.19
C ALA A 2655 33.61 -34.78 -4.50
N ARG A 2656 33.80 -35.71 -3.57
CA ARG A 2656 32.66 -36.29 -2.88
C ARG A 2656 32.00 -35.28 -1.98
N LEU A 2657 32.79 -34.47 -1.27
CA LEU A 2657 32.24 -33.47 -0.37
C LEU A 2657 31.19 -32.65 -1.10
N TYR A 2658 31.60 -32.01 -2.19
CA TYR A 2658 30.69 -31.18 -2.97
C TYR A 2658 29.42 -31.96 -3.29
N PHE A 2659 29.56 -33.21 -3.74
CA PHE A 2659 28.39 -34.00 -4.09
C PHE A 2659 27.43 -34.07 -2.92
N LEU A 2660 27.93 -34.52 -1.76
CA LEU A 2660 27.08 -34.54 -0.57
C LEU A 2660 26.49 -33.17 -0.35
N LEU A 2661 27.34 -32.14 -0.38
CA LEU A 2661 26.86 -30.78 -0.19
C LEU A 2661 25.71 -30.50 -1.14
N ALA A 2662 25.92 -30.76 -2.42
CA ALA A 2662 24.87 -30.52 -3.42
C ALA A 2662 23.62 -31.30 -3.04
N TRP A 2663 23.76 -32.60 -2.78
CA TRP A 2663 22.60 -33.40 -2.40
C TRP A 2663 21.92 -32.78 -1.19
N PHE A 2664 22.71 -32.44 -0.18
CA PHE A 2664 22.14 -31.81 1.01
C PHE A 2664 21.35 -30.59 0.62
N HIS A 2665 21.95 -29.70 -0.17
CA HIS A 2665 21.25 -28.49 -0.59
C HIS A 2665 19.93 -28.84 -1.24
N ALA A 2666 19.95 -29.83 -2.14
CA ALA A 2666 18.72 -30.21 -2.84
C ALA A 2666 17.62 -30.51 -1.84
N ILE A 2667 17.92 -31.31 -0.82
CA ILE A 2667 16.90 -31.67 0.15
C ILE A 2667 16.31 -30.42 0.79
N ILE A 2668 17.17 -29.54 1.28
CA ILE A 2668 16.66 -28.36 1.97
C ILE A 2668 16.16 -27.30 1.01
N GLN A 2669 16.21 -27.56 -0.29
CA GLN A 2669 15.51 -26.71 -1.24
C GLN A 2669 14.16 -27.29 -1.61
N GLU A 2670 13.98 -28.60 -1.46
CA GLU A 2670 12.75 -29.23 -1.89
C GLU A 2670 11.87 -29.68 -0.74
N ARG A 2671 12.34 -29.53 0.49
CA ARG A 2671 11.43 -29.59 1.61
C ARG A 2671 10.66 -28.29 1.79
N LEU A 2672 11.10 -27.23 1.12
CA LEU A 2672 10.41 -25.96 1.23
C LEU A 2672 9.05 -25.98 0.53
N ARG A 2673 8.88 -26.81 -0.47
CA ARG A 2673 7.61 -26.89 -1.19
C ARG A 2673 6.52 -27.59 -0.38
N TYR A 2674 6.84 -28.02 0.83
CA TYR A 2674 5.93 -28.70 1.74
C TYR A 2674 5.93 -27.99 3.08
N ALA A 2675 5.79 -26.67 3.04
CA ALA A 2675 6.13 -25.81 4.16
C ALA A 2675 5.49 -26.19 5.49
N PRO A 2676 4.22 -26.58 5.59
CA PRO A 2676 3.73 -27.05 6.89
C PRO A 2676 4.50 -28.27 7.37
N LEU A 2677 4.55 -29.32 6.56
CA LEU A 2677 5.18 -30.56 6.99
C LEU A 2677 6.71 -30.48 6.96
N GLY A 2678 7.29 -29.79 5.99
CA GLY A 2678 8.73 -29.76 5.87
C GLY A 2678 9.32 -28.68 6.74
N TRP A 2679 9.96 -27.69 6.13
CA TRP A 2679 10.43 -26.54 6.88
C TRP A 2679 9.24 -25.72 7.34
N SER A 2680 9.02 -25.67 8.65
CA SER A 2680 7.80 -25.06 9.19
C SER A 2680 7.67 -23.59 8.84
N LYS A 2681 8.76 -22.95 8.43
CA LYS A 2681 8.72 -21.58 7.96
C LYS A 2681 9.34 -21.52 6.56
N LYS A 2682 8.86 -20.59 5.74
CA LYS A 2682 9.36 -20.46 4.38
C LYS A 2682 10.70 -19.74 4.40
N TYR A 2683 11.74 -20.48 4.75
CA TYR A 2683 13.08 -19.91 4.76
C TYR A 2683 13.58 -19.62 3.35
N GLU A 2684 14.51 -18.68 3.25
CA GLU A 2684 15.12 -18.33 1.98
C GLU A 2684 16.48 -19.00 1.85
N PHE A 2685 16.46 -20.32 1.81
CA PHE A 2685 17.68 -21.08 1.54
C PHE A 2685 18.08 -20.81 0.10
N GLY A 2686 19.09 -19.95 -0.10
CA GLY A 2686 19.43 -19.45 -1.40
C GLY A 2686 20.78 -19.95 -1.91
N GLU A 2687 21.17 -19.40 -3.05
CA GLU A 2687 22.43 -19.79 -3.66
C GLU A 2687 23.61 -19.23 -2.90
N SER A 2688 23.44 -18.10 -2.20
CA SER A 2688 24.51 -17.60 -1.35
C SER A 2688 24.84 -18.59 -0.25
N ASP A 2689 23.84 -19.32 0.24
CA ASP A 2689 24.09 -20.37 1.20
C ASP A 2689 25.02 -21.43 0.62
N LEU A 2690 24.77 -21.85 -0.62
CA LEU A 2690 25.63 -22.86 -1.22
C LEU A 2690 27.03 -22.32 -1.49
N ARG A 2691 27.14 -21.06 -1.92
CA ARG A 2691 28.45 -20.49 -2.14
C ARG A 2691 29.26 -20.43 -0.85
N SER A 2692 28.63 -20.01 0.24
CA SER A 2692 29.33 -19.95 1.52
C SER A 2692 29.68 -21.35 2.02
N ALA A 2693 28.78 -22.31 1.83
CA ALA A 2693 29.08 -23.68 2.24
C ALA A 2693 30.28 -24.21 1.47
N CYS A 2694 30.33 -23.95 0.16
CA CYS A 2694 31.47 -24.36 -0.64
C CYS A 2694 32.74 -23.67 -0.19
N ASP A 2695 32.67 -22.37 0.12
CA ASP A 2695 33.85 -21.66 0.56
C ASP A 2695 34.40 -22.23 1.86
N THR A 2696 33.53 -22.51 2.83
CA THR A 2696 34.02 -23.08 4.09
C THR A 2696 34.60 -24.46 3.87
N VAL A 2697 33.93 -25.29 3.06
CA VAL A 2697 34.47 -26.62 2.76
C VAL A 2697 35.84 -26.51 2.14
N ASP A 2698 35.99 -25.59 1.18
CA ASP A 2698 37.26 -25.39 0.51
C ASP A 2698 38.34 -24.99 1.51
N THR A 2699 38.07 -23.99 2.34
CA THR A 2699 39.09 -23.47 3.23
C THR A 2699 39.50 -24.51 4.27
N TRP A 2700 38.52 -25.18 4.87
CA TRP A 2700 38.85 -26.12 5.94
C TRP A 2700 39.45 -27.41 5.40
N LEU A 2701 39.13 -27.81 4.17
CA LEU A 2701 39.79 -28.97 3.61
C LEU A 2701 41.19 -28.64 3.09
N ASP A 2702 41.43 -27.39 2.66
CA ASP A 2702 42.80 -26.97 2.40
C ASP A 2702 43.62 -26.97 3.69
N ASP A 2703 43.03 -26.51 4.78
CA ASP A 2703 43.78 -26.42 6.03
C ASP A 2703 44.05 -27.80 6.63
N THR A 2704 43.11 -28.73 6.49
CA THR A 2704 43.30 -30.04 7.11
C THR A 2704 44.33 -30.88 6.39
N ALA A 2705 44.52 -30.67 5.08
CA ALA A 2705 45.44 -31.48 4.29
C ALA A 2705 46.23 -30.54 3.38
N LYS A 2706 47.48 -30.29 3.74
CA LYS A 2706 48.28 -29.26 3.07
C LYS A 2706 48.84 -29.83 1.76
N GLY A 2707 47.94 -30.05 0.81
CA GLY A 2707 48.29 -30.47 -0.53
C GLY A 2707 48.32 -31.96 -0.74
N ARG A 2708 48.70 -32.74 0.27
CA ARG A 2708 48.82 -34.18 0.11
C ARG A 2708 47.47 -34.79 -0.25
N GLN A 2709 47.50 -35.74 -1.17
CA GLN A 2709 46.29 -36.31 -1.73
C GLN A 2709 45.85 -37.54 -0.94
N ASN A 2710 44.65 -38.04 -1.27
CA ASN A 2710 44.09 -39.27 -0.72
C ASN A 2710 43.99 -39.19 0.80
N ILE A 2711 43.26 -38.18 1.26
CA ILE A 2711 43.06 -37.98 2.69
C ILE A 2711 42.11 -39.05 3.21
N SER A 2712 42.32 -39.45 4.46
CA SER A 2712 41.53 -40.51 5.04
C SER A 2712 40.07 -40.08 5.16
N PRO A 2713 39.12 -40.98 4.95
CA PRO A 2713 37.70 -40.61 5.12
C PRO A 2713 37.37 -40.15 6.52
N ASP A 2714 38.02 -40.71 7.53
CA ASP A 2714 37.75 -40.36 8.91
C ASP A 2714 38.67 -39.26 9.44
N LYS A 2715 39.49 -38.67 8.60
CA LYS A 2715 40.34 -37.56 9.00
C LYS A 2715 39.88 -36.22 8.46
N ILE A 2716 38.88 -36.18 7.59
CA ILE A 2716 38.34 -34.91 7.10
C ILE A 2716 37.68 -34.18 8.26
N PRO A 2717 37.81 -32.86 8.37
CA PRO A 2717 37.22 -32.16 9.52
C PRO A 2717 35.69 -32.18 9.47
N TRP A 2718 35.08 -33.30 9.83
CA TRP A 2718 33.62 -33.35 9.83
C TRP A 2718 33.04 -32.35 10.80
N SER A 2719 33.69 -32.16 11.96
CA SER A 2719 33.16 -31.26 12.97
C SER A 2719 33.14 -29.82 12.48
N ALA A 2720 34.18 -29.41 11.76
CA ALA A 2720 34.25 -28.04 11.29
C ALA A 2720 33.17 -27.71 10.28
N LEU A 2721 32.50 -28.72 9.71
CA LEU A 2721 31.47 -28.51 8.71
C LEU A 2721 30.07 -28.82 9.20
N LYS A 2722 29.91 -29.85 10.04
CA LYS A 2722 28.60 -30.16 10.59
C LYS A 2722 28.09 -29.06 11.49
N THR A 2723 28.95 -28.16 11.96
CA THR A 2723 28.56 -27.10 12.87
C THR A 2723 28.61 -25.71 12.23
N LEU A 2724 29.60 -25.43 11.39
CA LEU A 2724 29.54 -24.18 10.64
C LEU A 2724 28.33 -24.14 9.73
N MET A 2725 27.83 -25.29 9.29
CA MET A 2725 26.64 -25.34 8.45
C MET A 2725 25.36 -25.60 9.23
N ALA A 2726 25.46 -25.86 10.53
CA ALA A 2726 24.27 -25.96 11.37
C ALA A 2726 24.09 -24.74 12.25
N GLN A 2727 25.16 -23.97 12.47
CA GLN A 2727 25.11 -22.82 13.35
C GLN A 2727 25.52 -21.50 12.71
N SER A 2728 25.95 -21.50 11.45
CA SER A 2728 26.43 -20.27 10.83
C SER A 2728 25.96 -20.04 9.40
N ILE A 2729 25.59 -21.07 8.65
CA ILE A 2729 25.28 -20.95 7.24
C ILE A 2729 23.81 -21.24 6.95
N TYR A 2730 23.35 -22.44 7.24
CA TYR A 2730 21.94 -22.77 7.08
C TYR A 2730 21.16 -22.63 8.37
N GLY A 2731 21.82 -22.69 9.52
CA GLY A 2731 21.16 -22.36 10.76
C GLY A 2731 21.06 -20.89 11.04
N GLY A 2732 21.74 -20.06 10.24
CA GLY A 2732 21.61 -18.63 10.39
C GLY A 2732 20.20 -18.16 10.14
N ARG A 2733 19.51 -18.80 9.20
CA ARG A 2733 18.15 -18.42 8.86
C ARG A 2733 17.10 -19.11 9.73
N VAL A 2734 17.48 -20.15 10.46
CA VAL A 2734 16.51 -20.94 11.22
C VAL A 2734 16.10 -20.18 12.47
N ASP A 2735 14.79 -20.13 12.73
CA ASP A 2735 14.25 -19.38 13.86
C ASP A 2735 13.96 -20.26 15.06
N ASN A 2736 13.06 -21.22 14.92
CA ASN A 2736 12.70 -22.05 16.06
C ASN A 2736 13.72 -23.18 16.20
N GLU A 2737 13.55 -23.98 17.25
CA GLU A 2737 14.51 -25.04 17.51
C GLU A 2737 14.12 -26.37 16.90
N PHE A 2738 12.88 -26.52 16.45
CA PHE A 2738 12.49 -27.76 15.78
C PHE A 2738 13.06 -27.82 14.37
N ASP A 2739 13.02 -26.70 13.64
CA ASP A 2739 13.71 -26.66 12.36
C ASP A 2739 15.21 -26.80 12.56
N GLN A 2740 15.74 -26.24 13.63
CA GLN A 2740 17.17 -26.38 13.89
C GLN A 2740 17.52 -27.83 14.15
N ARG A 2741 16.69 -28.57 14.88
CA ARG A 2741 16.98 -29.98 15.11
C ARG A 2741 16.80 -30.79 13.84
N LEU A 2742 15.90 -30.37 12.95
CA LEU A 2742 15.80 -31.02 11.64
C LEU A 2742 17.08 -30.83 10.83
N LEU A 2743 17.58 -29.59 10.78
CA LEU A 2743 18.81 -29.30 10.06
C LEU A 2743 19.96 -30.10 10.64
N ASN A 2744 20.04 -30.16 11.96
CA ASN A 2744 21.10 -30.92 12.60
C ASN A 2744 20.97 -32.41 12.33
N THR A 2745 19.75 -32.92 12.26
CA THR A 2745 19.57 -34.34 11.94
C THR A 2745 20.11 -34.63 10.54
N PHE A 2746 19.75 -33.81 9.56
CA PHE A 2746 20.26 -34.05 8.21
C PHE A 2746 21.77 -33.96 8.18
N LEU A 2747 22.33 -32.93 8.80
CA LEU A 2747 23.79 -32.75 8.76
C LEU A 2747 24.51 -33.90 9.41
N GLU A 2748 24.04 -34.35 10.57
CA GLU A 2748 24.69 -35.46 11.23
C GLU A 2748 24.49 -36.78 10.51
N ARG A 2749 23.48 -36.87 9.63
CA ARG A 2749 23.29 -38.10 8.88
C ARG A 2749 24.03 -38.12 7.55
N LEU A 2750 24.41 -36.96 7.01
CA LEU A 2750 25.13 -36.93 5.74
C LEU A 2750 26.63 -36.73 5.94
N PHE A 2751 27.03 -35.63 6.58
CA PHE A 2751 28.44 -35.24 6.63
C PHE A 2751 29.18 -36.05 7.70
N THR A 2752 29.20 -37.35 7.49
CA THR A 2752 29.82 -38.28 8.41
C THR A 2752 30.88 -39.09 7.68
N THR A 2753 31.74 -39.73 8.46
CA THR A 2753 32.78 -40.59 7.89
C THR A 2753 32.17 -41.77 7.16
N ARG A 2754 31.09 -42.34 7.69
CA ARG A 2754 30.50 -43.50 7.05
C ARG A 2754 29.65 -43.07 5.86
N SER A 2755 30.20 -42.19 5.03
CA SER A 2755 29.60 -41.82 3.76
C SER A 2755 30.51 -42.11 2.60
N PHE A 2756 31.75 -42.51 2.87
CA PHE A 2756 32.66 -43.03 1.86
C PHE A 2756 32.58 -44.54 1.76
N ASP A 2757 31.57 -45.14 2.36
CA ASP A 2757 31.36 -46.58 2.29
C ASP A 2757 30.81 -46.94 0.92
N SER A 2758 30.40 -48.19 0.76
CA SER A 2758 29.78 -48.67 -0.46
C SER A 2758 28.29 -48.90 -0.33
N GLU A 2759 27.80 -49.16 0.89
CA GLU A 2759 26.39 -49.41 1.13
C GLU A 2759 25.70 -48.22 1.80
N PHE A 2760 26.30 -47.04 1.75
CA PHE A 2760 25.68 -45.86 2.34
C PHE A 2760 24.43 -45.50 1.55
N LYS A 2761 23.34 -45.25 2.26
CA LYS A 2761 22.04 -44.99 1.64
C LYS A 2761 21.66 -43.53 1.85
N LEU A 2762 21.74 -42.74 0.77
CA LEU A 2762 21.41 -41.30 0.85
C LEU A 2762 19.97 -41.13 1.36
N ALA A 2763 19.03 -41.92 0.81
CA ALA A 2763 17.63 -41.86 1.27
C ALA A 2763 17.08 -43.29 1.37
N CYS A 2764 16.01 -43.48 2.14
CA CYS A 2764 15.42 -44.85 2.34
C CYS A 2764 13.95 -44.86 1.92
N LYS A 2765 13.37 -46.04 1.70
CA LYS A 2765 11.94 -46.21 1.30
C LYS A 2765 11.57 -45.17 0.23
N VAL A 2766 12.46 -44.92 -0.74
CA VAL A 2766 12.20 -43.90 -1.80
C VAL A 2766 11.07 -44.41 -2.70
N ASP A 2767 10.98 -45.72 -2.92
CA ASP A 2767 9.87 -46.30 -3.72
C ASP A 2767 9.05 -47.21 -2.80
N GLY A 2768 9.12 -46.97 -1.48
CA GLY A 2768 8.41 -47.83 -0.51
C GLY A 2768 9.31 -48.95 -0.02
N HIS A 2769 10.43 -49.19 -0.71
CA HIS A 2769 11.38 -50.27 -0.33
C HIS A 2769 12.77 -49.95 -0.90
N LYS A 2770 12.83 -49.32 -2.07
CA LYS A 2770 14.12 -48.99 -2.73
C LYS A 2770 14.85 -47.91 -1.92
N ASP A 2771 16.18 -48.01 -1.81
CA ASP A 2771 16.98 -46.99 -1.09
C ASP A 2771 17.93 -46.31 -2.08
N ILE A 2772 17.92 -44.97 -2.14
CA ILE A 2772 18.89 -44.24 -3.02
C ILE A 2772 20.31 -44.57 -2.52
N GLN A 2773 21.10 -45.26 -3.35
CA GLN A 2773 22.44 -45.65 -2.94
C GLN A 2773 23.43 -44.54 -3.23
N MET A 2774 24.44 -44.44 -2.37
CA MET A 2774 25.53 -43.49 -2.54
C MET A 2774 26.38 -43.92 -3.74
N PRO A 2775 26.59 -43.06 -4.73
CA PRO A 2775 27.41 -43.45 -5.87
C PRO A 2775 28.85 -43.68 -5.47
N ASP A 2776 29.47 -44.67 -6.08
CA ASP A 2776 30.87 -44.99 -5.79
C ASP A 2776 31.76 -44.38 -6.87
N GLY A 2777 31.94 -43.07 -6.78
CA GLY A 2777 32.79 -42.33 -7.68
C GLY A 2777 33.97 -41.72 -6.95
N ILE A 2778 34.94 -41.25 -7.72
CA ILE A 2778 36.10 -40.57 -7.17
C ILE A 2778 36.27 -39.23 -7.85
N ARG A 2779 35.79 -39.12 -9.09
CA ARG A 2779 35.97 -37.94 -9.89
C ARG A 2779 34.61 -37.30 -10.11
N ARG A 2780 34.63 -36.00 -10.42
CA ARG A 2780 33.37 -35.24 -10.54
C ARG A 2780 32.45 -35.85 -11.59
N GLU A 2781 33.01 -36.23 -12.74
CA GLU A 2781 32.16 -36.65 -13.85
C GLU A 2781 31.34 -37.87 -13.47
N GLU A 2782 31.89 -38.77 -12.66
CA GLU A 2782 31.12 -39.93 -12.23
C GLU A 2782 29.89 -39.51 -11.44
N PHE A 2783 30.04 -38.53 -10.56
CA PHE A 2783 28.89 -38.03 -9.82
C PHE A 2783 27.90 -37.31 -10.71
N VAL A 2784 28.37 -36.57 -11.72
CA VAL A 2784 27.44 -35.92 -12.64
C VAL A 2784 26.64 -36.96 -13.40
N GLN A 2785 27.30 -38.01 -13.89
CA GLN A 2785 26.55 -39.08 -14.54
C GLN A 2785 25.59 -39.77 -13.58
N TRP A 2786 25.99 -39.99 -12.33
CA TRP A 2786 25.04 -40.58 -11.38
C TRP A 2786 23.83 -39.69 -11.25
N VAL A 2787 24.03 -38.38 -11.21
CA VAL A 2787 22.92 -37.44 -11.12
C VAL A 2787 22.01 -37.60 -12.34
N GLU A 2788 22.60 -37.65 -13.53
CA GLU A 2788 21.82 -37.62 -14.75
C GLU A 2788 21.05 -38.91 -14.99
N LEU A 2789 21.41 -40.01 -14.33
CA LEU A 2789 20.65 -41.24 -14.42
C LEU A 2789 19.64 -41.39 -13.28
N LEU A 2790 19.35 -40.31 -12.58
CA LEU A 2790 18.37 -40.37 -11.51
C LEU A 2790 16.99 -40.66 -12.10
N PRO A 2791 16.24 -41.59 -11.53
CA PRO A 2791 14.88 -41.85 -12.03
C PRO A 2791 14.01 -40.62 -11.88
N ASP A 2792 13.05 -40.48 -12.79
CA ASP A 2792 12.11 -39.38 -12.74
C ASP A 2792 10.88 -39.71 -11.92
N THR A 2793 11.00 -40.63 -10.96
CA THR A 2793 9.92 -40.99 -10.05
C THR A 2793 10.11 -40.36 -8.68
N GLN A 2794 10.54 -39.10 -8.64
CA GLN A 2794 10.77 -38.43 -7.37
C GLN A 2794 9.48 -38.39 -6.56
N THR A 2795 9.59 -38.75 -5.30
CA THR A 2795 8.50 -38.75 -4.34
C THR A 2795 8.97 -37.98 -3.12
N PRO A 2796 8.06 -37.50 -2.28
CA PRO A 2796 8.50 -36.84 -1.05
C PRO A 2796 9.27 -37.76 -0.13
N SER A 2797 9.17 -39.07 -0.30
CA SER A 2797 9.98 -39.99 0.48
C SER A 2797 11.47 -39.83 0.19
N TRP A 2798 11.83 -39.23 -0.95
CA TRP A 2798 13.22 -38.87 -1.18
C TRP A 2798 13.68 -37.84 -0.16
N LEU A 2799 12.79 -36.93 0.20
CA LEU A 2799 13.08 -35.79 1.06
C LEU A 2799 13.06 -36.14 2.53
N GLY A 2800 12.71 -37.37 2.87
CA GLY A 2800 12.46 -37.74 4.25
C GLY A 2800 11.01 -37.60 4.67
N LEU A 2801 10.19 -36.87 3.92
CA LEU A 2801 8.79 -36.68 4.22
C LEU A 2801 8.00 -37.92 3.87
N PRO A 2802 6.81 -38.07 4.43
CA PRO A 2802 5.95 -39.19 4.04
C PRO A 2802 5.46 -39.05 2.61
N ASN A 2803 5.14 -40.18 2.00
CA ASN A 2803 4.77 -40.18 0.59
C ASN A 2803 3.50 -39.40 0.31
N ASN A 2804 2.58 -39.33 1.28
CA ASN A 2804 1.33 -38.61 1.10
C ASN A 2804 1.46 -37.14 1.50
N ALA A 2805 2.66 -36.58 1.43
CA ALA A 2805 2.85 -35.17 1.75
C ALA A 2805 2.53 -34.26 0.57
N GLU A 2806 2.19 -34.82 -0.59
CA GLU A 2806 1.91 -34.01 -1.77
C GLU A 2806 0.57 -34.29 -2.41
N ARG A 2807 -0.27 -35.15 -1.82
CA ARG A 2807 -1.55 -35.48 -2.43
C ARG A 2807 -2.40 -34.22 -2.62
N VAL A 2808 -2.54 -33.44 -1.56
CA VAL A 2808 -3.33 -32.20 -1.64
C VAL A 2808 -2.69 -31.25 -2.64
N LEU A 2809 -1.37 -31.10 -2.57
CA LEU A 2809 -0.68 -30.18 -3.47
C LEU A 2809 -0.86 -30.60 -4.92
N LEU A 2810 -0.74 -31.89 -5.21
CA LEU A 2810 -0.87 -32.36 -6.58
C LEU A 2810 -2.30 -32.23 -7.09
N THR A 2811 -3.29 -32.52 -6.25
CA THR A 2811 -4.68 -32.32 -6.66
C THR A 2811 -4.94 -30.86 -6.98
N THR A 2812 -4.44 -29.95 -6.13
CA THR A 2812 -4.62 -28.53 -6.39
C THR A 2812 -3.92 -28.10 -7.67
N GLN A 2813 -2.73 -28.64 -7.92
CA GLN A 2813 -2.03 -28.34 -9.16
C GLN A 2813 -2.83 -28.80 -10.38
N GLY A 2814 -3.40 -30.00 -10.31
CA GLY A 2814 -4.19 -30.49 -11.43
C GLY A 2814 -5.44 -29.65 -11.67
N VAL A 2815 -6.12 -29.29 -10.59
CA VAL A 2815 -7.29 -28.43 -10.72
C VAL A 2815 -6.90 -27.08 -11.31
N ASP A 2816 -5.75 -26.54 -10.89
CA ASP A 2816 -5.29 -25.27 -11.44
C ASP A 2816 -4.97 -25.39 -12.92
N MET A 2817 -4.38 -26.51 -13.33
CA MET A 2817 -4.10 -26.71 -14.75
C MET A 2817 -5.38 -26.73 -15.56
N ILE A 2818 -6.37 -27.48 -15.10
CA ILE A 2818 -7.63 -27.57 -15.84
C ILE A 2818 -8.32 -26.21 -15.87
N SER A 2819 -8.27 -25.48 -14.77
CA SER A 2819 -8.88 -24.16 -14.73
C SER A 2819 -8.19 -23.19 -15.67
N LYS A 2820 -6.86 -23.25 -15.73
CA LYS A 2820 -6.13 -22.38 -16.65
C LYS A 2820 -6.47 -22.72 -18.10
N MET A 2821 -6.56 -24.01 -18.42
CA MET A 2821 -6.97 -24.40 -19.76
C MET A 2821 -8.36 -23.87 -20.09
N LEU A 2822 -9.30 -24.05 -19.18
CA LEU A 2822 -10.67 -23.60 -19.42
C LEU A 2822 -10.74 -22.10 -19.59
N LYS A 2823 -10.01 -21.35 -18.75
CA LYS A 2823 -9.98 -19.91 -18.88
C LYS A 2823 -9.38 -19.46 -20.19
N MET A 2824 -8.37 -20.16 -20.69
CA MET A 2824 -7.67 -19.73 -21.89
C MET A 2824 -8.45 -20.04 -23.16
N GLN A 2825 -9.43 -20.95 -23.08
CA GLN A 2825 -10.19 -21.38 -24.24
C GLN A 2825 -11.11 -20.27 -24.76
N ALA A 2853 -31.06 -9.63 -5.32
CA ALA A 2853 -29.74 -9.02 -5.25
C ALA A 2853 -28.94 -9.60 -4.09
N TRP A 2854 -27.76 -9.02 -3.85
CA TRP A 2854 -26.94 -9.44 -2.72
C TRP A 2854 -27.63 -9.22 -1.39
N MET A 2855 -28.59 -8.31 -1.34
CA MET A 2855 -29.23 -7.95 -0.08
C MET A 2855 -30.08 -9.10 0.44
N ARG A 2856 -30.86 -9.74 -0.43
CA ARG A 2856 -31.66 -10.89 -0.03
C ARG A 2856 -30.76 -12.06 0.38
N THR A 2857 -29.68 -12.29 -0.38
CA THR A 2857 -28.75 -13.36 -0.05
C THR A 2857 -28.12 -13.13 1.32
N LEU A 2858 -27.70 -11.90 1.58
CA LEU A 2858 -27.11 -11.57 2.87
C LEU A 2858 -28.13 -11.71 3.99
N HIS A 2859 -29.38 -11.35 3.73
CA HIS A 2859 -30.42 -11.52 4.74
C HIS A 2859 -30.56 -12.98 5.11
N THR A 2860 -30.64 -13.86 4.11
CA THR A 2860 -30.76 -15.29 4.40
C THR A 2860 -29.54 -15.81 5.13
N THR A 2861 -28.34 -15.39 4.70
CA THR A 2861 -27.11 -15.83 5.34
C THR A 2861 -27.09 -15.43 6.81
N ALA A 2862 -27.37 -14.16 7.09
CA ALA A 2862 -27.29 -13.67 8.46
C ALA A 2862 -28.35 -14.29 9.34
N SER A 2863 -29.57 -14.47 8.83
CA SER A 2863 -30.60 -15.11 9.62
C SER A 2863 -30.21 -16.55 9.96
N ASN A 2864 -29.67 -17.27 8.98
CA ASN A 2864 -29.23 -18.63 9.25
C ASN A 2864 -28.12 -18.67 10.29
N TRP A 2865 -27.16 -17.73 10.18
CA TRP A 2865 -26.08 -17.70 11.17
C TRP A 2865 -26.63 -17.41 12.56
N LEU A 2866 -27.52 -16.43 12.67
CA LEU A 2866 -28.07 -16.09 13.98
C LEU A 2866 -28.83 -17.25 14.58
N HIS A 2867 -29.53 -18.01 13.74
CA HIS A 2867 -30.14 -19.24 14.24
C HIS A 2867 -29.08 -20.24 14.69
N LEU A 2868 -27.99 -20.34 13.94
CA LEU A 2868 -26.97 -21.34 14.23
C LEU A 2868 -26.24 -21.07 15.54
N ILE A 2869 -25.76 -19.84 15.72
CA ILE A 2869 -25.02 -19.49 16.94
C ILE A 2869 -25.98 -19.51 18.12
N PRO A 2870 -25.60 -20.07 19.27
CA PRO A 2870 -26.49 -20.04 20.43
C PRO A 2870 -26.63 -18.63 20.98
N GLN A 2871 -27.54 -18.50 21.94
CA GLN A 2871 -27.76 -17.21 22.59
C GLN A 2871 -26.62 -16.93 23.57
N THR A 2872 -26.71 -15.79 24.26
CA THR A 2872 -25.62 -15.37 25.12
C THR A 2872 -25.43 -16.34 26.28
N LEU A 2873 -24.16 -16.62 26.61
CA LEU A 2873 -23.81 -17.53 27.70
C LEU A 2873 -23.73 -16.77 29.02
N SER A 2874 -24.00 -17.49 30.10
CA SER A 2874 -24.02 -16.88 31.42
C SER A 2874 -22.62 -16.74 31.98
N HIS A 2875 -22.42 -15.70 32.79
CA HIS A 2875 -21.14 -15.48 33.43
C HIS A 2875 -20.94 -16.48 34.56
N LEU A 2876 -19.86 -16.30 35.31
CA LEU A 2876 -19.52 -17.13 36.45
C LEU A 2876 -19.64 -16.31 37.73
N LYS A 2877 -20.24 -16.90 38.75
CA LYS A 2877 -20.47 -16.19 40.00
C LYS A 2877 -19.17 -15.99 40.76
N ARG A 2878 -18.96 -14.79 41.26
CA ARG A 2878 -17.78 -14.44 42.04
C ARG A 2878 -18.08 -14.63 43.52
N THR A 2879 -17.49 -15.66 44.12
CA THR A 2879 -17.61 -15.89 45.55
C THR A 2879 -16.27 -15.59 46.23
N VAL A 2880 -16.28 -15.65 47.55
CA VAL A 2880 -15.06 -15.36 48.31
C VAL A 2880 -14.00 -16.42 48.07
N GLU A 2881 -14.41 -17.68 47.90
CA GLU A 2881 -13.45 -18.76 47.70
C GLU A 2881 -13.07 -18.95 46.24
N ASN A 2882 -13.95 -18.58 45.32
CA ASN A 2882 -13.68 -18.81 43.90
C ASN A 2882 -12.64 -17.84 43.35
N ILE A 2883 -12.55 -16.64 43.92
CA ILE A 2883 -11.68 -15.60 43.36
C ILE A 2883 -10.21 -16.01 43.43
N LYS A 2884 -9.83 -16.78 44.45
CA LYS A 2884 -8.44 -17.18 44.59
C LYS A 2884 -8.04 -18.29 43.64
N ASP A 2885 -8.97 -19.15 43.26
CA ASP A 2885 -8.63 -20.34 42.47
C ASP A 2885 -8.12 -19.93 41.09
N PRO A 2886 -6.96 -20.45 40.66
CA PRO A 2886 -6.45 -20.04 39.34
C PRO A 2886 -7.26 -20.58 38.19
N LEU A 2887 -7.72 -21.83 38.30
CA LEU A 2887 -8.61 -22.38 37.27
C LEU A 2887 -9.83 -21.50 37.10
N PHE A 2888 -10.42 -21.07 38.21
CA PHE A 2888 -11.60 -20.23 38.12
C PHE A 2888 -11.27 -18.88 37.50
N ARG A 2889 -10.12 -18.31 37.85
CA ARG A 2889 -9.76 -17.02 37.26
C ARG A 2889 -9.64 -17.14 35.74
N PHE A 2890 -8.97 -18.19 35.27
CA PHE A 2890 -8.85 -18.39 33.83
C PHE A 2890 -10.21 -18.63 33.18
N PHE A 2891 -11.05 -19.47 33.79
CA PHE A 2891 -12.35 -19.77 33.19
C PHE A 2891 -13.23 -18.53 33.16
N GLU A 2892 -13.18 -17.71 34.21
CA GLU A 2892 -13.92 -16.45 34.19
C GLU A 2892 -13.44 -15.53 33.09
N ARG A 2893 -12.12 -15.43 32.91
CA ARG A 2893 -11.62 -14.60 31.83
C ARG A 2893 -12.11 -15.10 30.48
N GLU A 2894 -12.09 -16.42 30.28
CA GLU A 2894 -12.54 -16.99 29.02
C GLU A 2894 -14.02 -16.72 28.79
N VAL A 2895 -14.85 -16.95 29.81
CA VAL A 2895 -16.28 -16.77 29.66
C VAL A 2895 -16.62 -15.31 29.42
N LYS A 2896 -15.91 -14.39 30.08
CA LYS A 2896 -16.15 -12.97 29.88
C LYS A 2896 -15.81 -12.56 28.45
N MET A 2897 -14.64 -12.97 27.94
CA MET A 2897 -14.28 -12.64 26.57
C MET A 2897 -15.27 -13.26 25.58
N GLY A 2898 -15.66 -14.51 25.84
CA GLY A 2898 -16.61 -15.17 24.95
C GLY A 2898 -17.95 -14.47 24.92
N ALA A 2899 -18.43 -14.04 26.07
CA ALA A 2899 -19.69 -13.30 26.11
C ALA A 2899 -19.56 -11.96 25.39
N LYS A 2900 -18.42 -11.29 25.54
CA LYS A 2900 -18.23 -10.02 24.85
C LYS A 2900 -18.31 -10.19 23.33
N LEU A 2901 -17.53 -11.14 22.79
CA LEU A 2901 -17.60 -11.36 21.35
C LEU A 2901 -18.95 -11.92 20.92
N LEU A 2902 -19.60 -12.71 21.76
CA LEU A 2902 -20.91 -13.24 21.39
C LEU A 2902 -21.92 -12.13 21.24
N GLN A 2903 -21.94 -11.20 22.20
CA GLN A 2903 -22.84 -10.03 22.08
C GLN A 2903 -22.51 -9.30 20.78
N ASP A 2904 -21.23 -8.97 20.55
CA ASP A 2904 -20.83 -8.18 19.35
C ASP A 2904 -21.25 -8.91 18.07
N VAL A 2905 -20.87 -10.17 17.90
CA VAL A 2905 -21.17 -10.90 16.63
C VAL A 2905 -22.69 -10.97 16.43
N ARG A 2906 -23.44 -11.33 17.48
CA ARG A 2906 -24.92 -11.49 17.35
C ARG A 2906 -25.55 -10.15 16.95
N GLN A 2907 -25.18 -9.05 17.61
CA GLN A 2907 -25.83 -7.74 17.32
C GLN A 2907 -25.37 -7.25 15.93
N ASP A 2908 -24.14 -7.55 15.52
CA ASP A 2908 -23.65 -7.17 14.17
C ASP A 2908 -24.50 -7.88 13.12
N LEU A 2909 -24.73 -9.19 13.30
CA LEU A 2909 -25.56 -9.96 12.33
C LEU A 2909 -27.01 -9.48 12.39
N ALA A 2910 -27.52 -9.16 13.58
CA ALA A 2910 -28.90 -8.62 13.72
C ALA A 2910 -28.99 -7.28 12.99
N ASP A 2911 -27.94 -6.45 13.10
CA ASP A 2911 -27.92 -5.14 12.39
C ASP A 2911 -27.94 -5.41 10.88
N VAL A 2912 -27.16 -6.37 10.41
CA VAL A 2912 -27.14 -6.74 8.96
C VAL A 2912 -28.53 -7.20 8.55
N VAL A 2913 -29.18 -8.04 9.37
CA VAL A 2913 -30.57 -8.51 9.07
C VAL A 2913 -31.47 -7.29 8.89
N GLN A 2914 -31.42 -6.33 9.82
CA GLN A 2914 -32.31 -5.18 9.73
C GLN A 2914 -31.97 -4.30 8.53
N VAL A 2915 -30.68 -4.19 8.21
CA VAL A 2915 -30.29 -3.45 7.03
C VAL A 2915 -30.85 -4.11 5.78
N CYS A 2916 -30.76 -5.45 5.72
CA CYS A 2916 -31.23 -6.19 4.56
C CYS A 2916 -32.75 -6.31 4.50
N GLU A 2917 -33.46 -5.93 5.55
CA GLU A 2917 -34.90 -5.79 5.47
C GLU A 2917 -35.32 -4.39 5.04
N GLY A 2918 -34.36 -3.48 4.87
CA GLY A 2918 -34.64 -2.12 4.47
C GLY A 2918 -35.05 -1.20 5.59
N LYS A 2919 -35.19 -1.71 6.82
CA LYS A 2919 -35.66 -0.89 7.93
C LYS A 2919 -34.58 0.04 8.46
N LYS A 2920 -33.34 -0.42 8.50
CA LYS A 2920 -32.26 0.34 9.13
C LYS A 2920 -31.37 0.98 8.07
N LYS A 2921 -30.81 2.12 8.42
CA LYS A 2921 -30.03 2.91 7.49
C LYS A 2921 -28.62 2.33 7.34
N GLN A 2922 -27.78 3.06 6.63
CA GLN A 2922 -26.42 2.61 6.32
C GLN A 2922 -25.41 3.45 7.10
N THR A 2923 -24.57 2.76 7.87
CA THR A 2923 -23.53 3.36 8.67
C THR A 2923 -22.19 3.05 8.03
N ASN A 2924 -21.20 3.91 8.30
CA ASN A 2924 -19.82 3.68 7.78
C ASN A 2924 -19.33 2.31 8.24
N TYR A 2925 -19.56 1.97 9.51
CA TYR A 2925 -19.17 0.63 10.03
C TYR A 2925 -20.00 -0.44 9.32
N LEU A 2926 -21.32 -0.24 9.27
CA LEU A 2926 -22.21 -1.23 8.59
C LEU A 2926 -21.77 -1.38 7.14
N ARG A 2927 -21.41 -0.28 6.48
CA ARG A 2927 -20.92 -0.37 5.11
C ARG A 2927 -19.70 -1.28 5.04
N THR A 2928 -18.70 -1.00 5.87
CA THR A 2928 -17.45 -1.81 5.88
C THR A 2928 -17.79 -3.27 6.22
N LEU A 2929 -18.60 -3.47 7.27
CA LEU A 2929 -18.94 -4.85 7.72
C LEU A 2929 -19.58 -5.62 6.57
N ILE A 2930 -20.62 -5.06 5.94
CA ILE A 2930 -21.34 -5.75 4.83
C ILE A 2930 -20.38 -5.96 3.65
N ASN A 2931 -19.62 -4.94 3.28
CA ASN A 2931 -18.71 -5.03 2.14
C ASN A 2931 -17.76 -6.20 2.30
N GLU A 2932 -17.20 -6.37 3.49
CA GLU A 2932 -16.28 -7.49 3.68
C GLU A 2932 -17.00 -8.79 4.07
N LEU A 2933 -18.31 -8.73 4.33
CA LEU A 2933 -19.03 -9.94 4.67
C LEU A 2933 -19.65 -10.63 3.47
N VAL A 2934 -20.09 -9.87 2.46
CA VAL A 2934 -20.59 -10.50 1.24
C VAL A 2934 -19.45 -11.20 0.51
N LYS A 2935 -18.25 -10.63 0.54
CA LYS A 2935 -17.10 -11.21 -0.13
C LYS A 2935 -16.56 -12.45 0.56
N GLY A 2936 -17.04 -12.75 1.77
CA GLY A 2936 -16.52 -13.87 2.53
C GLY A 2936 -15.29 -13.57 3.35
N ILE A 2937 -14.89 -12.30 3.47
CA ILE A 2937 -13.75 -11.93 4.29
C ILE A 2937 -14.19 -11.87 5.74
N LEU A 2938 -13.41 -12.48 6.63
CA LEU A 2938 -13.69 -12.41 8.04
C LEU A 2938 -13.45 -10.99 8.52
N PRO A 2939 -14.43 -10.34 9.16
CA PRO A 2939 -14.25 -8.95 9.58
C PRO A 2939 -13.11 -8.81 10.59
N ARG A 2940 -12.39 -7.69 10.50
CA ARG A 2940 -11.26 -7.45 11.45
C ARG A 2940 -11.81 -7.33 12.87
N SER A 2941 -13.06 -6.87 13.01
CA SER A 2941 -13.67 -6.69 14.36
C SER A 2941 -13.86 -8.04 15.05
N TRP A 2942 -14.32 -9.06 14.31
CA TRP A 2942 -14.60 -10.39 14.91
C TRP A 2942 -13.30 -11.10 15.27
N SER A 2943 -12.21 -10.87 14.52
CA SER A 2943 -10.94 -11.60 14.75
C SER A 2943 -10.22 -11.09 16.00
N HIS A 2944 -10.46 -11.70 17.16
CA HIS A 2944 -9.75 -11.34 18.38
C HIS A 2944 -8.95 -12.48 18.99
N TYR A 2945 -9.28 -13.73 18.69
CA TYR A 2945 -8.40 -14.85 19.00
C TYR A 2945 -7.69 -15.30 17.73
N THR A 2946 -6.61 -16.05 17.92
CA THR A 2946 -5.76 -16.41 16.79
C THR A 2946 -6.44 -17.44 15.89
N VAL A 2947 -6.50 -17.14 14.60
CA VAL A 2947 -7.09 -18.01 13.60
C VAL A 2947 -6.12 -18.16 12.43
N PRO A 2948 -6.15 -19.28 11.71
CA PRO A 2948 -5.25 -19.43 10.57
C PRO A 2948 -5.57 -18.39 9.49
N ALA A 2949 -4.51 -17.94 8.81
CA ALA A 2949 -4.69 -16.95 7.76
C ALA A 2949 -5.53 -17.52 6.63
N GLY A 2950 -6.34 -16.66 6.01
CA GLY A 2950 -7.20 -17.10 4.95
C GLY A 2950 -8.41 -17.88 5.39
N MET A 2951 -8.81 -17.75 6.65
CA MET A 2951 -10.02 -18.42 7.13
C MET A 2951 -11.26 -17.69 6.63
N THR A 2952 -12.21 -18.44 6.11
CA THR A 2952 -13.44 -17.85 5.61
C THR A 2952 -14.41 -17.57 6.76
N VAL A 2953 -15.44 -16.78 6.46
CA VAL A 2953 -16.42 -16.44 7.49
C VAL A 2953 -17.22 -17.67 7.90
N ILE A 2954 -17.49 -18.58 6.96
CA ILE A 2954 -18.31 -19.73 7.28
C ILE A 2954 -17.59 -20.66 8.25
N GLN A 2955 -16.34 -20.97 7.95
CA GLN A 2955 -15.53 -21.77 8.86
C GLN A 2955 -15.38 -21.05 10.19
N TRP A 2956 -15.14 -19.74 10.15
CA TRP A 2956 -15.00 -18.97 11.38
C TRP A 2956 -16.25 -19.06 12.24
N VAL A 2957 -17.41 -18.97 11.61
CA VAL A 2957 -18.67 -18.96 12.37
C VAL A 2957 -18.93 -20.33 12.95
N SER A 2958 -18.65 -21.40 12.21
CA SER A 2958 -18.79 -22.73 12.80
C SER A 2958 -17.83 -22.91 13.97
N ASP A 2959 -16.60 -22.42 13.82
CA ASP A 2959 -15.63 -22.48 14.91
C ASP A 2959 -16.12 -21.70 16.13
N PHE A 2960 -16.66 -20.51 15.89
CA PHE A 2960 -17.17 -19.68 16.97
C PHE A 2960 -18.32 -20.36 17.69
N SER A 2961 -19.21 -21.00 16.94
CA SER A 2961 -20.30 -21.73 17.56
C SER A 2961 -19.77 -22.85 18.44
N GLU A 2962 -18.76 -23.56 17.94
CA GLU A 2962 -18.14 -24.65 18.74
C GLU A 2962 -17.57 -24.08 20.04
N ARG A 2963 -16.79 -22.99 19.94
CA ARG A 2963 -16.14 -22.38 21.13
C ARG A 2963 -17.20 -21.92 22.13
N ILE A 2964 -18.25 -21.23 21.66
CA ILE A 2964 -19.29 -20.68 22.59
C ILE A 2964 -20.01 -21.85 23.29
N LYS A 2965 -20.35 -22.90 22.54
CA LYS A 2965 -21.04 -24.08 23.14
C LYS A 2965 -20.12 -24.74 24.18
N GLN A 2966 -18.81 -24.79 23.92
CA GLN A 2966 -17.85 -25.33 24.92
C GLN A 2966 -17.87 -24.44 26.16
N LEU A 2967 -17.85 -23.12 25.97
CA LEU A 2967 -17.87 -22.17 27.11
C LEU A 2967 -19.19 -22.28 27.86
N GLN A 2968 -20.32 -22.51 27.16
CA GLN A 2968 -21.58 -22.72 27.84
C GLN A 2968 -21.51 -23.95 28.73
N ASN A 2969 -20.95 -25.03 28.21
CA ASN A 2969 -20.81 -26.24 29.02
C ASN A 2969 -19.95 -25.97 30.24
N ILE A 2970 -18.88 -25.20 30.07
CA ILE A 2970 -18.03 -24.83 31.19
C ILE A 2970 -18.82 -24.04 32.23
N SER A 2971 -19.65 -23.10 31.77
CA SER A 2971 -20.41 -22.27 32.71
C SER A 2971 -21.39 -23.11 33.51
N LEU A 2972 -22.09 -24.03 32.86
CA LEU A 2972 -22.98 -24.91 33.61
C LEU A 2972 -22.21 -25.80 34.59
N ALA A 2973 -21.04 -26.29 34.19
CA ALA A 2973 -20.24 -27.10 35.11
C ALA A 2973 -19.82 -26.28 36.32
N ALA A 2974 -19.40 -25.03 36.11
CA ALA A 2974 -19.00 -24.17 37.21
C ALA A 2974 -20.17 -23.83 38.13
N ALA A 2975 -21.36 -23.60 37.55
CA ALA A 2975 -22.54 -23.37 38.37
C ALA A 2975 -22.88 -24.59 39.22
N SER A 2976 -22.74 -25.79 38.65
CA SER A 2976 -22.99 -27.00 39.43
C SER A 2976 -21.98 -27.17 40.56
N GLY A 2977 -20.72 -26.83 40.33
CA GLY A 2977 -19.70 -26.93 41.35
C GLY A 2977 -18.56 -25.96 41.14
N GLY A 2978 -18.05 -25.37 42.23
CA GLY A 2978 -17.05 -24.32 42.10
C GLY A 2978 -15.61 -24.81 42.00
N ALA A 2979 -15.24 -25.77 42.84
CA ALA A 2979 -13.88 -26.27 42.88
C ALA A 2979 -13.74 -27.70 42.41
N LYS A 2980 -14.69 -28.56 42.73
CA LYS A 2980 -14.63 -29.96 42.33
C LYS A 2980 -15.06 -30.17 40.89
N GLU A 2981 -15.52 -29.13 40.20
CA GLU A 2981 -16.05 -29.27 38.86
C GLU A 2981 -15.30 -28.46 37.81
N LEU A 2982 -14.39 -27.58 38.20
CA LEU A 2982 -13.57 -26.88 37.23
C LEU A 2982 -12.30 -27.65 36.88
N LYS A 2983 -12.08 -28.78 37.54
CA LYS A 2983 -10.90 -29.60 37.29
C LYS A 2983 -11.24 -30.97 36.74
N ASN A 2984 -12.47 -31.43 36.90
CA ASN A 2984 -12.90 -32.72 36.37
C ASN A 2984 -13.56 -32.61 35.00
N ILE A 2985 -13.54 -31.43 34.37
CA ILE A 2985 -14.06 -31.25 33.03
C ILE A 2985 -12.94 -31.35 32.02
N HIS A 2986 -13.22 -31.97 30.88
CA HIS A 2986 -12.26 -32.06 29.79
C HIS A 2986 -12.37 -30.83 28.91
N VAL A 2987 -11.26 -30.09 28.78
CA VAL A 2987 -11.29 -28.80 28.01
C VAL A 2987 -10.70 -29.02 26.62
N CYS A 2988 -11.41 -28.58 25.57
CA CYS A 2988 -10.87 -28.67 24.20
C CYS A 2988 -9.83 -27.57 24.01
N LEU A 2989 -8.55 -27.94 23.86
CA LEU A 2989 -7.46 -26.95 23.73
C LEU A 2989 -7.65 -26.15 22.43
N GLY A 2990 -8.10 -26.80 21.36
CA GLY A 2990 -8.33 -26.11 20.07
C GLY A 2990 -9.38 -25.03 20.20
N GLY A 2991 -10.51 -25.33 20.86
CA GLY A 2991 -11.58 -24.34 21.07
C GLY A 2991 -11.37 -23.53 22.34
N LEU A 2992 -10.24 -22.84 22.44
CA LEU A 2992 -9.92 -22.04 23.65
C LEU A 2992 -9.21 -20.75 23.23
N PHE A 2993 -9.59 -19.61 23.80
CA PHE A 2993 -9.01 -18.30 23.40
C PHE A 2993 -7.49 -18.32 23.63
N VAL A 2994 -7.05 -18.54 24.88
CA VAL A 2994 -5.62 -18.56 25.15
C VAL A 2994 -5.27 -19.87 25.84
N PRO A 2995 -4.99 -20.95 25.09
CA PRO A 2995 -4.64 -22.23 25.75
C PRO A 2995 -3.37 -22.17 26.57
N GLU A 2996 -2.43 -21.27 26.23
CA GLU A 2996 -1.26 -21.08 27.08
C GLU A 2996 -1.67 -20.69 28.48
N ALA A 2997 -2.67 -19.82 28.60
CA ALA A 2997 -3.18 -19.44 29.91
C ALA A 2997 -3.76 -20.63 30.63
N TYR A 2998 -4.42 -21.53 29.90
CA TYR A 2998 -4.94 -22.73 30.55
C TYR A 2998 -3.82 -23.60 31.09
N ILE A 2999 -2.74 -23.75 30.31
CA ILE A 2999 -1.61 -24.56 30.77
C ILE A 2999 -0.99 -23.96 32.01
N THR A 3000 -0.75 -22.64 31.98
CA THR A 3000 -0.18 -21.97 33.15
C THR A 3000 -1.11 -22.07 34.34
N ALA A 3001 -2.43 -21.97 34.13
CA ALA A 3001 -3.38 -22.05 35.22
C ALA A 3001 -3.40 -23.44 35.84
N THR A 3002 -3.34 -24.49 35.01
CA THR A 3002 -3.27 -25.84 35.56
C THR A 3002 -1.99 -26.04 36.34
N ARG A 3003 -0.87 -25.55 35.82
CA ARG A 3003 0.39 -25.64 36.54
C ARG A 3003 0.30 -24.93 37.88
N GLN A 3004 -0.26 -23.73 37.88
CA GLN A 3004 -0.41 -22.96 39.11
C GLN A 3004 -1.33 -23.66 40.09
N TYR A 3005 -2.38 -24.31 39.59
CA TYR A 3005 -3.26 -25.07 40.46
C TYR A 3005 -2.53 -26.20 41.14
N VAL A 3006 -1.69 -26.93 40.40
CA VAL A 3006 -0.97 -28.04 41.02
C VAL A 3006 0.07 -27.50 41.99
N ALA A 3007 0.69 -26.36 41.67
CA ALA A 3007 1.65 -25.76 42.57
C ALA A 3007 1.00 -25.34 43.89
N GLN A 3008 -0.20 -24.78 43.82
CA GLN A 3008 -0.87 -24.33 45.04
C GLN A 3008 -1.50 -25.48 45.81
N ALA A 3009 -1.95 -26.54 45.13
CA ALA A 3009 -2.56 -27.66 45.82
C ALA A 3009 -1.57 -28.39 46.72
N ASN A 3010 -0.27 -28.27 46.45
CA ASN A 3010 0.76 -28.84 47.31
C ASN A 3010 1.76 -27.75 47.66
N SER A 3011 2.89 -28.12 48.23
CA SER A 3011 3.90 -27.15 48.62
C SER A 3011 4.82 -26.76 47.47
N TRP A 3012 4.64 -27.36 46.30
CA TRP A 3012 5.61 -27.23 45.23
C TRP A 3012 5.60 -25.82 44.64
N SER A 3013 6.73 -25.45 44.07
CA SER A 3013 6.87 -24.17 43.39
C SER A 3013 6.54 -24.31 41.92
N LEU A 3014 6.45 -23.18 41.24
CA LEU A 3014 6.14 -23.21 39.81
C LEU A 3014 7.33 -23.68 38.98
N GLU A 3015 8.53 -23.20 39.29
CA GLU A 3015 9.68 -23.58 38.49
C GLU A 3015 9.95 -25.07 38.58
N GLU A 3016 9.79 -25.65 39.77
CA GLU A 3016 10.09 -27.06 39.99
C GLU A 3016 8.90 -27.94 39.59
N LEU A 3017 8.49 -27.79 38.33
CA LEU A 3017 7.36 -28.56 37.82
C LEU A 3017 7.57 -28.83 36.33
N CYS A 3018 7.18 -30.03 35.90
CA CYS A 3018 7.27 -30.42 34.50
C CYS A 3018 6.06 -31.26 34.14
N LEU A 3019 5.79 -31.31 32.83
CA LEU A 3019 4.59 -31.92 32.29
C LEU A 3019 4.85 -33.34 31.80
N GLU A 3020 3.95 -34.25 32.14
CA GLU A 3020 3.96 -35.60 31.62
C GLU A 3020 2.58 -35.90 31.04
N VAL A 3021 2.54 -36.43 29.83
CA VAL A 3021 1.28 -36.61 29.10
C VAL A 3021 1.04 -38.08 28.87
N ASN A 3022 -0.16 -38.54 29.22
CA ASN A 3022 -0.56 -39.94 29.08
C ASN A 3022 -1.86 -40.01 28.31
N VAL A 3023 -1.86 -40.71 27.18
CA VAL A 3023 -3.05 -40.77 26.34
C VAL A 3023 -3.94 -41.92 26.80
N THR A 3024 -5.20 -41.62 27.11
CA THR A 3024 -6.16 -42.59 27.63
C THR A 3024 -7.31 -42.69 26.63
N THR A 3025 -7.19 -43.63 25.69
CA THR A 3025 -8.22 -43.80 24.68
C THR A 3025 -9.50 -44.38 25.28
N SER A 3026 -9.37 -45.10 26.40
CA SER A 3026 -10.52 -45.80 26.96
C SER A 3026 -11.59 -44.85 27.48
N GLN A 3027 -11.26 -43.58 27.70
CA GLN A 3027 -12.18 -42.59 28.27
C GLN A 3027 -12.68 -43.04 29.65
N GLY A 3028 -11.86 -43.79 30.38
CA GLY A 3028 -12.22 -44.17 31.74
C GLY A 3028 -12.33 -42.99 32.68
N ALA A 3029 -11.51 -41.96 32.46
CA ALA A 3029 -11.56 -40.71 33.21
C ALA A 3029 -11.33 -40.94 34.70
N THR A 3030 -10.24 -41.65 35.00
CA THR A 3030 -9.80 -41.84 36.39
C THR A 3030 -8.74 -40.80 36.76
N LEU A 3031 -9.13 -39.54 36.55
CA LEU A 3031 -8.18 -38.43 36.68
C LEU A 3031 -7.60 -38.37 38.09
N ASP A 3032 -6.30 -38.14 38.17
CA ASP A 3032 -5.61 -37.95 39.43
C ASP A 3032 -5.77 -36.51 39.90
N ALA A 3033 -5.35 -36.26 41.14
CA ALA A 3033 -5.46 -34.92 41.70
C ALA A 3033 -4.60 -33.91 40.96
N CYS A 3034 -3.58 -34.36 40.24
CA CYS A 3034 -2.70 -33.48 39.49
C CYS A 3034 -2.85 -33.63 37.98
N SER A 3035 -3.93 -34.26 37.51
CA SER A 3035 -4.10 -34.57 36.10
C SER A 3035 -5.31 -33.83 35.54
N PHE A 3036 -5.12 -33.22 34.38
CA PHE A 3036 -6.17 -32.48 33.69
C PHE A 3036 -6.40 -33.13 32.33
N GLY A 3037 -7.67 -33.34 31.99
CA GLY A 3037 -7.99 -33.93 30.70
C GLY A 3037 -8.00 -32.87 29.60
N VAL A 3038 -7.55 -33.28 28.41
CA VAL A 3038 -7.61 -32.44 27.22
C VAL A 3038 -8.10 -33.29 26.06
N THR A 3039 -9.02 -32.73 25.28
CA THR A 3039 -9.60 -33.42 24.14
C THR A 3039 -9.36 -32.61 22.87
N GLY A 3040 -9.30 -33.31 21.75
CA GLY A 3040 -9.21 -32.66 20.46
C GLY A 3040 -7.83 -32.48 19.89
N LEU A 3041 -6.82 -33.15 20.44
CA LEU A 3041 -5.48 -33.07 19.89
C LEU A 3041 -5.33 -34.07 18.74
N LYS A 3042 -4.48 -33.72 17.79
CA LYS A 3042 -4.29 -34.50 16.57
C LYS A 3042 -2.82 -34.73 16.32
N LEU A 3043 -2.41 -36.00 16.27
CA LEU A 3043 -1.06 -36.36 15.85
C LEU A 3043 -0.94 -36.28 14.34
N GLN A 3044 0.16 -35.71 13.88
CA GLN A 3044 0.39 -35.56 12.44
C GLN A 3044 1.38 -36.63 12.00
N GLY A 3045 0.86 -37.83 11.76
CA GLY A 3045 1.64 -38.89 11.18
C GLY A 3045 2.08 -40.00 12.10
N ALA A 3046 1.45 -40.14 13.26
CA ALA A 3046 1.81 -41.24 14.16
C ALA A 3046 0.59 -41.67 14.95
N THR A 3047 0.62 -42.91 15.42
CA THR A 3047 -0.47 -43.47 16.19
C THR A 3047 0.02 -43.89 17.56
N CYS A 3048 -0.90 -43.95 18.52
CA CYS A 3048 -0.59 -44.26 19.91
C CYS A 3048 -1.37 -45.51 20.31
N ASN A 3049 -0.80 -46.69 20.05
CA ASN A 3049 -1.40 -47.93 20.56
C ASN A 3049 -1.36 -47.97 22.08
N ASN A 3050 -0.39 -47.29 22.68
CA ASN A 3050 -0.26 -47.12 24.12
C ASN A 3050 0.30 -45.72 24.32
N ASN A 3051 0.89 -45.47 25.46
CA ASN A 3051 1.51 -44.15 25.54
C ASN A 3051 2.75 -44.02 24.62
N LYS A 3052 3.01 -44.97 23.74
CA LYS A 3052 4.16 -44.96 22.84
C LYS A 3052 3.70 -44.65 21.42
N LEU A 3053 4.42 -43.74 20.77
CA LEU A 3053 4.11 -43.38 19.39
C LEU A 3053 4.41 -44.54 18.45
N SER A 3054 4.11 -44.32 17.17
CA SER A 3054 4.50 -45.22 16.09
C SER A 3054 4.25 -44.52 14.77
N LEU A 3055 5.24 -44.51 13.89
CA LEU A 3055 5.09 -43.85 12.60
C LEU A 3055 3.97 -44.50 11.79
N SER A 3056 3.15 -43.66 11.15
CA SER A 3056 2.03 -44.14 10.35
C SER A 3056 1.92 -43.29 9.10
N ASN A 3057 1.18 -43.82 8.12
CA ASN A 3057 0.98 -43.14 6.85
C ASN A 3057 -0.27 -42.27 6.82
N ALA A 3058 -1.13 -42.36 7.83
CA ALA A 3058 -2.30 -41.50 7.91
C ALA A 3058 -1.89 -40.07 8.21
N ILE A 3059 -2.61 -39.11 7.61
CA ILE A 3059 -2.21 -37.72 7.71
C ILE A 3059 -2.33 -37.23 9.16
N SER A 3060 -3.46 -37.50 9.79
CA SER A 3060 -3.67 -37.08 11.18
C SER A 3060 -4.47 -38.16 11.90
N THR A 3061 -4.30 -38.20 13.21
CA THR A 3061 -5.00 -39.17 14.05
C THR A 3061 -5.45 -38.48 15.32
N ALA A 3062 -6.71 -38.66 15.69
CA ALA A 3062 -7.26 -38.02 16.88
C ALA A 3062 -6.81 -38.74 18.13
N LEU A 3063 -6.40 -37.97 19.14
CA LEU A 3063 -5.98 -38.52 20.42
C LEU A 3063 -7.09 -38.26 21.45
N PRO A 3064 -7.83 -39.28 21.87
CA PRO A 3064 -8.95 -39.04 22.79
C PRO A 3064 -8.46 -38.94 24.23
N LEU A 3065 -8.69 -37.78 24.85
CA LEU A 3065 -8.47 -37.58 26.28
C LEU A 3065 -7.02 -37.83 26.68
N THR A 3066 -6.16 -36.90 26.25
CA THR A 3066 -4.80 -36.89 26.77
C THR A 3066 -4.78 -36.26 28.16
N GLN A 3067 -4.20 -36.95 29.13
CA GLN A 3067 -4.08 -36.46 30.49
C GLN A 3067 -2.76 -35.73 30.65
N LEU A 3068 -2.83 -34.51 31.17
CA LEU A 3068 -1.67 -33.69 31.49
C LEU A 3068 -1.42 -33.78 32.98
N ARG A 3069 -0.22 -34.18 33.38
CA ARG A 3069 0.14 -34.27 34.79
C ARG A 3069 1.32 -33.36 35.06
N TRP A 3070 1.26 -32.66 36.18
CA TRP A 3070 2.37 -31.84 36.61
C TRP A 3070 3.09 -32.58 37.73
N VAL A 3071 4.34 -32.95 37.47
CA VAL A 3071 5.14 -33.67 38.46
C VAL A 3071 6.43 -32.89 38.66
N LYS A 3072 6.99 -33.01 39.86
CA LYS A 3072 8.19 -32.26 40.20
C LYS A 3072 9.36 -32.69 39.33
N GLN A 3073 10.10 -31.71 38.82
CA GLN A 3073 11.23 -32.00 37.96
C GLN A 3073 12.33 -32.71 38.72
N THR A 3074 12.96 -33.69 38.07
CA THR A 3074 14.11 -34.38 38.63
C THR A 3074 15.42 -33.99 37.96
N ASN A 3075 15.37 -33.16 36.92
CA ASN A 3075 16.56 -32.72 36.19
C ASN A 3075 17.36 -33.91 35.67
N THR A 3076 16.65 -34.92 35.20
CA THR A 3076 17.25 -36.14 34.65
C THR A 3076 17.08 -36.14 33.14
N GLU A 3077 18.15 -36.43 32.42
CA GLU A 3077 18.08 -36.45 30.96
C GLU A 3077 17.17 -37.58 30.49
N LYS A 3078 16.34 -37.27 29.50
CA LYS A 3078 15.34 -38.22 29.04
C LYS A 3078 15.99 -39.37 28.28
N LYS A 3079 15.22 -40.45 28.13
CA LYS A 3079 15.71 -41.65 27.47
C LYS A 3079 15.94 -41.39 25.98
N ALA A 3080 16.52 -42.38 25.31
CA ALA A 3080 16.72 -42.27 23.87
C ALA A 3080 15.40 -42.33 23.12
N SER A 3081 14.48 -43.18 23.55
CA SER A 3081 13.22 -43.39 22.84
C SER A 3081 12.25 -42.24 22.99
N VAL A 3082 12.55 -41.26 23.84
CA VAL A 3082 11.65 -40.15 24.10
C VAL A 3082 11.95 -39.02 23.12
N VAL A 3083 10.89 -38.51 22.48
CA VAL A 3083 10.98 -37.44 21.51
C VAL A 3083 10.19 -36.25 22.03
N THR A 3084 10.65 -35.05 21.66
CA THR A 3084 10.01 -33.80 22.04
C THR A 3084 9.22 -33.28 20.84
N LEU A 3085 7.91 -33.49 20.88
CA LEU A 3085 6.97 -33.09 19.85
C LEU A 3085 6.40 -31.72 20.15
N PRO A 3086 6.48 -30.75 19.25
CA PRO A 3086 5.81 -29.48 19.47
C PRO A 3086 4.31 -29.66 19.39
N VAL A 3087 3.58 -28.73 20.00
CA VAL A 3087 2.14 -28.67 19.87
C VAL A 3087 1.76 -27.29 19.36
N TYR A 3088 1.10 -27.26 18.22
CA TYR A 3088 0.68 -26.02 17.59
C TYR A 3088 -0.83 -25.86 17.74
N LEU A 3089 -1.28 -24.62 17.59
CA LEU A 3089 -2.70 -24.35 17.72
C LEU A 3089 -3.49 -24.93 16.55
N ASN A 3090 -2.96 -24.81 15.33
CA ASN A 3090 -3.68 -25.19 14.13
C ASN A 3090 -2.69 -25.75 13.12
N PHE A 3091 -3.20 -26.06 11.93
CA PHE A 3091 -2.34 -26.63 10.88
C PHE A 3091 -1.23 -25.67 10.48
N THR A 3092 -1.48 -24.37 10.55
CA THR A 3092 -0.43 -23.39 10.31
C THR A 3092 0.55 -23.44 11.47
N ARG A 3093 1.63 -24.19 11.31
CA ARG A 3093 2.60 -24.36 12.39
C ARG A 3093 3.40 -23.07 12.55
N ALA A 3094 2.75 -22.09 13.18
CA ALA A 3094 3.35 -20.79 13.37
C ALA A 3094 3.24 -20.28 14.81
N ASP A 3095 2.85 -21.13 15.76
CA ASP A 3095 2.71 -20.69 17.14
C ASP A 3095 2.84 -21.90 18.06
N LEU A 3096 3.79 -21.82 19.00
CA LEU A 3096 4.02 -22.89 19.95
C LEU A 3096 3.16 -22.72 21.19
N ILE A 3097 2.44 -23.77 21.56
CA ILE A 3097 1.70 -23.78 22.81
C ILE A 3097 2.57 -24.41 23.88
N PHE A 3098 2.92 -25.68 23.69
CA PHE A 3098 3.83 -26.37 24.59
C PHE A 3098 4.48 -27.51 23.83
N THR A 3099 5.26 -28.32 24.54
CA THR A 3099 5.95 -29.44 23.93
C THR A 3099 5.72 -30.68 24.78
N VAL A 3100 5.53 -31.81 24.12
CA VAL A 3100 5.21 -33.07 24.79
C VAL A 3100 6.39 -34.01 24.62
N ASP A 3101 6.57 -34.90 25.59
CA ASP A 3101 7.59 -35.93 25.52
C ASP A 3101 6.92 -37.28 25.35
N PHE A 3102 7.01 -37.84 24.16
CA PHE A 3102 6.46 -39.15 23.85
C PHE A 3102 7.55 -40.19 23.67
N GLU A 3103 7.43 -41.30 24.38
CA GLU A 3103 8.31 -42.44 24.10
C GLU A 3103 7.85 -43.14 22.85
N ILE A 3104 8.80 -43.54 22.01
CA ILE A 3104 8.48 -44.17 20.74
C ILE A 3104 8.50 -45.68 20.93
N ALA A 3105 7.83 -46.39 20.01
CA ALA A 3105 7.75 -47.83 20.13
C ALA A 3105 9.08 -48.48 19.75
N THR A 3106 9.16 -49.78 19.98
CA THR A 3106 10.37 -50.52 19.64
C THR A 3106 10.58 -50.53 18.13
N LYS A 3107 11.85 -50.47 17.72
CA LYS A 3107 12.25 -50.46 16.32
C LYS A 3107 11.79 -49.18 15.63
N GLU A 3108 12.07 -48.05 16.27
CA GLU A 3108 11.78 -46.75 15.71
C GLU A 3108 12.98 -45.83 15.90
N ASP A 3109 13.13 -44.89 14.98
CA ASP A 3109 14.24 -43.96 15.01
C ASP A 3109 13.72 -42.56 15.26
N PRO A 3110 14.14 -41.87 16.33
CA PRO A 3110 13.69 -40.50 16.55
C PRO A 3110 14.05 -39.57 15.40
N ARG A 3111 15.11 -39.85 14.67
CA ARG A 3111 15.43 -39.03 13.51
C ARG A 3111 14.34 -39.13 12.46
N SER A 3112 13.82 -40.34 12.22
CA SER A 3112 12.72 -40.49 11.29
C SER A 3112 11.50 -39.71 11.75
N PHE A 3113 11.25 -39.67 13.06
CA PHE A 3113 10.18 -38.85 13.59
C PHE A 3113 10.43 -37.37 13.31
N TYR A 3114 11.66 -36.92 13.47
CA TYR A 3114 11.96 -35.51 13.24
C TYR A 3114 11.75 -35.13 11.78
N GLU A 3115 12.21 -35.99 10.86
CA GLU A 3115 12.14 -35.66 9.44
C GLU A 3115 10.71 -35.69 8.93
N ARG A 3116 9.94 -36.70 9.33
CA ARG A 3116 8.57 -36.86 8.86
C ARG A 3116 7.63 -35.79 9.39
N GLY A 3117 8.14 -34.79 10.09
CA GLY A 3117 7.31 -33.67 10.53
C GLY A 3117 6.20 -34.04 11.48
N VAL A 3118 6.43 -35.01 12.36
CA VAL A 3118 5.41 -35.38 13.33
C VAL A 3118 5.24 -34.25 14.33
N ALA A 3119 3.98 -33.90 14.61
CA ALA A 3119 3.66 -32.86 15.58
C ALA A 3119 2.27 -33.17 16.14
N VAL A 3120 1.80 -32.29 17.03
CA VAL A 3120 0.44 -32.37 17.56
C VAL A 3120 -0.24 -31.04 17.33
N LEU A 3121 -1.48 -31.08 16.82
CA LEU A 3121 -2.22 -29.88 16.50
C LEU A 3121 -3.44 -29.77 17.41
N CYS A 3122 -3.70 -28.56 17.91
CA CYS A 3122 -4.86 -28.34 18.74
C CYS A 3122 -6.14 -28.33 17.91
N THR A 3123 -6.11 -27.68 16.76
CA THR A 3123 -7.30 -27.50 15.94
C THR A 3123 -7.46 -28.63 14.92
#